data_5UQQ
#
_entry.id   5UQQ
#
_cell.length_a   82.393
_cell.length_b   130.012
_cell.length_c   261.535
_cell.angle_alpha   90.00
_cell.angle_beta   90.00
_cell.angle_gamma   90.00
#
_symmetry.space_group_name_H-M   'P 21 21 21'
#
loop_
_entity.id
_entity.type
_entity.pdbx_description
1 polymer '2-methylcitrate synthase, mitochondrial'
2 non-polymer 'S,R MESO-TARTARIC ACID'
3 water water
#
_entity_poly.entity_id   1
_entity_poly.type   'polypeptide(L)'
_entity_poly.pdbx_seq_one_letter_code
;MHHHHHHSSGVDLGTENLYFQSGSGSTAEPDLKTALKAVIPAKRELFKQVKERSDEVIGEVKVANVIGGMRGLKSMLWEG
SVLDPEEGIRFHGKTIKDCQKELPKGTSGTEMLPEAMFWLLLTGQVPSTNQVRAFSRELAEQSHLPQHILDLIKSFPRSM
HPMTQLSIAVAALNTESKFAKAYEKGLSKADYWEPTFDDSISLLAKIPRVAALVFRPDEVDQVGTQALDASQDWSYNFAE
LLGKGGKENQDFHDLLRLYLALHGDHEGGNVSAHATHLVGSALSDPFLSYSAGLLGLAGPLHGLAAQEVLRWILAMQDKI
GTKFTDDDVRNYLWDTLKSGRVVPGYGHGVLRKPDPRFQALMDFAATRPDVLANPVFQLVKKNSEIAPAVLTEHGKTKNP
HPNVDAASGVLFYHYGFQQPLYYTVTFGVSRALGPLVQLIWDRALGLPIERPKSINLLGLKK
;
_entity_poly.pdbx_strand_id   B,C,A,D,E,F
#
loop_
_chem_comp.id
_chem_comp.type
_chem_comp.name
_chem_comp.formula
SRT non-polymer 'S,R MESO-TARTARIC ACID' 'C4 H6 O6'
#
# COMPACT_ATOMS: atom_id res chain seq x y z
N THR A 27 14.18 7.82 -40.59
CA THR A 27 13.19 7.05 -41.40
C THR A 27 12.51 5.88 -40.62
N ALA A 28 12.46 5.92 -39.28
CA ALA A 28 11.69 4.94 -38.48
C ALA A 28 10.21 5.17 -38.74
N GLU A 29 9.41 4.10 -38.79
CA GLU A 29 8.01 4.27 -39.19
C GLU A 29 7.21 4.95 -38.08
N PRO A 30 6.19 5.73 -38.45
CA PRO A 30 5.47 6.46 -37.43
C PRO A 30 4.83 5.53 -36.36
N ASP A 31 4.85 5.98 -35.12
CA ASP A 31 4.19 5.27 -34.04
C ASP A 31 2.70 5.58 -34.08
N LEU A 32 1.92 4.92 -33.24
CA LEU A 32 0.45 5.00 -33.33
C LEU A 32 -0.06 6.42 -33.06
N LYS A 33 0.48 7.06 -32.04
CA LYS A 33 0.10 8.43 -31.73
C LYS A 33 0.38 9.39 -32.91
N THR A 34 1.52 9.22 -33.54
CA THR A 34 1.88 10.07 -34.67
C THR A 34 0.92 9.76 -35.86
N ALA A 35 0.65 8.48 -36.10
CA ALA A 35 -0.25 8.11 -37.17
C ALA A 35 -1.67 8.67 -36.95
N LEU A 36 -2.12 8.69 -35.71
CA LEU A 36 -3.39 9.31 -35.37
C LEU A 36 -3.39 10.82 -35.62
N LYS A 37 -2.36 11.48 -35.15
CA LYS A 37 -2.25 12.93 -35.33
C LYS A 37 -2.31 13.31 -36.81
N ALA A 38 -1.70 12.52 -37.66
CA ALA A 38 -1.71 12.79 -39.10
C ALA A 38 -3.13 12.78 -39.73
N VAL A 39 -4.04 11.96 -39.18
CA VAL A 39 -5.40 11.87 -39.77
C VAL A 39 -6.46 12.71 -39.07
N ILE A 40 -6.12 13.37 -37.98
CA ILE A 40 -7.07 14.24 -37.30
C ILE A 40 -7.57 15.40 -38.15
N PRO A 41 -6.65 16.16 -38.79
CA PRO A 41 -7.14 17.31 -39.58
C PRO A 41 -8.19 16.95 -40.64
N ALA A 42 -7.95 15.89 -41.40
CA ALA A 42 -8.95 15.44 -42.40
C ALA A 42 -10.33 15.11 -41.77
N LYS A 43 -10.33 14.45 -40.62
CA LYS A 43 -11.57 14.15 -39.93
C LYS A 43 -12.27 15.40 -39.40
N ARG A 44 -11.52 16.37 -38.89
CA ARG A 44 -12.15 17.63 -38.44
C ARG A 44 -12.75 18.41 -39.61
N GLU A 45 -12.13 18.28 -40.78
CA GLU A 45 -12.64 18.92 -42.01
C GLU A 45 -13.95 18.22 -42.43
N LEU A 46 -13.93 16.90 -42.46
CA LEU A 46 -15.14 16.15 -42.73
C LEU A 46 -16.28 16.51 -41.77
N PHE A 47 -15.95 16.62 -40.50
CA PHE A 47 -16.93 16.99 -39.47
C PHE A 47 -17.53 18.35 -39.79
N LYS A 48 -16.66 19.30 -40.14
CA LYS A 48 -17.09 20.64 -40.46
C LYS A 48 -18.07 20.67 -41.64
N GLN A 49 -17.79 19.87 -42.67
CA GLN A 49 -18.69 19.71 -43.81
C GLN A 49 -20.03 19.14 -43.42
N VAL A 50 -20.02 18.09 -42.59
CA VAL A 50 -21.27 17.50 -42.12
C VAL A 50 -22.07 18.50 -41.31
N LYS A 51 -21.37 19.30 -40.53
CA LYS A 51 -22.01 20.27 -39.67
C LYS A 51 -22.74 21.38 -40.45
N GLU A 52 -22.25 21.70 -41.64
CA GLU A 52 -22.95 22.64 -42.52
C GLU A 52 -24.33 22.13 -42.95
N ARG A 53 -24.50 20.80 -43.01
CA ARG A 53 -25.77 20.17 -43.35
C ARG A 53 -26.58 19.82 -42.12
N SER A 54 -26.25 20.46 -41.00
CA SER A 54 -26.91 20.25 -39.72
C SER A 54 -28.44 20.22 -39.81
N ASP A 55 -29.00 21.10 -40.62
CA ASP A 55 -30.45 21.24 -40.75
C ASP A 55 -31.14 20.17 -41.62
N GLU A 56 -30.40 19.33 -42.31
CA GLU A 56 -30.98 18.29 -43.16
C GLU A 56 -31.78 17.24 -42.38
N VAL A 57 -32.99 16.92 -42.84
CA VAL A 57 -33.82 15.85 -42.26
C VAL A 57 -33.35 14.50 -42.79
N ILE A 58 -33.17 13.52 -41.90
CA ILE A 58 -32.74 12.18 -42.29
C ILE A 58 -33.63 11.06 -41.78
N GLY A 59 -34.63 11.36 -40.96
CA GLY A 59 -35.58 10.34 -40.55
C GLY A 59 -36.68 10.91 -39.70
N GLU A 60 -37.58 10.04 -39.26
CA GLU A 60 -38.58 10.43 -38.28
C GLU A 60 -38.45 9.63 -37.00
N VAL A 61 -38.95 10.21 -35.92
CA VAL A 61 -39.10 9.54 -34.64
C VAL A 61 -40.57 9.14 -34.53
N LYS A 62 -40.80 7.87 -34.23
CA LYS A 62 -42.14 7.37 -33.91
C LYS A 62 -42.29 6.93 -32.47
N VAL A 63 -43.52 6.79 -32.04
CA VAL A 63 -43.85 6.29 -30.73
C VAL A 63 -43.07 5.00 -30.47
N ALA A 64 -43.04 4.13 -31.48
CA ALA A 64 -42.30 2.86 -31.43
C ALA A 64 -40.84 3.02 -30.99
N ASN A 65 -40.18 4.07 -31.47
CA ASN A 65 -38.80 4.33 -31.08
C ASN A 65 -38.67 4.73 -29.61
N VAL A 66 -39.65 5.45 -29.07
CA VAL A 66 -39.58 5.87 -27.67
C VAL A 66 -39.78 4.69 -26.71
N ILE A 67 -40.85 3.92 -26.93
CA ILE A 67 -41.13 2.76 -26.09
C ILE A 67 -40.21 1.57 -26.39
N GLY A 68 -39.60 1.52 -27.57
CA GLY A 68 -38.77 0.38 -28.00
C GLY A 68 -37.25 0.53 -27.89
N GLY A 69 -36.79 1.32 -26.90
CA GLY A 69 -35.35 1.49 -26.69
C GLY A 69 -34.59 2.09 -27.86
N MET A 70 -35.22 3.01 -28.57
CA MET A 70 -34.62 3.69 -29.72
C MET A 70 -34.27 2.77 -30.89
N ARG A 71 -34.82 1.57 -30.92
CA ARG A 71 -34.41 0.61 -31.96
C ARG A 71 -34.67 1.15 -33.35
N GLY A 72 -33.66 1.03 -34.21
CA GLY A 72 -33.73 1.48 -35.59
C GLY A 72 -33.50 2.97 -35.81
N LEU A 73 -33.38 3.73 -34.73
CA LEU A 73 -33.29 5.16 -34.79
C LEU A 73 -31.81 5.58 -34.91
N LYS A 74 -31.50 6.12 -36.09
CA LYS A 74 -30.18 6.52 -36.43
C LYS A 74 -29.88 7.82 -35.74
N SER A 75 -29.22 7.77 -34.59
CA SER A 75 -29.17 8.94 -33.70
C SER A 75 -27.85 9.18 -32.95
N MET A 76 -26.79 8.47 -33.34
CA MET A 76 -25.49 8.65 -32.73
C MET A 76 -24.40 8.38 -33.74
N LEU A 77 -23.22 8.89 -33.41
CA LEU A 77 -22.06 8.82 -34.27
C LEU A 77 -21.15 7.67 -33.80
N TRP A 78 -20.66 6.88 -34.77
CA TRP A 78 -19.68 5.85 -34.56
C TRP A 78 -18.88 5.68 -35.86
N GLU A 79 -17.57 5.96 -35.80
CA GLU A 79 -16.74 6.08 -36.99
C GLU A 79 -16.14 4.79 -37.56
N GLY A 80 -15.70 3.92 -36.66
CA GLY A 80 -14.84 2.81 -37.03
C GLY A 80 -15.51 1.60 -37.63
N SER A 81 -16.81 1.44 -37.41
CA SER A 81 -17.51 0.25 -37.83
C SER A 81 -18.95 0.55 -38.25
N VAL A 82 -19.35 -0.08 -39.35
CA VAL A 82 -20.67 0.09 -39.97
C VAL A 82 -21.12 -1.30 -40.42
N LEU A 83 -22.33 -1.65 -40.08
CA LEU A 83 -22.91 -2.93 -40.41
C LEU A 83 -23.49 -2.89 -41.79
N ASP A 84 -22.95 -3.71 -42.69
CA ASP A 84 -23.50 -3.90 -44.05
C ASP A 84 -24.47 -5.07 -44.00
N PRO A 85 -25.73 -4.85 -44.40
CA PRO A 85 -26.74 -5.90 -44.33
C PRO A 85 -26.43 -7.16 -45.13
N GLU A 86 -25.58 -7.07 -46.16
CA GLU A 86 -25.18 -8.28 -46.89
C GLU A 86 -23.86 -8.89 -46.38
N GLU A 87 -22.84 -8.04 -46.19
CA GLU A 87 -21.49 -8.52 -45.87
C GLU A 87 -21.12 -8.48 -44.38
N GLY A 88 -22.02 -8.00 -43.55
CA GLY A 88 -21.79 -7.91 -42.14
C GLY A 88 -20.90 -6.73 -41.76
N ILE A 89 -20.28 -6.78 -40.59
CA ILE A 89 -19.62 -5.65 -40.04
C ILE A 89 -18.40 -5.32 -40.89
N ARG A 90 -18.26 -4.03 -41.18
CA ARG A 90 -17.10 -3.54 -41.89
C ARG A 90 -16.36 -2.49 -41.09
N PHE A 91 -15.03 -2.57 -41.13
CA PHE A 91 -14.18 -1.62 -40.43
C PHE A 91 -13.50 -0.72 -41.44
N HIS A 92 -13.89 0.56 -41.48
CA HIS A 92 -13.39 1.48 -42.52
C HIS A 92 -13.55 0.88 -43.92
N GLY A 93 -14.70 0.25 -44.14
CA GLY A 93 -15.02 -0.34 -45.42
C GLY A 93 -14.50 -1.75 -45.65
N LYS A 94 -13.65 -2.25 -44.75
CA LYS A 94 -13.06 -3.56 -44.91
C LYS A 94 -13.90 -4.66 -44.25
N THR A 95 -14.11 -5.74 -44.99
CA THR A 95 -14.80 -6.91 -44.50
C THR A 95 -13.89 -7.64 -43.53
N ILE A 96 -14.45 -8.59 -42.81
CA ILE A 96 -13.64 -9.47 -41.98
C ILE A 96 -12.58 -10.19 -42.81
N LYS A 97 -12.98 -10.70 -43.97
CA LYS A 97 -12.07 -11.36 -44.89
C LYS A 97 -10.91 -10.44 -45.34
N ASP A 98 -11.21 -9.16 -45.61
CA ASP A 98 -10.17 -8.21 -45.97
C ASP A 98 -9.18 -8.07 -44.78
N CYS A 99 -9.72 -7.99 -43.57
CA CYS A 99 -8.87 -7.80 -42.36
C CYS A 99 -7.95 -9.00 -42.14
N GLN A 100 -8.50 -10.19 -42.28
CA GLN A 100 -7.70 -11.42 -42.18
C GLN A 100 -6.56 -11.48 -43.20
N LYS A 101 -6.81 -10.95 -44.39
CA LYS A 101 -5.78 -10.91 -45.42
C LYS A 101 -4.73 -9.82 -45.13
N GLU A 102 -5.17 -8.63 -44.75
CA GLU A 102 -4.30 -7.45 -44.72
C GLU A 102 -3.62 -7.18 -43.37
N LEU A 103 -4.22 -7.60 -42.26
CA LEU A 103 -3.71 -7.22 -40.94
C LEU A 103 -2.53 -8.09 -40.56
N PRO A 104 -1.47 -7.46 -40.01
CA PRO A 104 -0.34 -8.26 -39.56
C PRO A 104 -0.70 -9.34 -38.53
N LYS A 105 0.15 -10.36 -38.49
CA LYS A 105 0.00 -11.51 -37.63
C LYS A 105 1.11 -11.52 -36.62
N GLY A 106 1.06 -12.44 -35.70
CA GLY A 106 2.11 -12.62 -34.71
C GLY A 106 3.37 -13.24 -35.34
N THR A 107 4.44 -13.31 -34.56
CA THR A 107 5.68 -13.92 -35.02
C THR A 107 5.50 -15.40 -35.35
N SER A 108 4.56 -16.06 -34.69
CA SER A 108 4.06 -17.35 -35.10
C SER A 108 2.54 -17.29 -35.11
N GLY A 109 1.91 -18.13 -35.93
CA GLY A 109 0.46 -18.13 -35.98
C GLY A 109 -0.11 -17.62 -37.29
N THR A 110 -1.38 -17.99 -37.50
CA THR A 110 -2.10 -17.70 -38.73
C THR A 110 -3.08 -16.53 -38.61
N GLU A 111 -3.31 -16.01 -37.41
CA GLU A 111 -4.43 -15.08 -37.25
C GLU A 111 -4.03 -13.64 -37.01
N MET A 112 -4.87 -12.75 -37.50
CA MET A 112 -4.74 -11.31 -37.32
C MET A 112 -4.67 -10.92 -35.85
N LEU A 113 -3.90 -9.87 -35.57
CA LEU A 113 -3.72 -9.42 -34.22
C LEU A 113 -4.71 -8.33 -33.83
N PRO A 114 -5.28 -8.43 -32.63
CA PRO A 114 -6.15 -7.37 -32.13
C PRO A 114 -5.47 -6.00 -32.09
N GLU A 115 -4.16 -5.96 -31.83
CA GLU A 115 -3.42 -4.68 -31.85
C GLU A 115 -3.49 -4.02 -33.22
N ALA A 116 -3.37 -4.85 -34.26
CA ALA A 116 -3.49 -4.38 -35.64
C ALA A 116 -4.89 -3.86 -35.95
N MET A 117 -5.90 -4.58 -35.44
CA MET A 117 -7.30 -4.17 -35.59
C MET A 117 -7.50 -2.83 -34.91
N PHE A 118 -6.92 -2.66 -33.72
CA PHE A 118 -7.02 -1.39 -33.02
C PHE A 118 -6.42 -0.27 -33.87
N TRP A 119 -5.26 -0.54 -34.47
CA TRP A 119 -4.58 0.47 -35.30
C TRP A 119 -5.50 0.93 -36.43
N LEU A 120 -6.09 -0.06 -37.10
CA LEU A 120 -7.03 0.19 -38.20
C LEU A 120 -8.22 0.99 -37.75
N LEU A 121 -8.85 0.56 -36.68
CA LEU A 121 -10.02 1.25 -36.18
C LEU A 121 -9.73 2.72 -35.92
N LEU A 122 -8.59 2.98 -35.30
CA LEU A 122 -8.24 4.32 -34.86
C LEU A 122 -7.82 5.25 -35.99
N THR A 123 -6.97 4.75 -36.88
CA THR A 123 -6.35 5.58 -37.95
C THR A 123 -7.05 5.53 -39.29
N GLY A 124 -7.86 4.50 -39.50
CA GLY A 124 -8.39 4.20 -40.83
C GLY A 124 -7.43 3.51 -41.78
N GLN A 125 -6.27 3.09 -41.26
CA GLN A 125 -5.18 2.59 -42.07
C GLN A 125 -4.64 1.27 -41.55
N VAL A 126 -4.19 0.43 -42.47
CA VAL A 126 -3.54 -0.83 -42.15
C VAL A 126 -2.07 -0.56 -41.79
N PRO A 127 -1.64 -0.94 -40.58
CA PRO A 127 -0.27 -0.76 -40.22
C PRO A 127 0.66 -1.81 -40.87
N SER A 128 1.94 -1.47 -40.99
CA SER A 128 2.95 -2.45 -41.35
C SER A 128 3.18 -3.39 -40.16
N THR A 129 3.72 -4.56 -40.46
CA THR A 129 4.14 -5.52 -39.44
C THR A 129 5.04 -4.87 -38.39
N ASN A 130 5.99 -4.06 -38.86
N ASN A 130 6.00 -4.07 -38.86
CA ASN A 130 6.95 -3.33 -38.06
CA ASN A 130 6.93 -3.36 -38.00
C ASN A 130 6.26 -2.39 -37.04
C ASN A 130 6.25 -2.38 -37.03
N GLN A 131 5.27 -1.63 -37.52
CA GLN A 131 4.48 -0.73 -36.67
C GLN A 131 3.73 -1.50 -35.56
N VAL A 132 3.18 -2.65 -35.90
CA VAL A 132 2.47 -3.48 -34.95
C VAL A 132 3.43 -4.04 -33.88
N ARG A 133 4.59 -4.54 -34.32
CA ARG A 133 5.59 -5.04 -33.38
C ARG A 133 5.95 -4.00 -32.32
N ALA A 134 6.11 -2.76 -32.75
CA ALA A 134 6.46 -1.68 -31.82
C ALA A 134 5.29 -1.36 -30.89
N PHE A 135 4.06 -1.38 -31.42
CA PHE A 135 2.88 -1.15 -30.59
C PHE A 135 2.72 -2.28 -29.53
N SER A 136 2.89 -3.52 -29.94
CA SER A 136 2.86 -4.66 -29.02
C SER A 136 3.88 -4.51 -27.87
N ARG A 137 5.06 -4.00 -28.18
CA ARG A 137 6.11 -3.77 -27.19
C ARG A 137 5.65 -2.72 -26.17
N GLU A 138 5.09 -1.62 -26.67
CA GLU A 138 4.48 -0.61 -25.81
C GLU A 138 3.42 -1.22 -24.92
N LEU A 139 2.55 -2.06 -25.47
CA LEU A 139 1.47 -2.65 -24.67
C LEU A 139 2.06 -3.52 -23.56
N ALA A 140 3.10 -4.32 -23.87
CA ALA A 140 3.70 -5.15 -22.85
C ALA A 140 4.32 -4.33 -21.69
N GLU A 141 5.00 -3.26 -22.07
CA GLU A 141 5.70 -2.40 -21.10
C GLU A 141 4.77 -1.60 -20.20
N GLN A 142 3.56 -1.31 -20.66
CA GLN A 142 2.63 -0.49 -19.87
C GLN A 142 1.62 -1.35 -19.08
N SER A 143 1.87 -2.66 -19.00
CA SER A 143 0.90 -3.55 -18.40
C SER A 143 0.86 -3.66 -16.90
N HIS A 144 1.81 -3.07 -16.21
CA HIS A 144 1.91 -3.19 -14.73
C HIS A 144 0.85 -2.39 -14.01
N LEU A 145 0.54 -2.84 -12.80
CA LEU A 145 -0.51 -2.23 -12.01
C LEU A 145 0.06 -1.65 -10.73
N PRO A 146 -0.48 -0.53 -10.28
CA PRO A 146 -0.13 -0.02 -8.95
C PRO A 146 -0.58 -0.94 -7.82
N GLN A 147 0.14 -0.89 -6.72
CA GLN A 147 -0.15 -1.71 -5.54
C GLN A 147 -1.60 -1.62 -5.07
N HIS A 148 -2.18 -0.43 -5.08
CA HIS A 148 -3.55 -0.29 -4.55
C HIS A 148 -4.61 -1.06 -5.36
N ILE A 149 -4.36 -1.24 -6.66
CA ILE A 149 -5.23 -2.06 -7.50
C ILE A 149 -5.16 -3.52 -7.10
N LEU A 150 -3.96 -4.04 -6.85
CA LEU A 150 -3.82 -5.39 -6.34
C LEU A 150 -4.52 -5.55 -4.99
N ASP A 151 -4.34 -4.58 -4.09
CA ASP A 151 -5.01 -4.63 -2.78
C ASP A 151 -6.53 -4.60 -2.94
N LEU A 152 -7.00 -3.80 -3.87
CA LEU A 152 -8.42 -3.68 -4.14
C LEU A 152 -8.99 -5.03 -4.61
N ILE A 153 -8.30 -5.69 -5.54
CA ILE A 153 -8.75 -6.98 -6.06
C ILE A 153 -8.74 -8.06 -4.97
N LYS A 154 -7.76 -8.02 -4.09
CA LYS A 154 -7.73 -8.95 -2.96
C LYS A 154 -8.83 -8.74 -1.94
N SER A 155 -9.44 -7.56 -1.89
CA SER A 155 -10.60 -7.30 -1.04
C SER A 155 -11.89 -8.01 -1.52
N PHE A 156 -11.96 -8.37 -2.80
CA PHE A 156 -13.17 -8.97 -3.36
C PHE A 156 -13.46 -10.33 -2.76
N PRO A 157 -14.70 -10.59 -2.33
CA PRO A 157 -15.06 -11.99 -1.99
C PRO A 157 -14.91 -12.90 -3.18
N ARG A 158 -14.56 -14.14 -2.92
CA ARG A 158 -14.38 -15.15 -3.98
C ARG A 158 -15.56 -15.31 -4.87
N SER A 159 -16.74 -15.20 -4.29
CA SER A 159 -18.02 -15.32 -4.99
C SER A 159 -18.50 -14.05 -5.71
N MET A 160 -17.77 -12.93 -5.65
CA MET A 160 -18.20 -11.71 -6.37
C MET A 160 -18.13 -12.06 -7.84
N HIS A 161 -19.19 -11.73 -8.54
CA HIS A 161 -19.28 -12.02 -9.95
C HIS A 161 -18.06 -11.43 -10.71
N PRO A 162 -17.47 -12.20 -11.61
CA PRO A 162 -16.30 -11.80 -12.36
C PRO A 162 -16.41 -10.48 -13.11
N MET A 163 -17.60 -10.21 -13.68
CA MET A 163 -17.82 -8.96 -14.39
C MET A 163 -17.99 -7.77 -13.44
N THR A 164 -18.46 -8.01 -12.23
CA THR A 164 -18.45 -6.95 -11.21
C THR A 164 -17.00 -6.61 -10.83
N GLN A 165 -16.16 -7.65 -10.67
CA GLN A 165 -14.74 -7.47 -10.35
C GLN A 165 -14.03 -6.66 -11.43
N LEU A 166 -14.21 -7.08 -12.67
CA LEU A 166 -13.56 -6.45 -13.80
C LEU A 166 -13.99 -4.99 -13.90
N SER A 167 -15.30 -4.72 -13.84
CA SER A 167 -15.79 -3.35 -13.94
C SER A 167 -15.19 -2.42 -12.88
N ILE A 168 -15.16 -2.90 -11.65
CA ILE A 168 -14.68 -2.12 -10.52
C ILE A 168 -13.19 -1.81 -10.63
N ALA A 169 -12.41 -2.80 -10.99
CA ALA A 169 -10.96 -2.67 -11.06
C ALA A 169 -10.59 -1.69 -12.17
N VAL A 170 -11.31 -1.75 -13.29
CA VAL A 170 -11.08 -0.82 -14.38
C VAL A 170 -11.43 0.60 -13.93
N ALA A 171 -12.55 0.78 -13.25
CA ALA A 171 -12.85 2.12 -12.72
C ALA A 171 -11.77 2.61 -11.75
N ALA A 172 -11.27 1.70 -10.90
CA ALA A 172 -10.29 2.08 -9.87
C ALA A 172 -8.99 2.62 -10.47
N LEU A 173 -8.70 2.20 -11.71
CA LEU A 173 -7.52 2.67 -12.44
C LEU A 173 -7.60 4.12 -12.86
N ASN A 174 -8.75 4.77 -12.67
CA ASN A 174 -8.86 6.21 -12.86
C ASN A 174 -7.90 7.02 -11.96
N THR A 175 -7.37 6.44 -10.89
CA THR A 175 -6.28 7.07 -10.16
C THR A 175 -5.08 7.36 -11.07
N GLU A 176 -4.92 6.58 -12.15
CA GLU A 176 -3.83 6.74 -13.10
C GLU A 176 -4.16 7.59 -14.33
N SER A 177 -5.29 8.30 -14.30
CA SER A 177 -5.80 8.94 -15.50
C SER A 177 -5.08 10.23 -15.73
N LYS A 178 -4.41 10.29 -16.87
CA LYS A 178 -3.84 11.57 -17.35
C LYS A 178 -4.91 12.56 -17.78
N PHE A 179 -6.01 12.08 -18.34
CA PHE A 179 -7.07 13.01 -18.77
C PHE A 179 -7.69 13.70 -17.57
N ALA A 180 -8.03 12.96 -16.53
CA ALA A 180 -8.67 13.54 -15.34
C ALA A 180 -7.79 14.63 -14.74
N LYS A 181 -6.50 14.37 -14.61
CA LYS A 181 -5.57 15.36 -14.06
C LYS A 181 -5.35 16.55 -14.94
N ALA A 182 -5.17 16.30 -16.23
CA ALA A 182 -4.95 17.39 -17.19
C ALA A 182 -6.20 18.28 -17.30
N TYR A 183 -7.41 17.67 -17.28
CA TYR A 183 -8.65 18.47 -17.34
C TYR A 183 -8.78 19.38 -16.12
N GLU A 184 -8.46 18.83 -14.94
CA GLU A 184 -8.52 19.56 -13.68
C GLU A 184 -7.57 20.76 -13.68
N LYS A 185 -6.40 20.57 -14.25
CA LYS A 185 -5.35 21.59 -14.31
C LYS A 185 -5.71 22.73 -15.27
N GLY A 186 -6.54 22.44 -16.26
CA GLY A 186 -6.86 23.39 -17.30
C GLY A 186 -6.15 22.88 -18.54
N LEU A 187 -6.94 22.57 -19.55
CA LEU A 187 -6.45 21.94 -20.77
C LEU A 187 -7.39 22.40 -21.86
N SER A 188 -6.82 22.74 -23.02
CA SER A 188 -7.64 23.30 -24.09
C SER A 188 -8.38 22.17 -24.83
N LYS A 189 -9.61 22.48 -25.23
CA LYS A 189 -10.51 21.56 -25.95
C LYS A 189 -9.84 20.81 -27.08
N ALA A 190 -9.02 21.54 -27.84
CA ALA A 190 -8.30 21.01 -28.99
C ALA A 190 -7.28 19.90 -28.65
N ASP A 191 -6.84 19.85 -27.41
CA ASP A 191 -5.92 18.82 -26.93
C ASP A 191 -6.58 17.73 -26.07
N TYR A 192 -7.90 17.73 -25.90
CA TYR A 192 -8.55 16.69 -25.10
C TYR A 192 -8.15 15.30 -25.56
N TRP A 193 -8.01 15.12 -26.88
CA TRP A 193 -7.77 13.78 -27.44
C TRP A 193 -6.46 13.11 -26.97
N GLU A 194 -5.45 13.91 -26.67
CA GLU A 194 -4.14 13.36 -26.40
C GLU A 194 -4.02 12.57 -25.09
N PRO A 195 -4.39 13.18 -23.95
CA PRO A 195 -4.45 12.40 -22.72
C PRO A 195 -5.52 11.29 -22.79
N THR A 196 -6.61 11.53 -23.52
CA THR A 196 -7.58 10.47 -23.81
C THR A 196 -6.91 9.27 -24.52
N PHE A 197 -6.05 9.55 -25.48
CA PHE A 197 -5.31 8.50 -26.16
C PHE A 197 -4.36 7.79 -25.19
N ASP A 198 -3.63 8.55 -24.37
CA ASP A 198 -2.65 7.96 -23.44
C ASP A 198 -3.38 7.04 -22.45
N ASP A 199 -4.50 7.48 -21.90
CA ASP A 199 -5.27 6.66 -20.97
C ASP A 199 -5.81 5.39 -21.64
N SER A 200 -6.25 5.50 -22.90
CA SER A 200 -6.75 4.38 -23.65
C SER A 200 -5.70 3.28 -23.87
N ILE A 201 -4.49 3.68 -24.23
CA ILE A 201 -3.39 2.73 -24.40
C ILE A 201 -3.03 2.09 -23.06
N SER A 202 -3.00 2.91 -22.02
CA SER A 202 -2.73 2.44 -20.67
C SER A 202 -3.76 1.37 -20.23
N LEU A 203 -5.05 1.67 -20.43
CA LEU A 203 -6.12 0.71 -20.11
C LEU A 203 -5.99 -0.57 -20.94
N LEU A 204 -5.73 -0.45 -22.22
CA LEU A 204 -5.61 -1.61 -23.07
C LEU A 204 -4.47 -2.51 -22.62
N ALA A 205 -3.35 -1.89 -22.25
CA ALA A 205 -2.18 -2.63 -21.80
C ALA A 205 -2.44 -3.34 -20.49
N LYS A 206 -3.22 -2.74 -19.62
CA LYS A 206 -3.48 -3.30 -18.28
C LYS A 206 -4.63 -4.29 -18.19
N ILE A 207 -5.64 -4.15 -19.04
CA ILE A 207 -6.88 -4.89 -18.84
C ILE A 207 -6.72 -6.44 -18.93
N PRO A 208 -5.82 -6.96 -19.78
CA PRO A 208 -5.59 -8.41 -19.75
C PRO A 208 -5.10 -8.94 -18.42
N ARG A 209 -4.21 -8.17 -17.82
CA ARG A 209 -3.69 -8.52 -16.52
C ARG A 209 -4.78 -8.45 -15.47
N VAL A 210 -5.61 -7.41 -15.50
CA VAL A 210 -6.76 -7.33 -14.58
C VAL A 210 -7.67 -8.54 -14.77
N ALA A 211 -8.01 -8.84 -16.01
CA ALA A 211 -8.82 -10.02 -16.32
C ALA A 211 -8.20 -11.31 -15.77
N ALA A 212 -6.87 -11.45 -15.91
CA ALA A 212 -6.20 -12.65 -15.39
C ALA A 212 -6.27 -12.73 -13.86
N LEU A 213 -6.23 -11.58 -13.19
CA LEU A 213 -6.36 -11.57 -11.74
C LEU A 213 -7.77 -11.99 -11.30
N VAL A 214 -8.77 -11.68 -12.11
CA VAL A 214 -10.13 -12.13 -11.86
C VAL A 214 -10.20 -13.64 -12.04
N PHE A 215 -9.61 -14.16 -13.11
CA PHE A 215 -9.48 -15.61 -13.36
C PHE A 215 -8.71 -16.38 -12.27
N ARG A 216 -7.70 -15.75 -11.69
CA ARG A 216 -6.76 -16.45 -10.78
C ARG A 216 -6.61 -15.73 -9.42
N PRO A 217 -7.69 -15.73 -8.63
CA PRO A 217 -7.73 -14.96 -7.37
C PRO A 217 -6.77 -15.40 -6.29
N ASP A 218 -6.27 -16.63 -6.37
CA ASP A 218 -5.27 -17.09 -5.39
C ASP A 218 -3.84 -16.67 -5.71
N GLU A 219 -3.63 -16.04 -6.88
CA GLU A 219 -2.28 -15.75 -7.36
C GLU A 219 -2.07 -14.29 -7.72
N VAL A 220 -2.70 -13.38 -6.97
CA VAL A 220 -2.63 -11.98 -7.26
C VAL A 220 -1.20 -11.43 -7.22
N ASP A 221 -0.41 -11.81 -6.20
CA ASP A 221 0.94 -11.25 -6.06
C ASP A 221 1.83 -11.61 -7.25
N GLN A 222 1.79 -12.87 -7.64
CA GLN A 222 2.56 -13.36 -8.75
C GLN A 222 2.03 -12.87 -10.12
N VAL A 223 0.75 -13.11 -10.41
CA VAL A 223 0.21 -12.74 -11.73
C VAL A 223 0.18 -11.22 -11.86
N GLY A 224 -0.07 -10.54 -10.75
CA GLY A 224 -0.15 -9.08 -10.74
C GLY A 224 1.15 -8.34 -11.01
N THR A 225 2.30 -8.99 -10.84
CA THR A 225 3.61 -8.36 -11.04
C THR A 225 4.48 -9.04 -12.11
N GLN A 226 4.08 -10.22 -12.58
CA GLN A 226 4.86 -10.94 -13.60
C GLN A 226 5.21 -10.05 -14.82
N ALA A 227 6.46 -10.05 -15.24
CA ALA A 227 6.89 -9.27 -16.41
C ALA A 227 6.45 -9.98 -17.68
N LEU A 228 6.11 -9.22 -18.70
CA LEU A 228 5.63 -9.75 -19.98
C LEU A 228 6.76 -9.68 -21.02
N ASP A 229 6.80 -10.67 -21.88
CA ASP A 229 7.75 -10.71 -22.97
C ASP A 229 7.40 -9.60 -23.94
N ALA A 230 8.23 -8.56 -23.99
CA ALA A 230 7.93 -7.38 -24.84
C ALA A 230 8.11 -7.62 -26.35
N SER A 231 8.62 -8.77 -26.73
CA SER A 231 8.65 -9.17 -28.15
C SER A 231 7.40 -9.95 -28.59
N GLN A 232 6.53 -10.30 -27.67
CA GLN A 232 5.28 -11.01 -27.99
C GLN A 232 4.07 -10.11 -28.03
N ASP A 233 3.02 -10.64 -28.64
CA ASP A 233 1.82 -9.89 -28.88
C ASP A 233 0.89 -9.95 -27.65
N TRP A 234 -0.06 -9.02 -27.64
CA TRP A 234 -1.01 -8.74 -26.56
C TRP A 234 -1.80 -9.97 -26.16
N SER A 235 -2.29 -10.70 -27.15
CA SER A 235 -3.04 -11.94 -26.93
C SER A 235 -2.16 -13.02 -26.35
N TYR A 236 -0.93 -13.14 -26.88
CA TYR A 236 -0.01 -14.16 -26.38
C TYR A 236 0.24 -13.90 -24.91
N ASN A 237 0.53 -12.64 -24.60
CA ASN A 237 0.83 -12.28 -23.22
C ASN A 237 -0.38 -12.44 -22.31
N PHE A 238 -1.58 -12.18 -22.80
CA PHE A 238 -2.80 -12.44 -22.07
C PHE A 238 -2.92 -13.92 -21.75
N ALA A 239 -2.72 -14.77 -22.76
CA ALA A 239 -2.72 -16.22 -22.57
C ALA A 239 -1.72 -16.69 -21.51
N GLU A 240 -0.53 -16.12 -21.56
CA GLU A 240 0.48 -16.41 -20.54
C GLU A 240 -0.01 -16.07 -19.11
N LEU A 241 -0.62 -14.90 -18.95
CA LEU A 241 -1.15 -14.49 -17.64
C LEU A 241 -2.33 -15.37 -17.18
N LEU A 242 -3.04 -15.98 -18.13
CA LEU A 242 -4.09 -16.92 -17.80
C LEU A 242 -3.58 -18.32 -17.47
N GLY A 243 -2.28 -18.55 -17.59
CA GLY A 243 -1.72 -19.88 -17.36
C GLY A 243 -1.76 -20.79 -18.59
N LYS A 244 -1.87 -20.18 -19.78
CA LYS A 244 -1.86 -20.91 -21.04
C LYS A 244 -0.79 -20.38 -22.02
N GLY A 245 0.40 -20.10 -21.52
CA GLY A 245 1.51 -19.72 -22.37
C GLY A 245 2.26 -20.88 -22.98
N GLY A 246 3.33 -20.55 -23.73
CA GLY A 246 4.21 -21.61 -24.30
C GLY A 246 3.73 -22.28 -25.61
N LYS A 247 4.64 -23.00 -26.23
CA LYS A 247 4.41 -23.62 -27.55
C LYS A 247 3.28 -24.64 -27.62
N GLU A 248 3.01 -25.32 -26.53
CA GLU A 248 1.88 -26.29 -26.45
C GLU A 248 0.48 -25.65 -26.65
N ASN A 249 0.40 -24.33 -26.36
CA ASN A 249 -0.87 -23.61 -26.43
C ASN A 249 -0.94 -22.66 -27.66
N GLN A 250 -0.13 -22.91 -28.67
CA GLN A 250 -0.05 -21.94 -29.78
C GLN A 250 -1.31 -21.82 -30.62
N ASP A 251 -2.08 -22.88 -30.74
CA ASP A 251 -3.38 -22.81 -31.42
C ASP A 251 -4.36 -21.94 -30.63
N PHE A 252 -4.40 -22.12 -29.32
CA PHE A 252 -5.20 -21.28 -28.45
C PHE A 252 -4.82 -19.81 -28.61
N HIS A 253 -3.54 -19.54 -28.76
CA HIS A 253 -3.06 -18.17 -28.98
C HIS A 253 -3.69 -17.58 -30.22
N ASP A 254 -3.72 -18.37 -31.30
CA ASP A 254 -4.37 -17.95 -32.52
C ASP A 254 -5.88 -17.74 -32.33
N LEU A 255 -6.54 -18.68 -31.64
CA LEU A 255 -7.96 -18.49 -31.38
C LEU A 255 -8.20 -17.21 -30.61
N LEU A 256 -7.41 -16.98 -29.58
CA LEU A 256 -7.58 -15.81 -28.73
C LEU A 256 -7.32 -14.52 -29.52
N ARG A 257 -6.30 -14.49 -30.34
CA ARG A 257 -6.07 -13.32 -31.22
C ARG A 257 -7.28 -13.04 -32.08
N LEU A 258 -7.79 -14.09 -32.70
CA LEU A 258 -8.91 -13.94 -33.60
C LEU A 258 -10.15 -13.45 -32.89
N TYR A 259 -10.46 -14.10 -31.76
CA TYR A 259 -11.59 -13.73 -30.94
C TYR A 259 -11.55 -12.27 -30.52
N LEU A 260 -10.40 -11.85 -29.98
CA LEU A 260 -10.23 -10.49 -29.48
C LEU A 260 -10.36 -9.47 -30.61
N ALA A 261 -9.81 -9.80 -31.77
CA ALA A 261 -9.94 -8.94 -32.94
C ALA A 261 -11.36 -8.84 -33.47
N LEU A 262 -12.06 -9.98 -33.55
CA LEU A 262 -13.42 -10.00 -34.09
C LEU A 262 -14.45 -9.26 -33.26
N HIS A 263 -14.28 -9.25 -31.93
CA HIS A 263 -15.29 -8.70 -31.02
C HIS A 263 -14.99 -7.27 -30.59
N GLY A 264 -13.91 -6.70 -31.11
CA GLY A 264 -13.46 -5.38 -30.71
C GLY A 264 -14.48 -4.25 -30.86
N ASP A 265 -15.18 -4.27 -31.99
CA ASP A 265 -16.10 -3.19 -32.32
C ASP A 265 -17.24 -3.71 -33.18
N HIS A 266 -18.44 -3.21 -32.92
CA HIS A 266 -19.60 -3.57 -33.71
C HIS A 266 -20.69 -2.50 -33.63
N GLU A 267 -20.35 -1.33 -34.16
CA GLU A 267 -21.17 -0.11 -34.14
C GLU A 267 -21.33 0.49 -32.74
N GLY A 268 -22.08 1.58 -32.66
CA GLY A 268 -22.26 2.32 -31.41
C GLY A 268 -23.45 1.94 -30.59
N GLY A 269 -24.38 1.19 -31.16
CA GLY A 269 -25.69 0.94 -30.53
C GLY A 269 -25.74 -0.12 -29.45
N ASN A 270 -24.76 -1.02 -29.43
CA ASN A 270 -24.73 -2.05 -28.41
C ASN A 270 -24.45 -1.34 -27.05
N VAL A 271 -24.88 -1.95 -25.96
CA VAL A 271 -24.90 -1.27 -24.68
C VAL A 271 -23.51 -0.87 -24.15
N SER A 272 -22.50 -1.70 -24.37
CA SER A 272 -21.17 -1.45 -23.84
C SER A 272 -20.52 -0.28 -24.60
N ALA A 273 -20.63 -0.29 -25.93
CA ALA A 273 -20.14 0.82 -26.74
C ALA A 273 -20.87 2.11 -26.38
N HIS A 274 -22.19 2.05 -26.33
CA HIS A 274 -22.97 3.24 -26.10
C HIS A 274 -22.74 3.81 -24.70
N ALA A 275 -22.70 2.95 -23.68
CA ALA A 275 -22.51 3.41 -22.33
C ALA A 275 -21.14 4.07 -22.15
N THR A 276 -20.13 3.53 -22.80
CA THR A 276 -18.81 4.12 -22.78
C THR A 276 -18.85 5.50 -23.41
N HIS A 277 -19.51 5.64 -24.55
CA HIS A 277 -19.66 6.94 -25.17
C HIS A 277 -20.43 7.94 -24.28
N LEU A 278 -21.48 7.45 -23.65
CA LEU A 278 -22.40 8.27 -22.87
C LEU A 278 -21.71 8.86 -21.64
N VAL A 279 -21.06 8.00 -20.87
CA VAL A 279 -20.32 8.45 -19.67
C VAL A 279 -19.12 9.33 -20.08
N GLY A 280 -18.46 8.94 -21.15
CA GLY A 280 -17.36 9.75 -21.71
C GLY A 280 -17.79 11.13 -22.15
N SER A 281 -19.05 11.28 -22.56
CA SER A 281 -19.53 12.53 -23.11
C SER A 281 -19.68 13.58 -22.03
N ALA A 282 -19.76 13.16 -20.76
CA ALA A 282 -19.70 14.09 -19.64
C ALA A 282 -18.25 14.48 -19.27
N LEU A 283 -17.27 13.96 -20.03
CA LEU A 283 -15.85 14.15 -19.82
C LEU A 283 -15.28 13.37 -18.65
N SER A 284 -15.98 12.32 -18.25
CA SER A 284 -15.36 11.28 -17.46
C SER A 284 -14.27 10.61 -18.32
N ASP A 285 -13.17 10.24 -17.70
CA ASP A 285 -12.00 9.70 -18.42
C ASP A 285 -12.26 8.27 -18.95
N PRO A 286 -11.32 7.72 -19.71
CA PRO A 286 -11.59 6.41 -20.27
C PRO A 286 -11.71 5.27 -19.29
N PHE A 287 -11.09 5.38 -18.12
CA PHE A 287 -11.22 4.30 -17.14
C PHE A 287 -12.65 4.27 -16.59
N LEU A 288 -13.16 5.43 -16.18
CA LEU A 288 -14.52 5.52 -15.71
C LEU A 288 -15.52 5.17 -16.82
N SER A 289 -15.25 5.65 -18.02
CA SER A 289 -16.15 5.43 -19.13
C SER A 289 -16.22 3.97 -19.53
N TYR A 290 -15.09 3.29 -19.71
CA TYR A 290 -15.18 1.88 -20.11
C TYR A 290 -15.70 0.99 -18.95
N SER A 291 -15.50 1.43 -17.69
CA SER A 291 -16.12 0.72 -16.59
C SER A 291 -17.64 0.70 -16.77
N ALA A 292 -18.22 1.83 -17.18
CA ALA A 292 -19.67 1.85 -17.41
C ALA A 292 -20.03 0.90 -18.54
N GLY A 293 -19.20 0.89 -19.56
CA GLY A 293 -19.33 -0.08 -20.64
C GLY A 293 -19.38 -1.53 -20.14
N LEU A 294 -18.44 -1.87 -19.26
CA LEU A 294 -18.36 -3.21 -18.71
C LEU A 294 -19.57 -3.57 -17.84
N LEU A 295 -20.10 -2.59 -17.10
CA LEU A 295 -21.31 -2.78 -16.30
C LEU A 295 -22.51 -3.15 -17.19
N GLY A 296 -22.52 -2.57 -18.40
CA GLY A 296 -23.48 -2.91 -19.41
C GLY A 296 -23.27 -4.30 -20.00
N LEU A 297 -22.01 -4.64 -20.26
CA LEU A 297 -21.67 -5.97 -20.74
C LEU A 297 -21.98 -7.03 -19.71
N ALA A 298 -22.02 -6.65 -18.44
CA ALA A 298 -22.39 -7.57 -17.39
C ALA A 298 -23.86 -7.96 -17.42
N GLY A 299 -24.66 -7.23 -18.19
CA GLY A 299 -26.10 -7.50 -18.23
C GLY A 299 -26.40 -8.77 -19.01
N PRO A 300 -27.34 -9.59 -18.53
CA PRO A 300 -27.65 -10.83 -19.25
C PRO A 300 -28.06 -10.69 -20.70
N LEU A 301 -28.69 -9.58 -21.07
CA LEU A 301 -29.07 -9.42 -22.48
C LEU A 301 -27.96 -8.93 -23.38
N HIS A 302 -26.77 -8.65 -22.84
CA HIS A 302 -25.63 -8.22 -23.66
C HIS A 302 -24.48 -9.23 -23.69
N GLY A 303 -24.09 -9.75 -22.54
CA GLY A 303 -22.86 -10.52 -22.45
C GLY A 303 -22.87 -12.03 -22.33
N LEU A 304 -24.03 -12.65 -22.38
CA LEU A 304 -24.20 -14.08 -22.13
C LEU A 304 -24.45 -14.99 -23.34
N ALA A 305 -24.46 -14.44 -24.55
CA ALA A 305 -24.88 -15.26 -25.72
C ALA A 305 -23.99 -16.48 -25.97
N ALA A 306 -22.70 -16.30 -25.84
CA ALA A 306 -21.73 -17.37 -26.08
C ALA A 306 -21.91 -18.52 -25.09
N GLN A 307 -22.17 -18.18 -23.83
CA GLN A 307 -22.44 -19.16 -22.79
C GLN A 307 -23.72 -19.95 -23.08
N GLU A 308 -24.78 -19.24 -23.48
CA GLU A 308 -26.08 -19.84 -23.78
C GLU A 308 -25.95 -20.85 -24.92
N VAL A 309 -25.21 -20.49 -25.97
CA VAL A 309 -24.99 -21.41 -27.08
C VAL A 309 -24.25 -22.64 -26.63
N LEU A 310 -23.20 -22.46 -25.84
CA LEU A 310 -22.41 -23.62 -25.40
C LEU A 310 -23.29 -24.60 -24.63
N ARG A 311 -24.05 -24.10 -23.69
CA ARG A 311 -24.99 -24.92 -22.91
C ARG A 311 -25.99 -25.70 -23.80
N TRP A 312 -26.50 -25.00 -24.80
CA TRP A 312 -27.46 -25.57 -25.75
C TRP A 312 -26.83 -26.69 -26.61
N ILE A 313 -25.61 -26.45 -27.03
CA ILE A 313 -24.84 -27.45 -27.81
C ILE A 313 -24.56 -28.70 -26.96
N LEU A 314 -24.13 -28.51 -25.72
CA LEU A 314 -23.83 -29.64 -24.84
C LEU A 314 -25.09 -30.45 -24.51
N ALA A 315 -26.20 -29.77 -24.32
CA ALA A 315 -27.51 -30.45 -24.11
C ALA A 315 -27.93 -31.22 -25.39
N MET A 316 -27.65 -30.66 -26.57
CA MET A 316 -27.94 -31.36 -27.80
C MET A 316 -27.07 -32.64 -27.88
N GLN A 317 -25.79 -32.52 -27.55
CA GLN A 317 -24.89 -33.66 -27.54
C GLN A 317 -25.38 -34.76 -26.57
N ASP A 318 -25.85 -34.35 -25.43
CA ASP A 318 -26.36 -35.27 -24.43
C ASP A 318 -27.52 -36.10 -24.99
N LYS A 319 -28.43 -35.46 -25.71
CA LYS A 319 -29.58 -36.13 -26.28
C LYS A 319 -29.26 -37.05 -27.49
N ILE A 320 -28.44 -36.58 -28.43
CA ILE A 320 -28.24 -37.30 -29.71
C ILE A 320 -26.91 -38.06 -29.79
N GLY A 321 -26.05 -37.90 -28.82
CA GLY A 321 -24.81 -38.67 -28.76
C GLY A 321 -23.69 -38.06 -29.61
N THR A 322 -22.55 -38.71 -29.57
CA THR A 322 -21.33 -38.30 -30.28
C THR A 322 -21.28 -38.66 -31.76
N LYS A 323 -22.05 -39.65 -32.18
CA LYS A 323 -22.20 -40.00 -33.58
C LYS A 323 -23.65 -39.76 -33.94
N PHE A 324 -23.85 -38.77 -34.79
CA PHE A 324 -25.19 -38.37 -35.18
C PHE A 324 -25.17 -38.06 -36.66
N THR A 325 -26.34 -38.23 -37.26
CA THR A 325 -26.56 -37.96 -38.67
C THR A 325 -27.16 -36.57 -38.87
N ASP A 326 -27.14 -36.12 -40.12
CA ASP A 326 -27.81 -34.91 -40.51
C ASP A 326 -29.30 -34.91 -40.11
N ASP A 327 -29.96 -36.04 -40.37
CA ASP A 327 -31.34 -36.21 -39.97
C ASP A 327 -31.56 -36.07 -38.47
N ASP A 328 -30.65 -36.60 -37.66
CA ASP A 328 -30.74 -36.46 -36.20
C ASP A 328 -30.76 -34.99 -35.79
N VAL A 329 -29.87 -34.21 -36.40
CA VAL A 329 -29.77 -32.77 -36.15
C VAL A 329 -31.05 -32.07 -36.59
N ARG A 330 -31.52 -32.38 -37.81
CA ARG A 330 -32.76 -31.82 -38.31
C ARG A 330 -33.91 -32.11 -37.35
N ASN A 331 -34.00 -33.37 -36.91
CA ASN A 331 -35.07 -33.76 -36.02
C ASN A 331 -35.00 -33.04 -34.69
N TYR A 332 -33.79 -32.90 -34.16
CA TYR A 332 -33.61 -32.24 -32.87
C TYR A 332 -34.04 -30.79 -32.96
N LEU A 333 -33.71 -30.13 -34.07
CA LEU A 333 -34.10 -28.73 -34.28
C LEU A 333 -35.61 -28.57 -34.37
N TRP A 334 -36.26 -29.44 -35.17
CA TRP A 334 -37.72 -29.41 -35.25
C TRP A 334 -38.40 -29.61 -33.89
N ASP A 335 -37.93 -30.61 -33.14
CA ASP A 335 -38.46 -30.89 -31.80
C ASP A 335 -38.36 -29.70 -30.89
N THR A 336 -37.19 -29.05 -30.89
CA THR A 336 -36.96 -27.87 -30.06
C THR A 336 -37.97 -26.79 -30.41
N LEU A 337 -38.11 -26.50 -31.70
CA LEU A 337 -38.99 -25.42 -32.15
C LEU A 337 -40.47 -25.71 -31.85
N LYS A 338 -40.92 -26.93 -32.17
CA LYS A 338 -42.30 -27.34 -31.92
C LYS A 338 -42.64 -27.29 -30.42
N SER A 339 -41.68 -27.59 -29.57
CA SER A 339 -41.82 -27.44 -28.11
C SER A 339 -41.86 -25.99 -27.60
N GLY A 340 -41.71 -25.01 -28.50
CA GLY A 340 -41.73 -23.59 -28.12
C GLY A 340 -40.42 -23.02 -27.63
N ARG A 341 -39.33 -23.73 -27.79
CA ARG A 341 -37.98 -23.22 -27.40
C ARG A 341 -37.26 -22.63 -28.61
N VAL A 342 -36.29 -21.78 -28.39
CA VAL A 342 -35.53 -21.05 -29.48
C VAL A 342 -34.17 -21.68 -29.79
N VAL A 343 -33.62 -21.43 -30.98
CA VAL A 343 -32.27 -21.86 -31.30
C VAL A 343 -31.33 -20.67 -31.08
N PRO A 344 -30.52 -20.69 -30.03
CA PRO A 344 -29.66 -19.52 -29.77
C PRO A 344 -28.49 -19.47 -30.73
N GLY A 345 -28.00 -18.26 -30.96
CA GLY A 345 -26.94 -17.97 -31.90
C GLY A 345 -27.38 -17.84 -33.36
N TYR A 346 -28.70 -17.85 -33.59
CA TYR A 346 -29.26 -17.73 -34.92
C TYR A 346 -30.28 -16.60 -34.97
N GLY A 347 -30.25 -15.80 -36.04
CA GLY A 347 -31.24 -14.75 -36.23
C GLY A 347 -30.68 -13.34 -36.08
N HIS A 348 -31.16 -12.43 -36.92
CA HIS A 348 -30.75 -11.02 -36.91
C HIS A 348 -31.88 -10.16 -37.53
N GLY A 349 -32.03 -8.94 -37.04
CA GLY A 349 -33.02 -8.00 -37.57
C GLY A 349 -32.73 -7.51 -39.00
N VAL A 350 -31.45 -7.44 -39.36
CA VAL A 350 -31.04 -6.85 -40.64
C VAL A 350 -30.04 -7.62 -41.46
N LEU A 351 -29.17 -8.39 -40.84
CA LEU A 351 -28.10 -9.14 -41.54
C LEU A 351 -28.70 -10.35 -42.27
N ARG A 352 -28.49 -10.39 -43.58
CA ARG A 352 -29.17 -11.39 -44.46
C ARG A 352 -28.28 -12.57 -44.79
N LYS A 353 -27.09 -12.66 -44.19
CA LYS A 353 -26.20 -13.78 -44.38
C LYS A 353 -25.58 -14.20 -43.05
N PRO A 354 -24.87 -15.34 -43.02
CA PRO A 354 -24.06 -15.65 -41.86
C PRO A 354 -23.12 -14.50 -41.48
N ASP A 355 -23.00 -14.25 -40.18
CA ASP A 355 -22.10 -13.26 -39.63
C ASP A 355 -20.70 -13.62 -40.09
N PRO A 356 -20.03 -12.70 -40.78
CA PRO A 356 -18.66 -12.97 -41.21
C PRO A 356 -17.68 -13.25 -40.04
N ARG A 357 -17.97 -12.76 -38.84
CA ARG A 357 -17.19 -13.10 -37.65
C ARG A 357 -17.36 -14.59 -37.34
N PHE A 358 -18.58 -15.12 -37.54
CA PHE A 358 -18.78 -16.57 -37.41
C PHE A 358 -17.94 -17.33 -38.43
N GLN A 359 -17.98 -16.91 -39.69
CA GLN A 359 -17.22 -17.61 -40.74
C GLN A 359 -15.73 -17.59 -40.45
N ALA A 360 -15.21 -16.50 -39.91
CA ALA A 360 -13.77 -16.43 -39.59
C ALA A 360 -13.39 -17.47 -38.53
N LEU A 361 -14.28 -17.69 -37.56
CA LEU A 361 -14.04 -18.74 -36.57
C LEU A 361 -14.06 -20.12 -37.21
N MET A 362 -14.99 -20.35 -38.12
CA MET A 362 -15.04 -21.61 -38.86
C MET A 362 -13.82 -21.79 -39.76
N ASP A 363 -13.35 -20.73 -40.42
CA ASP A 363 -12.07 -20.77 -41.18
C ASP A 363 -10.86 -21.16 -40.31
N PHE A 364 -10.81 -20.61 -39.10
CA PHE A 364 -9.78 -21.00 -38.13
C PHE A 364 -9.87 -22.50 -37.85
N ALA A 365 -11.07 -22.98 -37.62
CA ALA A 365 -11.26 -24.39 -37.29
C ALA A 365 -10.85 -25.33 -38.45
N ALA A 366 -11.10 -24.89 -39.67
CA ALA A 366 -10.93 -25.73 -40.87
C ALA A 366 -9.52 -26.25 -41.09
N THR A 367 -8.50 -25.56 -40.59
CA THR A 367 -7.11 -26.01 -40.76
C THR A 367 -6.57 -26.83 -39.58
N ARG A 368 -7.41 -27.11 -38.57
CA ARG A 368 -6.96 -27.81 -37.36
C ARG A 368 -7.73 -29.10 -37.21
N PRO A 369 -7.09 -30.26 -37.50
CA PRO A 369 -7.83 -31.51 -37.46
C PRO A 369 -8.37 -31.93 -36.09
N ASP A 370 -7.65 -31.65 -34.99
CA ASP A 370 -8.19 -31.97 -33.65
C ASP A 370 -9.53 -31.24 -33.35
N VAL A 371 -9.68 -30.01 -33.83
CA VAL A 371 -10.97 -29.28 -33.69
C VAL A 371 -12.04 -29.93 -34.53
N LEU A 372 -11.73 -30.23 -35.78
CA LEU A 372 -12.69 -30.89 -36.71
C LEU A 372 -13.16 -32.26 -36.23
N ALA A 373 -12.30 -32.95 -35.49
CA ALA A 373 -12.61 -34.24 -34.88
C ALA A 373 -13.45 -34.16 -33.61
N ASN A 374 -13.53 -32.97 -32.99
CA ASN A 374 -14.31 -32.78 -31.77
C ASN A 374 -15.80 -32.83 -32.13
N PRO A 375 -16.55 -33.81 -31.57
CA PRO A 375 -18.01 -33.89 -31.86
C PRO A 375 -18.78 -32.62 -31.51
N VAL A 376 -18.35 -31.90 -30.48
CA VAL A 376 -19.03 -30.66 -30.09
C VAL A 376 -18.87 -29.61 -31.20
N PHE A 377 -17.68 -29.52 -31.79
CA PHE A 377 -17.52 -28.65 -32.91
C PHE A 377 -18.28 -29.17 -34.13
N GLN A 378 -18.29 -30.48 -34.36
CA GLN A 378 -19.07 -31.03 -35.48
C GLN A 378 -20.53 -30.65 -35.34
N LEU A 379 -21.02 -30.62 -34.13
CA LEU A 379 -22.41 -30.21 -33.89
C LEU A 379 -22.66 -28.74 -34.25
N VAL A 380 -21.70 -27.88 -33.95
CA VAL A 380 -21.81 -26.47 -34.36
C VAL A 380 -21.87 -26.37 -35.89
N LYS A 381 -21.00 -27.13 -36.55
CA LYS A 381 -20.92 -27.09 -38.00
C LYS A 381 -22.16 -27.61 -38.67
N LYS A 382 -22.64 -28.76 -38.20
CA LYS A 382 -23.85 -29.40 -38.77
C LYS A 382 -25.03 -28.49 -38.62
N ASN A 383 -25.19 -27.95 -37.43
CA ASN A 383 -26.24 -26.98 -37.16
C ASN A 383 -26.19 -25.83 -38.08
N SER A 384 -24.98 -25.32 -38.36
CA SER A 384 -24.87 -24.20 -39.26
C SER A 384 -25.31 -24.54 -40.69
N GLU A 385 -25.22 -25.83 -41.08
CA GLU A 385 -25.59 -26.26 -42.42
C GLU A 385 -27.07 -26.62 -42.57
N ILE A 386 -27.77 -26.79 -41.43
CA ILE A 386 -29.13 -27.33 -41.40
C ILE A 386 -30.15 -26.42 -40.78
N ALA A 387 -29.82 -25.79 -39.66
CA ALA A 387 -30.73 -24.91 -38.93
C ALA A 387 -31.34 -23.79 -39.72
N PRO A 388 -30.57 -23.10 -40.60
CA PRO A 388 -31.23 -22.01 -41.33
C PRO A 388 -32.46 -22.43 -42.13
N ALA A 389 -32.37 -23.51 -42.91
CA ALA A 389 -33.52 -23.99 -43.70
C ALA A 389 -34.69 -24.41 -42.78
N VAL A 390 -34.38 -25.11 -41.69
CA VAL A 390 -35.39 -25.49 -40.70
C VAL A 390 -36.07 -24.27 -40.06
N LEU A 391 -35.26 -23.31 -39.64
CA LEU A 391 -35.83 -22.11 -39.02
C LEU A 391 -36.68 -21.30 -40.00
N THR A 392 -36.23 -21.26 -41.26
CA THR A 392 -36.94 -20.55 -42.33
C THR A 392 -38.31 -21.22 -42.55
N GLU A 393 -38.29 -22.54 -42.69
CA GLU A 393 -39.51 -23.32 -42.89
C GLU A 393 -40.47 -23.15 -41.69
N HIS A 394 -39.94 -23.15 -40.48
CA HIS A 394 -40.74 -22.94 -39.28
C HIS A 394 -41.37 -21.56 -39.22
N GLY A 395 -40.64 -20.57 -39.75
CA GLY A 395 -41.19 -19.24 -40.03
C GLY A 395 -41.28 -18.21 -38.91
N LYS A 396 -40.73 -18.51 -37.74
CA LYS A 396 -40.80 -17.56 -36.61
C LYS A 396 -39.57 -16.66 -36.48
N THR A 397 -38.49 -16.99 -37.16
CA THR A 397 -37.19 -16.32 -36.96
C THR A 397 -36.73 -15.54 -38.17
N LYS A 398 -36.67 -14.22 -38.10
CA LYS A 398 -36.15 -13.37 -39.19
C LYS A 398 -34.64 -13.60 -39.43
N ASN A 399 -34.24 -13.72 -40.69
CA ASN A 399 -32.85 -13.91 -41.09
C ASN A 399 -32.07 -14.93 -40.24
N PRO A 400 -32.48 -16.20 -40.31
CA PRO A 400 -32.06 -17.21 -39.36
C PRO A 400 -30.69 -17.80 -39.68
N HIS A 401 -29.69 -16.94 -39.72
CA HIS A 401 -28.33 -17.33 -40.00
C HIS A 401 -27.49 -17.28 -38.72
N PRO A 402 -26.40 -18.05 -38.69
CA PRO A 402 -25.57 -18.07 -37.48
C PRO A 402 -24.87 -16.77 -37.19
N ASN A 403 -24.78 -16.40 -35.92
CA ASN A 403 -23.92 -15.27 -35.54
C ASN A 403 -22.62 -15.79 -34.91
N VAL A 404 -21.70 -14.89 -34.56
CA VAL A 404 -20.41 -15.27 -34.01
C VAL A 404 -20.55 -16.10 -32.75
N ASP A 405 -21.61 -15.86 -31.98
CA ASP A 405 -21.84 -16.59 -30.73
C ASP A 405 -22.15 -18.06 -30.97
N ALA A 406 -22.51 -18.42 -32.20
CA ALA A 406 -22.74 -19.83 -32.51
C ALA A 406 -21.50 -20.70 -32.37
N ALA A 407 -20.32 -20.12 -32.53
CA ALA A 407 -19.07 -20.88 -32.52
C ALA A 407 -18.05 -20.54 -31.44
N SER A 408 -18.10 -19.35 -30.87
CA SER A 408 -17.01 -18.89 -29.98
C SER A 408 -16.85 -19.73 -28.74
N GLY A 409 -17.96 -20.01 -28.06
CA GLY A 409 -17.91 -20.81 -26.82
C GLY A 409 -17.27 -22.19 -26.99
N VAL A 410 -17.72 -22.88 -28.05
CA VAL A 410 -17.27 -24.24 -28.30
C VAL A 410 -15.79 -24.29 -28.59
N LEU A 411 -15.26 -23.31 -29.31
CA LEU A 411 -13.84 -23.26 -29.58
C LEU A 411 -13.03 -23.01 -28.33
N PHE A 412 -13.46 -22.09 -27.46
CA PHE A 412 -12.77 -21.92 -26.19
C PHE A 412 -12.78 -23.26 -25.41
N TYR A 413 -13.94 -23.91 -25.39
CA TYR A 413 -14.16 -25.12 -24.66
C TYR A 413 -13.23 -26.24 -25.20
N HIS A 414 -13.10 -26.32 -26.51
CA HIS A 414 -12.21 -27.28 -27.11
C HIS A 414 -10.77 -27.16 -26.60
N TYR A 415 -10.30 -25.93 -26.39
CA TYR A 415 -8.93 -25.70 -25.91
C TYR A 415 -8.79 -25.72 -24.39
N GLY A 416 -9.78 -26.25 -23.68
CA GLY A 416 -9.67 -26.38 -22.23
C GLY A 416 -10.07 -25.15 -21.41
N PHE A 417 -10.56 -24.10 -22.06
CA PHE A 417 -11.14 -22.93 -21.37
C PHE A 417 -12.62 -23.23 -21.14
N GLN A 418 -12.90 -23.92 -20.06
CA GLN A 418 -14.21 -24.55 -19.87
C GLN A 418 -15.01 -23.99 -18.68
N GLN A 419 -14.70 -22.78 -18.26
CA GLN A 419 -15.54 -22.07 -17.29
C GLN A 419 -16.24 -20.93 -18.04
N PRO A 420 -17.45 -21.17 -18.55
CA PRO A 420 -18.21 -20.26 -19.38
C PRO A 420 -18.54 -18.94 -18.68
N LEU A 421 -18.65 -18.97 -17.36
CA LEU A 421 -18.84 -17.77 -16.57
C LEU A 421 -17.80 -16.65 -16.89
N TYR A 422 -16.57 -17.04 -17.19
CA TYR A 422 -15.49 -16.13 -17.57
C TYR A 422 -15.46 -15.75 -19.04
N TYR A 423 -16.34 -16.26 -19.91
CA TYR A 423 -16.30 -15.86 -21.33
C TYR A 423 -16.63 -14.39 -21.52
N THR A 424 -17.45 -13.82 -20.65
CA THR A 424 -17.77 -12.38 -20.74
C THR A 424 -16.55 -11.52 -20.35
N VAL A 425 -15.69 -12.05 -19.51
CA VAL A 425 -14.46 -11.37 -19.13
C VAL A 425 -13.55 -11.20 -20.36
N THR A 426 -13.40 -12.28 -21.13
CA THR A 426 -12.63 -12.22 -22.37
C THR A 426 -13.28 -11.27 -23.37
N PHE A 427 -14.59 -11.31 -23.45
CA PHE A 427 -15.37 -10.33 -24.27
C PHE A 427 -15.06 -8.94 -23.79
N GLY A 428 -15.00 -8.71 -22.49
CA GLY A 428 -14.65 -7.40 -21.93
C GLY A 428 -13.30 -6.87 -22.34
N VAL A 429 -12.32 -7.76 -22.42
CA VAL A 429 -11.00 -7.37 -22.88
C VAL A 429 -11.07 -6.93 -24.33
N SER A 430 -11.71 -7.73 -25.18
CA SER A 430 -11.84 -7.39 -26.59
C SER A 430 -12.56 -6.08 -26.78
N ARG A 431 -13.65 -5.92 -26.05
CA ARG A 431 -14.57 -4.79 -26.30
C ARG A 431 -14.06 -3.47 -25.75
N ALA A 432 -12.87 -3.47 -25.16
CA ALA A 432 -12.18 -2.22 -24.90
C ALA A 432 -11.75 -1.53 -26.19
N LEU A 433 -11.49 -2.30 -27.24
CA LEU A 433 -10.84 -1.78 -28.43
C LEU A 433 -11.64 -0.70 -29.13
N GLY A 434 -12.84 -1.04 -29.54
CA GLY A 434 -13.65 -0.14 -30.34
C GLY A 434 -14.16 1.10 -29.63
N PRO A 435 -14.76 0.93 -28.46
CA PRO A 435 -15.23 2.07 -27.70
C PRO A 435 -14.14 3.04 -27.28
N LEU A 436 -12.93 2.56 -26.98
CA LEU A 436 -11.85 3.47 -26.66
C LEU A 436 -11.45 4.29 -27.90
N VAL A 437 -11.37 3.62 -29.04
CA VAL A 437 -11.16 4.33 -30.30
C VAL A 437 -12.19 5.45 -30.46
N GLN A 438 -13.46 5.15 -30.31
CA GLN A 438 -14.48 6.17 -30.53
C GLN A 438 -14.39 7.27 -29.48
N LEU A 439 -14.00 6.90 -28.26
CA LEU A 439 -13.84 7.91 -27.23
C LEU A 439 -12.73 8.90 -27.61
N ILE A 440 -11.65 8.39 -28.17
CA ILE A 440 -10.59 9.26 -28.66
C ILE A 440 -11.13 10.22 -29.75
N TRP A 441 -11.90 9.70 -30.70
CA TRP A 441 -12.48 10.53 -31.75
C TRP A 441 -13.53 11.51 -31.20
N ASP A 442 -14.34 11.06 -30.24
CA ASP A 442 -15.29 11.97 -29.58
C ASP A 442 -14.57 13.23 -29.10
N ARG A 443 -13.43 13.01 -28.44
CA ARG A 443 -12.67 14.13 -27.88
C ARG A 443 -11.90 14.92 -28.94
N ALA A 444 -11.34 14.24 -29.93
CA ALA A 444 -10.70 14.94 -31.07
C ALA A 444 -11.67 15.89 -31.77
N LEU A 445 -12.91 15.46 -31.96
CA LEU A 445 -13.87 16.27 -32.68
C LEU A 445 -14.57 17.28 -31.80
N GLY A 446 -14.52 17.13 -30.48
CA GLY A 446 -15.29 18.01 -29.59
C GLY A 446 -16.78 17.68 -29.55
N LEU A 447 -17.13 16.39 -29.61
CA LEU A 447 -18.55 16.02 -29.48
C LEU A 447 -19.08 16.39 -28.08
N PRO A 448 -20.34 16.85 -28.00
CA PRO A 448 -20.89 17.29 -26.73
C PRO A 448 -21.48 16.13 -25.90
N ILE A 449 -21.99 16.51 -24.73
CA ILE A 449 -22.64 15.60 -23.83
C ILE A 449 -23.84 14.96 -24.55
N GLU A 450 -24.04 13.66 -24.34
CA GLU A 450 -25.20 13.00 -24.88
C GLU A 450 -26.37 13.27 -23.97
N ARG A 451 -27.45 13.78 -24.54
CA ARG A 451 -28.58 14.29 -23.80
C ARG A 451 -29.87 14.22 -24.66
N PRO A 452 -30.46 13.03 -24.76
CA PRO A 452 -31.81 12.97 -25.35
C PRO A 452 -32.83 13.63 -24.45
N LYS A 453 -34.06 13.74 -24.94
CA LYS A 453 -35.21 14.28 -24.19
C LYS A 453 -36.15 13.11 -23.89
N SER A 454 -36.62 13.02 -22.65
CA SER A 454 -37.57 11.99 -22.25
C SER A 454 -39.00 12.48 -22.30
N ILE A 455 -39.93 11.55 -22.22
CA ILE A 455 -41.38 11.84 -22.17
C ILE A 455 -42.06 10.72 -21.39
N ASN A 456 -43.18 11.03 -20.76
CA ASN A 456 -43.97 10.03 -20.04
C ASN A 456 -45.02 9.42 -20.96
N LEU A 457 -45.54 8.26 -20.55
CA LEU A 457 -46.58 7.58 -21.32
C LEU A 457 -47.83 8.44 -21.49
N LEU A 458 -48.27 9.12 -20.41
CA LEU A 458 -49.41 10.05 -20.54
C LEU A 458 -49.19 11.10 -21.63
N GLY A 459 -47.94 11.57 -21.77
CA GLY A 459 -47.59 12.54 -22.80
C GLY A 459 -47.60 12.02 -24.20
N LEU A 460 -47.45 10.72 -24.38
CA LEU A 460 -47.60 10.12 -25.72
C LEU A 460 -49.05 9.77 -26.04
N LYS A 461 -49.82 9.52 -24.99
CA LYS A 461 -51.18 9.10 -25.11
C LYS A 461 -52.12 10.18 -25.53
N LYS A 462 -51.95 11.41 -25.06
CA LYS A 462 -52.87 12.53 -25.41
C LYS A 462 -53.14 12.62 -26.91
N SER B 26 -51.37 -5.87 13.43
CA SER B 26 -51.06 -4.42 13.59
C SER B 26 -52.16 -3.51 13.03
N THR B 27 -51.99 -2.21 13.28
CA THR B 27 -52.83 -1.12 12.72
C THR B 27 -52.27 -0.58 11.36
N ALA B 28 -51.78 -1.50 10.53
CA ALA B 28 -50.95 -1.13 9.34
C ALA B 28 -51.66 -0.74 8.01
N GLU B 29 -51.29 0.44 7.56
CA GLU B 29 -51.60 0.90 6.18
C GLU B 29 -50.70 0.16 5.19
N PRO B 30 -51.05 0.15 3.90
CA PRO B 30 -50.22 -0.58 2.95
C PRO B 30 -48.77 -0.11 2.90
N ASP B 31 -47.85 -1.06 2.77
CA ASP B 31 -46.44 -0.76 2.66
C ASP B 31 -46.13 -0.34 1.22
N LEU B 32 -44.90 0.11 0.98
CA LEU B 32 -44.56 0.69 -0.33
C LEU B 32 -44.69 -0.31 -1.46
N LYS B 33 -44.20 -1.51 -1.25
CA LYS B 33 -44.29 -2.55 -2.25
C LYS B 33 -45.76 -2.87 -2.61
N THR B 34 -46.62 -2.89 -1.61
CA THR B 34 -48.04 -3.17 -1.84
C THR B 34 -48.67 -2.00 -2.59
N ALA B 35 -48.32 -0.77 -2.19
CA ALA B 35 -48.85 0.41 -2.88
C ALA B 35 -48.43 0.46 -4.34
N LEU B 36 -47.20 0.02 -4.62
CA LEU B 36 -46.72 -0.08 -6.00
C LEU B 36 -47.49 -1.14 -6.78
N LYS B 37 -47.65 -2.31 -6.19
CA LYS B 37 -48.38 -3.39 -6.84
C LYS B 37 -49.79 -2.97 -7.24
N ALA B 38 -50.45 -2.19 -6.39
CA ALA B 38 -51.80 -1.72 -6.70
C ALA B 38 -51.88 -0.84 -7.96
N VAL B 39 -50.82 -0.09 -8.28
CA VAL B 39 -50.86 0.80 -9.46
C VAL B 39 -50.22 0.25 -10.73
N ILE B 40 -49.61 -0.92 -10.64
CA ILE B 40 -49.01 -1.55 -11.81
C ILE B 40 -50.01 -1.87 -12.92
N PRO B 41 -51.14 -2.53 -12.59
CA PRO B 41 -52.08 -2.87 -13.69
C PRO B 41 -52.54 -1.68 -14.54
N ALA B 42 -52.89 -0.57 -13.90
CA ALA B 42 -53.26 0.65 -14.65
C ALA B 42 -52.15 1.13 -15.61
N LYS B 43 -50.91 1.13 -15.14
CA LYS B 43 -49.79 1.52 -15.99
C LYS B 43 -49.55 0.54 -17.14
N ARG B 44 -49.71 -0.76 -16.90
CA ARG B 44 -49.55 -1.73 -18.00
C ARG B 44 -50.64 -1.56 -19.06
N GLU B 45 -51.82 -1.15 -18.62
CA GLU B 45 -52.95 -0.87 -19.51
C GLU B 45 -52.66 0.39 -20.35
N LEU B 46 -52.21 1.44 -19.68
CA LEU B 46 -51.77 2.64 -20.38
C LEU B 46 -50.69 2.34 -21.41
N PHE B 47 -49.74 1.52 -21.04
CA PHE B 47 -48.64 1.14 -21.94
C PHE B 47 -49.21 0.46 -23.18
N LYS B 48 -50.14 -0.47 -22.95
CA LYS B 48 -50.77 -1.20 -24.02
C LYS B 48 -51.48 -0.26 -25.03
N GLN B 49 -52.18 0.73 -24.49
CA GLN B 49 -52.83 1.76 -25.32
C GLN B 49 -51.85 2.59 -26.10
N VAL B 50 -50.75 3.00 -25.48
CA VAL B 50 -49.68 3.75 -26.17
C VAL B 50 -49.09 2.92 -27.28
N LYS B 51 -48.95 1.62 -27.03
CA LYS B 51 -48.37 0.73 -28.01
C LYS B 51 -49.24 0.58 -29.28
N GLU B 52 -50.54 0.73 -29.14
CA GLU B 52 -51.45 0.76 -30.31
C GLU B 52 -51.18 1.96 -31.22
N ARG B 53 -50.63 3.05 -30.68
CA ARG B 53 -50.24 4.21 -31.49
C ARG B 53 -48.77 4.17 -31.91
N SER B 54 -48.19 2.98 -31.85
CA SER B 54 -46.78 2.76 -32.13
C SER B 54 -46.26 3.48 -33.38
N ASP B 55 -47.05 3.42 -34.43
CA ASP B 55 -46.66 3.97 -35.72
C ASP B 55 -46.77 5.50 -35.86
N GLU B 56 -47.39 6.17 -34.90
CA GLU B 56 -47.58 7.63 -34.96
C GLU B 56 -46.25 8.41 -34.89
N VAL B 57 -46.07 9.36 -35.81
CA VAL B 57 -44.88 10.19 -35.92
C VAL B 57 -44.96 11.33 -34.92
N ILE B 58 -43.88 11.58 -34.18
CA ILE B 58 -43.84 12.65 -33.18
C ILE B 58 -42.71 13.66 -33.33
N GLY B 59 -41.81 13.43 -34.28
CA GLY B 59 -40.73 14.37 -34.51
C GLY B 59 -39.92 13.98 -35.74
N GLU B 60 -38.96 14.84 -36.07
CA GLU B 60 -37.99 14.49 -37.09
C GLU B 60 -36.57 14.40 -36.53
N VAL B 61 -35.79 13.55 -37.18
CA VAL B 61 -34.37 13.39 -36.88
C VAL B 61 -33.59 14.16 -37.92
N LYS B 62 -32.73 15.06 -37.48
CA LYS B 62 -31.81 15.79 -38.35
C LYS B 62 -30.36 15.42 -38.07
N VAL B 63 -29.49 15.79 -39.02
CA VAL B 63 -28.07 15.61 -38.87
C VAL B 63 -27.63 16.18 -37.51
N ALA B 64 -28.15 17.35 -37.17
CA ALA B 64 -27.86 18.03 -35.91
C ALA B 64 -28.05 17.15 -34.69
N ASN B 65 -29.10 16.33 -34.68
CA ASN B 65 -29.36 15.42 -33.57
C ASN B 65 -28.30 14.33 -33.47
N VAL B 66 -27.78 13.86 -34.60
CA VAL B 66 -26.78 12.79 -34.61
C VAL B 66 -25.44 13.28 -34.10
N ILE B 67 -24.96 14.37 -34.67
CA ILE B 67 -23.66 14.94 -34.25
C ILE B 67 -23.74 15.68 -32.91
N GLY B 68 -24.93 16.10 -32.49
CA GLY B 68 -25.11 16.92 -31.26
C GLY B 68 -25.61 16.16 -30.01
N GLY B 69 -25.22 14.91 -29.87
CA GLY B 69 -25.55 14.15 -28.68
C GLY B 69 -27.04 13.92 -28.46
N MET B 70 -27.78 13.74 -29.54
CA MET B 70 -29.23 13.53 -29.48
C MET B 70 -30.02 14.71 -28.91
N ARG B 71 -29.43 15.90 -28.81
CA ARG B 71 -30.13 17.03 -28.20
C ARG B 71 -31.46 17.32 -28.92
N GLY B 72 -32.51 17.47 -28.14
CA GLY B 72 -33.83 17.77 -28.70
C GLY B 72 -34.63 16.56 -29.14
N LEU B 73 -34.00 15.39 -29.17
CA LEU B 73 -34.60 14.22 -29.75
C LEU B 73 -35.39 13.43 -28.70
N LYS B 74 -36.70 13.46 -28.83
CA LYS B 74 -37.63 12.86 -27.87
C LYS B 74 -37.59 11.37 -28.10
N SER B 75 -36.80 10.65 -27.29
CA SER B 75 -36.47 9.25 -27.68
C SER B 75 -36.38 8.22 -26.55
N MET B 76 -36.85 8.59 -25.37
CA MET B 76 -36.85 7.70 -24.23
C MET B 76 -38.03 7.98 -23.33
N LEU B 77 -38.32 6.99 -22.50
CA LEU B 77 -39.40 7.05 -21.56
C LEU B 77 -38.92 7.38 -20.17
N TRP B 78 -39.63 8.28 -19.48
CA TRP B 78 -39.38 8.59 -18.07
C TRP B 78 -40.69 9.04 -17.45
N GLU B 79 -41.19 8.28 -16.48
CA GLU B 79 -42.56 8.43 -15.96
C GLU B 79 -42.78 9.46 -14.87
N GLY B 80 -41.85 9.52 -13.94
CA GLY B 80 -42.05 10.21 -12.68
C GLY B 80 -41.89 11.72 -12.68
N SER B 81 -41.20 12.26 -13.69
CA SER B 81 -40.93 13.67 -13.75
C SER B 81 -40.97 14.20 -15.18
N VAL B 82 -41.57 15.38 -15.33
CA VAL B 82 -41.74 16.07 -16.61
C VAL B 82 -41.51 17.55 -16.35
N LEU B 83 -40.68 18.16 -17.21
CA LEU B 83 -40.39 19.57 -17.10
C LEU B 83 -41.49 20.41 -17.78
N ASP B 84 -42.16 21.23 -17.00
CA ASP B 84 -43.13 22.20 -17.48
C ASP B 84 -42.43 23.54 -17.75
N PRO B 85 -42.49 24.06 -18.98
CA PRO B 85 -41.85 25.34 -19.28
C PRO B 85 -42.25 26.56 -18.43
N GLU B 86 -43.45 26.54 -17.86
CA GLU B 86 -43.86 27.62 -16.96
C GLU B 86 -43.61 27.31 -15.49
N GLU B 87 -43.92 26.11 -15.05
CA GLU B 87 -43.91 25.75 -13.62
C GLU B 87 -42.64 25.00 -13.17
N GLY B 88 -41.77 24.66 -14.12
CA GLY B 88 -40.58 23.89 -13.81
C GLY B 88 -40.85 22.43 -13.64
N ILE B 89 -39.96 21.71 -12.98
CA ILE B 89 -40.03 20.26 -12.92
C ILE B 89 -41.26 19.89 -12.07
N ARG B 90 -42.03 18.94 -12.58
CA ARG B 90 -43.16 18.43 -11.86
C ARG B 90 -43.13 16.94 -11.69
N PHE B 91 -43.60 16.48 -10.53
CA PHE B 91 -43.61 15.05 -10.22
C PHE B 91 -45.03 14.54 -10.24
N HIS B 92 -45.38 13.72 -11.22
CA HIS B 92 -46.78 13.29 -11.43
C HIS B 92 -47.73 14.49 -11.42
N GLY B 93 -47.31 15.56 -12.10
CA GLY B 93 -48.13 16.77 -12.21
C GLY B 93 -48.04 17.73 -11.04
N LYS B 94 -47.36 17.34 -9.95
CA LYS B 94 -47.25 18.20 -8.78
C LYS B 94 -46.01 19.09 -8.84
N THR B 95 -46.22 20.37 -8.54
CA THR B 95 -45.17 21.36 -8.48
C THR B 95 -44.36 21.11 -7.22
N ILE B 96 -43.21 21.76 -7.16
CA ILE B 96 -42.41 21.74 -5.94
C ILE B 96 -43.20 22.28 -4.76
N LYS B 97 -43.92 23.39 -4.97
CA LYS B 97 -44.78 23.97 -3.96
C LYS B 97 -45.85 22.98 -3.47
N ASP B 98 -46.46 22.23 -4.37
CA ASP B 98 -47.44 21.21 -3.98
C ASP B 98 -46.75 20.17 -3.06
N CYS B 99 -45.54 19.74 -3.46
CA CYS B 99 -44.81 18.70 -2.71
C CYS B 99 -44.48 19.17 -1.30
N GLN B 100 -43.99 20.40 -1.18
CA GLN B 100 -43.71 20.99 0.14
C GLN B 100 -44.93 21.04 1.04
N LYS B 101 -46.09 21.29 0.45
CA LYS B 101 -47.33 21.34 1.21
C LYS B 101 -47.80 19.92 1.60
N GLU B 102 -47.76 18.99 0.66
CA GLU B 102 -48.45 17.70 0.83
C GLU B 102 -47.59 16.58 1.40
N LEU B 103 -46.27 16.61 1.16
CA LEU B 103 -45.44 15.44 1.50
C LEU B 103 -45.12 15.45 2.99
N PRO B 104 -45.21 14.28 3.64
CA PRO B 104 -44.89 14.24 5.05
C PRO B 104 -43.45 14.71 5.38
N LYS B 105 -43.30 15.12 6.63
CA LYS B 105 -42.10 15.67 7.18
C LYS B 105 -41.58 14.71 8.22
N GLY B 106 -40.40 15.04 8.75
CA GLY B 106 -39.84 14.28 9.85
C GLY B 106 -40.54 14.50 11.16
N THR B 107 -40.13 13.75 12.17
CA THR B 107 -40.71 13.86 13.50
C THR B 107 -40.56 15.24 14.10
N SER B 108 -39.50 15.94 13.75
CA SER B 108 -39.41 17.41 13.91
C SER B 108 -38.89 17.98 12.61
N GLY B 109 -39.11 19.25 12.36
CA GLY B 109 -38.59 19.84 11.11
C GLY B 109 -39.71 20.31 10.19
N THR B 110 -39.36 21.23 9.30
CA THR B 110 -40.28 21.88 8.40
C THR B 110 -40.26 21.33 6.98
N GLU B 111 -39.33 20.46 6.63
CA GLU B 111 -39.15 20.12 5.21
C GLU B 111 -39.59 18.71 4.86
N MET B 112 -40.04 18.57 3.63
CA MET B 112 -40.42 17.31 3.02
C MET B 112 -39.28 16.28 3.08
N LEU B 113 -39.64 15.02 3.26
CA LEU B 113 -38.68 13.95 3.32
C LEU B 113 -38.43 13.33 1.95
N PRO B 114 -37.15 13.09 1.63
CA PRO B 114 -36.82 12.37 0.40
C PRO B 114 -37.51 11.02 0.29
N GLU B 115 -37.71 10.32 1.40
CA GLU B 115 -38.42 9.03 1.36
C GLU B 115 -39.87 9.20 0.90
N ALA B 116 -40.50 10.28 1.31
CA ALA B 116 -41.84 10.61 0.84
C ALA B 116 -41.86 10.95 -0.65
N MET B 117 -40.85 11.69 -1.10
CA MET B 117 -40.68 12.00 -2.52
C MET B 117 -40.51 10.72 -3.30
N PHE B 118 -39.73 9.78 -2.78
CA PHE B 118 -39.55 8.50 -3.44
C PHE B 118 -40.88 7.79 -3.57
N TRP B 119 -41.68 7.81 -2.51
CA TRP B 119 -43.00 7.15 -2.53
C TRP B 119 -43.84 7.72 -3.67
N LEU B 120 -43.89 9.05 -3.74
CA LEU B 120 -44.62 9.78 -4.78
C LEU B 120 -44.14 9.42 -6.17
N LEU B 121 -42.84 9.47 -6.37
CA LEU B 121 -42.28 9.17 -7.68
C LEU B 121 -42.67 7.78 -8.14
N LEU B 122 -42.60 6.84 -7.22
CA LEU B 122 -42.85 5.42 -7.55
C LEU B 122 -44.32 5.09 -7.78
N THR B 123 -45.20 5.57 -6.90
CA THR B 123 -46.61 5.19 -6.90
C THR B 123 -47.55 6.14 -7.59
N GLY B 124 -47.11 7.37 -7.79
CA GLY B 124 -47.98 8.46 -8.23
C GLY B 124 -48.85 9.07 -7.15
N GLN B 125 -48.62 8.68 -5.89
CA GLN B 125 -49.50 9.02 -4.79
C GLN B 125 -48.73 9.59 -3.61
N VAL B 126 -49.37 10.49 -2.88
CA VAL B 126 -48.83 11.06 -1.65
C VAL B 126 -49.10 10.08 -0.50
N PRO B 127 -48.04 9.61 0.18
CA PRO B 127 -48.26 8.70 1.30
C PRO B 127 -48.74 9.43 2.55
N SER B 128 -49.37 8.70 3.46
CA SER B 128 -49.64 9.21 4.80
C SER B 128 -48.33 9.29 5.59
N THR B 129 -48.33 10.13 6.61
CA THR B 129 -47.22 10.21 7.56
C THR B 129 -46.85 8.84 8.13
N ASN B 130 -47.86 8.07 8.48
CA ASN B 130 -47.68 6.71 9.01
C ASN B 130 -46.97 5.77 8.04
N GLN B 131 -47.35 5.81 6.76
CA GLN B 131 -46.69 5.02 5.72
C GLN B 131 -45.19 5.40 5.58
N VAL B 132 -44.89 6.69 5.66
CA VAL B 132 -43.53 7.17 5.58
C VAL B 132 -42.69 6.73 6.79
N ARG B 133 -43.27 6.83 7.99
CA ARG B 133 -42.59 6.36 9.21
C ARG B 133 -42.15 4.90 9.08
N ALA B 134 -43.03 4.07 8.54
CA ALA B 134 -42.73 2.65 8.38
C ALA B 134 -41.64 2.44 7.30
N PHE B 135 -41.72 3.22 6.22
CA PHE B 135 -40.70 3.14 5.17
C PHE B 135 -39.32 3.58 5.68
N SER B 136 -39.29 4.67 6.43
CA SER B 136 -38.04 5.13 7.06
C SER B 136 -37.40 4.07 7.95
N ARG B 137 -38.23 3.33 8.70
CA ARG B 137 -37.74 2.26 9.56
C ARG B 137 -37.12 1.14 8.73
N GLU B 138 -37.79 0.75 7.65
CA GLU B 138 -37.24 -0.23 6.71
C GLU B 138 -35.89 0.25 6.18
N LEU B 139 -35.80 1.52 5.80
CA LEU B 139 -34.52 2.01 5.29
C LEU B 139 -33.42 1.95 6.36
N ALA B 140 -33.75 2.30 7.57
CA ALA B 140 -32.77 2.26 8.67
C ALA B 140 -32.30 0.84 8.98
N GLU B 141 -33.21 -0.12 8.95
CA GLU B 141 -32.89 -1.53 9.21
C GLU B 141 -31.98 -2.15 8.14
N GLN B 142 -32.05 -1.65 6.90
CA GLN B 142 -31.26 -2.20 5.83
C GLN B 142 -29.96 -1.43 5.57
N SER B 143 -29.58 -0.54 6.46
CA SER B 143 -28.46 0.37 6.22
C SER B 143 -27.08 -0.19 6.51
N HIS B 144 -26.97 -1.36 7.08
N HIS B 144 -26.98 -1.38 7.10
CA HIS B 144 -25.69 -2.02 7.37
CA HIS B 144 -25.67 -1.99 7.38
C HIS B 144 -25.01 -2.50 6.08
C HIS B 144 -25.01 -2.51 6.10
N LEU B 145 -23.68 -2.60 6.17
CA LEU B 145 -22.89 -3.02 5.06
C LEU B 145 -22.19 -4.33 5.34
N PRO B 146 -22.04 -5.17 4.32
CA PRO B 146 -21.17 -6.34 4.46
C PRO B 146 -19.71 -5.96 4.65
N GLN B 147 -18.99 -6.82 5.37
CA GLN B 147 -17.59 -6.56 5.71
C GLN B 147 -16.72 -6.26 4.50
N HIS B 148 -16.93 -6.97 3.39
CA HIS B 148 -16.08 -6.76 2.21
C HIS B 148 -16.17 -5.37 1.59
N ILE B 149 -17.31 -4.71 1.76
CA ILE B 149 -17.46 -3.31 1.34
C ILE B 149 -16.59 -2.38 2.18
N LEU B 150 -16.59 -2.58 3.49
CA LEU B 150 -15.69 -1.82 4.36
C LEU B 150 -14.21 -2.07 3.98
N ASP B 151 -13.86 -3.35 3.76
CA ASP B 151 -12.49 -3.70 3.37
C ASP B 151 -12.12 -3.04 2.03
N LEU B 152 -13.07 -3.03 1.12
CA LEU B 152 -12.86 -2.43 -0.19
C LEU B 152 -12.57 -0.93 -0.06
N ILE B 153 -13.37 -0.24 0.75
CA ILE B 153 -13.19 1.19 0.94
C ILE B 153 -11.86 1.53 1.61
N LYS B 154 -11.42 0.69 2.55
CA LYS B 154 -10.11 0.87 3.17
C LYS B 154 -8.93 0.65 2.24
N SER B 155 -9.13 -0.08 1.14
CA SER B 155 -8.08 -0.26 0.14
C SER B 155 -7.83 1.02 -0.71
N PHE B 156 -8.81 1.94 -0.77
CA PHE B 156 -8.70 3.11 -1.62
C PHE B 156 -7.59 4.04 -1.15
N PRO B 157 -6.74 4.53 -2.07
CA PRO B 157 -5.82 5.62 -1.68
C PRO B 157 -6.60 6.84 -1.26
N ARG B 158 -6.03 7.60 -0.34
CA ARG B 158 -6.60 8.85 0.15
C ARG B 158 -6.98 9.80 -0.97
N SER B 159 -6.14 9.83 -2.00
CA SER B 159 -6.32 10.75 -3.12
C SER B 159 -7.27 10.25 -4.22
N MET B 160 -7.84 9.04 -4.10
CA MET B 160 -8.81 8.57 -5.09
C MET B 160 -10.00 9.52 -5.03
N HIS B 161 -10.40 9.99 -6.19
CA HIS B 161 -11.50 10.89 -6.30
C HIS B 161 -12.77 10.33 -5.62
N PRO B 162 -13.47 11.15 -4.85
CA PRO B 162 -14.64 10.73 -4.10
C PRO B 162 -15.73 10.07 -4.93
N MET B 163 -15.94 10.54 -6.16
CA MET B 163 -16.96 9.97 -7.04
C MET B 163 -16.50 8.64 -7.64
N THR B 164 -15.20 8.44 -7.81
CA THR B 164 -14.70 7.12 -8.15
C THR B 164 -14.97 6.12 -7.00
N GLN B 165 -14.71 6.57 -5.77
CA GLN B 165 -14.95 5.74 -4.58
C GLN B 165 -16.42 5.32 -4.47
N LEU B 166 -17.31 6.32 -4.58
CA LEU B 166 -18.70 6.09 -4.44
C LEU B 166 -19.21 5.13 -5.53
N SER B 167 -18.83 5.38 -6.79
CA SER B 167 -19.24 4.50 -7.88
C SER B 167 -18.86 3.05 -7.68
N ILE B 168 -17.62 2.83 -7.28
CA ILE B 168 -17.08 1.48 -7.12
C ILE B 168 -17.77 0.73 -5.98
N ALA B 169 -17.99 1.41 -4.87
CA ALA B 169 -18.55 0.79 -3.70
C ALA B 169 -20.00 0.39 -3.96
N VAL B 170 -20.73 1.24 -4.69
CA VAL B 170 -22.10 0.93 -5.09
C VAL B 170 -22.12 -0.28 -6.02
N ALA B 171 -21.22 -0.32 -6.99
CA ALA B 171 -21.15 -1.54 -7.83
C ALA B 171 -20.83 -2.79 -7.00
N ALA B 172 -19.93 -2.66 -6.05
CA ALA B 172 -19.50 -3.82 -5.24
C ALA B 172 -20.64 -4.44 -4.44
N LEU B 173 -21.67 -3.64 -4.16
CA LEU B 173 -22.86 -4.09 -3.46
C LEU B 173 -23.73 -5.04 -4.27
N ASN B 174 -23.42 -5.20 -5.55
CA ASN B 174 -24.07 -6.24 -6.37
C ASN B 174 -23.90 -7.66 -5.84
N THR B 175 -22.93 -7.90 -4.97
CA THR B 175 -22.88 -9.17 -4.24
C THR B 175 -24.19 -9.44 -3.49
N GLU B 176 -24.92 -8.38 -3.11
CA GLU B 176 -26.19 -8.49 -2.37
C GLU B 176 -27.45 -8.47 -3.27
N SER B 177 -27.27 -8.60 -4.59
CA SER B 177 -28.38 -8.40 -5.50
C SER B 177 -29.31 -9.58 -5.54
N LYS B 178 -30.53 -9.35 -5.12
CA LYS B 178 -31.59 -10.34 -5.32
C LYS B 178 -31.99 -10.51 -6.79
N PHE B 179 -31.96 -9.44 -7.57
CA PHE B 179 -32.35 -9.56 -8.97
C PHE B 179 -31.35 -10.44 -9.71
N ALA B 180 -30.05 -10.19 -9.53
CA ALA B 180 -29.03 -10.97 -10.24
C ALA B 180 -29.18 -12.46 -9.97
N LYS B 181 -29.39 -12.83 -8.71
CA LYS B 181 -29.55 -14.23 -8.34
C LYS B 181 -30.84 -14.84 -8.83
N ALA B 182 -31.93 -14.10 -8.69
CA ALA B 182 -33.23 -14.59 -9.15
C ALA B 182 -33.26 -14.74 -10.68
N TYR B 183 -32.65 -13.80 -11.41
CA TYR B 183 -32.60 -13.91 -12.89
C TYR B 183 -31.82 -15.15 -13.31
N GLU B 184 -30.69 -15.40 -12.65
CA GLU B 184 -29.84 -16.54 -12.95
C GLU B 184 -30.57 -17.88 -12.73
N LYS B 185 -31.37 -17.91 -11.67
CA LYS B 185 -32.13 -19.11 -11.30
C LYS B 185 -33.29 -19.40 -12.22
N GLY B 186 -33.78 -18.37 -12.92
CA GLY B 186 -34.94 -18.50 -13.80
C GLY B 186 -36.06 -17.78 -13.08
N LEU B 187 -36.57 -16.74 -13.72
CA LEU B 187 -37.57 -15.87 -13.12
C LEU B 187 -38.41 -15.36 -14.27
N SER B 188 -39.71 -15.29 -14.09
CA SER B 188 -40.62 -14.88 -15.14
C SER B 188 -40.59 -13.35 -15.34
N LYS B 189 -40.65 -12.94 -16.59
CA LYS B 189 -40.62 -11.54 -17.03
C LYS B 189 -41.55 -10.65 -16.23
N ALA B 190 -42.74 -11.15 -15.97
CA ALA B 190 -43.78 -10.45 -15.23
C ALA B 190 -43.44 -10.12 -13.77
N ASP B 191 -42.48 -10.87 -13.22
CA ASP B 191 -42.00 -10.65 -11.86
C ASP B 191 -40.63 -9.94 -11.77
N TYR B 192 -40.05 -9.51 -12.89
CA TYR B 192 -38.74 -8.85 -12.84
C TYR B 192 -38.75 -7.69 -11.85
N TRP B 193 -39.87 -6.95 -11.78
CA TRP B 193 -39.94 -5.72 -11.00
C TRP B 193 -39.73 -5.92 -9.50
N GLU B 194 -40.12 -7.07 -8.98
CA GLU B 194 -40.12 -7.26 -7.55
C GLU B 194 -38.70 -7.35 -6.89
N PRO B 195 -37.82 -8.23 -7.39
CA PRO B 195 -36.44 -8.19 -6.94
C PRO B 195 -35.73 -6.88 -7.31
N THR B 196 -36.10 -6.29 -8.44
CA THR B 196 -35.62 -4.96 -8.80
C THR B 196 -35.99 -3.92 -7.71
N PHE B 197 -37.22 -4.01 -7.22
CA PHE B 197 -37.66 -3.13 -6.14
C PHE B 197 -36.86 -3.41 -4.87
N ASP B 198 -36.68 -4.69 -4.50
CA ASP B 198 -35.97 -5.05 -3.26
C ASP B 198 -34.54 -4.51 -3.32
N ASP B 199 -33.86 -4.70 -4.45
CA ASP B 199 -32.48 -4.20 -4.60
C ASP B 199 -32.41 -2.67 -4.52
N SER B 200 -33.39 -1.99 -5.11
CA SER B 200 -33.49 -0.54 -5.06
C SER B 200 -33.61 0.02 -3.63
N ILE B 201 -34.46 -0.60 -2.83
CA ILE B 201 -34.61 -0.22 -1.42
C ILE B 201 -33.33 -0.50 -0.66
N SER B 202 -32.73 -1.65 -0.92
CA SER B 202 -31.46 -2.03 -0.32
C SER B 202 -30.35 -1.00 -0.64
N LEU B 203 -30.23 -0.63 -1.90
CA LEU B 203 -29.25 0.39 -2.32
C LEU B 203 -29.51 1.72 -1.66
N LEU B 204 -30.76 2.13 -1.64
CA LEU B 204 -31.15 3.39 -1.05
C LEU B 204 -30.78 3.42 0.42
N ALA B 205 -31.05 2.32 1.12
CA ALA B 205 -30.78 2.23 2.54
C ALA B 205 -29.27 2.31 2.83
N LYS B 206 -28.46 1.73 1.94
CA LYS B 206 -27.02 1.65 2.18
C LYS B 206 -26.19 2.87 1.70
N ILE B 207 -26.69 3.55 0.66
CA ILE B 207 -25.84 4.53 -0.01
C ILE B 207 -25.40 5.73 0.89
N PRO B 208 -26.25 6.20 1.83
CA PRO B 208 -25.78 7.25 2.75
C PRO B 208 -24.58 6.83 3.58
N ARG B 209 -24.62 5.60 4.05
CA ARG B 209 -23.49 5.08 4.81
C ARG B 209 -22.24 4.99 3.96
N VAL B 210 -22.39 4.49 2.74
CA VAL B 210 -21.25 4.48 1.79
C VAL B 210 -20.70 5.91 1.58
N ALA B 211 -21.60 6.84 1.31
CA ALA B 211 -21.19 8.24 1.13
C ALA B 211 -20.46 8.78 2.37
N ALA B 212 -20.94 8.44 3.58
CA ALA B 212 -20.27 8.91 4.78
C ALA B 212 -18.87 8.32 4.94
N LEU B 213 -18.68 7.07 4.48
CA LEU B 213 -17.36 6.46 4.53
C LEU B 213 -16.40 7.15 3.55
N VAL B 214 -16.93 7.66 2.45
CA VAL B 214 -16.13 8.43 1.51
C VAL B 214 -15.73 9.76 2.15
N PHE B 215 -16.68 10.38 2.85
N PHE B 215 -16.69 10.43 2.80
CA PHE B 215 -16.46 11.62 3.55
CA PHE B 215 -16.42 11.65 3.56
C PHE B 215 -15.49 11.51 4.73
C PHE B 215 -15.44 11.50 4.73
N ARG B 216 -15.44 10.33 5.38
CA ARG B 216 -14.66 10.10 6.61
C ARG B 216 -13.73 8.89 6.50
N PRO B 217 -12.72 8.98 5.63
CA PRO B 217 -11.84 7.83 5.29
C PRO B 217 -11.03 7.28 6.43
N ASP B 218 -10.79 8.07 7.47
CA ASP B 218 -10.04 7.60 8.65
C ASP B 218 -10.89 6.82 9.65
N GLU B 219 -12.20 6.77 9.43
CA GLU B 219 -13.13 6.23 10.44
C GLU B 219 -14.05 5.15 9.88
N VAL B 220 -13.55 4.35 8.96
CA VAL B 220 -14.36 3.35 8.27
C VAL B 220 -14.90 2.30 9.25
N ASP B 221 -14.08 1.81 10.17
CA ASP B 221 -14.52 0.75 11.10
C ASP B 221 -15.67 1.21 11.98
N GLN B 222 -15.53 2.40 12.54
CA GLN B 222 -16.57 2.98 13.36
C GLN B 222 -17.81 3.44 12.58
N VAL B 223 -17.64 4.26 11.55
CA VAL B 223 -18.78 4.76 10.78
C VAL B 223 -19.48 3.61 10.03
N GLY B 224 -18.68 2.65 9.59
CA GLY B 224 -19.17 1.49 8.85
C GLY B 224 -20.09 0.54 9.60
N THR B 225 -19.98 0.54 10.93
CA THR B 225 -20.76 -0.36 11.80
C THR B 225 -21.67 0.36 12.81
N GLN B 226 -21.53 1.67 12.96
CA GLN B 226 -22.37 2.44 13.88
C GLN B 226 -23.88 2.13 13.71
N ALA B 227 -24.58 1.81 14.82
CA ALA B 227 -26.00 1.54 14.74
C ALA B 227 -26.80 2.82 14.57
N LEU B 228 -27.88 2.78 13.82
CA LEU B 228 -28.69 3.94 13.55
C LEU B 228 -30.01 3.81 14.33
N ASP B 229 -30.54 4.95 14.74
CA ASP B 229 -31.84 5.02 15.32
C ASP B 229 -32.85 4.71 14.22
N ALA B 230 -33.50 3.56 14.34
CA ALA B 230 -34.48 3.11 13.35
C ALA B 230 -35.81 3.89 13.33
N SER B 231 -36.01 4.78 14.30
CA SER B 231 -37.18 5.67 14.31
C SER B 231 -36.89 7.02 13.64
N GLN B 232 -35.64 7.26 13.21
CA GLN B 232 -35.32 8.49 12.49
C GLN B 232 -35.34 8.35 10.97
N ASP B 233 -35.43 9.50 10.32
CA ASP B 233 -35.53 9.56 8.88
C ASP B 233 -34.16 9.43 8.21
N TRP B 234 -34.22 9.09 6.93
CA TRP B 234 -33.05 8.74 6.09
C TRP B 234 -32.00 9.85 6.07
N SER B 235 -32.47 11.10 5.93
CA SER B 235 -31.60 12.25 5.95
C SER B 235 -30.97 12.48 7.32
N TYR B 236 -31.77 12.30 8.39
CA TYR B 236 -31.25 12.47 9.73
C TYR B 236 -30.13 11.48 9.94
N ASN B 237 -30.39 10.23 9.57
CA ASN B 237 -29.39 9.19 9.77
C ASN B 237 -28.14 9.43 8.92
N PHE B 238 -28.32 9.94 7.71
CA PHE B 238 -27.18 10.34 6.89
C PHE B 238 -26.35 11.42 7.59
N ALA B 239 -27.02 12.45 8.08
CA ALA B 239 -26.35 13.52 8.83
C ALA B 239 -25.57 13.02 10.05
N GLU B 240 -26.17 12.07 10.78
CA GLU B 240 -25.49 11.44 11.88
C GLU B 240 -24.20 10.75 11.46
N LEU B 241 -24.24 10.00 10.36
CA LEU B 241 -23.05 9.31 9.87
C LEU B 241 -21.99 10.27 9.34
N LEU B 242 -22.40 11.47 8.92
CA LEU B 242 -21.45 12.51 8.52
C LEU B 242 -20.86 13.27 9.70
N GLY B 243 -21.28 12.97 10.92
CA GLY B 243 -20.78 13.70 12.08
C GLY B 243 -21.59 14.93 12.43
N LYS B 244 -22.80 15.05 11.90
CA LYS B 244 -23.69 16.18 12.22
C LYS B 244 -25.06 15.77 12.70
N GLY B 245 -25.09 14.81 13.61
CA GLY B 245 -26.36 14.42 14.27
C GLY B 245 -26.71 15.30 15.45
N GLY B 246 -27.77 14.95 16.14
CA GLY B 246 -28.22 15.65 17.39
C GLY B 246 -29.11 16.85 17.14
N LYS B 247 -29.82 17.29 18.20
CA LYS B 247 -30.77 18.41 18.14
C LYS B 247 -30.15 19.76 17.74
N GLU B 248 -28.90 19.99 18.04
CA GLU B 248 -28.19 21.22 17.64
C GLU B 248 -27.94 21.36 16.13
N ASN B 249 -28.08 20.27 15.37
CA ASN B 249 -27.96 20.31 13.91
C ASN B 249 -29.29 20.15 13.18
N GLN B 250 -30.39 20.47 13.84
CA GLN B 250 -31.70 20.20 13.25
C GLN B 250 -32.04 21.05 12.02
N ASP B 251 -31.47 22.25 11.91
CA ASP B 251 -31.67 23.04 10.69
C ASP B 251 -30.97 22.38 9.50
N PHE B 252 -29.73 21.92 9.71
CA PHE B 252 -29.02 21.20 8.69
C PHE B 252 -29.79 19.97 8.24
N HIS B 253 -30.42 19.29 9.18
CA HIS B 253 -31.25 18.12 8.85
C HIS B 253 -32.35 18.50 7.89
N ASP B 254 -33.01 19.63 8.14
CA ASP B 254 -34.03 20.13 7.23
C ASP B 254 -33.44 20.51 5.87
N LEU B 255 -32.28 21.18 5.85
CA LEU B 255 -31.65 21.51 4.58
C LEU B 255 -31.37 20.23 3.80
N LEU B 256 -30.80 19.24 4.49
CA LEU B 256 -30.41 18.00 3.82
C LEU B 256 -31.64 17.24 3.31
N ARG B 257 -32.71 17.18 4.09
CA ARG B 257 -33.95 16.58 3.60
C ARG B 257 -34.42 17.25 2.32
N LEU B 258 -34.43 18.58 2.34
CA LEU B 258 -34.92 19.34 1.21
C LEU B 258 -34.06 19.13 -0.02
N TYR B 259 -32.76 19.23 0.17
CA TYR B 259 -31.79 19.04 -0.90
C TYR B 259 -31.96 17.66 -1.58
N LEU B 260 -32.00 16.62 -0.74
CA LEU B 260 -32.09 15.26 -1.24
C LEU B 260 -33.41 15.02 -1.98
N ALA B 261 -34.48 15.60 -1.46
CA ALA B 261 -35.78 15.51 -2.14
C ALA B 261 -35.83 16.28 -3.46
N LEU B 262 -35.26 17.48 -3.49
CA LEU B 262 -35.30 18.33 -4.69
C LEU B 262 -34.52 17.78 -5.86
N HIS B 263 -33.41 17.08 -5.58
CA HIS B 263 -32.49 16.65 -6.63
C HIS B 263 -32.70 15.20 -7.08
N GLY B 264 -33.72 14.55 -6.50
CA GLY B 264 -33.98 13.14 -6.72
C GLY B 264 -34.19 12.74 -8.17
N ASP B 265 -34.95 13.56 -8.90
CA ASP B 265 -35.31 13.22 -10.27
C ASP B 265 -35.50 14.48 -11.09
N HIS B 266 -35.11 14.42 -12.35
CA HIS B 266 -35.31 15.53 -13.28
C HIS B 266 -35.22 15.01 -14.71
N GLU B 267 -36.23 14.23 -15.06
CA GLU B 267 -36.40 13.62 -16.39
C GLU B 267 -35.30 12.56 -16.70
N GLY B 268 -35.36 11.96 -17.87
CA GLY B 268 -34.49 10.86 -18.22
C GLY B 268 -33.22 11.25 -18.97
N GLY B 269 -33.13 12.48 -19.45
CA GLY B 269 -32.07 12.88 -20.38
C GLY B 269 -30.70 13.19 -19.79
N ASN B 270 -30.67 13.51 -18.50
CA ASN B 270 -29.42 13.82 -17.85
C ASN B 270 -28.59 12.51 -17.79
N VAL B 271 -27.27 12.62 -17.75
CA VAL B 271 -26.41 11.47 -17.94
C VAL B 271 -26.55 10.38 -16.87
N SER B 272 -26.76 10.76 -15.61
CA SER B 272 -26.85 9.80 -14.52
C SER B 272 -28.14 8.99 -14.64
N ALA B 273 -29.25 9.68 -14.87
CA ALA B 273 -30.53 9.01 -15.09
C ALA B 273 -30.47 8.10 -16.31
N HIS B 274 -29.97 8.63 -17.42
CA HIS B 274 -29.96 7.89 -18.66
C HIS B 274 -29.04 6.67 -18.57
N ALA B 275 -27.85 6.85 -18.01
CA ALA B 275 -26.89 5.75 -17.93
C ALA B 275 -27.43 4.63 -17.05
N THR B 276 -28.12 4.98 -15.99
CA THR B 276 -28.74 3.98 -15.14
C THR B 276 -29.80 3.20 -15.94
N HIS B 277 -30.63 3.89 -16.70
CA HIS B 277 -31.61 3.23 -17.53
C HIS B 277 -30.96 2.31 -18.59
N LEU B 278 -29.88 2.82 -19.20
CA LEU B 278 -29.21 2.14 -20.31
C LEU B 278 -28.59 0.82 -19.86
N VAL B 279 -27.80 0.87 -18.79
CA VAL B 279 -27.16 -0.33 -18.26
C VAL B 279 -28.22 -1.30 -17.69
N GLY B 280 -29.22 -0.73 -17.03
CA GLY B 280 -30.35 -1.54 -16.54
C GLY B 280 -31.13 -2.25 -17.64
N SER B 281 -31.15 -1.68 -18.84
CA SER B 281 -31.94 -2.22 -19.92
C SER B 281 -31.34 -3.50 -20.45
N ALA B 282 -30.07 -3.75 -20.18
CA ALA B 282 -29.47 -5.06 -20.45
C ALA B 282 -29.74 -6.09 -19.35
N LEU B 283 -30.51 -5.69 -18.35
CA LEU B 283 -30.86 -6.50 -17.16
C LEU B 283 -29.74 -6.64 -16.16
N SER B 284 -28.78 -5.73 -16.22
CA SER B 284 -27.90 -5.51 -15.08
C SER B 284 -28.77 -5.02 -13.90
N ASP B 285 -28.41 -5.46 -12.70
CA ASP B 285 -29.18 -5.14 -11.51
C ASP B 285 -29.04 -3.66 -11.08
N PRO B 286 -29.83 -3.22 -10.10
CA PRO B 286 -29.76 -1.82 -9.76
C PRO B 286 -28.44 -1.33 -9.19
N PHE B 287 -27.66 -2.22 -8.57
CA PHE B 287 -26.36 -1.79 -8.04
C PHE B 287 -25.41 -1.47 -9.19
N LEU B 288 -25.31 -2.37 -10.16
CA LEU B 288 -24.49 -2.14 -11.32
C LEU B 288 -25.00 -0.96 -12.13
N SER B 289 -26.31 -0.86 -12.27
CA SER B 289 -26.92 0.19 -13.09
C SER B 289 -26.69 1.55 -12.47
N TYR B 290 -26.96 1.73 -11.17
CA TYR B 290 -26.75 3.07 -10.61
C TYR B 290 -25.24 3.43 -10.49
N SER B 291 -24.37 2.40 -10.40
CA SER B 291 -22.96 2.67 -10.45
C SER B 291 -22.61 3.35 -11.78
N ALA B 292 -23.19 2.88 -12.88
CA ALA B 292 -22.93 3.53 -14.19
C ALA B 292 -23.45 4.97 -14.15
N GLY B 293 -24.61 5.15 -13.54
CA GLY B 293 -25.13 6.48 -13.31
C GLY B 293 -24.13 7.41 -12.59
N LEU B 294 -23.55 6.89 -11.52
CA LEU B 294 -22.59 7.65 -10.73
C LEU B 294 -21.31 7.97 -11.49
N LEU B 295 -20.85 7.04 -12.35
CA LEU B 295 -19.70 7.27 -13.21
C LEU B 295 -19.95 8.43 -14.17
N GLY B 296 -21.20 8.57 -14.59
CA GLY B 296 -21.64 9.71 -15.38
C GLY B 296 -21.69 10.99 -14.57
N LEU B 297 -22.20 10.92 -13.36
CA LEU B 297 -22.22 12.07 -12.46
C LEU B 297 -20.82 12.54 -12.10
N ALA B 298 -19.85 11.61 -12.18
CA ALA B 298 -18.47 11.96 -11.95
C ALA B 298 -17.88 12.82 -13.04
N GLY B 299 -18.55 12.94 -14.16
CA GLY B 299 -18.06 13.79 -15.27
C GLY B 299 -18.11 15.26 -14.93
N PRO B 300 -17.06 16.03 -15.25
CA PRO B 300 -17.13 17.48 -14.97
C PRO B 300 -18.30 18.20 -15.62
N LEU B 301 -18.82 17.74 -16.75
CA LEU B 301 -19.97 18.42 -17.35
C LEU B 301 -21.31 18.05 -16.75
N HIS B 302 -21.35 17.12 -15.80
CA HIS B 302 -22.62 16.73 -15.14
C HIS B 302 -22.65 17.14 -13.64
N GLY B 303 -21.56 16.90 -12.90
CA GLY B 303 -21.63 17.00 -11.48
C GLY B 303 -21.09 18.20 -10.69
N LEU B 304 -20.56 19.21 -11.40
CA LEU B 304 -19.83 20.30 -10.78
C LEU B 304 -20.57 21.67 -10.65
N ALA B 305 -21.83 21.76 -11.01
CA ALA B 305 -22.49 23.10 -11.10
C ALA B 305 -22.54 23.85 -9.75
N ALA B 306 -22.89 23.13 -8.70
CA ALA B 306 -23.01 23.70 -7.37
C ALA B 306 -21.67 24.23 -6.87
N GLN B 307 -20.59 23.49 -7.15
CA GLN B 307 -19.25 23.91 -6.80
C GLN B 307 -18.85 25.20 -7.53
N GLU B 308 -19.14 25.27 -8.82
CA GLU B 308 -18.81 26.42 -9.64
C GLU B 308 -19.49 27.69 -9.12
N VAL B 309 -20.77 27.58 -8.77
CA VAL B 309 -21.50 28.72 -8.25
C VAL B 309 -20.88 29.20 -6.92
N LEU B 310 -20.55 28.25 -6.04
CA LEU B 310 -20.03 28.64 -4.74
C LEU B 310 -18.73 29.45 -4.91
N ARG B 311 -17.83 28.94 -5.72
CA ARG B 311 -16.56 29.63 -6.01
C ARG B 311 -16.79 31.06 -6.56
N TRP B 312 -17.76 31.18 -7.47
CA TRP B 312 -18.10 32.44 -8.11
C TRP B 312 -18.68 33.45 -7.10
N ILE B 313 -19.53 32.97 -6.21
CA ILE B 313 -20.10 33.79 -5.15
C ILE B 313 -19.02 34.29 -4.19
N LEU B 314 -18.13 33.40 -3.77
CA LEU B 314 -17.09 33.77 -2.82
C LEU B 314 -16.09 34.78 -3.45
N ALA B 315 -15.78 34.60 -4.72
CA ALA B 315 -14.95 35.57 -5.45
C ALA B 315 -15.67 36.93 -5.60
N MET B 316 -16.99 36.90 -5.80
CA MET B 316 -17.73 38.15 -5.87
C MET B 316 -17.68 38.85 -4.51
N GLN B 317 -17.87 38.10 -3.43
CA GLN B 317 -17.81 38.67 -2.10
C GLN B 317 -16.45 39.29 -1.80
N ASP B 318 -15.40 38.62 -2.23
CA ASP B 318 -14.05 39.12 -2.03
C ASP B 318 -13.86 40.48 -2.67
N LYS B 319 -14.37 40.65 -3.88
CA LYS B 319 -14.25 41.90 -4.60
C LYS B 319 -15.13 43.06 -4.09
N ILE B 320 -16.38 42.81 -3.77
CA ILE B 320 -17.34 43.89 -3.41
C ILE B 320 -17.62 44.02 -1.94
N GLY B 321 -17.14 43.10 -1.13
CA GLY B 321 -17.28 43.20 0.32
C GLY B 321 -18.63 42.74 0.83
N THR B 322 -18.84 42.97 2.10
CA THR B 322 -20.11 42.68 2.79
C THR B 322 -21.05 43.87 2.76
N LYS B 323 -20.55 45.06 2.48
CA LYS B 323 -21.37 46.25 2.40
C LYS B 323 -21.25 46.84 1.01
N PHE B 324 -22.27 46.63 0.19
CA PHE B 324 -22.26 47.05 -1.21
C PHE B 324 -23.63 47.57 -1.59
N THR B 325 -23.65 48.37 -2.65
CA THR B 325 -24.88 48.88 -3.20
C THR B 325 -25.38 48.02 -4.36
N ASP B 326 -26.62 48.24 -4.74
CA ASP B 326 -27.20 47.61 -5.92
C ASP B 326 -26.35 47.90 -7.18
N ASP B 327 -25.92 49.15 -7.32
CA ASP B 327 -25.03 49.51 -8.41
C ASP B 327 -23.72 48.72 -8.40
N ASP B 328 -23.14 48.47 -7.24
CA ASP B 328 -21.90 47.66 -7.14
C ASP B 328 -22.11 46.26 -7.73
N VAL B 329 -23.25 45.67 -7.39
CA VAL B 329 -23.64 44.35 -7.91
C VAL B 329 -23.84 44.40 -9.42
N ARG B 330 -24.59 45.40 -9.86
CA ARG B 330 -24.80 45.64 -11.30
C ARG B 330 -23.46 45.76 -12.01
N ASN B 331 -22.56 46.56 -11.47
CA ASN B 331 -21.25 46.78 -12.08
C ASN B 331 -20.43 45.50 -12.13
N TYR B 332 -20.48 44.71 -11.06
CA TYR B 332 -19.72 43.47 -11.03
C TYR B 332 -20.22 42.51 -12.11
N LEU B 333 -21.54 42.45 -12.27
CA LEU B 333 -22.15 41.58 -13.27
C LEU B 333 -21.77 42.04 -14.69
N TRP B 334 -21.87 43.33 -14.95
CA TRP B 334 -21.47 43.88 -16.27
C TRP B 334 -20.01 43.58 -16.59
N ASP B 335 -19.12 43.80 -15.63
CA ASP B 335 -17.68 43.49 -15.79
C ASP B 335 -17.44 42.06 -16.17
N THR B 336 -18.11 41.14 -15.47
CA THR B 336 -17.98 39.72 -15.74
C THR B 336 -18.40 39.43 -17.19
N LEU B 337 -19.55 39.94 -17.58
CA LEU B 337 -20.10 39.67 -18.91
C LEU B 337 -19.24 40.29 -20.04
N LYS B 338 -18.83 41.55 -19.87
CA LYS B 338 -17.98 42.24 -20.84
C LYS B 338 -16.63 41.54 -21.03
N SER B 339 -16.11 40.94 -19.94
CA SER B 339 -14.91 40.10 -20.03
C SER B 339 -15.11 38.74 -20.72
N GLY B 340 -16.33 38.44 -21.16
CA GLY B 340 -16.61 37.19 -21.86
C GLY B 340 -16.93 35.99 -20.97
N ARG B 341 -17.06 36.19 -19.67
CA ARG B 341 -17.34 35.09 -18.74
C ARG B 341 -18.85 35.00 -18.45
N VAL B 342 -19.32 33.83 -18.01
CA VAL B 342 -20.76 33.60 -17.69
C VAL B 342 -21.07 33.75 -16.20
N VAL B 343 -22.35 33.99 -15.89
CA VAL B 343 -22.84 33.91 -14.52
C VAL B 343 -23.40 32.50 -14.29
N PRO B 344 -22.70 31.68 -13.49
CA PRO B 344 -23.14 30.30 -13.32
C PRO B 344 -24.37 30.24 -12.42
N GLY B 345 -25.17 29.20 -12.64
CA GLY B 345 -26.43 29.02 -11.94
C GLY B 345 -27.60 29.80 -12.56
N TYR B 346 -27.39 30.43 -13.71
CA TYR B 346 -28.43 31.21 -14.38
C TYR B 346 -28.58 30.77 -15.83
N GLY B 347 -29.81 30.63 -16.31
CA GLY B 347 -30.08 30.30 -17.71
C GLY B 347 -30.67 28.93 -17.89
N HIS B 348 -31.66 28.82 -18.79
CA HIS B 348 -32.29 27.55 -19.17
C HIS B 348 -32.76 27.62 -20.63
N GLY B 349 -32.72 26.48 -21.33
CA GLY B 349 -33.22 26.39 -22.71
C GLY B 349 -34.72 26.58 -22.86
N VAL B 350 -35.48 26.20 -21.84
CA VAL B 350 -36.94 26.06 -21.90
C VAL B 350 -37.69 26.79 -20.75
N LEU B 351 -37.13 26.76 -19.54
CA LEU B 351 -37.82 27.26 -18.36
C LEU B 351 -37.80 28.78 -18.32
N ARG B 352 -38.99 29.38 -18.26
CA ARG B 352 -39.20 30.83 -18.39
C ARG B 352 -39.28 31.57 -17.06
N LYS B 353 -39.11 30.88 -15.94
CA LYS B 353 -39.11 31.52 -14.61
C LYS B 353 -37.99 30.93 -13.76
N PRO B 354 -37.75 31.49 -12.55
CA PRO B 354 -36.86 30.81 -11.62
C PRO B 354 -37.24 29.35 -11.39
N ASP B 355 -36.23 28.49 -11.32
CA ASP B 355 -36.38 27.09 -11.00
C ASP B 355 -37.11 27.01 -9.67
N PRO B 356 -38.25 26.34 -9.63
CA PRO B 356 -38.97 26.17 -8.37
C PRO B 356 -38.14 25.47 -7.26
N ARG B 357 -37.18 24.63 -7.64
CA ARG B 357 -36.24 24.04 -6.67
C ARG B 357 -35.37 25.11 -6.05
N PHE B 358 -34.98 26.12 -6.83
CA PHE B 358 -34.28 27.29 -6.27
C PHE B 358 -35.16 28.01 -5.26
N GLN B 359 -36.39 28.28 -5.63
CA GLN B 359 -37.30 29.04 -4.74
C GLN B 359 -37.52 28.26 -3.42
N ALA B 360 -37.60 26.93 -3.50
CA ALA B 360 -37.79 26.14 -2.28
C ALA B 360 -36.59 26.29 -1.33
N LEU B 361 -35.40 26.37 -1.88
CA LEU B 361 -34.21 26.63 -1.06
C LEU B 361 -34.27 28.02 -0.41
N MET B 362 -34.69 29.03 -1.17
CA MET B 362 -34.89 30.38 -0.63
C MET B 362 -36.00 30.39 0.45
N ASP B 363 -37.09 29.68 0.22
CA ASP B 363 -38.15 29.49 1.27
C ASP B 363 -37.63 28.87 2.58
N PHE B 364 -36.76 27.87 2.43
CA PHE B 364 -36.09 27.26 3.58
C PHE B 364 -35.31 28.33 4.33
N ALA B 365 -34.55 29.14 3.58
CA ALA B 365 -33.71 30.13 4.21
C ALA B 365 -34.53 31.21 4.94
N ALA B 366 -35.70 31.56 4.40
CA ALA B 366 -36.51 32.67 4.90
C ALA B 366 -36.94 32.55 6.36
N THR B 367 -37.07 31.34 6.89
CA THR B 367 -37.44 31.18 8.31
C THR B 367 -36.26 30.99 9.26
N ARG B 368 -35.03 31.08 8.76
CA ARG B 368 -33.83 30.92 9.60
C ARG B 368 -33.01 32.20 9.65
N PRO B 369 -33.06 32.91 10.79
CA PRO B 369 -32.35 34.19 10.85
C PRO B 369 -30.82 34.12 10.70
N ASP B 370 -30.16 33.09 11.23
CA ASP B 370 -28.70 32.96 11.06
C ASP B 370 -28.28 32.82 9.56
N VAL B 371 -29.11 32.15 8.75
CA VAL B 371 -28.87 32.07 7.30
C VAL B 371 -29.04 33.44 6.65
N LEU B 372 -30.15 34.12 6.98
CA LEU B 372 -30.43 35.46 6.43
C LEU B 372 -29.38 36.50 6.78
N ALA B 373 -28.75 36.33 7.94
CA ALA B 373 -27.64 37.19 8.39
C ALA B 373 -26.30 36.88 7.72
N ASN B 374 -26.16 35.72 7.09
CA ASN B 374 -24.91 35.34 6.42
C ASN B 374 -24.76 36.18 5.14
N PRO B 375 -23.69 37.01 5.07
CA PRO B 375 -23.48 37.84 3.86
C PRO B 375 -23.37 37.04 2.56
N VAL B 376 -22.86 35.83 2.62
CA VAL B 376 -22.74 34.98 1.42
C VAL B 376 -24.14 34.60 0.91
N PHE B 377 -25.05 34.29 1.81
CA PHE B 377 -26.42 34.06 1.41
C PHE B 377 -27.07 35.36 0.93
N GLN B 378 -26.79 36.47 1.60
CA GLN B 378 -27.36 37.75 1.17
C GLN B 378 -26.95 38.04 -0.29
N LEU B 379 -25.72 37.68 -0.62
CA LEU B 379 -25.23 37.87 -1.96
C LEU B 379 -25.94 37.00 -2.98
N VAL B 380 -26.26 35.77 -2.61
CA VAL B 380 -27.04 34.91 -3.50
C VAL B 380 -28.41 35.56 -3.78
N LYS B 381 -29.03 36.07 -2.73
CA LYS B 381 -30.35 36.65 -2.84
C LYS B 381 -30.35 37.93 -3.71
N LYS B 382 -29.39 38.81 -3.44
CA LYS B 382 -29.26 40.07 -4.19
C LYS B 382 -29.04 39.81 -5.67
N ASN B 383 -28.12 38.91 -5.95
CA ASN B 383 -27.85 38.48 -7.30
C ASN B 383 -29.10 37.97 -7.97
N SER B 384 -29.90 37.19 -7.25
CA SER B 384 -31.14 36.70 -7.84
C SER B 384 -32.12 37.83 -8.18
N GLU B 385 -32.03 38.96 -7.49
CA GLU B 385 -32.93 40.12 -7.74
C GLU B 385 -32.43 41.07 -8.83
N ILE B 386 -31.16 40.93 -9.23
CA ILE B 386 -30.48 41.89 -10.12
C ILE B 386 -29.98 41.26 -11.42
N ALA B 387 -29.32 40.10 -11.32
CA ALA B 387 -28.72 39.44 -12.47
C ALA B 387 -29.66 39.15 -13.64
N PRO B 388 -30.91 38.70 -13.38
CA PRO B 388 -31.77 38.44 -14.54
C PRO B 388 -31.95 39.63 -15.49
N ALA B 389 -32.27 40.80 -14.97
CA ALA B 389 -32.46 42.02 -15.81
C ALA B 389 -31.15 42.36 -16.55
N VAL B 390 -30.01 42.28 -15.85
CA VAL B 390 -28.70 42.51 -16.47
C VAL B 390 -28.41 41.51 -17.58
N LEU B 391 -28.62 40.23 -17.30
CA LEU B 391 -28.38 39.21 -18.31
C LEU B 391 -29.31 39.35 -19.51
N THR B 392 -30.55 39.75 -19.26
CA THR B 392 -31.56 39.97 -20.31
C THR B 392 -31.10 41.12 -21.21
N GLU B 393 -30.72 42.23 -20.58
CA GLU B 393 -30.21 43.39 -21.29
C GLU B 393 -28.96 43.06 -22.11
N HIS B 394 -28.05 42.27 -21.55
CA HIS B 394 -26.83 41.84 -22.25
C HIS B 394 -27.16 40.97 -23.44
N GLY B 395 -28.21 40.16 -23.32
CA GLY B 395 -28.82 39.48 -24.47
C GLY B 395 -28.26 38.18 -24.96
N LYS B 396 -27.21 37.65 -24.32
CA LYS B 396 -26.58 36.44 -24.80
C LYS B 396 -27.09 35.15 -24.14
N THR B 397 -27.75 35.27 -22.99
CA THR B 397 -28.20 34.11 -22.21
C THR B 397 -29.74 33.98 -22.23
N LYS B 398 -30.23 32.90 -22.83
CA LYS B 398 -31.67 32.61 -22.89
C LYS B 398 -32.25 32.29 -21.50
N ASN B 399 -33.42 32.84 -21.21
CA ASN B 399 -34.15 32.63 -19.94
C ASN B 399 -33.25 32.70 -18.69
N PRO B 400 -32.70 33.89 -18.42
CA PRO B 400 -31.62 34.06 -17.48
C PRO B 400 -32.08 34.13 -16.03
N HIS B 401 -32.76 33.08 -15.59
CA HIS B 401 -33.27 32.98 -14.24
C HIS B 401 -32.43 32.00 -13.43
N PRO B 402 -32.43 32.15 -12.10
CA PRO B 402 -31.62 31.25 -11.27
C PRO B 402 -32.11 29.81 -11.29
N ASN B 403 -31.18 28.86 -11.31
CA ASN B 403 -31.53 27.47 -11.07
C ASN B 403 -31.15 27.04 -9.64
N VAL B 404 -31.48 25.80 -9.29
CA VAL B 404 -31.24 25.30 -7.94
C VAL B 404 -29.77 25.37 -7.54
N ASP B 405 -28.87 25.26 -8.52
CA ASP B 405 -27.43 25.34 -8.23
C ASP B 405 -27.00 26.72 -7.74
N ALA B 406 -27.82 27.72 -8.00
CA ALA B 406 -27.52 29.07 -7.51
C ALA B 406 -27.46 29.19 -5.99
N ALA B 407 -28.20 28.32 -5.29
CA ALA B 407 -28.29 28.40 -3.82
C ALA B 407 -27.80 27.22 -3.03
N SER B 408 -27.71 26.03 -3.61
CA SER B 408 -27.43 24.81 -2.83
C SER B 408 -26.06 24.84 -2.16
N GLY B 409 -25.03 25.20 -2.91
CA GLY B 409 -23.66 25.22 -2.36
C GLY B 409 -23.51 26.16 -1.17
N VAL B 410 -24.07 27.37 -1.28
CA VAL B 410 -23.95 28.36 -0.23
C VAL B 410 -24.61 27.92 1.06
N LEU B 411 -25.76 27.25 0.95
CA LEU B 411 -26.45 26.73 2.11
C LEU B 411 -25.66 25.63 2.79
N PHE B 412 -25.08 24.70 2.01
CA PHE B 412 -24.20 23.70 2.64
C PHE B 412 -23.04 24.38 3.35
N TYR B 413 -22.45 25.38 2.70
CA TYR B 413 -21.31 26.09 3.20
C TYR B 413 -21.66 26.80 4.51
N HIS B 414 -22.85 27.41 4.56
CA HIS B 414 -23.30 28.05 5.77
C HIS B 414 -23.32 27.09 6.97
N TYR B 415 -23.72 25.84 6.75
CA TYR B 415 -23.77 24.85 7.83
C TYR B 415 -22.47 24.10 8.07
N GLY B 416 -21.35 24.64 7.60
CA GLY B 416 -20.04 24.03 7.88
C GLY B 416 -19.59 22.94 6.93
N PHE B 417 -20.33 22.66 5.88
CA PHE B 417 -19.89 21.75 4.80
C PHE B 417 -19.15 22.55 3.78
N GLN B 418 -17.84 22.71 4.02
CA GLN B 418 -17.04 23.68 3.24
C GLN B 418 -15.97 22.99 2.37
N GLN B 419 -16.16 21.68 2.10
CA GLN B 419 -15.37 20.98 1.11
C GLN B 419 -16.27 20.69 -0.11
N PRO B 420 -16.26 21.59 -1.09
CA PRO B 420 -17.12 21.55 -2.26
C PRO B 420 -16.88 20.30 -3.13
N LEU B 421 -15.68 19.74 -3.11
CA LEU B 421 -15.37 18.51 -3.79
C LEU B 421 -16.40 17.37 -3.47
N TYR B 422 -16.87 17.34 -2.22
CA TYR B 422 -17.86 16.35 -1.78
C TYR B 422 -19.32 16.71 -2.07
N TYR B 423 -19.63 17.88 -2.65
CA TYR B 423 -21.03 18.19 -2.97
C TYR B 423 -21.59 17.24 -4.03
N THR B 424 -20.78 16.71 -4.93
CA THR B 424 -21.26 15.74 -5.92
C THR B 424 -21.62 14.39 -5.26
N VAL B 425 -20.96 14.07 -4.15
CA VAL B 425 -21.27 12.87 -3.42
C VAL B 425 -22.70 12.94 -2.86
N THR B 426 -23.04 14.10 -2.27
CA THR B 426 -24.37 14.34 -1.75
C THR B 426 -25.40 14.29 -2.89
N PHE B 427 -25.06 14.88 -4.02
CA PHE B 427 -25.88 14.83 -5.21
C PHE B 427 -26.08 13.37 -5.63
N GLY B 428 -25.02 12.55 -5.54
CA GLY B 428 -25.14 11.13 -5.87
C GLY B 428 -26.12 10.36 -4.98
N VAL B 429 -26.16 10.71 -3.70
CA VAL B 429 -27.11 10.09 -2.81
C VAL B 429 -28.55 10.45 -3.22
N SER B 430 -28.80 11.73 -3.48
CA SER B 430 -30.12 12.16 -3.89
C SER B 430 -30.54 11.51 -5.19
N ARG B 431 -29.61 11.47 -6.13
CA ARG B 431 -29.96 11.06 -7.50
C ARG B 431 -30.12 9.54 -7.66
N ALA B 432 -29.97 8.79 -6.58
CA ALA B 432 -30.42 7.42 -6.58
C ALA B 432 -31.94 7.30 -6.69
N LEU B 433 -32.67 8.30 -6.17
CA LEU B 433 -34.11 8.18 -6.00
C LEU B 433 -34.85 7.99 -7.30
N GLY B 434 -34.69 8.93 -8.21
CA GLY B 434 -35.46 8.92 -9.46
C GLY B 434 -35.14 7.82 -10.43
N PRO B 435 -33.85 7.63 -10.74
CA PRO B 435 -33.44 6.55 -11.61
C PRO B 435 -33.80 5.17 -11.11
N LEU B 436 -33.75 4.93 -9.80
CA LEU B 436 -34.17 3.64 -9.28
C LEU B 436 -35.67 3.43 -9.48
N VAL B 437 -36.46 4.47 -9.20
CA VAL B 437 -37.88 4.42 -9.52
C VAL B 437 -38.09 4.01 -10.98
N GLN B 438 -37.42 4.68 -11.91
CA GLN B 438 -37.66 4.37 -13.32
C GLN B 438 -37.17 2.98 -13.66
N LEU B 439 -36.11 2.54 -13.02
CA LEU B 439 -35.63 1.19 -13.27
C LEU B 439 -36.70 0.15 -12.84
N ILE B 440 -37.35 0.39 -11.72
CA ILE B 440 -38.43 -0.47 -11.29
C ILE B 440 -39.56 -0.49 -12.35
N TRP B 441 -39.95 0.69 -12.84
CA TRP B 441 -40.99 0.76 -13.89
C TRP B 441 -40.54 0.15 -15.22
N ASP B 442 -39.27 0.34 -15.58
CA ASP B 442 -38.74 -0.31 -16.77
C ASP B 442 -39.01 -1.81 -16.72
N ARG B 443 -38.75 -2.41 -15.58
CA ARG B 443 -38.91 -3.86 -15.41
C ARG B 443 -40.38 -4.25 -15.25
N ALA B 444 -41.18 -3.44 -14.55
CA ALA B 444 -42.63 -3.69 -14.47
C ALA B 444 -43.27 -3.73 -15.86
N LEU B 445 -42.88 -2.81 -16.73
CA LEU B 445 -43.48 -2.71 -18.05
C LEU B 445 -42.87 -3.67 -19.06
N GLY B 446 -41.69 -4.22 -18.79
CA GLY B 446 -41.00 -5.04 -19.79
C GLY B 446 -40.34 -4.21 -20.89
N LEU B 447 -39.81 -3.02 -20.55
CA LEU B 447 -39.10 -2.23 -21.57
C LEU B 447 -37.84 -2.96 -22.03
N PRO B 448 -37.54 -2.86 -23.34
CA PRO B 448 -36.44 -3.63 -23.90
C PRO B 448 -35.09 -2.92 -23.74
N ILE B 449 -34.06 -3.60 -24.21
CA ILE B 449 -32.71 -3.08 -24.20
C ILE B 449 -32.71 -1.76 -25.00
N GLU B 450 -31.97 -0.78 -24.52
CA GLU B 450 -31.84 0.47 -25.24
C GLU B 450 -30.76 0.21 -26.30
N ARG B 451 -31.13 0.46 -27.55
CA ARG B 451 -30.30 0.11 -28.67
C ARG B 451 -30.55 1.07 -29.87
N PRO B 452 -30.03 2.29 -29.80
CA PRO B 452 -30.06 3.19 -30.93
C PRO B 452 -29.15 2.70 -32.03
N LYS B 453 -29.25 3.35 -33.19
CA LYS B 453 -28.46 3.00 -34.37
C LYS B 453 -27.41 4.06 -34.61
N SER B 454 -26.16 3.64 -34.81
CA SER B 454 -25.09 4.56 -35.15
C SER B 454 -24.89 4.71 -36.66
N ILE B 455 -24.18 5.76 -37.01
CA ILE B 455 -23.77 6.04 -38.39
C ILE B 455 -22.45 6.83 -38.30
N ASN B 456 -21.64 6.70 -39.34
CA ASN B 456 -20.37 7.44 -39.42
C ASN B 456 -20.58 8.76 -40.16
N LEU B 457 -19.61 9.66 -40.04
CA LEU B 457 -19.63 10.94 -40.74
C LEU B 457 -19.72 10.77 -42.25
N LEU B 458 -18.94 9.86 -42.83
CA LEU B 458 -19.05 9.54 -44.28
C LEU B 458 -20.50 9.22 -44.69
N GLY B 459 -21.21 8.50 -43.82
CA GLY B 459 -22.60 8.15 -44.09
C GLY B 459 -23.57 9.31 -44.00
N LEU B 460 -23.22 10.37 -43.28
CA LEU B 460 -24.03 11.60 -43.29
C LEU B 460 -23.69 12.53 -44.44
N LYS B 461 -22.48 12.42 -44.97
CA LYS B 461 -22.09 13.22 -46.12
C LYS B 461 -22.73 12.66 -47.40
N LYS B 462 -22.58 11.33 -47.60
CA LYS B 462 -23.06 10.57 -48.79
C LYS B 462 -22.47 11.06 -50.10
N ALA C 28 36.91 45.23 -27.94
CA ALA C 28 36.20 44.52 -26.86
C ALA C 28 37.18 43.96 -25.84
N GLU C 29 36.64 43.47 -24.74
CA GLU C 29 37.43 42.86 -23.67
C GLU C 29 37.85 41.45 -24.10
N PRO C 30 38.81 40.85 -23.41
CA PRO C 30 39.24 39.52 -23.82
C PRO C 30 38.10 38.47 -23.78
N ASP C 31 38.10 37.60 -24.78
CA ASP C 31 37.13 36.54 -24.86
C ASP C 31 37.59 35.39 -23.95
N LEU C 32 36.74 34.38 -23.80
CA LEU C 32 36.99 33.34 -22.82
C LEU C 32 38.28 32.54 -23.11
N LYS C 33 38.48 32.20 -24.36
CA LYS C 33 39.68 31.49 -24.78
C LYS C 33 40.95 32.28 -24.47
N THR C 34 40.91 33.58 -24.71
CA THR C 34 42.06 34.45 -24.44
C THR C 34 42.29 34.53 -22.92
N ALA C 35 41.19 34.68 -22.16
CA ALA C 35 41.32 34.74 -20.70
C ALA C 35 41.90 33.46 -20.13
N LEU C 36 41.53 32.32 -20.70
CA LEU C 36 42.10 31.04 -20.30
C LEU C 36 43.58 30.95 -20.62
N LYS C 37 43.95 31.33 -21.84
N LYS C 37 43.95 31.33 -21.84
CA LYS C 37 45.35 31.29 -22.24
CA LYS C 37 45.35 31.30 -22.27
C LYS C 37 46.23 32.10 -21.32
C LYS C 37 46.23 32.11 -21.33
N ALA C 38 45.75 33.25 -20.87
CA ALA C 38 46.52 34.10 -19.95
C ALA C 38 46.85 33.41 -18.62
N VAL C 39 45.99 32.51 -18.13
CA VAL C 39 46.25 31.85 -16.83
C VAL C 39 46.88 30.47 -16.89
N ILE C 40 47.07 29.94 -18.10
CA ILE C 40 47.69 28.64 -18.26
C ILE C 40 49.13 28.58 -17.75
N PRO C 41 49.98 29.55 -18.14
CA PRO C 41 51.38 29.47 -17.67
C PRO C 41 51.53 29.40 -16.15
N ALA C 42 50.81 30.21 -15.40
CA ALA C 42 50.85 30.13 -13.93
C ALA C 42 50.47 28.72 -13.38
N LYS C 43 49.43 28.13 -13.95
CA LYS C 43 49.04 26.78 -13.54
C LYS C 43 50.09 25.72 -13.91
N ARG C 44 50.72 25.83 -15.07
CA ARG C 44 51.77 24.88 -15.43
C ARG C 44 52.99 25.01 -14.50
N GLU C 45 53.25 26.23 -14.03
CA GLU C 45 54.34 26.50 -13.08
C GLU C 45 53.99 25.86 -11.72
N LEU C 46 52.77 26.11 -11.25
CA LEU C 46 52.31 25.47 -10.03
C LEU C 46 52.41 23.94 -10.11
N PHE C 47 52.01 23.38 -11.25
CA PHE C 47 52.07 21.94 -11.47
C PHE C 47 53.52 21.46 -11.34
N LYS C 48 54.42 22.18 -11.98
CA LYS C 48 55.84 21.85 -11.94
C LYS C 48 56.39 21.82 -10.51
N GLN C 49 56.00 22.80 -9.70
CA GLN C 49 56.38 22.84 -8.29
C GLN C 49 55.85 21.66 -7.51
N VAL C 50 54.58 21.33 -7.73
CA VAL C 50 53.98 20.17 -7.07
C VAL C 50 54.68 18.89 -7.47
N LYS C 51 55.06 18.82 -8.73
CA LYS C 51 55.70 17.63 -9.27
C LYS C 51 57.08 17.39 -8.66
N GLU C 52 57.76 18.44 -8.24
CA GLU C 52 59.04 18.27 -7.53
C GLU C 52 58.87 17.58 -6.18
N ARG C 53 57.67 17.69 -5.57
CA ARG C 53 57.36 16.98 -4.33
C ARG C 53 56.65 15.64 -4.59
N SER C 54 56.80 15.13 -5.80
CA SER C 54 56.16 13.91 -6.25
C SER C 54 56.28 12.74 -5.24
N ASP C 55 57.45 12.61 -4.64
CA ASP C 55 57.73 11.51 -3.73
C ASP C 55 57.15 11.67 -2.30
N GLU C 56 56.65 12.85 -1.96
CA GLU C 56 56.11 13.10 -0.62
C GLU C 56 54.83 12.29 -0.33
N VAL C 57 54.79 11.66 0.84
CA VAL C 57 53.66 10.84 1.30
C VAL C 57 52.58 11.75 1.87
N ILE C 58 51.33 11.52 1.47
CA ILE C 58 50.19 12.34 1.94
C ILE C 58 49.05 11.54 2.55
N GLY C 59 49.12 10.22 2.53
CA GLY C 59 48.07 9.42 3.13
C GLY C 59 48.37 7.96 3.16
N GLU C 60 47.44 7.20 3.71
CA GLU C 60 47.52 5.76 3.71
C GLU C 60 46.38 5.12 2.91
N VAL C 61 46.68 3.97 2.32
CA VAL C 61 45.68 3.12 1.70
C VAL C 61 45.37 2.01 2.68
N LYS C 62 44.07 1.83 2.99
CA LYS C 62 43.61 0.69 3.77
C LYS C 62 42.75 -0.27 2.96
N VAL C 63 42.58 -1.45 3.51
CA VAL C 63 41.71 -2.46 2.93
C VAL C 63 40.34 -1.84 2.65
N ALA C 64 39.85 -1.05 3.61
CA ALA C 64 38.58 -0.34 3.50
C ALA C 64 38.45 0.49 2.23
N ASN C 65 39.52 1.15 1.82
CA ASN C 65 39.51 1.93 0.58
C ASN C 65 39.36 1.05 -0.66
N VAL C 66 39.95 -0.14 -0.66
CA VAL C 66 39.87 -1.03 -1.81
C VAL C 66 38.47 -1.63 -1.98
N ILE C 67 37.93 -2.20 -0.91
CA ILE C 67 36.60 -2.80 -0.97
C ILE C 67 35.47 -1.77 -0.95
N GLY C 68 35.76 -0.55 -0.48
CA GLY C 68 34.71 0.49 -0.29
C GLY C 68 34.64 1.55 -1.38
N GLY C 69 34.97 1.20 -2.63
CA GLY C 69 34.86 2.15 -3.73
C GLY C 69 35.75 3.37 -3.59
N MET C 70 36.95 3.18 -3.05
CA MET C 70 37.91 4.27 -2.86
C MET C 70 37.46 5.37 -1.90
N ARG C 71 36.42 5.13 -1.10
CA ARG C 71 35.89 6.19 -0.23
C ARG C 71 36.97 6.74 0.69
N GLY C 72 37.08 8.05 0.76
CA GLY C 72 38.07 8.71 1.62
C GLY C 72 39.48 8.79 1.05
N LEU C 73 39.71 8.20 -0.11
CA LEU C 73 41.02 8.15 -0.70
C LEU C 73 41.24 9.37 -1.60
N LYS C 74 42.12 10.26 -1.13
CA LYS C 74 42.52 11.46 -1.84
C LYS C 74 43.45 11.01 -2.95
N SER C 75 42.90 10.87 -4.16
CA SER C 75 43.64 10.20 -5.23
C SER C 75 43.50 10.78 -6.64
N MET C 76 42.91 11.96 -6.75
CA MET C 76 42.69 12.57 -8.03
C MET C 76 42.71 14.08 -7.90
N LEU C 77 42.91 14.72 -9.03
CA LEU C 77 43.04 16.15 -9.13
C LEU C 77 41.72 16.74 -9.65
N TRP C 78 41.29 17.84 -9.02
CA TRP C 78 40.13 18.62 -9.47
C TRP C 78 40.33 20.05 -8.99
N GLU C 79 40.47 20.97 -9.95
CA GLU C 79 40.94 22.34 -9.67
C GLU C 79 39.88 23.35 -9.26
N GLY C 80 38.72 23.29 -9.90
CA GLY C 80 37.74 24.36 -9.81
C GLY C 80 36.86 24.42 -8.56
N SER C 81 36.75 23.31 -7.85
CA SER C 81 35.88 23.22 -6.70
C SER C 81 36.45 22.34 -5.61
N VAL C 82 36.28 22.80 -4.38
CA VAL C 82 36.78 22.15 -3.16
C VAL C 82 35.69 22.30 -2.12
N LEU C 83 35.39 21.20 -1.44
CA LEU C 83 34.39 21.18 -0.40
C LEU C 83 35.00 21.63 0.92
N ASP C 84 34.48 22.72 1.46
CA ASP C 84 34.83 23.22 2.80
C ASP C 84 33.85 22.63 3.80
N PRO C 85 34.35 21.91 4.82
CA PRO C 85 33.43 21.26 5.76
C PRO C 85 32.51 22.20 6.56
N GLU C 86 32.85 23.48 6.69
CA GLU C 86 31.96 24.44 7.34
C GLU C 86 31.07 25.19 6.33
N GLU C 87 31.68 25.68 5.25
CA GLU C 87 31.02 26.60 4.31
C GLU C 87 30.48 25.95 3.06
N GLY C 88 30.70 24.65 2.90
CA GLY C 88 30.24 23.91 1.74
C GLY C 88 31.09 24.12 0.53
N ILE C 89 30.53 23.84 -0.65
CA ILE C 89 31.33 23.81 -1.86
C ILE C 89 31.78 25.23 -2.18
N ARG C 90 33.05 25.35 -2.51
CA ARG C 90 33.62 26.64 -2.89
C ARG C 90 34.27 26.54 -4.27
N PHE C 91 34.09 27.60 -5.05
CA PHE C 91 34.65 27.67 -6.39
C PHE C 91 35.81 28.66 -6.43
N HIS C 92 37.04 28.18 -6.58
CA HIS C 92 38.23 29.03 -6.45
C HIS C 92 38.18 29.86 -5.16
N GLY C 93 37.76 29.22 -4.07
CA GLY C 93 37.69 29.86 -2.77
C GLY C 93 36.44 30.68 -2.51
N LYS C 94 35.58 30.86 -3.51
CA LYS C 94 34.36 31.65 -3.34
C LYS C 94 33.18 30.77 -2.89
N THR C 95 32.47 31.25 -1.88
CA THR C 95 31.26 30.60 -1.39
C THR C 95 30.16 30.82 -2.40
N ILE C 96 29.08 30.08 -2.25
CA ILE C 96 27.89 30.31 -3.04
C ILE C 96 27.40 31.77 -2.92
N LYS C 97 27.36 32.28 -1.68
CA LYS C 97 26.97 33.65 -1.45
C LYS C 97 27.88 34.66 -2.16
N ASP C 98 29.19 34.42 -2.17
CA ASP C 98 30.11 35.30 -2.89
C ASP C 98 29.77 35.28 -4.38
N CYS C 99 29.50 34.07 -4.93
CA CYS C 99 29.20 33.95 -6.38
C CYS C 99 27.93 34.69 -6.74
N GLN C 100 26.89 34.55 -5.92
CA GLN C 100 25.63 35.27 -6.14
C GLN C 100 25.82 36.80 -6.15
N LYS C 101 26.73 37.28 -5.31
CA LYS C 101 27.01 38.69 -5.24
C LYS C 101 27.86 39.16 -6.45
N GLU C 102 28.89 38.40 -6.81
CA GLU C 102 29.88 38.88 -7.76
C GLU C 102 29.61 38.52 -9.24
N LEU C 103 28.91 37.41 -9.49
CA LEU C 103 28.77 36.92 -10.87
C LEU C 103 27.71 37.69 -11.62
N PRO C 104 27.98 38.06 -12.87
CA PRO C 104 26.97 38.74 -13.65
C PRO C 104 25.64 38.01 -13.78
N LYS C 105 24.60 38.79 -14.02
CA LYS C 105 23.25 38.33 -14.11
C LYS C 105 22.76 38.51 -15.51
N GLY C 106 21.56 38.02 -15.79
CA GLY C 106 20.93 38.23 -17.10
C GLY C 106 20.44 39.67 -17.27
N THR C 107 19.95 39.99 -18.46
CA THR C 107 19.42 41.31 -18.72
C THR C 107 18.23 41.67 -17.84
N SER C 108 17.43 40.68 -17.45
CA SER C 108 16.27 41.03 -16.58
C SER C 108 16.09 40.32 -15.23
N GLY C 109 17.03 39.52 -14.77
CA GLY C 109 16.78 38.75 -13.56
C GLY C 109 17.61 39.08 -12.36
N THR C 110 17.38 38.35 -11.28
CA THR C 110 18.12 38.51 -10.02
C THR C 110 19.23 37.48 -9.82
N GLU C 111 19.32 36.45 -10.67
CA GLU C 111 20.23 35.34 -10.34
C GLU C 111 21.45 35.26 -11.23
N MET C 112 22.54 34.77 -10.64
CA MET C 112 23.79 34.49 -11.32
C MET C 112 23.61 33.56 -12.52
N LEU C 113 24.41 33.81 -13.56
CA LEU C 113 24.33 33.02 -14.76
C LEU C 113 25.28 31.85 -14.76
N PRO C 114 24.80 30.67 -15.19
CA PRO C 114 25.67 29.51 -15.32
C PRO C 114 26.87 29.76 -16.23
N GLU C 115 26.71 30.57 -17.27
CA GLU C 115 27.85 30.88 -18.15
C GLU C 115 28.91 31.67 -17.41
N ALA C 116 28.51 32.55 -16.52
CA ALA C 116 29.45 33.28 -15.65
C ALA C 116 30.17 32.34 -14.70
N MET C 117 29.44 31.38 -14.14
CA MET C 117 30.02 30.34 -13.28
C MET C 117 31.04 29.54 -14.07
N PHE C 118 30.72 29.20 -15.32
CA PHE C 118 31.66 28.49 -16.17
C PHE C 118 32.94 29.30 -16.34
N TRP C 119 32.79 30.61 -16.58
CA TRP C 119 33.96 31.49 -16.77
C TRP C 119 34.86 31.43 -15.54
N LEU C 120 34.24 31.56 -14.37
CA LEU C 120 34.94 31.50 -13.09
C LEU C 120 35.65 30.17 -12.89
N LEU C 121 34.93 29.09 -13.11
CA LEU C 121 35.52 27.77 -12.92
C LEU C 121 36.76 27.59 -13.78
N LEU C 122 36.67 28.05 -15.03
CA LEU C 122 37.73 27.84 -16.00
C LEU C 122 38.95 28.72 -15.77
N THR C 123 38.72 30.01 -15.53
CA THR C 123 39.80 31.01 -15.47
C THR C 123 40.29 31.34 -14.07
N GLY C 124 39.49 31.01 -13.07
CA GLY C 124 39.73 31.48 -11.70
C GLY C 124 39.33 32.93 -11.45
N GLN C 125 38.64 33.56 -12.41
CA GLN C 125 38.39 34.99 -12.37
C GLN C 125 36.92 35.29 -12.65
N VAL C 126 36.42 36.35 -12.04
CA VAL C 126 35.06 36.84 -12.27
C VAL C 126 35.04 37.67 -13.55
N PRO C 127 34.21 37.29 -14.54
CA PRO C 127 34.15 38.11 -15.74
C PRO C 127 33.31 39.36 -15.55
N SER C 128 33.54 40.34 -16.42
CA SER C 128 32.64 41.49 -16.52
C SER C 128 31.31 41.06 -17.15
N THR C 129 30.28 41.84 -16.90
CA THR C 129 28.98 41.65 -17.54
C THR C 129 29.13 41.62 -19.08
N ASN C 130 29.95 42.52 -19.61
CA ASN C 130 30.22 42.59 -21.04
C ASN C 130 30.84 41.29 -21.62
N GLN C 131 31.81 40.73 -20.91
CA GLN C 131 32.42 39.46 -21.29
C GLN C 131 31.38 38.31 -21.32
N VAL C 132 30.49 38.30 -20.34
CA VAL C 132 29.44 37.29 -20.28
C VAL C 132 28.45 37.44 -21.42
N ARG C 133 28.03 38.68 -21.71
CA ARG C 133 27.11 38.93 -22.84
C ARG C 133 27.68 38.36 -24.14
N ALA C 134 28.98 38.55 -24.36
CA ALA C 134 29.62 38.05 -25.58
C ALA C 134 29.70 36.52 -25.57
N PHE C 135 29.98 35.93 -24.41
CA PHE C 135 30.01 34.47 -24.28
C PHE C 135 28.63 33.86 -24.52
N SER C 136 27.59 34.46 -23.94
CA SER C 136 26.20 34.04 -24.20
C SER C 136 25.85 34.04 -25.68
N ARG C 137 26.32 35.06 -26.40
CA ARG C 137 26.07 35.17 -27.84
C ARG C 137 26.74 34.01 -28.58
N GLU C 138 28.00 33.75 -28.23
CA GLU C 138 28.71 32.57 -28.76
C GLU C 138 27.94 31.30 -28.50
N LEU C 139 27.42 31.12 -27.28
CA LEU C 139 26.68 29.90 -26.97
C LEU C 139 25.43 29.79 -27.83
N ALA C 140 24.72 30.88 -28.01
CA ALA C 140 23.52 30.86 -28.83
C ALA C 140 23.82 30.50 -30.31
N GLU C 141 24.89 31.08 -30.84
CA GLU C 141 25.30 30.85 -32.23
C GLU C 141 25.80 29.44 -32.52
N GLN C 142 26.35 28.77 -31.51
CA GLN C 142 26.93 27.43 -31.73
C GLN C 142 25.95 26.31 -31.36
N SER C 143 24.67 26.67 -31.14
CA SER C 143 23.71 25.69 -30.66
C SER C 143 23.10 24.76 -31.69
N HIS C 144 23.34 24.96 -32.96
CA HIS C 144 22.68 24.19 -34.01
C HIS C 144 23.22 22.80 -34.16
N LEU C 145 22.39 21.90 -34.66
CA LEU C 145 22.74 20.48 -34.71
C LEU C 145 22.75 20.02 -36.15
N PRO C 146 23.69 19.13 -36.49
CA PRO C 146 23.66 18.46 -37.79
C PRO C 146 22.44 17.55 -37.94
N GLN C 147 22.03 17.37 -39.18
CA GLN C 147 20.87 16.56 -39.55
C GLN C 147 20.91 15.16 -38.95
N HIS C 148 22.08 14.50 -38.93
CA HIS C 148 22.10 13.12 -38.44
C HIS C 148 21.76 12.98 -36.96
N ILE C 149 22.02 14.02 -36.17
CA ILE C 149 21.61 14.06 -34.77
C ILE C 149 20.10 14.10 -34.63
N LEU C 150 19.45 14.93 -35.43
CA LEU C 150 17.97 14.93 -35.45
C LEU C 150 17.42 13.57 -35.87
N ASP C 151 18.01 12.97 -36.92
CA ASP C 151 17.58 11.65 -37.38
C ASP C 151 17.77 10.59 -36.28
N LEU C 152 18.88 10.70 -35.58
CA LEU C 152 19.20 9.78 -34.50
C LEU C 152 18.18 9.87 -33.39
N ILE C 153 17.81 11.10 -32.99
CA ILE C 153 16.84 11.29 -31.93
C ILE C 153 15.44 10.79 -32.34
N LYS C 154 15.08 10.95 -33.60
CA LYS C 154 13.82 10.41 -34.11
C LYS C 154 13.76 8.91 -34.18
N SER C 155 14.91 8.23 -34.19
CA SER C 155 14.93 6.77 -34.11
C SER C 155 14.56 6.22 -32.72
N PHE C 156 14.69 7.02 -31.67
CA PHE C 156 14.46 6.57 -30.30
C PHE C 156 12.97 6.23 -30.09
N PRO C 157 12.67 5.08 -29.48
CA PRO C 157 11.29 4.84 -29.06
C PRO C 157 10.84 5.86 -28.04
N ARG C 158 9.54 6.18 -28.08
CA ARG C 158 8.97 7.19 -27.21
C ARG C 158 9.26 6.94 -25.73
N SER C 159 9.28 5.68 -25.34
CA SER C 159 9.50 5.29 -23.95
C SER C 159 10.97 5.13 -23.56
N MET C 160 11.93 5.37 -24.45
CA MET C 160 13.35 5.22 -24.08
C MET C 160 13.64 6.22 -22.97
N HIS C 161 14.28 5.75 -21.92
CA HIS C 161 14.59 6.58 -20.80
C HIS C 161 15.34 7.85 -21.23
N PRO C 162 14.91 9.01 -20.70
CA PRO C 162 15.47 10.29 -21.08
C PRO C 162 16.98 10.42 -20.95
N MET C 163 17.54 9.82 -19.91
CA MET C 163 19.00 9.86 -19.69
C MET C 163 19.75 8.94 -20.66
N THR C 164 19.11 7.87 -21.11
CA THR C 164 19.70 7.06 -22.17
C THR C 164 19.76 7.89 -23.48
N GLN C 165 18.65 8.60 -23.77
CA GLN C 165 18.57 9.45 -24.97
C GLN C 165 19.66 10.54 -24.94
N LEU C 166 19.75 11.24 -23.82
CA LEU C 166 20.69 12.31 -23.67
C LEU C 166 22.10 11.83 -23.81
N SER C 167 22.46 10.75 -23.13
CA SER C 167 23.82 10.20 -23.20
C SER C 167 24.24 9.85 -24.63
N ILE C 168 23.34 9.19 -25.35
CA ILE C 168 23.61 8.73 -26.70
C ILE C 168 23.80 9.90 -27.67
N ALA C 169 22.92 10.88 -27.57
CA ALA C 169 22.93 12.00 -28.49
C ALA C 169 24.20 12.84 -28.29
N VAL C 170 24.63 12.98 -27.03
CA VAL C 170 25.86 13.69 -26.73
C VAL C 170 27.05 12.93 -27.29
N ALA C 171 27.08 11.61 -27.12
CA ALA C 171 28.17 10.84 -27.76
C ALA C 171 28.16 10.99 -29.28
N ALA C 172 26.98 10.99 -29.87
CA ALA C 172 26.84 11.06 -31.34
C ALA C 172 27.42 12.34 -31.92
N LEU C 173 27.47 13.40 -31.11
CA LEU C 173 28.04 14.67 -31.50
C LEU C 173 29.56 14.65 -31.64
N ASN C 174 30.20 13.55 -31.28
CA ASN C 174 31.62 13.34 -31.55
C ASN C 174 31.95 13.39 -33.06
N THR C 175 30.98 13.22 -33.94
CA THR C 175 31.20 13.52 -35.35
C THR C 175 31.70 14.95 -35.57
N GLU C 176 31.35 15.87 -34.66
CA GLU C 176 31.76 17.28 -34.73
C GLU C 176 33.03 17.63 -33.94
N SER C 177 33.77 16.62 -33.50
CA SER C 177 34.87 16.85 -32.57
C SER C 177 36.08 17.36 -33.30
N LYS C 178 36.48 18.58 -32.95
CA LYS C 178 37.77 19.09 -33.40
C LYS C 178 38.95 18.38 -32.75
N PHE C 179 38.83 17.97 -31.49
CA PHE C 179 39.93 17.27 -30.84
C PHE C 179 40.20 15.96 -31.52
N ALA C 180 39.16 15.15 -31.75
CA ALA C 180 39.35 13.83 -32.38
C ALA C 180 40.09 13.94 -33.70
N LYS C 181 39.67 14.89 -34.54
CA LYS C 181 40.30 15.07 -35.85
C LYS C 181 41.72 15.60 -35.76
N ALA C 182 41.92 16.60 -34.92
CA ALA C 182 43.25 17.18 -34.76
C ALA C 182 44.24 16.17 -34.15
N TYR C 183 43.79 15.35 -33.19
CA TYR C 183 44.67 14.33 -32.60
C TYR C 183 45.09 13.30 -33.64
N GLU C 184 44.15 12.87 -34.47
CA GLU C 184 44.40 11.89 -35.54
C GLU C 184 45.42 12.42 -36.55
N LYS C 185 45.33 13.70 -36.86
CA LYS C 185 46.22 14.34 -37.83
C LYS C 185 47.65 14.54 -37.31
N GLY C 186 47.80 14.57 -35.99
CA GLY C 186 49.08 14.81 -35.36
C GLY C 186 48.98 16.21 -34.78
N LEU C 187 49.12 16.28 -33.47
CA LEU C 187 48.92 17.53 -32.73
C LEU C 187 49.85 17.45 -31.54
N SER C 188 50.50 18.56 -31.23
CA SER C 188 51.49 18.57 -30.16
C SER C 188 50.81 18.65 -28.80
N LYS C 189 51.38 17.91 -27.83
CA LYS C 189 50.87 17.83 -26.46
C LYS C 189 50.49 19.17 -25.86
N ALA C 190 51.34 20.17 -26.11
CA ALA C 190 51.15 21.52 -25.59
C ALA C 190 49.90 22.24 -26.10
N ASP C 191 49.39 21.79 -27.25
CA ASP C 191 48.15 22.33 -27.82
C ASP C 191 46.90 21.44 -27.62
N TYR C 192 46.99 20.34 -26.88
CA TYR C 192 45.81 19.48 -26.68
C TYR C 192 44.63 20.30 -26.17
N TRP C 193 44.89 21.26 -25.28
CA TRP C 193 43.83 21.99 -24.59
C TRP C 193 42.92 22.79 -25.52
N GLU C 194 43.46 23.28 -26.63
CA GLU C 194 42.72 24.20 -27.46
C GLU C 194 41.52 23.60 -28.22
N PRO C 195 41.73 22.51 -28.97
CA PRO C 195 40.57 21.81 -29.53
C PRO C 195 39.66 21.22 -28.45
N THR C 196 40.24 20.79 -27.32
CA THR C 196 39.45 20.39 -26.15
C THR C 196 38.50 21.53 -25.70
N PHE C 197 39.03 22.75 -25.67
CA PHE C 197 38.22 23.91 -25.30
C PHE C 197 37.13 24.14 -26.34
N ASP C 198 37.48 24.08 -27.64
CA ASP C 198 36.50 24.34 -28.71
C ASP C 198 35.36 23.32 -28.63
N ASP C 199 35.69 22.05 -28.45
CA ASP C 199 34.66 21.01 -28.33
C ASP C 199 33.77 21.21 -27.10
N SER C 200 34.37 21.63 -25.98
CA SER C 200 33.65 21.90 -24.75
C SER C 200 32.59 23.01 -24.91
N ILE C 201 32.98 24.10 -25.57
CA ILE C 201 32.05 25.21 -25.83
C ILE C 201 30.95 24.74 -26.78
N SER C 202 31.35 23.98 -27.80
CA SER C 202 30.40 23.44 -28.76
C SER C 202 29.36 22.53 -28.05
N LEU C 203 29.82 21.63 -27.20
CA LEU C 203 28.93 20.76 -26.42
C LEU C 203 28.00 21.55 -25.51
N LEU C 204 28.55 22.54 -24.83
CA LEU C 204 27.76 23.35 -23.93
C LEU C 204 26.66 24.08 -24.67
N ALA C 205 27.00 24.61 -25.85
CA ALA C 205 26.04 25.33 -26.66
C ALA C 205 24.93 24.43 -27.15
N LYS C 206 25.26 23.19 -27.50
CA LYS C 206 24.29 22.24 -28.05
C LYS C 206 23.43 21.48 -27.03
N ILE C 207 23.96 21.23 -25.85
CA ILE C 207 23.31 20.29 -24.94
C ILE C 207 21.90 20.71 -24.47
N PRO C 208 21.63 22.00 -24.25
CA PRO C 208 20.25 22.40 -23.92
C PRO C 208 19.25 22.04 -25.00
N ARG C 209 19.65 22.25 -26.25
CA ARG C 209 18.80 21.89 -27.36
C ARG C 209 18.60 20.40 -27.43
N VAL C 210 19.66 19.61 -27.22
CA VAL C 210 19.51 18.15 -27.18
C VAL C 210 18.55 17.75 -26.05
N ALA C 211 18.74 18.31 -24.87
CA ALA C 211 17.84 18.06 -23.75
C ALA C 211 16.37 18.42 -24.10
N ALA C 212 16.17 19.53 -24.80
CA ALA C 212 14.81 19.91 -25.21
C ALA C 212 14.20 18.92 -26.19
N LEU C 213 15.02 18.36 -27.07
CA LEU C 213 14.54 17.35 -28.01
C LEU C 213 14.16 16.07 -27.29
N VAL C 214 14.82 15.77 -26.18
CA VAL C 214 14.44 14.65 -25.33
C VAL C 214 13.09 14.93 -24.70
N PHE C 215 12.91 16.13 -24.15
CA PHE C 215 11.61 16.59 -23.64
C PHE C 215 10.46 16.60 -24.66
N ARG C 216 10.76 16.94 -25.89
CA ARG C 216 9.73 17.21 -26.93
C ARG C 216 9.92 16.39 -28.21
N PRO C 217 9.75 15.06 -28.10
CA PRO C 217 10.03 14.15 -29.25
C PRO C 217 9.12 14.34 -30.45
N ASP C 218 7.95 14.93 -30.26
CA ASP C 218 7.02 15.22 -31.35
C ASP C 218 7.34 16.47 -32.15
N GLU C 219 8.33 17.26 -31.70
CA GLU C 219 8.68 18.52 -32.33
C GLU C 219 10.14 18.64 -32.72
N VAL C 220 10.76 17.52 -33.14
CA VAL C 220 12.17 17.50 -33.41
C VAL C 220 12.57 18.46 -34.54
N ASP C 221 11.80 18.48 -35.62
CA ASP C 221 12.16 19.31 -36.79
C ASP C 221 12.19 20.78 -36.44
N GLN C 222 11.15 21.24 -35.74
CA GLN C 222 11.05 22.62 -35.31
C GLN C 222 12.04 22.97 -34.17
N VAL C 223 12.01 22.23 -33.06
CA VAL C 223 12.86 22.57 -31.92
C VAL C 223 14.32 22.35 -32.28
N GLY C 224 14.59 21.33 -33.10
CA GLY C 224 15.96 21.00 -33.50
C GLY C 224 16.65 22.01 -34.38
N THR C 225 15.91 22.87 -35.06
CA THR C 225 16.49 23.89 -35.97
C THR C 225 16.16 25.33 -35.60
N GLN C 226 15.24 25.53 -34.66
CA GLN C 226 14.84 26.89 -34.22
C GLN C 226 16.05 27.76 -33.90
N ALA C 227 16.10 28.97 -34.41
CA ALA C 227 17.19 29.93 -34.08
C ALA C 227 16.99 30.45 -32.68
N LEU C 228 18.10 30.69 -31.97
CA LEU C 228 18.04 31.22 -30.61
C LEU C 228 18.31 32.70 -30.58
N ASP C 229 17.66 33.40 -29.68
CA ASP C 229 17.91 34.82 -29.51
C ASP C 229 19.32 34.99 -28.97
N ALA C 230 20.23 35.49 -29.81
CA ALA C 230 21.65 35.61 -29.42
C ALA C 230 21.94 36.72 -28.41
N SER C 231 20.94 37.56 -28.11
CA SER C 231 21.08 38.55 -27.04
C SER C 231 20.61 38.02 -25.66
N GLN C 232 20.06 36.81 -25.61
CA GLN C 232 19.64 36.18 -24.36
C GLN C 232 20.64 35.15 -23.86
N ASP C 233 20.48 34.84 -22.59
CA ASP C 233 21.40 33.97 -21.88
C ASP C 233 21.01 32.50 -22.11
N TRP C 234 21.98 31.63 -21.81
CA TRP C 234 21.93 30.18 -22.05
C TRP C 234 20.72 29.51 -21.38
N SER C 235 20.46 29.90 -20.14
CA SER C 235 19.29 29.39 -19.40
C SER C 235 17.98 29.86 -20.02
N TYR C 236 17.94 31.15 -20.41
CA TYR C 236 16.72 31.70 -21.00
C TYR C 236 16.42 30.91 -22.27
N ASN C 237 17.46 30.73 -23.08
CA ASN C 237 17.27 30.03 -24.34
C ASN C 237 16.90 28.55 -24.14
N PHE C 238 17.44 27.92 -23.11
CA PHE C 238 17.04 26.57 -22.74
C PHE C 238 15.55 26.53 -22.40
N ALA C 239 15.12 27.45 -21.55
CA ALA C 239 13.69 27.59 -21.21
C ALA C 239 12.79 27.76 -22.43
N GLU C 240 13.22 28.60 -23.35
CA GLU C 240 12.50 28.78 -24.61
C GLU C 240 12.35 27.47 -25.39
N LEU C 241 13.45 26.70 -25.51
CA LEU C 241 13.40 25.43 -26.24
C LEU C 241 12.53 24.40 -25.53
N LEU C 242 12.37 24.53 -24.20
CA LEU C 242 11.46 23.65 -23.46
C LEU C 242 10.00 24.08 -23.55
N GLY C 243 9.71 25.18 -24.20
CA GLY C 243 8.33 25.70 -24.28
C GLY C 243 7.94 26.59 -23.08
N LYS C 244 8.94 27.13 -22.39
CA LYS C 244 8.71 28.06 -21.27
C LYS C 244 9.46 29.37 -21.41
N GLY C 245 9.44 29.93 -22.62
CA GLY C 245 10.02 31.26 -22.88
C GLY C 245 9.03 32.39 -22.55
N GLY C 246 9.45 33.63 -22.81
CA GLY C 246 8.59 34.81 -22.62
C GLY C 246 8.52 35.40 -21.22
N LYS C 247 7.98 36.61 -21.14
CA LYS C 247 7.92 37.40 -19.88
C LYS C 247 7.12 36.75 -18.76
N GLU C 248 6.11 35.96 -19.08
CA GLU C 248 5.31 35.25 -18.05
C GLU C 248 6.08 34.15 -17.31
N ASN C 249 7.22 33.72 -17.85
CA ASN C 249 8.05 32.69 -17.23
C ASN C 249 9.35 33.26 -16.64
N GLN C 250 9.39 34.55 -16.37
CA GLN C 250 10.62 35.23 -15.95
C GLN C 250 11.22 34.70 -14.61
N ASP C 251 10.34 34.33 -13.68
CA ASP C 251 10.81 33.77 -12.42
C ASP C 251 11.44 32.40 -12.63
N PHE C 252 10.80 31.57 -13.44
CA PHE C 252 11.35 30.28 -13.81
C PHE C 252 12.73 30.45 -14.44
N HIS C 253 12.90 31.47 -15.26
CA HIS C 253 14.21 31.73 -15.86
C HIS C 253 15.27 31.95 -14.80
N ASP C 254 14.92 32.74 -13.79
CA ASP C 254 15.83 32.94 -12.67
C ASP C 254 16.09 31.64 -11.89
N LEU C 255 15.04 30.85 -11.63
CA LEU C 255 15.25 29.58 -10.97
C LEU C 255 16.20 28.69 -11.78
N LEU C 256 15.97 28.63 -13.07
CA LEU C 256 16.76 27.76 -13.95
C LEU C 256 18.22 28.25 -14.00
N ARG C 257 18.44 29.55 -14.08
CA ARG C 257 19.82 30.07 -14.01
C ARG C 257 20.50 29.63 -12.73
N LEU C 258 19.78 29.81 -11.62
CA LEU C 258 20.35 29.49 -10.30
C LEU C 258 20.67 28.00 -10.19
N TYR C 259 19.70 27.18 -10.57
CA TYR C 259 19.84 25.73 -10.56
C TYR C 259 21.07 25.27 -11.37
N LEU C 260 21.15 25.75 -12.61
CA LEU C 260 22.22 25.33 -13.51
C LEU C 260 23.58 25.79 -13.00
N ALA C 261 23.63 26.98 -12.43
CA ALA C 261 24.88 27.46 -11.81
C ALA C 261 25.29 26.68 -10.56
N LEU C 262 24.32 26.36 -9.70
CA LEU C 262 24.60 25.66 -8.44
C LEU C 262 25.10 24.23 -8.64
N HIS C 263 24.62 23.55 -9.68
CA HIS C 263 24.90 22.12 -9.86
C HIS C 263 26.05 21.84 -10.82
N GLY C 264 26.68 22.90 -11.32
CA GLY C 264 27.74 22.79 -12.32
C GLY C 264 28.93 21.92 -11.94
N ASP C 265 29.37 22.07 -10.71
CA ASP C 265 30.59 21.37 -10.26
C ASP C 265 30.53 21.10 -8.76
N HIS C 266 31.06 19.95 -8.36
CA HIS C 266 31.14 19.58 -6.96
C HIS C 266 32.22 18.55 -6.71
N GLU C 267 33.45 18.97 -6.95
CA GLU C 267 34.67 18.13 -6.83
C GLU C 267 34.72 17.02 -7.89
N GLY C 268 35.78 16.22 -7.85
CA GLY C 268 36.04 15.19 -8.84
C GLY C 268 35.49 13.83 -8.53
N GLY C 269 35.09 13.59 -7.29
CA GLY C 269 34.75 12.24 -6.81
C GLY C 269 33.39 11.70 -7.18
N ASN C 270 32.45 12.58 -7.51
CA ASN C 270 31.13 12.13 -7.89
C ASN C 270 31.26 11.40 -9.25
N VAL C 271 30.35 10.49 -9.53
CA VAL C 271 30.51 9.58 -10.65
C VAL C 271 30.55 10.27 -12.03
N SER C 272 29.76 11.32 -12.23
CA SER C 272 29.67 11.98 -13.53
C SER C 272 30.96 12.76 -13.79
N ALA C 273 31.44 13.48 -12.80
CA ALA C 273 32.72 14.19 -12.91
C ALA C 273 33.85 13.21 -13.13
N HIS C 274 33.91 12.18 -12.32
CA HIS C 274 35.01 11.23 -12.38
C HIS C 274 35.02 10.45 -13.71
N ALA C 275 33.84 9.98 -14.15
CA ALA C 275 33.76 9.22 -15.38
C ALA C 275 34.18 10.06 -16.58
N THR C 276 33.81 11.33 -16.58
CA THR C 276 34.23 12.24 -17.63
C THR C 276 35.74 12.37 -17.63
N HIS C 277 36.34 12.54 -16.47
CA HIS C 277 37.79 12.61 -16.37
C HIS C 277 38.47 11.32 -16.84
N LEU C 278 37.89 10.19 -16.45
CA LEU C 278 38.48 8.87 -16.69
C LEU C 278 38.52 8.55 -18.17
N VAL C 279 37.37 8.70 -18.84
CA VAL C 279 37.29 8.45 -20.29
C VAL C 279 38.13 9.49 -21.06
N GLY C 280 38.08 10.73 -20.61
CA GLY C 280 38.93 11.79 -21.19
C GLY C 280 40.41 11.53 -21.08
N SER C 281 40.82 10.80 -20.03
CA SER C 281 42.23 10.59 -19.78
C SER C 281 42.84 9.63 -20.79
N ALA C 282 42.00 8.84 -21.46
CA ALA C 282 42.46 8.03 -22.60
C ALA C 282 42.52 8.83 -23.92
N LEU C 283 42.23 10.12 -23.84
CA LEU C 283 42.21 11.08 -24.96
C LEU C 283 41.00 10.90 -25.85
N SER C 284 39.94 10.28 -25.32
CA SER C 284 38.63 10.44 -25.91
C SER C 284 38.22 11.93 -25.77
N ASP C 285 37.55 12.45 -26.78
CA ASP C 285 37.18 13.85 -26.84
C ASP C 285 36.06 14.21 -25.83
N PRO C 286 35.75 15.48 -25.70
CA PRO C 286 34.77 15.84 -24.70
C PRO C 286 33.35 15.33 -24.94
N PHE C 287 32.98 15.06 -26.17
CA PHE C 287 31.64 14.51 -26.41
C PHE C 287 31.55 13.09 -25.89
N LEU C 288 32.53 12.25 -26.24
CA LEU C 288 32.57 10.90 -25.71
C LEU C 288 32.74 10.88 -24.21
N SER C 289 33.58 11.77 -23.71
CA SER C 289 33.88 11.80 -22.28
C SER C 289 32.67 12.22 -21.47
N TYR C 290 31.99 13.32 -21.84
CA TYR C 290 30.83 13.70 -21.04
C TYR C 290 29.64 12.73 -21.23
N SER C 291 29.58 12.04 -22.36
CA SER C 291 28.59 10.99 -22.52
C SER C 291 28.78 9.94 -21.43
N ALA C 292 30.03 9.56 -21.15
CA ALA C 292 30.27 8.60 -20.07
C ALA C 292 29.83 9.17 -18.74
N GLY C 293 30.11 10.45 -18.54
CA GLY C 293 29.61 11.17 -17.38
C GLY C 293 28.09 11.05 -17.22
N LEU C 294 27.37 11.28 -18.31
CA LEU C 294 25.91 11.21 -18.30
C LEU C 294 25.39 9.79 -18.02
N LEU C 295 26.10 8.77 -18.53
CA LEU C 295 25.74 7.37 -18.26
C LEU C 295 25.87 7.05 -16.75
N GLY C 296 26.83 7.71 -16.12
CA GLY C 296 26.96 7.66 -14.66
C GLY C 296 25.86 8.41 -13.94
N LEU C 297 25.52 9.59 -14.44
CA LEU C 297 24.41 10.35 -13.86
C LEU C 297 23.09 9.63 -14.03
N ALA C 298 23.00 8.75 -15.03
CA ALA C 298 21.81 7.95 -15.23
C ALA C 298 21.62 6.89 -14.14
N GLY C 299 22.66 6.65 -13.34
CA GLY C 299 22.59 5.62 -12.30
C GLY C 299 21.70 6.06 -11.17
N PRO C 300 20.86 5.17 -10.63
CA PRO C 300 20.00 5.56 -9.52
C PRO C 300 20.70 6.13 -8.29
N LEU C 301 21.93 5.71 -8.02
CA LEU C 301 22.61 6.26 -6.84
C LEU C 301 23.27 7.60 -7.07
N HIS C 302 23.24 8.13 -8.29
CA HIS C 302 23.81 9.44 -8.57
C HIS C 302 22.78 10.50 -8.95
N GLY C 303 21.84 10.17 -9.83
CA GLY C 303 21.03 11.22 -10.43
C GLY C 303 19.57 11.33 -10.08
N LEU C 304 19.10 10.56 -9.11
CA LEU C 304 17.71 10.51 -8.72
C LEU C 304 17.28 11.21 -7.45
N ALA C 305 18.22 11.87 -6.73
CA ALA C 305 17.90 12.48 -5.44
C ALA C 305 16.75 13.49 -5.49
N ALA C 306 16.75 14.36 -6.49
CA ALA C 306 15.73 15.40 -6.60
C ALA C 306 14.34 14.81 -6.78
N GLN C 307 14.25 13.77 -7.60
CA GLN C 307 13.01 13.04 -7.81
C GLN C 307 12.52 12.35 -6.54
N GLU C 308 13.43 11.70 -5.83
CA GLU C 308 13.12 10.97 -4.59
C GLU C 308 12.55 11.92 -3.56
N VAL C 309 13.15 13.10 -3.41
CA VAL C 309 12.64 14.09 -2.47
C VAL C 309 11.25 14.53 -2.85
N LEU C 310 11.03 14.81 -4.14
CA LEU C 310 9.73 15.33 -4.55
C LEU C 310 8.65 14.30 -4.21
N ARG C 311 8.88 13.05 -4.59
CA ARG C 311 7.93 11.97 -4.31
C ARG C 311 7.64 11.84 -2.81
N TRP C 312 8.68 11.94 -2.01
CA TRP C 312 8.60 11.80 -0.56
C TRP C 312 7.83 12.96 0.07
N ILE C 313 8.05 14.17 -0.42
CA ILE C 313 7.30 15.35 0.04
C ILE C 313 5.83 15.24 -0.32
N LEU C 314 5.52 14.83 -1.55
CA LEU C 314 4.11 14.72 -1.97
C LEU C 314 3.38 13.62 -1.20
N ALA C 315 4.07 12.51 -0.93
CA ALA C 315 3.51 11.44 -0.10
C ALA C 315 3.28 11.93 1.33
N MET C 316 4.20 12.76 1.85
CA MET C 316 4.02 13.29 3.18
C MET C 316 2.80 14.20 3.20
N GLN C 317 2.65 15.06 2.18
CA GLN C 317 1.48 15.93 2.09
C GLN C 317 0.17 15.14 2.06
N ASP C 318 0.19 14.03 1.32
CA ASP C 318 -0.97 13.18 1.22
C ASP C 318 -1.40 12.65 2.59
N LYS C 319 -0.44 12.22 3.38
CA LYS C 319 -0.69 11.64 4.70
C LYS C 319 -1.11 12.65 5.78
N ILE C 320 -0.49 13.83 5.83
CA ILE C 320 -0.80 14.81 6.88
C ILE C 320 -1.77 15.93 6.49
N GLY C 321 -2.10 16.00 5.18
CA GLY C 321 -3.17 16.87 4.77
C GLY C 321 -2.74 18.32 4.60
N THR C 322 -3.76 19.17 4.46
CA THR C 322 -3.56 20.59 4.16
C THR C 322 -3.22 21.44 5.40
N LYS C 323 -3.80 21.03 6.52
CA LYS C 323 -3.64 21.72 7.78
C LYS C 323 -3.06 20.68 8.75
N PHE C 324 -1.81 20.89 9.14
CA PHE C 324 -1.09 19.94 9.98
C PHE C 324 -0.29 20.72 11.01
N THR C 325 0.01 20.04 12.11
CA THR C 325 0.81 20.61 13.19
C THR C 325 2.26 20.21 13.06
N ASP C 326 3.11 20.88 13.81
CA ASP C 326 4.53 20.53 13.87
C ASP C 326 4.70 19.09 14.36
N ASP C 327 3.91 18.71 15.37
CA ASP C 327 3.87 17.33 15.84
C ASP C 327 3.54 16.33 14.72
N ASP C 328 2.61 16.64 13.84
CA ASP C 328 2.28 15.74 12.72
C ASP C 328 3.52 15.47 11.86
N VAL C 329 4.26 16.53 11.57
CA VAL C 329 5.51 16.44 10.82
C VAL C 329 6.54 15.59 11.57
N ARG C 330 6.71 15.90 12.85
CA ARG C 330 7.61 15.11 13.71
C ARG C 330 7.23 13.66 13.71
N ASN C 331 5.95 13.37 13.86
CA ASN C 331 5.48 11.99 13.88
C ASN C 331 5.75 11.28 12.57
N TYR C 332 5.53 11.98 11.46
CA TYR C 332 5.74 11.37 10.17
C TYR C 332 7.23 11.03 9.97
N LEU C 333 8.11 11.92 10.42
CA LEU C 333 9.54 11.69 10.35
C LEU C 333 9.98 10.50 11.20
N TRP C 334 9.50 10.45 12.44
CA TRP C 334 9.80 9.29 13.32
C TRP C 334 9.34 7.97 12.70
N ASP C 335 8.12 7.94 12.17
CA ASP C 335 7.58 6.73 11.52
C ASP C 335 8.46 6.26 10.37
N THR C 336 8.90 7.20 9.54
CA THR C 336 9.75 6.90 8.41
C THR C 336 11.06 6.24 8.89
N LEU C 337 11.68 6.88 9.87
CA LEU C 337 12.95 6.40 10.41
C LEU C 337 12.84 5.03 11.11
N LYS C 338 11.83 4.88 11.96
CA LYS C 338 11.58 3.61 12.68
C LYS C 338 11.30 2.45 11.73
N SER C 339 10.66 2.75 10.59
CA SER C 339 10.46 1.76 9.51
C SER C 339 11.73 1.40 8.75
N GLY C 340 12.87 2.00 9.08
CA GLY C 340 14.16 1.65 8.48
C GLY C 340 14.45 2.37 7.15
N ARG C 341 13.61 3.37 6.80
CA ARG C 341 13.82 4.14 5.60
C ARG C 341 14.61 5.43 5.95
N VAL C 342 15.23 6.05 4.92
CA VAL C 342 15.89 7.36 5.08
C VAL C 342 14.95 8.53 4.72
N VAL C 343 15.28 9.70 5.26
CA VAL C 343 14.70 10.95 4.84
C VAL C 343 15.60 11.55 3.75
N PRO C 344 15.10 11.56 2.48
CA PRO C 344 15.97 11.93 1.38
C PRO C 344 16.17 13.44 1.38
N GLY C 345 17.32 13.85 0.84
CA GLY C 345 17.70 15.24 0.86
C GLY C 345 18.38 15.71 2.14
N TYR C 346 18.62 14.83 3.09
CA TYR C 346 19.25 15.18 4.38
C TYR C 346 20.44 14.25 4.66
N GLY C 347 21.54 14.84 5.14
CA GLY C 347 22.73 14.07 5.50
C GLY C 347 23.90 14.35 4.57
N HIS C 348 25.08 14.42 5.16
CA HIS C 348 26.35 14.53 4.42
C HIS C 348 27.48 13.88 5.26
N GLY C 349 28.45 13.30 4.58
CA GLY C 349 29.62 12.71 5.24
C GLY C 349 30.54 13.70 5.95
N VAL C 350 30.60 14.93 5.44
CA VAL C 350 31.58 15.93 5.84
C VAL C 350 30.99 17.31 6.20
N LEU C 351 29.95 17.73 5.49
CA LEU C 351 29.39 19.05 5.65
C LEU C 351 28.56 19.19 6.91
N ARG C 352 28.93 20.12 7.77
CA ARG C 352 28.38 20.27 9.13
C ARG C 352 27.26 21.32 9.23
N LYS C 353 26.85 21.89 8.11
CA LYS C 353 25.76 22.86 8.09
C LYS C 353 24.86 22.58 6.88
N PRO C 354 23.71 23.28 6.79
CA PRO C 354 22.95 23.20 5.54
C PRO C 354 23.80 23.52 4.32
N ASP C 355 23.59 22.76 3.26
CA ASP C 355 24.25 22.97 1.98
C ASP C 355 24.00 24.38 1.56
N PRO C 356 25.04 25.16 1.33
CA PRO C 356 24.83 26.53 0.84
C PRO C 356 24.05 26.60 -0.50
N ARG C 357 24.12 25.56 -1.33
CA ARG C 357 23.30 25.50 -2.54
C ARG C 357 21.82 25.38 -2.16
N PHE C 358 21.51 24.64 -1.10
CA PHE C 358 20.14 24.61 -0.58
C PHE C 358 19.70 25.99 -0.11
N GLN C 359 20.54 26.65 0.67
CA GLN C 359 20.17 27.97 1.21
C GLN C 359 19.93 28.98 0.08
N ALA C 360 20.72 28.90 -1.00
CA ALA C 360 20.52 29.82 -2.11
C ALA C 360 19.15 29.61 -2.76
N LEU C 361 18.71 28.36 -2.86
CA LEU C 361 17.37 28.09 -3.37
C LEU C 361 16.29 28.64 -2.45
N MET C 362 16.47 28.50 -1.14
CA MET C 362 15.53 29.07 -0.16
C MET C 362 15.55 30.61 -0.21
N ASP C 363 16.72 31.22 -0.35
CA ASP C 363 16.82 32.70 -0.58
C ASP C 363 16.07 33.17 -1.83
N PHE C 364 16.17 32.41 -2.91
CA PHE C 364 15.41 32.67 -4.13
C PHE C 364 13.92 32.64 -3.82
N ALA C 365 13.49 31.62 -3.09
CA ALA C 365 12.08 31.48 -2.77
C ALA C 365 11.55 32.64 -1.90
N ALA C 366 12.38 33.13 -1.00
CA ALA C 366 11.97 34.12 0.03
C ALA C 366 11.44 35.44 -0.56
N THR C 367 11.87 35.82 -1.76
CA THR C 367 11.37 37.05 -2.39
C THR C 367 10.21 36.84 -3.36
N ARG C 368 9.70 35.62 -3.47
CA ARG C 368 8.58 35.31 -4.36
C ARG C 368 7.37 34.83 -3.56
N PRO C 369 6.35 35.69 -3.40
CA PRO C 369 5.22 35.29 -2.56
C PRO C 369 4.38 34.11 -3.08
N ASP C 370 4.21 33.98 -4.39
CA ASP C 370 3.49 32.81 -4.95
C ASP C 370 4.17 31.45 -4.57
N VAL C 371 5.50 31.41 -4.51
CA VAL C 371 6.24 30.23 -4.05
C VAL C 371 5.97 29.98 -2.57
N LEU C 372 6.10 31.03 -1.76
CA LEU C 372 5.88 30.93 -0.30
C LEU C 372 4.46 30.48 0.06
N ALA C 373 3.50 30.82 -0.79
CA ALA C 373 2.10 30.41 -0.65
C ALA C 373 1.82 28.95 -1.08
N ASN C 374 2.72 28.35 -1.85
CA ASN C 374 2.55 26.97 -2.33
C ASN C 374 2.71 26.01 -1.15
N PRO C 375 1.65 25.25 -0.81
CA PRO C 375 1.73 24.30 0.33
C PRO C 375 2.86 23.28 0.22
N VAL C 376 3.20 22.87 -1.01
CA VAL C 376 4.28 21.90 -1.20
C VAL C 376 5.62 22.53 -0.82
N PHE C 377 5.82 23.79 -1.16
CA PHE C 377 7.01 24.47 -0.72
C PHE C 377 6.96 24.71 0.78
N GLN C 378 5.80 25.05 1.33
CA GLN C 378 5.69 25.24 2.79
C GLN C 378 6.11 23.98 3.51
N LEU C 379 5.76 22.83 2.94
CA LEU C 379 6.13 21.57 3.54
C LEU C 379 7.64 21.35 3.49
N VAL C 380 8.29 21.72 2.40
CA VAL C 380 9.76 21.64 2.33
C VAL C 380 10.37 22.50 3.41
N LYS C 381 9.86 23.71 3.58
CA LYS C 381 10.42 24.64 4.54
C LYS C 381 10.24 24.14 5.98
N LYS C 382 9.03 23.67 6.31
CA LYS C 382 8.74 23.12 7.62
C LYS C 382 9.66 21.96 7.97
N ASN C 383 9.75 21.03 7.04
CA ASN C 383 10.61 19.89 7.17
C ASN C 383 12.06 20.32 7.41
N SER C 384 12.49 21.36 6.71
CA SER C 384 13.83 21.87 6.94
C SER C 384 14.03 22.42 8.36
N GLU C 385 12.97 22.90 8.99
CA GLU C 385 12.99 23.45 10.36
C GLU C 385 12.85 22.40 11.46
N ILE C 386 12.46 21.18 11.10
CA ILE C 386 12.10 20.13 12.06
C ILE C 386 12.93 18.86 11.93
N ALA C 387 13.13 18.38 10.70
CA ALA C 387 13.86 17.14 10.45
C ALA C 387 15.25 17.02 11.07
N PRO C 388 16.06 18.12 11.01
CA PRO C 388 17.42 17.96 11.56
C PRO C 388 17.44 17.51 13.04
N ALA C 389 16.66 18.15 13.90
CA ALA C 389 16.61 17.77 15.33
C ALA C 389 16.14 16.31 15.51
N VAL C 390 15.09 15.92 14.76
CA VAL C 390 14.60 14.54 14.79
C VAL C 390 15.68 13.55 14.32
N LEU C 391 16.32 13.85 13.19
CA LEU C 391 17.34 12.96 12.69
C LEU C 391 18.55 12.84 13.64
N THR C 392 18.88 13.97 14.29
CA THR C 392 19.98 14.03 15.26
C THR C 392 19.65 13.14 16.44
N GLU C 393 18.45 13.32 16.98
CA GLU C 393 17.96 12.51 18.10
C GLU C 393 17.94 11.01 17.75
N HIS C 394 17.49 10.67 16.53
CA HIS C 394 17.47 9.29 16.07
C HIS C 394 18.87 8.70 15.96
N GLY C 395 19.83 9.53 15.56
CA GLY C 395 21.25 9.21 15.67
C GLY C 395 21.94 8.32 14.64
N LYS C 396 21.23 7.90 13.60
CA LYS C 396 21.80 7.04 12.57
C LYS C 396 22.33 7.80 11.35
N THR C 397 21.96 9.06 11.19
CA THR C 397 22.34 9.85 10.02
C THR C 397 23.35 10.95 10.38
N LYS C 398 24.57 10.85 9.84
CA LYS C 398 25.62 11.85 10.09
C LYS C 398 25.27 13.20 9.44
N ASN C 399 25.51 14.29 10.18
CA ASN C 399 25.30 15.67 9.70
C ASN C 399 23.96 15.87 8.97
N PRO C 400 22.85 15.73 9.70
CA PRO C 400 21.54 15.60 9.09
C PRO C 400 20.93 16.95 8.74
N HIS C 401 21.63 17.67 7.87
CA HIS C 401 21.19 18.95 7.38
C HIS C 401 20.71 18.79 5.92
N PRO C 402 19.84 19.70 5.48
CA PRO C 402 19.35 19.61 4.11
C PRO C 402 20.43 19.84 3.06
N ASN C 403 20.37 19.07 1.98
CA ASN C 403 21.18 19.37 0.81
C ASN C 403 20.33 20.03 -0.30
N VAL C 404 20.99 20.42 -1.39
CA VAL C 404 20.33 21.11 -2.47
C VAL C 404 19.11 20.34 -3.03
N ASP C 405 19.19 19.00 -2.99
CA ASP C 405 18.12 18.17 -3.52
C ASP C 405 16.83 18.29 -2.68
N ALA C 406 16.96 18.79 -1.45
CA ALA C 406 15.77 18.99 -0.63
C ALA C 406 14.77 20.00 -1.19
N ALA C 407 15.25 20.94 -2.00
CA ALA C 407 14.42 22.02 -2.52
C ALA C 407 14.25 22.10 -4.03
N SER C 408 15.19 21.56 -4.81
CA SER C 408 15.19 21.81 -6.25
C SER C 408 13.94 21.28 -6.96
N GLY C 409 13.55 20.04 -6.67
CA GLY C 409 12.39 19.45 -7.30
C GLY C 409 11.09 20.23 -7.12
N VAL C 410 10.85 20.64 -5.89
CA VAL C 410 9.61 21.33 -5.52
C VAL C 410 9.53 22.68 -6.24
N LEU C 411 10.64 23.38 -6.36
CA LEU C 411 10.65 24.64 -7.07
C LEU C 411 10.39 24.47 -8.55
N PHE C 412 10.99 23.46 -9.19
CA PHE C 412 10.65 23.17 -10.58
C PHE C 412 9.15 22.88 -10.72
N TYR C 413 8.63 22.08 -9.80
CA TYR C 413 7.26 21.66 -9.80
C TYR C 413 6.32 22.85 -9.66
N HIS C 414 6.68 23.78 -8.77
CA HIS C 414 5.92 24.99 -8.60
C HIS C 414 5.74 25.76 -9.90
N TYR C 415 6.79 25.82 -10.73
CA TYR C 415 6.73 26.57 -11.99
C TYR C 415 6.20 25.74 -13.17
N GLY C 416 5.53 24.62 -12.90
CA GLY C 416 4.91 23.87 -13.98
C GLY C 416 5.79 22.82 -14.67
N PHE C 417 7.03 22.63 -14.20
CA PHE C 417 7.87 21.51 -14.64
C PHE C 417 7.58 20.29 -13.77
N GLN C 418 6.60 19.54 -14.19
CA GLN C 418 5.95 18.55 -13.33
C GLN C 418 6.14 17.09 -13.73
N GLN C 419 7.11 16.84 -14.60
CA GLN C 419 7.53 15.49 -14.92
C GLN C 419 8.92 15.28 -14.33
N PRO C 420 8.98 14.71 -13.12
CA PRO C 420 10.21 14.47 -12.36
C PRO C 420 11.21 13.59 -13.08
N LEU C 421 10.73 12.69 -13.92
CA LEU C 421 11.58 11.87 -14.76
C LEU C 421 12.65 12.68 -15.55
N TYR C 422 12.29 13.88 -15.97
CA TYR C 422 13.19 14.80 -16.68
C TYR C 422 14.10 15.66 -15.78
N TYR C 423 13.99 15.59 -14.45
CA TYR C 423 14.87 16.43 -13.60
C TYR C 423 16.34 16.05 -13.72
N THR C 424 16.65 14.79 -14.02
CA THR C 424 18.05 14.39 -14.21
C THR C 424 18.60 14.95 -15.53
N VAL C 425 17.71 15.16 -16.48
CA VAL C 425 18.12 15.78 -17.76
C VAL C 425 18.62 17.20 -17.52
N THR C 426 17.88 17.97 -16.72
CA THR C 426 18.30 19.32 -16.38
C THR C 426 19.60 19.29 -15.59
N PHE C 427 19.71 18.35 -14.67
CA PHE C 427 20.97 18.11 -13.93
C PHE C 427 22.09 17.83 -14.91
N GLY C 428 21.82 17.02 -15.95
CA GLY C 428 22.83 16.73 -16.96
C GLY C 428 23.33 17.92 -17.73
N VAL C 429 22.43 18.86 -18.02
CA VAL C 429 22.83 20.10 -18.66
C VAL C 429 23.76 20.89 -17.76
N SER C 430 23.39 21.04 -16.50
CA SER C 430 24.22 21.80 -15.55
C SER C 430 25.58 21.14 -15.39
N ARG C 431 25.57 19.82 -15.26
CA ARG C 431 26.79 19.09 -14.88
C ARG C 431 27.77 18.93 -16.01
N ALA C 432 27.45 19.46 -17.19
CA ALA C 432 28.45 19.63 -18.23
C ALA C 432 29.53 20.65 -17.84
N LEU C 433 29.16 21.63 -17.02
CA LEU C 433 30.00 22.78 -16.79
C LEU C 433 31.33 22.45 -16.15
N GLY C 434 31.28 21.83 -14.97
CA GLY C 434 32.47 21.56 -14.20
C GLY C 434 33.43 20.55 -14.79
N PRO C 435 32.90 19.37 -15.17
CA PRO C 435 33.73 18.36 -15.79
C PRO C 435 34.38 18.79 -17.09
N LEU C 436 33.71 19.60 -17.90
CA LEU C 436 34.34 20.08 -19.12
C LEU C 436 35.50 21.03 -18.79
N VAL C 437 35.29 21.92 -17.82
CA VAL C 437 36.39 22.75 -17.32
C VAL C 437 37.58 21.89 -16.93
N GLN C 438 37.37 20.85 -16.12
CA GLN C 438 38.50 20.04 -15.67
C GLN C 438 39.13 19.28 -16.84
N LEU C 439 38.31 18.88 -17.80
CA LEU C 439 38.86 18.20 -18.95
C LEU C 439 39.82 19.13 -19.73
N ILE C 440 39.44 20.39 -19.86
CA ILE C 440 40.33 21.37 -20.49
C ILE C 440 41.66 21.47 -19.70
N TRP C 441 41.57 21.57 -18.37
CA TRP C 441 42.78 21.64 -17.53
C TRP C 441 43.59 20.33 -17.56
N ASP C 442 42.92 19.19 -17.58
CA ASP C 442 43.62 17.91 -17.74
C ASP C 442 44.55 17.96 -18.95
N ARG C 443 44.02 18.46 -20.07
CA ARG C 443 44.79 18.51 -21.30
C ARG C 443 45.83 19.64 -21.30
N ALA C 444 45.49 20.80 -20.72
CA ALA C 444 46.47 21.89 -20.56
C ALA C 444 47.69 21.44 -19.77
N LEU C 445 47.48 20.68 -18.70
CA LEU C 445 48.57 20.25 -17.85
C LEU C 445 49.27 19.01 -18.34
N GLY C 446 48.68 18.26 -19.27
CA GLY C 446 49.28 16.98 -19.73
C GLY C 446 49.08 15.86 -18.71
N LEU C 447 47.93 15.82 -18.02
CA LEU C 447 47.69 14.72 -17.09
C LEU C 447 47.58 13.39 -17.86
N PRO C 448 48.12 12.31 -17.26
CA PRO C 448 48.13 11.03 -17.94
C PRO C 448 46.80 10.25 -17.76
N ILE C 449 46.76 9.11 -18.40
CA ILE C 449 45.65 8.19 -18.33
C ILE C 449 45.43 7.80 -16.85
N GLU C 450 44.18 7.69 -16.45
CA GLU C 450 43.85 7.22 -15.12
C GLU C 450 43.93 5.72 -15.14
N ARG C 451 44.73 5.16 -14.23
CA ARG C 451 45.08 3.76 -14.23
C ARG C 451 45.46 3.30 -12.80
N PRO C 452 44.46 3.11 -11.93
CA PRO C 452 44.74 2.48 -10.66
C PRO C 452 45.12 1.01 -10.85
N LYS C 453 45.49 0.33 -9.76
CA LYS C 453 45.83 -1.08 -9.76
C LYS C 453 44.73 -1.84 -9.02
N SER C 454 44.27 -2.95 -9.60
CA SER C 454 43.28 -3.79 -8.95
C SER C 454 43.92 -4.95 -8.20
N ILE C 455 43.10 -5.59 -7.37
CA ILE C 455 43.50 -6.80 -6.64
C ILE C 455 42.23 -7.63 -6.39
N ASN C 456 42.38 -8.94 -6.23
CA ASN C 456 41.25 -9.79 -5.88
C ASN C 456 41.13 -9.93 -4.35
N LEU C 457 39.97 -10.36 -3.90
CA LEU C 457 39.71 -10.60 -2.49
C LEU C 457 40.68 -11.62 -1.89
N LEU C 458 40.98 -12.72 -2.57
CA LEU C 458 42.04 -13.66 -2.12
C LEU C 458 43.36 -12.97 -1.83
N GLY C 459 43.72 -11.98 -2.66
CA GLY C 459 44.94 -11.20 -2.46
C GLY C 459 44.92 -10.29 -1.24
N LEU C 460 43.74 -9.90 -0.77
CA LEU C 460 43.62 -9.13 0.47
C LEU C 460 43.47 -10.00 1.69
N LYS C 461 43.15 -11.29 1.53
CA LYS C 461 42.94 -12.14 2.69
C LYS C 461 44.12 -12.33 3.70
N LYS C 462 43.75 -12.29 4.98
CA LYS C 462 44.65 -12.40 6.15
C LYS C 462 45.89 -13.31 5.96
N ALA D 28 21.07 -31.87 -18.75
CA ALA D 28 21.30 -32.38 -17.37
C ALA D 28 22.23 -31.57 -16.50
N GLU D 29 23.41 -31.12 -16.99
CA GLU D 29 24.40 -30.53 -16.09
C GLU D 29 23.98 -29.11 -15.73
N PRO D 30 24.49 -28.57 -14.62
CA PRO D 30 24.05 -27.22 -14.24
C PRO D 30 24.34 -26.16 -15.31
N ASP D 31 23.39 -25.25 -15.48
CA ASP D 31 23.55 -24.15 -16.41
C ASP D 31 24.40 -23.06 -15.73
N LEU D 32 24.76 -22.03 -16.48
CA LEU D 32 25.72 -21.04 -15.99
C LEU D 32 25.21 -20.28 -14.78
N LYS D 33 23.95 -19.87 -14.82
CA LYS D 33 23.33 -19.18 -13.70
C LYS D 33 23.35 -20.03 -12.43
N THR D 34 23.07 -21.31 -12.57
CA THR D 34 23.06 -22.22 -11.42
C THR D 34 24.50 -22.41 -10.91
N ALA D 35 25.45 -22.56 -11.82
CA ALA D 35 26.85 -22.71 -11.42
C ALA D 35 27.36 -21.47 -10.68
N LEU D 36 26.92 -20.31 -11.11
CA LEU D 36 27.24 -19.05 -10.41
C LEU D 36 26.63 -19.01 -9.01
N LYS D 37 25.36 -19.35 -8.92
CA LYS D 37 24.64 -19.36 -7.64
C LYS D 37 25.35 -20.25 -6.62
N ALA D 38 25.86 -21.38 -7.06
CA ALA D 38 26.57 -22.31 -6.18
C ALA D 38 27.83 -21.69 -5.54
N VAL D 39 28.52 -20.78 -6.23
CA VAL D 39 29.77 -20.21 -5.70
C VAL D 39 29.62 -18.84 -5.02
N ILE D 40 28.43 -18.27 -5.05
CA ILE D 40 28.20 -16.98 -4.41
C ILE D 40 28.42 -17.01 -2.89
N PRO D 41 27.83 -17.99 -2.17
CA PRO D 41 28.01 -17.97 -0.71
C PRO D 41 29.46 -17.97 -0.25
N ALA D 42 30.31 -18.80 -0.85
CA ALA D 42 31.75 -18.79 -0.49
C ALA D 42 32.42 -17.41 -0.69
N LYS D 43 32.10 -16.75 -1.81
CA LYS D 43 32.63 -15.42 -2.06
C LYS D 43 32.12 -14.37 -1.06
N ARG D 44 30.84 -14.44 -0.68
CA ARG D 44 30.31 -13.50 0.31
C ARG D 44 30.99 -13.71 1.69
N GLU D 45 31.33 -14.96 1.98
CA GLU D 45 32.04 -15.32 3.21
C GLU D 45 33.46 -14.77 3.19
N LEU D 46 34.15 -15.00 2.08
CA LEU D 46 35.47 -14.39 1.89
C LEU D 46 35.44 -12.88 2.05
N PHE D 47 34.44 -12.24 1.46
CA PHE D 47 34.28 -10.79 1.55
C PHE D 47 34.14 -10.36 3.02
N LYS D 48 33.32 -11.09 3.74
CA LYS D 48 33.09 -10.82 5.15
C LYS D 48 34.39 -10.88 5.96
N GLN D 49 35.20 -11.88 5.70
CA GLN D 49 36.52 -12.03 6.34
C GLN D 49 37.46 -10.89 5.99
N VAL D 50 37.49 -10.50 4.72
CA VAL D 50 38.32 -9.37 4.29
C VAL D 50 37.88 -8.09 4.97
N LYS D 51 36.57 -7.95 5.15
CA LYS D 51 36.02 -6.76 5.77
C LYS D 51 36.42 -6.60 7.24
N GLU D 52 36.67 -7.71 7.94
CA GLU D 52 37.27 -7.62 9.28
C GLU D 52 38.68 -7.02 9.31
N ARG D 53 39.40 -7.09 8.22
CA ARG D 53 40.71 -6.41 8.11
C ARG D 53 40.62 -5.00 7.50
N SER D 54 39.40 -4.45 7.50
CA SER D 54 39.12 -3.17 6.94
C SER D 54 40.10 -2.05 7.33
N ASP D 55 40.46 -2.03 8.60
CA ASP D 55 41.31 -0.95 9.11
C ASP D 55 42.81 -1.07 8.81
N GLU D 56 43.24 -2.25 8.32
CA GLU D 56 44.65 -2.49 8.08
C GLU D 56 45.22 -1.68 6.91
N VAL D 57 46.39 -1.10 7.13
CA VAL D 57 47.14 -0.35 6.12
C VAL D 57 47.85 -1.31 5.17
N ILE D 58 47.72 -1.05 3.86
CA ILE D 58 48.39 -1.88 2.83
C ILE D 58 49.19 -1.09 1.82
N GLY D 59 49.21 0.22 1.91
CA GLY D 59 50.05 1.03 1.03
C GLY D 59 50.03 2.49 1.43
N GLU D 60 50.86 3.26 0.76
CA GLU D 60 50.87 4.70 0.96
C GLU D 60 50.48 5.44 -0.32
N VAL D 61 49.87 6.60 -0.10
CA VAL D 61 49.52 7.53 -1.15
C VAL D 61 50.57 8.62 -1.18
N LYS D 62 51.16 8.86 -2.34
CA LYS D 62 52.05 9.98 -2.58
C LYS D 62 51.46 11.00 -3.56
N VAL D 63 52.07 12.18 -3.57
CA VAL D 63 51.73 13.24 -4.48
C VAL D 63 51.68 12.66 -5.91
N ALA D 64 52.68 11.83 -6.25
CA ALA D 64 52.79 11.17 -7.54
C ALA D 64 51.52 10.42 -7.95
N ASN D 65 50.88 9.75 -7.01
CA ASN D 65 49.66 9.04 -7.27
C ASN D 65 48.50 9.98 -7.62
N VAL D 66 48.45 11.16 -6.98
CA VAL D 66 47.36 12.10 -7.24
C VAL D 66 47.48 12.75 -8.62
N ILE D 67 48.66 13.29 -8.91
CA ILE D 67 48.90 13.94 -10.20
C ILE D 67 49.08 12.93 -11.35
N GLY D 68 49.43 11.69 -11.04
CA GLY D 68 49.73 10.67 -12.08
C GLY D 68 48.65 9.66 -12.38
N GLY D 69 47.38 10.07 -12.29
CA GLY D 69 46.27 9.19 -12.64
C GLY D 69 46.17 7.93 -11.80
N MET D 70 46.47 8.06 -10.51
CA MET D 70 46.42 6.92 -9.57
C MET D 70 47.40 5.80 -9.87
N ARG D 71 48.41 6.04 -10.70
CA ARG D 71 49.32 4.94 -11.10
C ARG D 71 49.98 4.29 -9.89
N GLY D 72 49.97 2.99 -9.84
CA GLY D 72 50.59 2.24 -8.73
C GLY D 72 49.72 2.09 -7.49
N LEU D 73 48.56 2.71 -7.50
CA LEU D 73 47.73 2.76 -6.31
C LEU D 73 46.75 1.59 -6.31
N LYS D 74 46.98 0.62 -5.43
CA LYS D 74 46.17 -0.58 -5.32
C LYS D 74 44.88 -0.19 -4.64
N SER D 75 43.83 0.07 -5.41
CA SER D 75 42.65 0.76 -4.84
C SER D 75 41.27 0.31 -5.33
N MET D 76 41.23 -0.82 -6.02
CA MET D 76 39.99 -1.36 -6.54
C MET D 76 40.05 -2.87 -6.57
N LEU D 77 38.87 -3.45 -6.64
CA LEU D 77 38.68 -4.88 -6.59
C LEU D 77 38.41 -5.40 -8.00
N TRP D 78 39.07 -6.52 -8.36
CA TRP D 78 38.79 -7.22 -9.61
C TRP D 78 39.13 -8.70 -9.40
N GLU D 79 38.11 -9.56 -9.52
CA GLU D 79 38.20 -10.96 -9.08
C GLU D 79 38.80 -11.95 -10.08
N GLY D 80 38.43 -11.80 -11.34
CA GLY D 80 38.70 -12.81 -12.35
C GLY D 80 40.10 -12.95 -12.91
N SER D 81 40.87 -11.87 -12.83
CA SER D 81 42.18 -11.84 -13.50
C SER D 81 43.20 -11.07 -12.67
N VAL D 82 44.42 -11.62 -12.62
CA VAL D 82 45.54 -11.07 -11.87
C VAL D 82 46.78 -11.24 -12.73
N LEU D 83 47.55 -10.15 -12.86
CA LEU D 83 48.77 -10.18 -13.64
C LEU D 83 49.92 -10.75 -12.81
N ASP D 84 50.47 -11.87 -13.26
CA ASP D 84 51.68 -12.44 -12.66
C ASP D 84 52.90 -11.94 -13.41
N PRO D 85 53.85 -11.28 -12.73
CA PRO D 85 55.05 -10.74 -13.43
C PRO D 85 55.93 -11.80 -14.12
N GLU D 86 55.82 -13.07 -13.74
CA GLU D 86 56.56 -14.13 -14.39
C GLU D 86 55.74 -14.82 -15.50
N GLU D 87 54.46 -15.09 -15.27
CA GLU D 87 53.63 -15.87 -16.19
C GLU D 87 52.67 -15.05 -17.04
N GLY D 88 52.54 -13.75 -16.78
CA GLY D 88 51.56 -12.94 -17.51
C GLY D 88 50.17 -13.10 -16.85
N ILE D 89 49.15 -12.73 -17.61
CA ILE D 89 47.81 -12.65 -17.06
C ILE D 89 47.32 -14.05 -16.70
N ARG D 90 46.72 -14.17 -15.54
CA ARG D 90 46.12 -15.42 -15.11
C ARG D 90 44.66 -15.26 -14.73
N PHE D 91 43.86 -16.24 -15.09
CA PHE D 91 42.43 -16.23 -14.81
C PHE D 91 42.12 -17.29 -13.74
N HIS D 92 41.79 -16.86 -12.53
CA HIS D 92 41.63 -17.76 -11.39
C HIS D 92 42.85 -18.66 -11.22
N GLY D 93 44.02 -18.09 -11.38
CA GLY D 93 45.28 -18.81 -11.25
C GLY D 93 45.73 -19.59 -12.48
N LYS D 94 44.89 -19.63 -13.52
CA LYS D 94 45.22 -20.37 -14.73
C LYS D 94 45.93 -19.50 -15.77
N THR D 95 47.02 -20.01 -16.30
CA THR D 95 47.79 -19.35 -17.34
C THR D 95 47.06 -19.51 -18.65
N ILE D 96 47.51 -18.77 -19.65
CA ILE D 96 47.02 -18.94 -21.01
C ILE D 96 47.16 -20.38 -21.50
N LYS D 97 48.32 -20.96 -21.26
CA LYS D 97 48.58 -22.35 -21.60
C LYS D 97 47.62 -23.32 -20.91
N ASP D 98 47.32 -23.08 -19.62
CA ASP D 98 46.36 -23.93 -18.91
C ASP D 98 44.98 -23.82 -19.62
N CYS D 99 44.59 -22.59 -19.99
CA CYS D 99 43.28 -22.35 -20.60
C CYS D 99 43.16 -23.06 -21.95
N GLN D 100 44.19 -22.96 -22.75
CA GLN D 100 44.23 -23.67 -24.04
C GLN D 100 44.11 -25.18 -23.90
N LYS D 101 44.67 -25.72 -22.82
CA LYS D 101 44.60 -27.15 -22.57
C LYS D 101 43.20 -27.54 -22.05
N GLU D 102 42.66 -26.77 -21.11
CA GLU D 102 41.50 -27.20 -20.33
C GLU D 102 40.16 -26.73 -20.89
N LEU D 103 40.11 -25.60 -21.59
CA LEU D 103 38.82 -25.01 -21.99
C LEU D 103 38.27 -25.72 -23.20
N PRO D 104 36.96 -26.02 -23.18
CA PRO D 104 36.36 -26.62 -24.36
C PRO D 104 36.54 -25.81 -25.64
N LYS D 105 36.46 -26.53 -26.75
CA LYS D 105 36.62 -26.00 -28.09
C LYS D 105 35.30 -26.09 -28.80
N GLY D 106 35.28 -25.55 -30.00
CA GLY D 106 34.08 -25.67 -30.85
C GLY D 106 33.92 -27.04 -31.44
N THR D 107 32.82 -27.24 -32.15
CA THR D 107 32.58 -28.55 -32.80
C THR D 107 33.65 -28.91 -33.81
N SER D 108 34.23 -27.90 -34.47
CA SER D 108 35.31 -28.21 -35.45
C SER D 108 36.62 -27.45 -35.38
N GLY D 109 36.98 -26.80 -34.30
CA GLY D 109 38.27 -26.10 -34.28
C GLY D 109 39.32 -26.60 -33.32
N THR D 110 40.47 -25.94 -33.33
CA THR D 110 41.56 -26.22 -32.39
C THR D 110 41.63 -25.26 -31.21
N GLU D 111 40.84 -24.18 -31.21
CA GLU D 111 41.06 -23.13 -30.19
C GLU D 111 39.93 -23.05 -29.17
N MET D 112 40.31 -22.65 -27.97
CA MET D 112 39.42 -22.36 -26.88
C MET D 112 38.33 -21.36 -27.21
N LEU D 113 37.16 -21.57 -26.65
CA LEU D 113 36.02 -20.72 -26.90
C LEU D 113 35.91 -19.57 -25.90
N PRO D 114 35.64 -18.36 -26.39
CA PRO D 114 35.38 -17.23 -25.48
C PRO D 114 34.24 -17.50 -24.51
N GLU D 115 33.21 -18.26 -24.92
CA GLU D 115 32.11 -18.62 -24.01
C GLU D 115 32.62 -19.43 -22.82
N ALA D 116 33.56 -20.33 -23.08
CA ALA D 116 34.19 -21.12 -22.05
C ALA D 116 35.03 -20.25 -21.10
N MET D 117 35.76 -19.28 -21.68
CA MET D 117 36.53 -18.33 -20.90
C MET D 117 35.59 -17.52 -20.01
N PHE D 118 34.44 -17.11 -20.54
CA PHE D 118 33.45 -16.39 -19.75
C PHE D 118 33.00 -17.24 -18.56
N TRP D 119 32.74 -18.52 -18.81
CA TRP D 119 32.29 -19.43 -17.75
C TRP D 119 33.33 -19.46 -16.61
N LEU D 120 34.59 -19.62 -17.01
CA LEU D 120 35.70 -19.64 -16.07
C LEU D 120 35.82 -18.36 -15.27
N LEU D 121 35.78 -17.25 -15.96
CA LEU D 121 35.91 -15.96 -15.29
C LEU D 121 34.83 -15.78 -14.24
N LEU D 122 33.61 -16.16 -14.60
CA LEU D 122 32.45 -15.94 -13.74
C LEU D 122 32.40 -16.88 -12.52
N THR D 123 32.63 -18.16 -12.76
CA THR D 123 32.44 -19.20 -11.73
C THR D 123 33.69 -19.61 -10.99
N GLY D 124 34.84 -19.31 -11.57
CA GLY D 124 36.09 -19.85 -11.06
C GLY D 124 36.40 -21.27 -11.49
N GLN D 125 35.57 -21.84 -12.37
CA GLN D 125 35.60 -23.26 -12.68
C GLN D 125 35.60 -23.49 -14.19
N VAL D 126 36.25 -24.57 -14.60
CA VAL D 126 36.28 -25.01 -15.98
C VAL D 126 35.00 -25.78 -16.30
N PRO D 127 34.22 -25.33 -17.30
CA PRO D 127 33.00 -26.06 -17.64
C PRO D 127 33.31 -27.31 -18.47
N SER D 128 32.38 -28.26 -18.45
CA SER D 128 32.42 -29.38 -19.38
C SER D 128 32.06 -28.87 -20.78
N THR D 129 32.46 -29.64 -21.79
CA THR D 129 32.06 -29.38 -23.16
C THR D 129 30.55 -29.24 -23.31
N ASN D 130 29.82 -30.14 -22.65
CA ASN D 130 28.37 -30.15 -22.65
C ASN D 130 27.75 -28.84 -22.09
N GLN D 131 28.29 -28.35 -20.98
CA GLN D 131 27.86 -27.09 -20.40
C GLN D 131 28.07 -25.89 -21.36
N VAL D 132 29.20 -25.90 -22.06
CA VAL D 132 29.51 -24.85 -23.03
C VAL D 132 28.55 -24.92 -24.23
N ARG D 133 28.30 -26.13 -24.74
CA ARG D 133 27.35 -26.29 -25.85
C ARG D 133 25.99 -25.68 -25.53
N ALA D 134 25.52 -25.90 -24.31
CA ALA D 134 24.23 -25.38 -23.90
C ALA D 134 24.28 -23.84 -23.74
N PHE D 135 25.39 -23.32 -23.22
CA PHE D 135 25.56 -21.88 -23.09
C PHE D 135 25.60 -21.20 -24.48
N SER D 136 26.34 -21.80 -25.41
CA SER D 136 26.37 -21.30 -26.80
C SER D 136 24.99 -21.23 -27.43
N ARG D 137 24.16 -22.22 -27.16
CA ARG D 137 22.79 -22.27 -27.70
C ARG D 137 21.97 -21.09 -27.12
N GLU D 138 22.07 -20.89 -25.81
CA GLU D 138 21.46 -19.72 -25.17
C GLU D 138 21.94 -18.41 -25.84
N LEU D 139 23.23 -18.29 -26.09
CA LEU D 139 23.74 -17.07 -26.70
C LEU D 139 23.17 -16.88 -28.10
N ALA D 140 23.07 -17.96 -28.88
CA ALA D 140 22.51 -17.84 -30.22
C ALA D 140 21.03 -17.43 -30.22
N GLU D 141 20.27 -17.99 -29.28
CA GLU D 141 18.84 -17.67 -29.15
C GLU D 141 18.57 -16.21 -28.74
N GLN D 142 19.49 -15.58 -28.01
CA GLN D 142 19.27 -14.24 -27.49
C GLN D 142 19.89 -13.14 -28.42
N SER D 143 20.33 -13.52 -29.63
CA SER D 143 21.12 -12.59 -30.42
C SER D 143 20.33 -11.50 -31.22
N HIS D 144 18.99 -11.64 -31.29
CA HIS D 144 18.21 -10.71 -32.09
C HIS D 144 18.07 -9.32 -31.47
N LEU D 145 17.83 -8.33 -32.32
CA LEU D 145 17.75 -6.97 -31.92
C LEU D 145 16.37 -6.41 -32.17
N PRO D 146 15.90 -5.51 -31.29
CA PRO D 146 14.73 -4.72 -31.57
C PRO D 146 14.90 -3.78 -32.77
N GLN D 147 13.79 -3.52 -33.45
CA GLN D 147 13.78 -2.68 -34.65
C GLN D 147 14.39 -1.30 -34.39
N HIS D 148 14.18 -0.69 -33.23
CA HIS D 148 14.71 0.65 -32.98
C HIS D 148 16.24 0.74 -32.99
N ILE D 149 16.90 -0.36 -32.63
CA ILE D 149 18.36 -0.45 -32.73
C ILE D 149 18.82 -0.42 -34.19
N LEU D 150 18.15 -1.16 -35.05
CA LEU D 150 18.44 -1.09 -36.48
C LEU D 150 18.18 0.31 -37.04
N ASP D 151 17.06 0.93 -36.65
CA ASP D 151 16.76 2.30 -37.10
C ASP D 151 17.84 3.29 -36.62
N LEU D 152 18.28 3.09 -35.39
CA LEU D 152 19.29 3.94 -34.82
C LEU D 152 20.62 3.85 -35.60
N ILE D 153 21.03 2.62 -35.93
CA ILE D 153 22.27 2.41 -36.67
C ILE D 153 22.19 2.98 -38.09
N LYS D 154 21.03 2.89 -38.72
CA LYS D 154 20.81 3.51 -40.03
C LYS D 154 20.85 5.02 -40.04
N SER D 155 20.64 5.66 -38.88
CA SER D 155 20.79 7.10 -38.74
C SER D 155 22.25 7.60 -38.80
N PHE D 156 23.20 6.72 -38.51
CA PHE D 156 24.61 7.09 -38.44
C PHE D 156 25.17 7.56 -39.77
N PRO D 157 25.86 8.72 -39.78
CA PRO D 157 26.59 9.10 -40.97
C PRO D 157 27.71 8.11 -41.26
N ARG D 158 28.03 8.02 -42.55
CA ARG D 158 29.16 7.22 -43.02
C ARG D 158 30.46 7.54 -42.30
N SER D 159 30.66 8.80 -41.97
CA SER D 159 31.85 9.29 -41.29
C SER D 159 31.89 9.03 -39.75
N MET D 160 30.83 8.50 -39.14
CA MET D 160 30.84 8.33 -37.69
C MET D 160 31.86 7.28 -37.37
N HIS D 161 32.75 7.59 -36.44
CA HIS D 161 33.76 6.63 -36.05
C HIS D 161 33.10 5.33 -35.55
N PRO D 162 33.62 4.18 -35.95
CA PRO D 162 33.08 2.86 -35.58
C PRO D 162 32.92 2.64 -34.07
N MET D 163 33.83 3.15 -33.27
CA MET D 163 33.74 3.02 -31.81
C MET D 163 32.67 3.95 -31.21
N THR D 164 32.42 5.09 -31.85
CA THR D 164 31.29 5.90 -31.46
C THR D 164 29.96 5.13 -31.75
N GLN D 165 29.90 4.50 -32.92
CA GLN D 165 28.74 3.70 -33.32
C GLN D 165 28.45 2.57 -32.33
N LEU D 166 29.50 1.81 -32.04
CA LEU D 166 29.39 0.69 -31.17
C LEU D 166 28.94 1.11 -29.77
N SER D 167 29.58 2.13 -29.21
CA SER D 167 29.21 2.62 -27.89
C SER D 167 27.74 3.01 -27.78
N ILE D 168 27.27 3.74 -28.77
CA ILE D 168 25.90 4.28 -28.76
C ILE D 168 24.87 3.16 -28.86
N ALA D 169 25.12 2.19 -29.75
CA ALA D 169 24.19 1.13 -29.99
C ALA D 169 24.06 0.24 -28.74
N VAL D 170 25.17 0.02 -28.07
CA VAL D 170 25.18 -0.75 -26.83
C VAL D 170 24.38 -0.01 -25.77
N ALA D 171 24.61 1.30 -25.62
CA ALA D 171 23.78 2.06 -24.68
C ALA D 171 22.29 1.98 -25.02
N ALA D 172 21.97 2.06 -26.31
CA ALA D 172 20.57 2.07 -26.75
C ALA D 172 19.80 0.81 -26.35
N LEU D 173 20.53 -0.29 -26.18
CA LEU D 173 19.96 -1.55 -25.74
C LEU D 173 19.48 -1.56 -24.32
N ASN D 174 19.76 -0.50 -23.55
CA ASN D 174 19.19 -0.34 -22.22
C ASN D 174 17.66 -0.31 -22.20
N THR D 175 17.01 -0.05 -23.34
CA THR D 175 15.57 -0.27 -23.42
C THR D 175 15.18 -1.70 -23.04
N GLU D 176 16.09 -2.65 -23.24
CA GLU D 176 15.84 -4.08 -22.92
C GLU D 176 16.33 -4.51 -21.52
N SER D 177 16.66 -3.55 -20.66
CA SER D 177 17.31 -3.88 -19.39
C SER D 177 16.33 -4.36 -18.39
N LYS D 178 16.51 -5.62 -17.98
CA LYS D 178 15.75 -6.13 -16.84
C LYS D 178 16.15 -5.49 -15.50
N PHE D 179 17.44 -5.17 -15.34
CA PHE D 179 17.87 -4.58 -14.09
C PHE D 179 17.23 -3.20 -13.90
N ALA D 180 17.28 -2.36 -14.94
CA ALA D 180 16.73 -1.00 -14.83
C ALA D 180 15.26 -1.02 -14.39
N LYS D 181 14.48 -1.89 -15.02
CA LYS D 181 13.05 -2.00 -14.71
C LYS D 181 12.79 -2.58 -13.35
N ALA D 182 13.51 -3.63 -13.00
CA ALA D 182 13.34 -4.25 -11.69
C ALA D 182 13.76 -3.31 -10.57
N TYR D 183 14.85 -2.54 -10.74
CA TYR D 183 15.28 -1.58 -9.71
C TYR D 183 14.20 -0.51 -9.49
N GLU D 184 13.63 0.00 -10.59
CA GLU D 184 12.59 1.01 -10.56
C GLU D 184 11.34 0.53 -9.78
N LYS D 185 11.00 -0.73 -9.98
CA LYS D 185 9.83 -1.33 -9.34
C LYS D 185 10.03 -1.60 -7.84
N GLY D 186 11.27 -1.69 -7.41
CA GLY D 186 11.61 -1.98 -6.02
C GLY D 186 12.21 -3.35 -6.04
N LEU D 187 13.48 -3.43 -5.67
CA LEU D 187 14.21 -4.69 -5.75
C LEU D 187 15.18 -4.71 -4.62
N SER D 188 15.26 -5.85 -3.92
CA SER D 188 16.12 -5.95 -2.74
C SER D 188 17.58 -6.16 -3.17
N LYS D 189 18.46 -5.51 -2.42
CA LYS D 189 19.91 -5.54 -2.63
C LYS D 189 20.46 -6.92 -2.92
N ALA D 190 19.98 -7.91 -2.17
CA ALA D 190 20.42 -9.29 -2.27
C ALA D 190 20.13 -9.96 -3.63
N ASP D 191 19.14 -9.41 -4.35
CA ASP D 191 18.78 -9.91 -5.67
C ASP D 191 19.31 -9.06 -6.85
N TYR D 192 20.08 -7.99 -6.58
CA TYR D 192 20.60 -7.18 -7.67
C TYR D 192 21.33 -8.02 -8.72
N TRP D 193 22.07 -9.03 -8.28
CA TRP D 193 22.94 -9.78 -9.20
C TRP D 193 22.22 -10.52 -10.31
N GLU D 194 21.00 -10.97 -10.02
CA GLU D 194 20.33 -11.83 -10.95
C GLU D 194 19.85 -11.14 -12.28
N PRO D 195 19.11 -10.04 -12.20
CA PRO D 195 18.85 -9.28 -13.42
C PRO D 195 20.13 -8.69 -14.05
N THR D 196 21.11 -8.36 -13.23
CA THR D 196 22.45 -7.98 -13.74
C THR D 196 23.05 -9.12 -14.61
N PHE D 197 22.91 -10.35 -14.13
CA PHE D 197 23.39 -11.50 -14.91
C PHE D 197 22.59 -11.64 -16.21
N ASP D 198 21.26 -11.51 -16.13
CA ASP D 198 20.40 -11.70 -17.32
C ASP D 198 20.75 -10.62 -18.37
N ASP D 199 20.91 -9.37 -17.96
CA ASP D 199 21.28 -8.30 -18.89
C ASP D 199 22.67 -8.53 -19.51
N SER D 200 23.62 -9.03 -18.72
CA SER D 200 24.96 -9.33 -19.20
C SER D 200 24.98 -10.42 -20.28
N ILE D 201 24.21 -11.47 -20.09
CA ILE D 201 24.09 -12.53 -21.11
C ILE D 201 23.41 -11.98 -22.36
N SER D 202 22.38 -11.16 -22.16
CA SER D 202 21.67 -10.53 -23.25
C SER D 202 22.62 -9.65 -24.09
N LEU D 203 23.38 -8.79 -23.41
CA LEU D 203 24.36 -7.95 -24.11
C LEU D 203 25.43 -8.78 -24.84
N LEU D 204 25.93 -9.81 -24.19
CA LEU D 204 26.92 -10.65 -24.81
C LEU D 204 26.39 -11.32 -26.07
N ALA D 205 25.17 -11.79 -26.00
CA ALA D 205 24.54 -12.46 -27.14
C ALA D 205 24.35 -11.50 -28.32
N LYS D 206 24.03 -10.24 -28.01
CA LYS D 206 23.73 -9.26 -29.07
C LYS D 206 24.92 -8.51 -29.63
N ILE D 207 25.98 -8.34 -28.85
CA ILE D 207 27.06 -7.43 -29.24
C ILE D 207 27.78 -7.81 -30.54
N PRO D 208 27.97 -9.10 -30.85
CA PRO D 208 28.54 -9.45 -32.16
C PRO D 208 27.71 -8.96 -33.33
N ARG D 209 26.41 -9.09 -33.21
CA ARG D 209 25.51 -8.60 -34.23
C ARG D 209 25.61 -7.08 -34.38
N VAL D 210 25.63 -6.37 -33.25
CA VAL D 210 25.82 -4.93 -33.29
C VAL D 210 27.14 -4.57 -33.98
N ALA D 211 28.23 -5.25 -33.56
CA ALA D 211 29.53 -5.05 -34.20
C ALA D 211 29.50 -5.31 -35.69
N ALA D 212 28.79 -6.36 -36.12
CA ALA D 212 28.70 -6.65 -37.56
C ALA D 212 27.97 -5.55 -38.31
N LEU D 213 26.95 -4.95 -37.67
CA LEU D 213 26.25 -3.83 -38.28
C LEU D 213 27.15 -2.61 -38.44
N VAL D 214 28.08 -2.43 -37.52
CA VAL D 214 29.08 -1.38 -37.62
C VAL D 214 30.01 -1.66 -38.79
N PHE D 215 30.48 -2.90 -38.89
CA PHE D 215 31.29 -3.36 -40.04
C PHE D 215 30.61 -3.28 -41.39
N ARG D 216 29.29 -3.48 -41.44
CA ARG D 216 28.54 -3.57 -42.69
C ARG D 216 27.36 -2.58 -42.75
N PRO D 217 27.67 -1.27 -42.78
CA PRO D 217 26.65 -0.21 -42.69
C PRO D 217 25.64 -0.17 -43.81
N ASP D 218 25.99 -0.73 -44.96
CA ASP D 218 25.12 -0.79 -46.14
C ASP D 218 24.11 -1.92 -46.08
N GLU D 219 24.22 -2.83 -45.10
CA GLU D 219 23.42 -4.04 -45.08
C GLU D 219 22.68 -4.26 -43.75
N VAL D 220 22.21 -3.19 -43.15
CA VAL D 220 21.65 -3.25 -41.81
C VAL D 220 20.37 -4.13 -41.76
N ASP D 221 19.48 -3.99 -42.74
CA ASP D 221 18.22 -4.75 -42.72
C ASP D 221 18.45 -6.24 -42.76
N GLN D 222 19.34 -6.66 -43.66
CA GLN D 222 19.69 -8.05 -43.79
C GLN D 222 20.55 -8.59 -42.64
N VAL D 223 21.66 -7.95 -42.32
CA VAL D 223 22.55 -8.44 -41.25
C VAL D 223 21.85 -8.35 -39.88
N GLY D 224 21.03 -7.30 -39.73
CA GLY D 224 20.33 -7.06 -38.50
C GLY D 224 19.25 -8.08 -38.12
N THR D 225 18.76 -8.84 -39.10
CA THR D 225 17.71 -9.85 -38.90
C THR D 225 18.14 -11.27 -39.29
N GLN D 226 19.30 -11.43 -39.92
CA GLN D 226 19.84 -12.72 -40.31
C GLN D 226 19.79 -13.75 -39.17
N ALA D 227 19.25 -14.94 -39.47
CA ALA D 227 19.16 -16.01 -38.49
C ALA D 227 20.54 -16.64 -38.30
N LEU D 228 20.79 -17.12 -37.09
CA LEU D 228 22.02 -17.80 -36.76
C LEU D 228 21.79 -19.30 -36.69
N ASP D 229 22.81 -20.07 -37.04
CA ASP D 229 22.84 -21.49 -36.76
C ASP D 229 22.90 -21.65 -35.24
N ALA D 230 21.78 -22.14 -34.68
CA ALA D 230 21.62 -22.35 -33.25
C ALA D 230 22.56 -23.37 -32.57
N SER D 231 23.22 -24.19 -33.39
CA SER D 231 24.16 -25.20 -32.90
C SER D 231 25.58 -24.70 -32.89
N GLN D 232 25.85 -23.47 -33.39
CA GLN D 232 27.23 -22.98 -33.49
C GLN D 232 27.66 -22.08 -32.34
N ASP D 233 28.97 -21.89 -32.25
CA ASP D 233 29.54 -21.10 -31.18
C ASP D 233 29.49 -19.59 -31.52
N TRP D 234 29.66 -18.79 -30.47
CA TRP D 234 29.51 -17.33 -30.47
C TRP D 234 30.41 -16.66 -31.52
N SER D 235 31.66 -17.10 -31.56
CA SER D 235 32.63 -16.59 -32.52
C SER D 235 32.26 -16.99 -33.94
N TYR D 236 31.82 -18.23 -34.13
CA TYR D 236 31.44 -18.69 -35.47
C TYR D 236 30.31 -17.83 -35.94
N ASN D 237 29.32 -17.63 -35.10
CA ASN D 237 28.16 -16.83 -35.50
C ASN D 237 28.52 -15.36 -35.75
N PHE D 238 29.46 -14.83 -34.98
CA PHE D 238 29.99 -13.50 -35.25
C PHE D 238 30.63 -13.44 -36.66
N ALA D 239 31.48 -14.40 -36.95
CA ALA D 239 32.09 -14.53 -38.28
C ALA D 239 31.08 -14.60 -39.42
N GLU D 240 30.04 -15.37 -39.21
CA GLU D 240 28.94 -15.46 -40.18
C GLU D 240 28.30 -14.09 -40.42
N LEU D 241 28.03 -13.34 -39.36
CA LEU D 241 27.43 -12.00 -39.50
C LEU D 241 28.39 -11.00 -40.18
N LEU D 242 29.69 -11.24 -40.08
CA LEU D 242 30.68 -10.43 -40.77
C LEU D 242 30.88 -10.83 -42.22
N GLY D 243 30.17 -11.86 -42.70
CA GLY D 243 30.32 -12.33 -44.08
C GLY D 243 31.44 -13.35 -44.26
N LYS D 244 31.90 -13.96 -43.18
CA LYS D 244 32.98 -14.95 -43.23
C LYS D 244 32.62 -16.26 -42.55
N GLY D 245 31.39 -16.74 -42.80
CA GLY D 245 30.96 -18.06 -42.34
C GLY D 245 31.40 -19.19 -43.26
N GLY D 246 30.99 -20.40 -42.97
CA GLY D 246 31.26 -21.60 -43.81
C GLY D 246 32.61 -22.28 -43.57
N LYS D 247 32.72 -23.51 -44.07
CA LYS D 247 33.91 -24.36 -43.90
C LYS D 247 35.21 -23.78 -44.46
N GLU D 248 35.13 -22.98 -45.53
CA GLU D 248 36.32 -22.34 -46.11
C GLU D 248 36.96 -21.27 -45.21
N ASN D 249 36.25 -20.79 -44.18
CA ASN D 249 36.76 -19.80 -43.25
C ASN D 249 37.06 -20.39 -41.86
N GLN D 250 37.26 -21.70 -41.78
CA GLN D 250 37.39 -22.33 -40.46
C GLN D 250 38.65 -21.92 -39.69
N ASP D 251 39.72 -21.55 -40.37
CA ASP D 251 40.91 -21.06 -39.71
C ASP D 251 40.64 -19.70 -39.05
N PHE D 252 39.97 -18.81 -39.79
CA PHE D 252 39.58 -17.53 -39.26
C PHE D 252 38.70 -17.70 -38.04
N HIS D 253 37.82 -18.69 -38.06
CA HIS D 253 36.97 -18.96 -36.90
C HIS D 253 37.80 -19.26 -35.68
N ASP D 254 38.83 -20.08 -35.86
CA ASP D 254 39.75 -20.37 -34.76
C ASP D 254 40.52 -19.14 -34.32
N LEU D 255 41.01 -18.32 -35.26
CA LEU D 255 41.69 -17.08 -34.88
C LEU D 255 40.75 -16.22 -34.04
N LEU D 256 39.53 -16.06 -34.51
CA LEU D 256 38.57 -15.18 -33.86
C LEU D 256 38.22 -15.71 -32.47
N ARG D 257 38.01 -17.01 -32.33
CA ARG D 257 37.77 -17.59 -31.00
C ARG D 257 38.91 -17.26 -30.05
N LEU D 258 40.14 -17.47 -30.55
CA LEU D 258 41.31 -17.28 -29.73
C LEU D 258 41.47 -15.82 -29.31
N TYR D 259 41.34 -14.93 -30.28
CA TYR D 259 41.45 -13.50 -30.05
C TYR D 259 40.44 -13.03 -29.00
N LEU D 260 39.18 -13.40 -29.19
CA LEU D 260 38.11 -12.97 -28.29
C LEU D 260 38.31 -13.52 -26.88
N ALA D 261 38.78 -14.75 -26.78
CA ALA D 261 39.10 -15.34 -25.48
C ALA D 261 40.30 -14.67 -24.79
N LEU D 262 41.36 -14.40 -25.56
CA LEU D 262 42.58 -13.81 -25.00
C LEU D 262 42.39 -12.40 -24.43
N HIS D 263 41.52 -11.61 -25.04
CA HIS D 263 41.39 -10.19 -24.72
C HIS D 263 40.26 -9.88 -23.77
N GLY D 264 39.54 -10.93 -23.33
CA GLY D 264 38.33 -10.77 -22.51
C GLY D 264 38.50 -9.98 -21.23
N ASP D 265 39.61 -10.22 -20.54
CA ASP D 265 39.84 -9.60 -19.24
C ASP D 265 41.32 -9.42 -18.98
N HIS D 266 41.68 -8.32 -18.32
CA HIS D 266 43.06 -8.07 -17.95
C HIS D 266 43.11 -7.05 -16.80
N GLU D 267 42.60 -7.48 -15.65
CA GLU D 267 42.51 -6.71 -14.41
C GLU D 267 41.54 -5.54 -14.50
N GLY D 268 41.41 -4.77 -13.41
CA GLY D 268 40.42 -3.71 -13.32
C GLY D 268 40.92 -2.33 -13.72
N GLY D 269 42.24 -2.17 -13.86
CA GLY D 269 42.84 -0.84 -14.01
C GLY D 269 42.78 -0.20 -15.38
N ASN D 270 42.60 -1.02 -16.42
CA ASN D 270 42.51 -0.48 -17.77
C ASN D 270 41.19 0.31 -17.87
N VAL D 271 41.14 1.28 -18.75
CA VAL D 271 40.05 2.25 -18.77
C VAL D 271 38.67 1.63 -19.06
N SER D 272 38.59 0.64 -19.94
CA SER D 272 37.32 0.05 -20.31
C SER D 272 36.74 -0.77 -19.16
N ALA D 273 37.58 -1.57 -18.53
CA ALA D 273 37.17 -2.32 -17.33
C ALA D 273 36.77 -1.37 -16.22
N HIS D 274 37.61 -0.39 -15.93
CA HIS D 274 37.36 0.50 -14.82
C HIS D 274 36.10 1.35 -15.05
N ALA D 275 35.94 1.90 -16.25
CA ALA D 275 34.79 2.75 -16.54
C ALA D 275 33.49 1.96 -16.44
N THR D 276 33.50 0.71 -16.87
CA THR D 276 32.33 -0.13 -16.72
C THR D 276 32.01 -0.33 -15.24
N HIS D 277 33.02 -0.60 -14.42
CA HIS D 277 32.80 -0.74 -13.00
C HIS D 277 32.28 0.55 -12.35
N LEU D 278 32.85 1.67 -12.78
CA LEU D 278 32.56 2.97 -12.18
C LEU D 278 31.10 3.38 -12.43
N VAL D 279 30.68 3.33 -13.70
CA VAL D 279 29.31 3.68 -14.05
C VAL D 279 28.31 2.64 -13.46
N GLY D 280 28.71 1.38 -13.49
CA GLY D 280 27.91 0.33 -12.84
C GLY D 280 27.71 0.51 -11.35
N SER D 281 28.68 1.16 -10.70
CA SER D 281 28.65 1.30 -9.24
C SER D 281 27.59 2.29 -8.81
N ALA D 282 27.14 3.14 -9.72
CA ALA D 282 25.98 4.00 -9.47
C ALA D 282 24.64 3.27 -9.72
N LEU D 283 24.72 1.98 -10.06
CA LEU D 283 23.58 1.11 -10.38
C LEU D 283 22.98 1.38 -11.74
N SER D 284 23.74 2.01 -12.62
CA SER D 284 23.41 1.97 -14.03
C SER D 284 23.55 0.50 -14.49
N ASP D 285 22.67 0.09 -15.39
CA ASP D 285 22.61 -1.31 -15.82
C ASP D 285 23.81 -1.70 -16.73
N PRO D 286 23.92 -2.98 -17.08
CA PRO D 286 25.11 -3.35 -17.86
C PRO D 286 25.19 -2.76 -19.24
N PHE D 287 24.07 -2.41 -19.85
CA PHE D 287 24.14 -1.80 -21.18
C PHE D 287 24.74 -0.41 -21.09
N LEU D 288 24.25 0.41 -20.17
CA LEU D 288 24.80 1.73 -19.95
C LEU D 288 26.25 1.65 -19.47
N SER D 289 26.52 0.71 -18.58
CA SER D 289 27.85 0.58 -18.01
C SER D 289 28.88 0.16 -19.04
N TYR D 290 28.60 -0.88 -19.82
CA TYR D 290 29.62 -1.29 -20.81
C TYR D 290 29.75 -0.26 -21.97
N SER D 291 28.68 0.52 -22.22
CA SER D 291 28.80 1.60 -23.16
C SER D 291 29.87 2.59 -22.68
N ALA D 292 29.89 2.89 -21.39
CA ALA D 292 30.93 3.78 -20.85
C ALA D 292 32.30 3.15 -21.02
N GLY D 293 32.37 1.86 -20.80
CA GLY D 293 33.58 1.09 -21.10
C GLY D 293 34.07 1.27 -22.52
N LEU D 294 33.16 1.15 -23.47
CA LEU D 294 33.48 1.29 -24.88
C LEU D 294 33.94 2.70 -25.25
N LEU D 295 33.33 3.72 -24.61
CA LEU D 295 33.74 5.11 -24.82
C LEU D 295 35.20 5.32 -24.35
N GLY D 296 35.58 4.59 -23.32
CA GLY D 296 36.97 4.53 -22.88
C GLY D 296 37.88 3.80 -23.84
N LEU D 297 37.41 2.67 -24.35
CA LEU D 297 38.18 1.90 -25.34
C LEU D 297 38.34 2.70 -26.64
N ALA D 298 37.43 3.65 -26.88
CA ALA D 298 37.53 4.51 -28.04
C ALA D 298 38.68 5.50 -27.94
N GLY D 299 39.26 5.65 -26.75
CA GLY D 299 40.33 6.63 -26.55
C GLY D 299 41.61 6.19 -27.22
N PRO D 300 42.34 7.10 -27.89
CA PRO D 300 43.57 6.69 -28.54
C PRO D 300 44.61 6.04 -27.64
N LEU D 301 44.66 6.41 -26.37
CA LEU D 301 45.63 5.77 -25.46
C LEU D 301 45.22 4.43 -24.93
N HIS D 302 44.01 3.96 -25.25
CA HIS D 302 43.56 2.61 -24.83
C HIS D 302 43.40 1.62 -26.00
N GLY D 303 42.78 2.04 -27.08
CA GLY D 303 42.32 1.08 -28.08
C GLY D 303 43.01 0.98 -29.42
N LEU D 304 44.14 1.69 -29.61
CA LEU D 304 44.81 1.77 -30.91
C LEU D 304 46.12 0.95 -31.06
N ALA D 305 46.53 0.18 -30.05
CA ALA D 305 47.86 -0.46 -30.09
C ALA D 305 48.04 -1.43 -31.29
N ALA D 306 47.02 -2.21 -31.57
CA ALA D 306 47.09 -3.20 -32.65
C ALA D 306 47.24 -2.53 -34.01
N GLN D 307 46.52 -1.41 -34.19
CA GLN D 307 46.60 -0.60 -35.40
C GLN D 307 48.01 -0.01 -35.60
N GLU D 308 48.58 0.52 -34.52
N GLU D 308 48.58 0.52 -34.52
CA GLU D 308 49.91 1.12 -34.53
CA GLU D 308 49.91 1.12 -34.55
C GLU D 308 50.97 0.10 -34.96
C GLU D 308 50.98 0.10 -34.96
N VAL D 309 50.88 -1.10 -34.43
CA VAL D 309 51.81 -2.18 -34.81
C VAL D 309 51.68 -2.50 -36.30
N LEU D 310 50.43 -2.62 -36.76
CA LEU D 310 50.21 -3.02 -38.16
C LEU D 310 50.85 -1.98 -39.09
N ARG D 311 50.60 -0.70 -38.83
CA ARG D 311 51.17 0.40 -39.61
C ARG D 311 52.71 0.33 -39.64
N TRP D 312 53.30 0.05 -38.49
CA TRP D 312 54.75 -0.02 -38.34
C TRP D 312 55.34 -1.22 -39.14
N ILE D 313 54.65 -2.34 -39.08
CA ILE D 313 55.06 -3.53 -39.83
C ILE D 313 54.97 -3.28 -41.35
N LEU D 314 53.89 -2.67 -41.80
CA LEU D 314 53.71 -2.41 -43.24
C LEU D 314 54.73 -1.39 -43.75
N ALA D 315 55.06 -0.39 -42.94
CA ALA D 315 56.11 0.57 -43.29
C ALA D 315 57.49 -0.11 -43.33
N MET D 316 57.72 -1.06 -42.42
CA MET D 316 58.97 -1.81 -42.47
C MET D 316 59.04 -2.64 -43.77
N GLN D 317 57.94 -3.29 -44.12
CA GLN D 317 57.87 -4.06 -45.36
C GLN D 317 58.13 -3.19 -46.60
N ASP D 318 57.61 -2.00 -46.58
CA ASP D 318 57.77 -1.06 -47.68
C ASP D 318 59.29 -0.76 -47.89
N LYS D 319 60.02 -0.55 -46.80
CA LYS D 319 61.42 -0.26 -46.87
C LYS D 319 62.33 -1.47 -47.25
N ILE D 320 62.12 -2.63 -46.64
CA ILE D 320 63.04 -3.77 -46.78
C ILE D 320 62.56 -4.86 -47.71
N GLY D 321 61.34 -4.76 -48.21
CA GLY D 321 60.85 -5.70 -49.21
C GLY D 321 60.30 -6.98 -48.59
N THR D 322 59.78 -7.83 -49.48
CA THR D 322 59.09 -9.06 -49.15
C THR D 322 60.02 -10.25 -48.90
N LYS D 323 61.25 -10.18 -49.37
CA LYS D 323 62.18 -11.33 -49.29
C LYS D 323 63.44 -11.01 -48.46
N PHE D 324 63.26 -10.52 -47.27
CA PHE D 324 64.25 -9.88 -46.43
C PHE D 324 65.02 -10.89 -45.60
N THR D 325 66.22 -10.52 -45.23
CA THR D 325 67.09 -11.34 -44.38
C THR D 325 66.99 -10.86 -42.93
N ASP D 326 67.51 -11.69 -42.04
CA ASP D 326 67.68 -11.33 -40.64
C ASP D 326 68.50 -10.05 -40.49
N ASP D 327 69.58 -9.94 -41.25
CA ASP D 327 70.41 -8.75 -41.23
C ASP D 327 69.59 -7.47 -41.61
N ASP D 328 68.70 -7.59 -42.62
CA ASP D 328 67.88 -6.46 -43.01
C ASP D 328 67.02 -5.96 -41.85
N VAL D 329 66.43 -6.92 -41.12
CA VAL D 329 65.60 -6.64 -39.96
C VAL D 329 66.44 -5.98 -38.86
N ARG D 330 67.59 -6.56 -38.57
CA ARG D 330 68.51 -6.00 -37.59
C ARG D 330 68.87 -4.55 -37.94
N ASN D 331 69.21 -4.34 -39.22
CA ASN D 331 69.59 -3.00 -39.64
C ASN D 331 68.44 -1.99 -39.50
N TYR D 332 67.25 -2.45 -39.86
CA TYR D 332 66.09 -1.56 -39.80
C TYR D 332 65.80 -1.18 -38.35
N LEU D 333 65.93 -2.13 -37.44
CA LEU D 333 65.70 -1.88 -36.01
C LEU D 333 66.72 -0.89 -35.46
N TRP D 334 68.00 -1.09 -35.78
CA TRP D 334 69.02 -0.14 -35.33
C TRP D 334 68.77 1.29 -35.83
N ASP D 335 68.46 1.40 -37.13
CA ASP D 335 68.13 2.71 -37.72
C ASP D 335 66.97 3.41 -36.99
N THR D 336 65.91 2.65 -36.72
CA THR D 336 64.75 3.20 -36.05
C THR D 336 65.12 3.70 -34.67
N LEU D 337 65.86 2.91 -33.92
CA LEU D 337 66.24 3.29 -32.54
C LEU D 337 67.19 4.48 -32.51
N LYS D 338 68.20 4.48 -33.37
CA LYS D 338 69.15 5.61 -33.45
C LYS D 338 68.45 6.92 -33.83
N SER D 339 67.42 6.82 -34.68
CA SER D 339 66.56 7.97 -35.02
C SER D 339 65.63 8.45 -33.88
N GLY D 340 65.66 7.78 -32.73
CA GLY D 340 64.82 8.15 -31.59
C GLY D 340 63.40 7.62 -31.57
N ARG D 341 63.07 6.73 -32.49
CA ARG D 341 61.72 6.13 -32.53
C ARG D 341 61.67 4.80 -31.78
N VAL D 342 60.48 4.43 -31.32
CA VAL D 342 60.25 3.16 -30.58
C VAL D 342 59.70 2.04 -31.48
N VAL D 343 59.87 0.81 -31.03
CA VAL D 343 59.27 -0.36 -31.66
C VAL D 343 57.95 -0.66 -30.94
N PRO D 344 56.81 -0.41 -31.58
CA PRO D 344 55.52 -0.66 -30.92
C PRO D 344 55.22 -2.14 -30.78
N GLY D 345 54.46 -2.46 -29.74
CA GLY D 345 54.15 -3.82 -29.36
C GLY D 345 55.20 -4.53 -28.54
N TYR D 346 56.25 -3.78 -28.11
CA TYR D 346 57.33 -4.31 -27.32
C TYR D 346 57.54 -3.47 -26.06
N GLY D 347 57.74 -4.14 -24.93
CA GLY D 347 58.02 -3.45 -23.67
C GLY D 347 56.88 -3.58 -22.68
N HIS D 348 57.24 -3.79 -21.41
CA HIS D 348 56.27 -3.81 -20.29
C HIS D 348 56.98 -3.32 -19.01
N GLY D 349 56.23 -2.66 -18.14
CA GLY D 349 56.76 -2.21 -16.86
C GLY D 349 57.16 -3.32 -15.88
N VAL D 350 56.45 -4.45 -15.97
CA VAL D 350 56.50 -5.52 -14.96
C VAL D 350 56.74 -6.92 -15.55
N LEU D 351 56.19 -7.22 -16.72
CA LEU D 351 56.23 -8.57 -17.28
C LEU D 351 57.61 -8.87 -17.86
N ARG D 352 58.24 -9.95 -17.37
CA ARG D 352 59.65 -10.22 -17.73
C ARG D 352 59.90 -11.10 -18.94
N LYS D 353 58.81 -11.58 -19.56
CA LYS D 353 58.93 -12.46 -20.73
C LYS D 353 57.88 -12.08 -21.76
N PRO D 354 57.91 -12.74 -22.95
CA PRO D 354 56.85 -12.51 -23.90
C PRO D 354 55.45 -12.74 -23.30
N ASP D 355 54.52 -11.87 -23.66
CA ASP D 355 53.14 -11.97 -23.26
C ASP D 355 52.65 -13.35 -23.71
N PRO D 356 52.16 -14.16 -22.76
CA PRO D 356 51.64 -15.46 -23.14
C PRO D 356 50.45 -15.39 -24.16
N ARG D 357 49.72 -14.28 -24.17
CA ARG D 357 48.67 -14.07 -25.18
C ARG D 357 49.33 -13.93 -26.57
N PHE D 358 50.49 -13.28 -26.64
CA PHE D 358 51.24 -13.21 -27.89
C PHE D 358 51.65 -14.62 -28.34
N GLN D 359 52.23 -15.39 -27.42
CA GLN D 359 52.69 -16.74 -27.78
C GLN D 359 51.54 -17.62 -28.27
N ALA D 360 50.36 -17.48 -27.68
CA ALA D 360 49.23 -18.29 -28.12
C ALA D 360 48.83 -17.96 -29.56
N LEU D 361 48.91 -16.68 -29.93
CA LEU D 361 48.66 -16.30 -31.32
C LEU D 361 49.71 -16.88 -32.27
N MET D 362 50.98 -16.86 -31.86
N MET D 362 50.97 -16.86 -31.87
CA MET D 362 52.05 -17.49 -32.66
CA MET D 362 52.05 -17.49 -32.66
C MET D 362 51.87 -19.00 -32.77
C MET D 362 51.87 -19.00 -32.77
N ASP D 363 51.47 -19.66 -31.66
CA ASP D 363 51.13 -21.10 -31.72
C ASP D 363 50.00 -21.43 -32.71
N PHE D 364 48.98 -20.57 -32.73
CA PHE D 364 47.91 -20.70 -33.71
C PHE D 364 48.49 -20.62 -35.13
N ALA D 365 49.34 -19.63 -35.35
CA ALA D 365 49.89 -19.41 -36.69
C ALA D 365 50.77 -20.59 -37.17
N ALA D 366 51.48 -21.23 -36.21
CA ALA D 366 52.45 -22.25 -36.56
C ALA D 366 51.93 -23.45 -37.33
N THR D 367 50.65 -23.78 -37.17
CA THR D 367 50.05 -24.93 -37.91
C THR D 367 49.30 -24.53 -39.17
N ARG D 368 49.37 -23.28 -39.58
CA ARG D 368 48.68 -22.81 -40.80
C ARG D 368 49.67 -22.33 -41.84
N PRO D 369 49.89 -23.13 -42.89
CA PRO D 369 50.94 -22.76 -43.85
C PRO D 369 50.71 -21.47 -44.64
N ASP D 370 49.47 -21.15 -45.02
CA ASP D 370 49.17 -19.88 -45.72
C ASP D 370 49.54 -18.65 -44.88
N VAL D 371 49.37 -18.72 -43.55
CA VAL D 371 49.79 -17.63 -42.65
C VAL D 371 51.32 -17.54 -42.63
N LEU D 372 51.99 -18.69 -42.45
CA LEU D 372 53.45 -18.72 -42.41
C LEU D 372 54.12 -18.24 -43.69
N ALA D 373 53.43 -18.42 -44.81
CA ALA D 373 53.88 -17.94 -46.13
C ALA D 373 53.66 -16.45 -46.36
N ASN D 374 52.79 -15.81 -45.56
CA ASN D 374 52.53 -14.38 -45.70
C ASN D 374 53.75 -13.59 -45.22
N PRO D 375 54.40 -12.81 -46.11
CA PRO D 375 55.58 -12.02 -45.71
C PRO D 375 55.33 -11.05 -44.54
N VAL D 376 54.11 -10.54 -44.42
CA VAL D 376 53.78 -9.63 -43.32
C VAL D 376 53.84 -10.39 -41.99
N PHE D 377 53.32 -11.61 -41.97
CA PHE D 377 53.46 -12.43 -40.79
C PHE D 377 54.91 -12.82 -40.57
N GLN D 378 55.64 -13.15 -41.63
CA GLN D 378 57.07 -13.49 -41.48
C GLN D 378 57.82 -12.35 -40.81
N LEU D 379 57.44 -11.13 -41.15
CA LEU D 379 58.06 -9.96 -40.55
C LEU D 379 57.78 -9.84 -39.08
N VAL D 380 56.54 -10.15 -38.67
CA VAL D 380 56.22 -10.16 -37.24
C VAL D 380 57.06 -11.19 -36.52
N LYS D 381 57.19 -12.37 -37.11
CA LYS D 381 57.91 -13.47 -36.49
C LYS D 381 59.38 -13.17 -36.33
N LYS D 382 59.99 -12.68 -37.42
CA LYS D 382 61.43 -12.38 -37.43
C LYS D 382 61.74 -11.32 -36.40
N ASN D 383 60.94 -10.26 -36.40
CA ASN D 383 61.07 -9.21 -35.42
C ASN D 383 60.98 -9.74 -34.02
N SER D 384 60.06 -10.67 -33.78
CA SER D 384 59.95 -11.24 -32.45
C SER D 384 61.20 -12.03 -32.04
N GLU D 385 61.96 -12.55 -33.00
CA GLU D 385 63.19 -13.33 -32.73
C GLU D 385 64.45 -12.46 -32.61
N ILE D 386 64.36 -11.20 -33.03
CA ILE D 386 65.54 -10.32 -33.17
C ILE D 386 65.45 -9.06 -32.33
N ALA D 387 64.30 -8.39 -32.36
CA ALA D 387 64.12 -7.12 -31.65
C ALA D 387 64.42 -7.16 -30.14
N PRO D 388 64.03 -8.22 -29.41
CA PRO D 388 64.31 -8.17 -27.97
C PRO D 388 65.80 -8.02 -27.63
N ALA D 389 66.67 -8.80 -28.26
CA ALA D 389 68.12 -8.69 -28.01
C ALA D 389 68.66 -7.29 -28.40
N VAL D 390 68.20 -6.79 -29.54
CA VAL D 390 68.57 -5.43 -29.98
C VAL D 390 68.08 -4.36 -29.01
N LEU D 391 66.83 -4.46 -28.60
CA LEU D 391 66.27 -3.48 -27.66
C LEU D 391 66.96 -3.54 -26.31
N THR D 392 67.33 -4.75 -25.88
CA THR D 392 68.05 -4.97 -24.62
C THR D 392 69.40 -4.28 -24.69
N GLU D 393 70.13 -4.57 -25.77
CA GLU D 393 71.43 -3.97 -26.00
C GLU D 393 71.35 -2.41 -26.07
N HIS D 394 70.33 -1.90 -26.75
CA HIS D 394 70.11 -0.47 -26.86
C HIS D 394 69.81 0.16 -25.48
N GLY D 395 69.11 -0.58 -24.63
CA GLY D 395 68.99 -0.25 -23.21
C GLY D 395 67.94 0.74 -22.74
N LYS D 396 67.14 1.30 -23.64
CA LYS D 396 66.19 2.35 -23.25
C LYS D 396 64.78 1.83 -22.89
N THR D 397 64.45 0.61 -23.31
CA THR D 397 63.13 0.03 -23.12
C THR D 397 63.15 -1.13 -22.10
N LYS D 398 62.45 -0.96 -21.00
CA LYS D 398 62.33 -2.00 -19.96
C LYS D 398 61.55 -3.23 -20.47
N ASN D 399 62.06 -4.42 -20.16
CA ASN D 399 61.44 -5.71 -20.52
C ASN D 399 60.93 -5.77 -21.96
N PRO D 400 61.85 -5.70 -22.94
CA PRO D 400 61.51 -5.43 -24.31
C PRO D 400 61.06 -6.68 -25.07
N HIS D 401 59.99 -7.30 -24.57
CA HIS D 401 59.44 -8.49 -25.15
C HIS D 401 58.12 -8.14 -25.84
N PRO D 402 57.72 -8.96 -26.83
CA PRO D 402 56.49 -8.69 -27.54
C PRO D 402 55.24 -8.83 -26.66
N ASN D 403 54.27 -7.94 -26.86
CA ASN D 403 52.95 -8.16 -26.28
C ASN D 403 51.94 -8.66 -27.32
N VAL D 404 50.71 -8.94 -26.91
CA VAL D 404 49.71 -9.51 -27.80
C VAL D 404 49.45 -8.61 -29.01
N ASP D 405 49.59 -7.31 -28.84
CA ASP D 405 49.36 -6.36 -29.95
C ASP D 405 50.40 -6.51 -31.07
N ALA D 406 51.51 -7.15 -30.77
CA ALA D 406 52.53 -7.38 -31.80
C ALA D 406 52.06 -8.26 -32.94
N ALA D 407 51.08 -9.14 -32.67
CA ALA D 407 50.62 -10.10 -33.67
C ALA D 407 49.17 -10.03 -34.08
N SER D 408 48.29 -9.45 -33.26
CA SER D 408 46.84 -9.56 -33.53
C SER D 408 46.43 -8.90 -34.83
N GLY D 409 46.90 -7.67 -35.07
CA GLY D 409 46.55 -6.94 -36.28
C GLY D 409 46.92 -7.68 -37.57
N VAL D 410 48.14 -8.20 -37.62
CA VAL D 410 48.64 -8.87 -38.81
C VAL D 410 47.85 -10.11 -39.14
N LEU D 411 47.44 -10.87 -38.12
CA LEU D 411 46.62 -12.04 -38.34
C LEU D 411 45.23 -11.67 -38.87
N PHE D 412 44.60 -10.64 -38.33
CA PHE D 412 43.36 -10.16 -38.93
C PHE D 412 43.54 -9.75 -40.38
N TYR D 413 44.62 -9.05 -40.64
CA TYR D 413 44.97 -8.55 -41.96
C TYR D 413 45.13 -9.69 -42.94
N HIS D 414 45.82 -10.74 -42.49
CA HIS D 414 46.00 -11.92 -43.32
C HIS D 414 44.67 -12.50 -43.78
N TYR D 415 43.66 -12.52 -42.91
CA TYR D 415 42.35 -13.09 -43.24
C TYR D 415 41.39 -12.06 -43.88
N GLY D 416 41.93 -10.99 -44.44
CA GLY D 416 41.11 -10.06 -45.22
C GLY D 416 40.46 -8.95 -44.44
N PHE D 417 40.71 -8.84 -43.14
CA PHE D 417 40.24 -7.68 -42.33
C PHE D 417 41.30 -6.62 -42.41
N GLN D 418 41.17 -5.77 -43.42
CA GLN D 418 42.22 -4.85 -43.80
C GLN D 418 41.89 -3.37 -43.60
N GLN D 419 40.84 -3.10 -42.83
CA GLN D 419 40.53 -1.76 -42.37
C GLN D 419 40.81 -1.72 -40.85
N PRO D 420 42.02 -1.29 -40.48
CA PRO D 420 42.50 -1.27 -39.09
C PRO D 420 41.64 -0.41 -38.16
N LEU D 421 41.00 0.60 -38.72
CA LEU D 421 40.04 1.42 -38.03
C LEU D 421 38.98 0.60 -37.22
N TYR D 422 38.56 -0.55 -37.76
CA TYR D 422 37.60 -1.44 -37.15
C TYR D 422 38.21 -2.44 -36.11
N TYR D 423 39.54 -2.48 -35.95
CA TYR D 423 40.11 -3.51 -35.04
C TYR D 423 39.70 -3.33 -33.58
N THR D 424 39.43 -2.07 -33.19
CA THR D 424 38.98 -1.80 -31.84
C THR D 424 37.55 -2.29 -31.62
N VAL D 425 36.77 -2.38 -32.68
CA VAL D 425 35.42 -2.94 -32.59
C VAL D 425 35.47 -4.40 -32.17
N THR D 426 36.37 -5.16 -32.80
CA THR D 426 36.55 -6.57 -32.43
C THR D 426 37.04 -6.67 -30.97
N PHE D 427 37.96 -5.80 -30.59
CA PHE D 427 38.42 -5.69 -29.21
C PHE D 427 37.24 -5.39 -28.29
N GLY D 428 36.34 -4.51 -28.70
CA GLY D 428 35.15 -4.20 -27.93
C GLY D 428 34.22 -5.39 -27.68
N VAL D 429 34.09 -6.25 -28.66
CA VAL D 429 33.31 -7.46 -28.48
C VAL D 429 33.97 -8.37 -27.41
N SER D 430 35.28 -8.57 -27.53
CA SER D 430 35.98 -9.40 -26.57
C SER D 430 35.88 -8.83 -25.17
N ARG D 431 36.08 -7.53 -25.07
CA ARG D 431 36.23 -6.89 -23.76
C ARG D 431 34.91 -6.70 -23.02
N ALA D 432 33.81 -7.15 -23.62
CA ALA D 432 32.57 -7.30 -22.87
C ALA D 432 32.68 -8.38 -21.80
N LEU D 433 33.50 -9.40 -22.04
CA LEU D 433 33.49 -10.59 -21.23
C LEU D 433 33.86 -10.33 -19.77
N GLY D 434 35.04 -9.79 -19.56
CA GLY D 434 35.57 -9.62 -18.22
C GLY D 434 34.85 -8.59 -17.36
N PRO D 435 34.66 -7.38 -17.89
CA PRO D 435 33.92 -6.37 -17.15
C PRO D 435 32.48 -6.74 -16.82
N LEU D 436 31.80 -7.49 -17.67
CA LEU D 436 30.44 -7.92 -17.33
C LEU D 436 30.48 -8.92 -16.17
N VAL D 437 31.44 -9.85 -16.22
CA VAL D 437 31.66 -10.75 -15.09
C VAL D 437 31.83 -9.93 -13.80
N GLN D 438 32.72 -8.95 -13.81
CA GLN D 438 32.96 -8.20 -12.57
C GLN D 438 31.74 -7.41 -12.15
N LEU D 439 30.99 -6.92 -13.12
CA LEU D 439 29.79 -6.19 -12.78
C LEU D 439 28.78 -7.11 -12.04
N ILE D 440 28.67 -8.35 -12.50
CA ILE D 440 27.82 -9.30 -11.81
C ILE D 440 28.31 -9.51 -10.36
N TRP D 441 29.63 -9.69 -10.16
CA TRP D 441 30.17 -9.86 -8.83
C TRP D 441 30.04 -8.60 -7.98
N ASP D 442 30.23 -7.42 -8.57
CA ASP D 442 30.01 -6.17 -7.85
C ASP D 442 28.62 -6.19 -7.19
N ARG D 443 27.61 -6.60 -7.96
CA ARG D 443 26.24 -6.61 -7.47
C ARG D 443 25.97 -7.78 -6.50
N ALA D 444 26.54 -8.95 -6.77
CA ALA D 444 26.44 -10.08 -5.83
C ALA D 444 26.99 -9.74 -4.46
N LEU D 445 28.11 -9.04 -4.43
CA LEU D 445 28.73 -8.70 -3.15
C LEU D 445 28.16 -7.46 -2.50
N GLY D 446 27.42 -6.63 -3.23
CA GLY D 446 26.92 -5.37 -2.68
C GLY D 446 28.01 -4.30 -2.61
N LEU D 447 28.92 -4.26 -3.58
CA LEU D 447 29.95 -3.21 -3.57
C LEU D 447 29.29 -1.83 -3.78
N PRO D 448 29.82 -0.80 -3.08
CA PRO D 448 29.21 0.51 -3.13
C PRO D 448 29.69 1.33 -4.35
N ILE D 449 29.13 2.52 -4.45
CA ILE D 449 29.47 3.46 -5.47
C ILE D 449 30.98 3.78 -5.37
N GLU D 450 31.63 3.91 -6.52
CA GLU D 450 33.04 4.30 -6.54
C GLU D 450 33.07 5.81 -6.41
N ARG D 451 33.81 6.28 -5.43
CA ARG D 451 33.81 7.66 -5.00
C ARG D 451 35.15 8.00 -4.32
N PRO D 452 36.22 8.19 -5.10
CA PRO D 452 37.44 8.72 -4.56
C PRO D 452 37.25 10.17 -4.09
N LYS D 453 38.28 10.73 -3.46
CA LYS D 453 38.30 12.12 -3.04
C LYS D 453 39.28 12.88 -3.92
N SER D 454 38.86 14.04 -4.43
CA SER D 454 39.73 14.91 -5.21
C SER D 454 40.37 15.99 -4.35
N ILE D 455 41.39 16.62 -4.92
CA ILE D 455 42.07 17.77 -4.30
C ILE D 455 42.60 18.66 -5.41
N ASN D 456 42.75 19.94 -5.13
CA ASN D 456 43.38 20.86 -6.10
C ASN D 456 44.89 20.95 -5.86
N LEU D 457 45.60 21.45 -6.85
CA LEU D 457 47.06 21.64 -6.76
C LEU D 457 47.46 22.52 -5.58
N LEU D 458 46.75 23.63 -5.36
CA LEU D 458 47.00 24.50 -4.18
C LEU D 458 46.90 23.71 -2.88
N GLY D 459 45.98 22.75 -2.81
CA GLY D 459 45.84 21.89 -1.65
C GLY D 459 46.96 20.90 -1.44
N LEU D 460 47.68 20.55 -2.49
CA LEU D 460 48.89 19.72 -2.34
C LEU D 460 50.15 20.56 -2.01
N LYS D 461 50.07 21.90 -2.07
CA LYS D 461 51.25 22.76 -1.90
C LYS D 461 51.29 23.43 -0.52
N ALA E 28 -11.13 28.07 24.03
CA ALA E 28 -9.68 28.41 24.10
C ALA E 28 -8.96 27.68 25.22
N GLU E 29 -9.67 27.33 26.27
CA GLU E 29 -9.03 26.70 27.42
C GLU E 29 -8.58 25.29 27.05
N PRO E 30 -7.47 24.83 27.65
CA PRO E 30 -6.97 23.53 27.25
C PRO E 30 -7.98 22.40 27.51
N ASP E 31 -8.16 21.53 26.50
CA ASP E 31 -9.01 20.37 26.64
C ASP E 31 -8.34 19.36 27.59
N LEU E 32 -9.03 18.29 27.92
CA LEU E 32 -8.54 17.38 28.96
C LEU E 32 -7.20 16.71 28.57
N LYS E 33 -7.10 16.27 27.34
CA LYS E 33 -5.88 15.66 26.85
C LYS E 33 -4.68 16.64 26.94
N THR E 34 -4.93 17.89 26.59
CA THR E 34 -3.88 18.91 26.64
C THR E 34 -3.51 19.18 28.11
N ALA E 35 -4.51 19.29 28.96
CA ALA E 35 -4.26 19.50 30.41
C ALA E 35 -3.45 18.36 31.02
N LEU E 36 -3.73 17.14 30.59
CA LEU E 36 -2.94 15.98 31.01
C LEU E 36 -1.50 16.05 30.53
N LYS E 37 -1.31 16.36 29.26
CA LYS E 37 0.02 16.47 28.67
C LYS E 37 0.88 17.47 29.44
N ALA E 38 0.28 18.59 29.86
CA ALA E 38 1.02 19.60 30.60
C ALA E 38 1.57 19.10 31.95
N VAL E 39 0.90 18.15 32.61
CA VAL E 39 1.38 17.67 33.92
C VAL E 39 2.19 16.37 33.90
N ILE E 40 2.32 15.76 32.73
CA ILE E 40 3.10 14.54 32.61
C ILE E 40 4.59 14.73 32.95
N PRO E 41 5.25 15.77 32.41
CA PRO E 41 6.68 15.92 32.72
C PRO E 41 7.00 15.99 34.22
N ALA E 42 6.24 16.76 34.98
CA ALA E 42 6.44 16.83 36.44
C ALA E 42 6.30 15.45 37.13
N LYS E 43 5.29 14.68 36.73
CA LYS E 43 5.12 13.34 37.27
C LYS E 43 6.25 12.38 36.89
N ARG E 44 6.75 12.47 35.66
CA ARG E 44 7.88 11.61 35.27
C ARG E 44 9.15 11.97 36.04
N GLU E 45 9.29 13.24 36.39
CA GLU E 45 10.42 13.73 37.20
C GLU E 45 10.30 13.20 38.62
N LEU E 46 9.11 13.34 39.20
CA LEU E 46 8.85 12.75 40.51
C LEU E 46 9.15 11.25 40.54
N PHE E 47 8.71 10.55 39.50
CA PHE E 47 8.93 9.12 39.39
C PHE E 47 10.41 8.82 39.40
N LYS E 48 11.17 9.59 38.62
CA LYS E 48 12.61 9.41 38.51
C LYS E 48 13.29 9.55 39.86
N GLN E 49 12.88 10.56 40.65
CA GLN E 49 13.40 10.77 41.98
C GLN E 49 13.10 9.60 42.91
N VAL E 50 11.84 9.13 42.87
CA VAL E 50 11.46 7.99 43.69
C VAL E 50 12.24 6.75 43.31
N LYS E 51 12.49 6.59 42.03
CA LYS E 51 13.19 5.43 41.52
C LYS E 51 14.65 5.36 41.99
N GLU E 52 15.27 6.52 42.24
CA GLU E 52 16.61 6.54 42.81
C GLU E 52 16.66 5.95 44.22
N ARG E 53 15.54 6.02 44.95
CA ARG E 53 15.45 5.41 46.28
C ARG E 53 14.85 4.02 46.25
N SER E 54 14.91 3.39 45.09
CA SER E 54 14.35 2.05 44.88
C SER E 54 14.73 1.04 46.00
N ASP E 55 15.96 1.12 46.44
CA ASP E 55 16.52 0.25 47.46
C ASP E 55 16.06 0.49 48.91
N GLU E 56 15.41 1.61 49.17
CA GLU E 56 14.99 1.97 50.55
C GLU E 56 13.92 1.01 51.09
N VAL E 57 14.11 0.54 52.33
CA VAL E 57 13.17 -0.35 53.02
C VAL E 57 12.02 0.47 53.59
N ILE E 58 10.77 0.04 53.36
CA ILE E 58 9.60 0.73 53.88
C ILE E 58 8.63 -0.15 54.66
N GLY E 59 8.88 -1.44 54.75
CA GLY E 59 7.95 -2.32 55.43
C GLY E 59 8.51 -3.70 55.61
N GLU E 60 7.76 -4.52 56.35
CA GLU E 60 8.08 -5.93 56.44
C GLU E 60 6.93 -6.77 55.85
N VAL E 61 7.31 -7.94 55.33
CA VAL E 61 6.35 -8.97 54.95
C VAL E 61 6.33 -10.00 56.05
N LYS E 62 5.14 -10.30 56.53
CA LYS E 62 4.92 -11.42 57.48
C LYS E 62 4.09 -12.53 56.87
N VAL E 63 4.14 -13.68 57.50
CA VAL E 63 3.31 -14.83 57.12
C VAL E 63 1.86 -14.37 56.97
N ALA E 64 1.40 -13.56 57.93
CA ALA E 64 0.05 -13.01 57.94
C ALA E 64 -0.33 -12.33 56.61
N ASN E 65 0.60 -11.60 56.02
CA ASN E 65 0.35 -10.94 54.74
C ASN E 65 0.17 -11.95 53.61
N VAL E 66 0.90 -13.06 53.63
CA VAL E 66 0.81 -14.05 52.57
C VAL E 66 -0.52 -14.81 52.61
N ILE E 67 -0.86 -15.33 53.79
CA ILE E 67 -2.11 -16.07 53.95
C ILE E 67 -3.35 -15.15 54.00
N GLY E 68 -3.17 -13.87 54.32
CA GLY E 68 -4.29 -12.91 54.49
C GLY E 68 -4.60 -12.00 53.29
N GLY E 69 -4.35 -12.46 52.09
CA GLY E 69 -4.61 -11.72 50.87
C GLY E 69 -3.88 -10.39 50.76
N MET E 70 -2.63 -10.37 51.23
CA MET E 70 -1.79 -9.17 51.19
C MET E 70 -2.32 -8.02 52.05
N ARG E 71 -3.26 -8.25 52.96
CA ARG E 71 -3.81 -7.15 53.75
C ARG E 71 -2.70 -6.42 54.53
N GLY E 72 -2.73 -5.09 54.43
CA GLY E 72 -1.75 -4.26 55.12
C GLY E 72 -0.42 -4.09 54.41
N LEU E 73 -0.22 -4.80 53.31
CA LEU E 73 1.03 -4.79 52.61
C LEU E 73 1.04 -3.67 51.54
N LYS E 74 1.85 -2.66 51.80
CA LYS E 74 1.95 -1.49 50.95
C LYS E 74 2.80 -1.90 49.75
N SER E 75 2.15 -2.26 48.64
CA SER E 75 2.84 -2.95 47.56
C SER E 75 2.43 -2.57 46.13
N MET E 76 1.69 -1.48 45.98
CA MET E 76 1.30 -1.01 44.67
C MET E 76 1.13 0.49 44.70
N LEU E 77 1.15 1.08 43.51
CA LEU E 77 1.06 2.48 43.29
C LEU E 77 -0.36 2.87 42.88
N TRP E 78 -0.85 3.95 43.45
CA TRP E 78 -2.13 4.57 43.06
C TRP E 78 -2.06 6.06 43.38
N GLU E 79 -2.15 6.88 42.34
CA GLU E 79 -1.85 8.33 42.42
C GLU E 79 -2.97 9.24 42.88
N GLY E 80 -4.18 8.97 42.41
CA GLY E 80 -5.28 9.91 42.51
C GLY E 80 -6.01 9.98 43.84
N SER E 81 -5.89 8.94 44.67
CA SER E 81 -6.63 8.88 45.91
C SER E 81 -5.83 8.20 47.01
N VAL E 82 -5.93 8.78 48.21
CA VAL E 82 -5.21 8.31 49.40
C VAL E 82 -6.19 8.42 50.56
N LEU E 83 -6.26 7.36 51.34
CA LEU E 83 -7.14 7.30 52.48
C LEU E 83 -6.45 7.93 53.69
N ASP E 84 -7.03 9.02 54.18
CA ASP E 84 -6.57 9.68 55.39
C ASP E 84 -7.35 9.11 56.59
N PRO E 85 -6.65 8.57 57.61
CA PRO E 85 -7.34 8.00 58.75
C PRO E 85 -8.27 8.94 59.55
N GLU E 86 -8.06 10.23 59.46
CA GLU E 86 -8.97 11.19 60.11
C GLU E 86 -10.02 11.74 59.16
N GLU E 87 -9.63 12.11 57.95
CA GLU E 87 -10.51 12.86 57.02
C GLU E 87 -11.15 11.99 55.95
N GLY E 88 -10.79 10.69 55.91
CA GLY E 88 -11.34 9.78 54.91
C GLY E 88 -10.65 9.93 53.58
N ILE E 89 -11.30 9.45 52.51
CA ILE E 89 -10.66 9.40 51.22
C ILE E 89 -10.44 10.81 50.72
N ARG E 90 -9.24 11.06 50.20
CA ARG E 90 -8.89 12.38 49.66
C ARG E 90 -8.37 12.24 48.24
N PHE E 91 -8.75 13.17 47.38
CA PHE E 91 -8.35 13.15 45.97
C PHE E 91 -7.35 14.27 45.71
N HIS E 92 -6.08 13.92 45.47
CA HIS E 92 -5.00 14.91 45.38
C HIS E 92 -5.03 15.86 46.58
N GLY E 93 -5.23 15.29 47.76
CA GLY E 93 -5.26 16.05 49.00
C GLY E 93 -6.57 16.73 49.33
N LYS E 94 -7.55 16.71 48.42
CA LYS E 94 -8.83 17.36 48.64
C LYS E 94 -9.84 16.41 49.29
N THR E 95 -10.49 16.89 50.35
CA THR E 95 -11.53 16.17 51.04
C THR E 95 -12.77 16.17 50.17
N ILE E 96 -13.73 15.33 50.56
CA ILE E 96 -15.04 15.35 49.91
C ILE E 96 -15.67 16.74 49.96
N LYS E 97 -15.61 17.38 51.12
CA LYS E 97 -16.13 18.72 51.30
C LYS E 97 -15.43 19.73 50.39
N ASP E 98 -14.11 19.63 50.23
CA ASP E 98 -13.39 20.54 49.33
C ASP E 98 -13.94 20.33 47.89
N CYS E 99 -14.14 19.05 47.49
CA CYS E 99 -14.59 18.75 46.13
C CYS E 99 -15.98 19.31 45.86
N GLN E 100 -16.88 19.13 46.82
CA GLN E 100 -18.23 19.69 46.72
C GLN E 100 -18.22 21.21 46.56
N LYS E 101 -17.28 21.88 47.20
CA LYS E 101 -17.17 23.32 47.10
C LYS E 101 -16.55 23.75 45.76
N GLU E 102 -15.48 23.07 45.35
CA GLU E 102 -14.65 23.56 44.24
C GLU E 102 -15.04 23.02 42.86
N LEU E 103 -15.62 21.83 42.78
CA LEU E 103 -15.83 21.18 41.48
C LEU E 103 -17.07 21.76 40.80
N PRO E 104 -16.98 22.03 39.50
CA PRO E 104 -18.16 22.53 38.81
C PRO E 104 -19.37 21.61 38.89
N LYS E 105 -20.54 22.22 38.71
CA LYS E 105 -21.83 21.56 38.79
C LYS E 105 -22.44 21.59 37.40
N GLY E 106 -23.60 20.96 37.28
CA GLY E 106 -24.34 20.97 36.03
C GLY E 106 -25.01 22.31 35.77
N THR E 107 -25.63 22.43 34.60
CA THR E 107 -26.34 23.66 34.25
C THR E 107 -27.51 23.93 35.21
N SER E 108 -28.08 22.85 35.78
CA SER E 108 -28.95 22.95 36.92
C SER E 108 -28.46 21.97 38.00
N GLY E 109 -28.79 22.22 39.24
CA GLY E 109 -28.43 21.27 40.29
C GLY E 109 -27.41 21.79 41.28
N THR E 110 -27.38 21.13 42.44
CA THR E 110 -26.53 21.49 43.55
C THR E 110 -25.27 20.64 43.68
N GLU E 111 -25.14 19.55 42.90
CA GLU E 111 -24.05 18.61 43.19
C GLU E 111 -22.94 18.62 42.15
N MET E 112 -21.74 18.31 42.64
CA MET E 112 -20.54 18.18 41.83
C MET E 112 -20.72 17.11 40.74
N LEU E 113 -20.08 17.32 39.60
CA LEU E 113 -20.18 16.41 38.50
C LEU E 113 -19.07 15.36 38.50
N PRO E 114 -19.42 14.10 38.24
CA PRO E 114 -18.42 13.06 38.09
C PRO E 114 -17.39 13.38 37.00
N GLU E 115 -17.78 14.06 35.93
CA GLU E 115 -16.82 14.45 34.88
C GLU E 115 -15.74 15.38 35.44
N ALA E 116 -16.16 16.29 36.30
CA ALA E 116 -15.22 17.19 36.98
C ALA E 116 -14.28 16.43 37.92
N MET E 117 -14.83 15.44 38.64
CA MET E 117 -14.04 14.58 39.50
C MET E 117 -13.02 13.83 38.66
N PHE E 118 -13.43 13.33 37.49
CA PHE E 118 -12.49 12.65 36.60
C PHE E 118 -11.35 13.59 36.22
N TRP E 119 -11.69 14.83 35.88
CA TRP E 119 -10.67 15.82 35.47
C TRP E 119 -9.64 15.99 36.59
N LEU E 120 -10.14 16.16 37.81
CA LEU E 120 -9.30 16.29 39.00
C LEU E 120 -8.42 15.09 39.23
N LEU E 121 -9.01 13.91 39.18
CA LEU E 121 -8.25 12.70 39.41
C LEU E 121 -7.09 12.59 38.43
N LEU E 122 -7.38 12.90 37.17
CA LEU E 122 -6.40 12.72 36.10
C LEU E 122 -5.29 13.76 36.10
N THR E 123 -5.65 15.02 36.26
CA THR E 123 -4.71 16.15 36.12
C THR E 123 -4.11 16.65 37.41
N GLY E 124 -4.76 16.35 38.52
CA GLY E 124 -4.42 16.97 39.81
C GLY E 124 -4.99 18.38 40.00
N GLN E 125 -5.83 18.82 39.07
CA GLN E 125 -6.29 20.20 39.03
C GLN E 125 -7.80 20.29 38.89
N VAL E 126 -8.36 21.35 39.46
CA VAL E 126 -9.77 21.67 39.35
C VAL E 126 -10.03 22.37 38.01
N PRO E 127 -10.89 21.81 37.16
CA PRO E 127 -11.19 22.47 35.90
C PRO E 127 -12.15 23.65 36.08
N SER E 128 -12.14 24.56 35.12
CA SER E 128 -13.18 25.58 35.03
C SER E 128 -14.49 24.94 34.59
N THR E 129 -15.59 25.62 34.89
CA THR E 129 -16.92 25.23 34.42
C THR E 129 -16.92 25.03 32.89
N ASN E 130 -16.28 25.95 32.17
CA ASN E 130 -16.18 25.90 30.73
C ASN E 130 -15.47 24.64 30.21
N GLN E 131 -14.36 24.28 30.85
CA GLN E 131 -13.63 23.05 30.52
C GLN E 131 -14.51 21.79 30.72
N VAL E 132 -15.28 21.78 31.79
CA VAL E 132 -16.18 20.67 32.06
C VAL E 132 -17.30 20.58 31.02
N ARG E 133 -17.90 21.72 30.67
CA ARG E 133 -18.94 21.74 29.63
C ARG E 133 -18.45 21.10 28.33
N ALA E 134 -17.22 21.43 27.96
CA ALA E 134 -16.66 20.89 26.72
C ALA E 134 -16.37 19.39 26.85
N PHE E 135 -15.91 18.97 28.02
CA PHE E 135 -15.67 17.54 28.28
C PHE E 135 -16.99 16.74 28.23
N SER E 136 -18.03 17.28 28.88
CA SER E 136 -19.36 16.66 28.82
C SER E 136 -19.88 16.49 27.40
N ARG E 137 -19.62 17.48 26.54
CA ARG E 137 -20.04 17.42 25.14
C ARG E 137 -19.30 16.28 24.43
N GLU E 138 -17.99 16.20 24.64
CA GLU E 138 -17.20 15.07 24.13
C GLU E 138 -17.77 13.73 24.59
N LEU E 139 -18.13 13.63 25.86
CA LEU E 139 -18.68 12.36 26.35
C LEU E 139 -19.99 12.03 25.67
N ALA E 140 -20.86 13.02 25.49
CA ALA E 140 -22.14 12.78 24.82
C ALA E 140 -21.97 12.31 23.35
N GLU E 141 -21.04 12.96 22.67
CA GLU E 141 -20.77 12.67 21.25
C GLU E 141 -20.14 11.32 21.00
N GLN E 142 -19.41 10.79 21.98
CA GLN E 142 -18.73 9.50 21.79
C GLN E 142 -19.53 8.32 22.35
N SER E 143 -20.80 8.55 22.70
CA SER E 143 -21.58 7.52 23.37
C SER E 143 -22.21 6.46 22.46
N HIS E 144 -22.17 6.61 21.15
CA HIS E 144 -22.86 5.63 20.27
C HIS E 144 -22.11 4.30 20.15
N LEU E 145 -22.83 3.26 19.83
CA LEU E 145 -22.36 1.90 19.89
C LEU E 145 -22.44 1.27 18.50
N PRO E 146 -21.52 0.36 18.19
CA PRO E 146 -21.65 -0.47 17.00
C PRO E 146 -22.82 -1.45 17.14
N GLN E 147 -23.40 -1.81 15.99
CA GLN E 147 -24.46 -2.78 15.89
C GLN E 147 -24.15 -4.11 16.57
N HIS E 148 -22.91 -4.60 16.49
CA HIS E 148 -22.61 -5.91 17.09
C HIS E 148 -22.77 -5.95 18.62
N ILE E 149 -22.55 -4.81 19.27
CA ILE E 149 -22.78 -4.69 20.70
C ILE E 149 -24.27 -4.83 21.04
N LEU E 150 -25.13 -4.18 20.27
CA LEU E 150 -26.56 -4.36 20.47
C LEU E 150 -26.98 -5.81 20.24
N ASP E 151 -26.46 -6.43 19.16
CA ASP E 151 -26.78 -7.83 18.88
C ASP E 151 -26.30 -8.74 20.03
N LEU E 152 -25.13 -8.44 20.56
CA LEU E 152 -24.56 -9.20 21.63
C LEU E 152 -25.43 -9.14 22.88
N ILE E 153 -25.88 -7.93 23.24
CA ILE E 153 -26.72 -7.76 24.42
C ILE E 153 -28.08 -8.46 24.26
N LYS E 154 -28.63 -8.45 23.06
CA LYS E 154 -29.88 -9.17 22.78
C LYS E 154 -29.76 -10.68 22.85
N SER E 155 -28.54 -11.23 22.73
CA SER E 155 -28.32 -12.65 22.92
C SER E 155 -28.42 -13.11 24.40
N PHE E 156 -28.26 -12.20 25.34
CA PHE E 156 -28.24 -12.55 26.76
C PHE E 156 -29.61 -13.07 27.23
N PRO E 157 -29.64 -14.20 27.94
CA PRO E 157 -30.91 -14.59 28.60
C PRO E 157 -31.35 -13.54 29.60
N ARG E 158 -32.65 -13.42 29.77
CA ARG E 158 -33.23 -12.49 30.75
C ARG E 158 -32.68 -12.70 32.14
N SER E 159 -32.39 -13.95 32.49
CA SER E 159 -31.89 -14.31 33.80
C SER E 159 -30.36 -14.15 33.98
N MET E 160 -29.62 -13.74 32.95
CA MET E 160 -28.16 -13.54 33.11
C MET E 160 -27.99 -12.40 34.11
N HIS E 161 -27.15 -12.63 35.08
CA HIS E 161 -26.88 -11.62 36.09
C HIS E 161 -26.41 -10.31 35.43
N PRO E 162 -26.96 -9.17 35.88
CA PRO E 162 -26.63 -7.86 35.33
C PRO E 162 -25.15 -7.52 35.29
N MET E 163 -24.40 -7.94 36.29
CA MET E 163 -22.95 -7.67 36.32
C MET E 163 -22.18 -8.57 35.35
N THR E 164 -22.69 -9.77 35.08
CA THR E 164 -22.13 -10.58 34.01
C THR E 164 -22.35 -9.89 32.64
N GLN E 165 -23.57 -9.36 32.44
CA GLN E 165 -23.91 -8.64 31.21
C GLN E 165 -23.00 -7.42 30.99
N LEU E 166 -22.88 -6.62 32.03
CA LEU E 166 -22.10 -5.40 31.96
C LEU E 166 -20.65 -5.71 31.67
N SER E 167 -20.06 -6.67 32.39
CA SER E 167 -18.66 -7.05 32.17
C SER E 167 -18.39 -7.47 30.74
N ILE E 168 -19.26 -8.31 30.20
CA ILE E 168 -19.09 -8.86 28.87
C ILE E 168 -19.17 -7.77 27.79
N ALA E 169 -20.17 -6.91 27.93
CA ALA E 169 -20.42 -5.88 26.93
C ALA E 169 -19.26 -4.89 26.89
N VAL E 170 -18.72 -4.57 28.07
CA VAL E 170 -17.57 -3.68 28.14
C VAL E 170 -16.36 -4.34 27.49
N ALA E 171 -16.12 -5.62 27.76
CA ALA E 171 -15.03 -6.31 27.04
C ALA E 171 -15.24 -6.29 25.53
N ALA E 172 -16.48 -6.51 25.10
CA ALA E 172 -16.79 -6.59 23.65
C ALA E 172 -16.46 -5.30 22.90
N LEU E 173 -16.45 -4.19 23.61
CA LEU E 173 -16.10 -2.90 23.03
C LEU E 173 -14.61 -2.77 22.69
N ASN E 174 -13.80 -3.74 23.08
CA ASN E 174 -12.41 -3.83 22.65
C ASN E 174 -12.23 -3.91 21.13
N THR E 175 -13.28 -4.28 20.39
CA THR E 175 -13.23 -4.15 18.94
C THR E 175 -12.93 -2.70 18.52
N GLU E 176 -13.29 -1.72 19.35
CA GLU E 176 -13.07 -0.30 19.05
C GLU E 176 -11.77 0.28 19.66
N SER E 177 -10.85 -0.58 20.13
CA SER E 177 -9.71 -0.12 20.91
C SER E 177 -8.64 0.45 20.01
N LYS E 178 -8.37 1.72 20.20
CA LYS E 178 -7.21 2.36 19.57
C LYS E 178 -5.88 1.86 20.12
N PHE E 179 -5.81 1.55 21.41
CA PHE E 179 -4.57 1.06 21.98
C PHE E 179 -4.20 -0.29 21.38
N ALA E 180 -5.15 -1.22 21.34
CA ALA E 180 -4.86 -2.56 20.80
C ALA E 180 -4.32 -2.49 19.39
N LYS E 181 -4.93 -1.68 18.54
CA LYS E 181 -4.49 -1.54 17.15
C LYS E 181 -3.16 -0.85 17.02
N ALA E 182 -2.97 0.23 17.76
CA ALA E 182 -1.70 0.96 17.71
C ALA E 182 -0.54 0.09 18.24
N TYR E 183 -0.78 -0.68 19.31
CA TYR E 183 0.26 -1.56 19.86
C TYR E 183 0.67 -2.63 18.85
N GLU E 184 -0.32 -3.20 18.16
CA GLU E 184 -0.08 -4.24 17.16
C GLU E 184 0.76 -3.71 15.98
N LYS E 185 0.49 -2.47 15.61
CA LYS E 185 1.19 -1.83 14.49
C LYS E 185 2.63 -1.45 14.83
N GLY E 186 2.93 -1.30 16.12
CA GLY E 186 4.25 -0.88 16.57
C GLY E 186 4.07 0.52 17.09
N LEU E 187 4.32 0.71 18.37
CA LEU E 187 4.08 2.00 19.02
C LEU E 187 5.12 2.13 20.11
N SER E 188 5.70 3.31 20.24
CA SER E 188 6.76 3.53 21.21
C SER E 188 6.20 3.67 22.63
N LYS E 189 6.92 3.08 23.58
CA LYS E 189 6.57 3.06 25.00
C LYS E 189 6.13 4.40 25.54
N ALA E 190 6.84 5.45 25.14
CA ALA E 190 6.59 6.82 25.57
C ALA E 190 5.21 7.38 25.16
N ASP E 191 4.63 6.79 24.11
CA ASP E 191 3.32 7.18 23.60
C ASP E 191 2.18 6.22 23.99
N TYR E 192 2.45 5.19 24.81
CA TYR E 192 1.38 4.26 25.20
C TYR E 192 0.20 5.01 25.79
N TRP E 193 0.46 6.08 26.55
CA TRP E 193 -0.60 6.77 27.30
C TRP E 193 -1.70 7.38 26.44
N GLU E 194 -1.34 7.81 25.24
CA GLU E 194 -2.27 8.57 24.44
C GLU E 194 -3.48 7.75 23.88
N PRO E 195 -3.24 6.64 23.20
CA PRO E 195 -4.34 5.76 22.85
C PRO E 195 -5.04 5.17 24.08
N THR E 196 -4.29 4.93 25.15
CA THR E 196 -4.90 4.55 26.43
C THR E 196 -5.92 5.61 26.91
N PHE E 197 -5.53 6.88 26.78
CA PHE E 197 -6.45 7.96 27.14
C PHE E 197 -7.67 7.96 26.21
N ASP E 198 -7.46 7.82 24.90
CA ASP E 198 -8.56 7.86 23.93
C ASP E 198 -9.55 6.73 24.22
N ASP E 199 -9.05 5.52 24.47
CA ASP E 199 -9.93 4.39 24.80
C ASP E 199 -10.69 4.60 26.10
N SER E 200 -10.04 5.19 27.11
CA SER E 200 -10.65 5.50 28.39
C SER E 200 -11.84 6.47 28.26
N ILE E 201 -11.66 7.52 27.47
CA ILE E 201 -12.75 8.48 27.22
C ILE E 201 -13.88 7.79 26.45
N SER E 202 -13.51 6.98 25.47
CA SER E 202 -14.47 6.24 24.69
C SER E 202 -15.30 5.29 25.59
N LEU E 203 -14.64 4.54 26.45
CA LEU E 203 -15.34 3.66 27.41
C LEU E 203 -16.23 4.44 28.36
N LEU E 204 -15.74 5.53 28.87
CA LEU E 204 -16.51 6.36 29.79
C LEU E 204 -17.77 6.88 29.12
N ALA E 205 -17.63 7.31 27.87
CA ALA E 205 -18.75 7.84 27.12
C ALA E 205 -19.81 6.79 26.86
N LYS E 206 -19.37 5.56 26.61
CA LYS E 206 -20.30 4.47 26.26
C LYS E 206 -20.90 3.71 27.42
N ILE E 207 -20.21 3.65 28.54
CA ILE E 207 -20.62 2.73 29.62
C ILE E 207 -21.98 3.03 30.21
N PRO E 208 -22.40 4.31 30.35
CA PRO E 208 -23.79 4.54 30.83
C PRO E 208 -24.85 3.96 29.92
N ARG E 209 -24.61 4.08 28.63
CA ARG E 209 -25.53 3.50 27.65
C ARG E 209 -25.56 1.99 27.75
N VAL E 210 -24.38 1.37 27.88
CA VAL E 210 -24.32 -0.07 28.06
C VAL E 210 -25.07 -0.48 29.33
N ALA E 211 -24.82 0.23 30.44
CA ALA E 211 -25.53 -0.02 31.69
C ALA E 211 -27.05 0.11 31.51
N ALA E 212 -27.50 1.11 30.76
CA ALA E 212 -28.94 1.29 30.54
C ALA E 212 -29.52 0.14 29.72
N LEU E 213 -28.75 -0.40 28.80
CA LEU E 213 -29.20 -1.57 28.03
C LEU E 213 -29.35 -2.80 28.89
N VAL E 214 -28.50 -2.90 29.92
CA VAL E 214 -28.63 -3.98 30.91
C VAL E 214 -29.90 -3.78 31.71
N PHE E 215 -30.15 -2.55 32.18
CA PHE E 215 -31.40 -2.19 32.87
C PHE E 215 -32.67 -2.39 32.05
N ARG E 216 -32.60 -2.18 30.75
CA ARG E 216 -33.79 -2.17 29.86
C ARG E 216 -33.66 -3.12 28.68
N PRO E 217 -33.64 -4.44 28.96
CA PRO E 217 -33.41 -5.46 27.91
C PRO E 217 -34.48 -5.55 26.85
N ASP E 218 -35.69 -5.06 27.13
CA ASP E 218 -36.75 -5.03 26.09
C ASP E 218 -36.67 -3.86 25.13
N GLU E 219 -35.75 -2.92 25.36
CA GLU E 219 -35.68 -1.67 24.59
C GLU E 219 -34.30 -1.40 24.01
N VAL E 220 -33.60 -2.45 23.59
CA VAL E 220 -32.22 -2.33 23.17
C VAL E 220 -32.11 -1.46 21.91
N ASP E 221 -33.01 -1.66 20.94
CA ASP E 221 -32.91 -0.92 19.67
C ASP E 221 -33.06 0.58 19.89
N GLN E 222 -34.04 0.97 20.68
CA GLN E 222 -34.27 2.34 21.00
C GLN E 222 -33.21 2.96 21.95
N VAL E 223 -32.98 2.34 23.11
CA VAL E 223 -32.01 2.88 24.06
C VAL E 223 -30.59 2.86 23.49
N GLY E 224 -30.30 1.81 22.71
CA GLY E 224 -29.00 1.61 22.11
C GLY E 224 -28.57 2.64 21.07
N THR E 225 -29.54 3.32 20.45
CA THR E 225 -29.28 4.29 19.38
C THR E 225 -29.76 5.71 19.68
N GLN E 226 -30.54 5.89 20.76
CA GLN E 226 -31.04 7.22 21.10
C GLN E 226 -29.94 8.28 21.16
N ALA E 227 -30.15 9.43 20.55
CA ALA E 227 -29.16 10.54 20.61
C ALA E 227 -29.21 11.18 21.99
N LEU E 228 -28.06 11.63 22.47
CA LEU E 228 -27.96 12.28 23.78
C LEU E 228 -27.84 13.78 23.61
N ASP E 229 -28.43 14.52 24.54
CA ASP E 229 -28.33 15.96 24.53
C ASP E 229 -26.89 16.31 24.85
N ALA E 230 -26.17 16.82 23.85
CA ALA E 230 -24.73 17.12 24.02
C ALA E 230 -24.43 18.33 24.90
N SER E 231 -25.45 19.10 25.28
CA SER E 231 -25.29 20.18 26.24
C SER E 231 -25.54 19.74 27.70
N GLN E 232 -25.94 18.51 27.93
CA GLN E 232 -26.17 17.98 29.27
C GLN E 232 -25.01 17.13 29.78
N ASP E 233 -25.01 16.97 31.10
CA ASP E 233 -23.94 16.28 31.77
C ASP E 233 -24.17 14.76 31.73
N TRP E 234 -23.07 14.05 31.98
CA TRP E 234 -22.94 12.59 31.86
C TRP E 234 -23.99 11.85 32.71
N SER E 235 -24.16 12.31 33.93
CA SER E 235 -25.17 11.74 34.84
C SER E 235 -26.58 12.00 34.36
N TYR E 236 -26.84 13.23 33.87
CA TYR E 236 -28.17 13.56 33.37
C TYR E 236 -28.49 12.63 32.23
N ASN E 237 -27.53 12.50 31.31
CA ASN E 237 -27.77 11.66 30.15
C ASN E 237 -27.92 10.18 30.52
N PHE E 238 -27.20 9.72 31.53
CA PHE E 238 -27.38 8.37 32.06
C PHE E 238 -28.80 8.19 32.59
N ALA E 239 -29.25 9.13 33.40
CA ALA E 239 -30.63 9.13 33.90
C ALA E 239 -31.69 9.08 32.79
N GLU E 240 -31.48 9.86 31.75
CA GLU E 240 -32.35 9.83 30.59
C GLU E 240 -32.41 8.45 29.93
N LEU E 241 -31.25 7.80 29.75
CA LEU E 241 -31.21 6.46 29.18
C LEU E 241 -31.84 5.40 30.09
N LEU E 242 -31.88 5.67 31.39
CA LEU E 242 -32.58 4.78 32.32
C LEU E 242 -34.08 5.02 32.37
N GLY E 243 -34.59 6.01 31.64
CA GLY E 243 -36.02 6.34 31.68
C GLY E 243 -36.40 7.32 32.77
N LYS E 244 -35.42 8.05 33.32
CA LYS E 244 -35.67 9.05 34.34
C LYS E 244 -35.09 10.42 34.01
N GLY E 245 -35.29 10.85 32.77
CA GLY E 245 -34.94 12.21 32.34
C GLY E 245 -36.00 13.24 32.69
N GLY E 246 -35.76 14.49 32.27
CA GLY E 246 -36.73 15.59 32.45
C GLY E 246 -36.75 16.28 33.82
N LYS E 247 -37.47 17.41 33.86
CA LYS E 247 -37.48 18.31 35.03
C LYS E 247 -38.05 17.69 36.30
N GLU E 248 -38.98 16.74 36.16
CA GLU E 248 -39.56 16.08 37.35
C GLU E 248 -38.58 15.15 38.08
N ASN E 249 -37.46 14.79 37.44
CA ASN E 249 -36.44 13.92 38.04
C ASN E 249 -35.16 14.69 38.41
N GLN E 250 -35.24 16.00 38.57
CA GLN E 250 -34.02 16.78 38.76
C GLN E 250 -33.28 16.49 40.09
N ASP E 251 -34.01 16.09 41.13
CA ASP E 251 -33.36 15.71 42.38
C ASP E 251 -32.57 14.40 42.21
N PHE E 252 -33.19 13.43 41.51
CA PHE E 252 -32.51 12.20 41.20
C PHE E 252 -31.23 12.45 40.42
N HIS E 253 -31.27 13.42 39.51
CA HIS E 253 -30.10 13.78 38.73
C HIS E 253 -28.96 14.21 39.65
N ASP E 254 -29.30 15.04 40.65
CA ASP E 254 -28.31 15.45 41.63
C ASP E 254 -27.81 14.27 42.47
N LEU E 255 -28.71 13.39 42.92
CA LEU E 255 -28.27 12.21 43.66
C LEU E 255 -27.30 11.39 42.82
N LEU E 256 -27.66 11.17 41.56
CA LEU E 256 -26.85 10.34 40.68
C LEU E 256 -25.48 10.97 40.40
N ARG E 257 -25.44 12.28 40.18
CA ARG E 257 -24.15 12.97 40.05
C ARG E 257 -23.28 12.75 41.27
N LEU E 258 -23.89 12.93 42.45
CA LEU E 258 -23.15 12.83 43.69
C LEU E 258 -22.62 11.41 43.90
N TYR E 259 -23.50 10.44 43.72
CA TYR E 259 -23.16 9.03 43.84
C TYR E 259 -21.99 8.64 42.94
N LEU E 260 -22.11 8.99 41.66
CA LEU E 260 -21.09 8.64 40.67
C LEU E 260 -19.76 9.28 40.98
N ALA E 261 -19.80 10.54 41.43
CA ALA E 261 -18.58 11.24 41.84
C ALA E 261 -17.94 10.64 43.10
N LEU E 262 -18.75 10.31 44.10
CA LEU E 262 -18.25 9.78 45.37
C LEU E 262 -17.57 8.42 45.25
N HIS E 263 -18.05 7.57 44.34
CA HIS E 263 -17.61 6.18 44.26
C HIS E 263 -16.56 5.94 43.19
N GLY E 264 -16.14 7.01 42.52
CA GLY E 264 -15.20 6.91 41.38
C GLY E 264 -13.88 6.24 41.69
N ASP E 265 -13.32 6.56 42.85
CA ASP E 265 -11.99 6.08 43.20
C ASP E 265 -11.84 5.95 44.71
N HIS E 266 -11.13 4.93 45.15
CA HIS E 266 -10.86 4.70 46.55
C HIS E 266 -9.63 3.83 46.75
N GLU E 267 -8.49 4.37 46.34
CA GLU E 267 -7.17 3.71 46.38
C GLU E 267 -7.10 2.50 45.41
N GLY E 268 -5.94 1.85 45.40
CA GLY E 268 -5.65 0.77 44.48
C GLY E 268 -5.99 -0.62 44.98
N GLY E 269 -6.22 -0.76 46.28
CA GLY E 269 -6.36 -2.08 46.89
C GLY E 269 -7.66 -2.81 46.75
N ASN E 270 -8.74 -2.07 46.45
CA ASN E 270 -10.03 -2.71 46.28
C ASN E 270 -9.95 -3.56 44.97
N VAL E 271 -10.75 -4.60 44.89
CA VAL E 271 -10.60 -5.60 43.84
C VAL E 271 -10.80 -5.07 42.42
N SER E 272 -11.74 -4.16 42.23
CA SER E 272 -12.06 -3.65 40.88
C SER E 272 -10.93 -2.75 40.39
N ALA E 273 -10.44 -1.87 41.24
CA ALA E 273 -9.28 -1.03 40.92
C ALA E 273 -8.06 -1.88 40.64
N HIS E 274 -7.78 -2.81 41.54
CA HIS E 274 -6.59 -3.62 41.43
C HIS E 274 -6.63 -4.53 40.18
N ALA E 275 -7.77 -5.17 39.94
CA ALA E 275 -7.88 -6.08 38.80
C ALA E 275 -7.71 -5.32 37.48
N THR E 276 -8.24 -4.10 37.42
CA THR E 276 -8.07 -3.27 36.24
C THR E 276 -6.60 -2.97 36.04
N HIS E 277 -5.89 -2.59 37.09
CA HIS E 277 -4.46 -2.32 36.99
C HIS E 277 -3.68 -3.56 36.57
N LEU E 278 -4.05 -4.72 37.14
CA LEU E 278 -3.32 -5.97 36.95
C LEU E 278 -3.41 -6.43 35.49
N VAL E 279 -4.64 -6.50 34.97
CA VAL E 279 -4.83 -6.91 33.58
C VAL E 279 -4.24 -5.87 32.61
N GLY E 280 -4.41 -4.59 32.94
CA GLY E 280 -3.78 -3.52 32.18
C GLY E 280 -2.27 -3.57 32.14
N SER E 281 -1.66 -4.14 33.16
CA SER E 281 -0.21 -4.14 33.27
C SER E 281 0.40 -5.13 32.28
N ALA E 282 -0.39 -6.07 31.78
CA ALA E 282 0.04 -6.92 30.68
C ALA E 282 -0.16 -6.26 29.31
N LEU E 283 -0.61 -5.01 29.31
CA LEU E 283 -0.91 -4.20 28.12
C LEU E 283 -2.18 -4.60 27.40
N SER E 284 -3.07 -5.28 28.11
CA SER E 284 -4.45 -5.36 27.68
C SER E 284 -5.04 -3.94 27.71
N ASP E 285 -5.88 -3.63 26.73
CA ASP E 285 -6.42 -2.28 26.59
C ASP E 285 -7.45 -1.94 27.70
N PRO E 286 -7.90 -0.69 27.75
CA PRO E 286 -8.81 -0.35 28.85
C PRO E 286 -10.16 -1.05 28.82
N PHE E 287 -10.64 -1.48 27.66
CA PHE E 287 -11.92 -2.19 27.64
C PHE E 287 -11.77 -3.56 28.29
N LEU E 288 -10.75 -4.31 27.90
CA LEU E 288 -10.47 -5.58 28.53
C LEU E 288 -10.12 -5.44 30.00
N SER E 289 -9.34 -4.42 30.31
CA SER E 289 -8.88 -4.22 31.69
C SER E 289 -10.04 -3.85 32.61
N TYR E 290 -10.88 -2.89 32.22
CA TYR E 290 -11.99 -2.56 33.13
C TYR E 290 -13.06 -3.68 33.19
N SER E 291 -13.16 -4.49 32.13
CA SER E 291 -14.02 -5.65 32.19
C SER E 291 -13.56 -6.56 33.35
N ALA E 292 -12.26 -6.76 33.49
CA ALA E 292 -11.75 -7.57 34.61
C ALA E 292 -12.12 -6.92 35.94
N GLY E 293 -11.98 -5.60 35.98
CA GLY E 293 -12.44 -4.83 37.13
C GLY E 293 -13.89 -5.12 37.49
N LEU E 294 -14.76 -5.09 36.49
CA LEU E 294 -16.18 -5.33 36.70
C LEU E 294 -16.48 -6.76 37.16
N LEU E 295 -15.72 -7.73 36.66
CA LEU E 295 -15.85 -9.13 37.09
C LEU E 295 -15.52 -9.26 38.59
N GLY E 296 -14.59 -8.45 39.04
CA GLY E 296 -14.29 -8.33 40.46
C GLY E 296 -15.38 -7.65 41.26
N LEU E 297 -15.92 -6.57 40.70
CA LEU E 297 -17.03 -5.88 41.35
C LEU E 297 -18.28 -6.76 41.41
N ALA E 298 -18.36 -7.74 40.51
CA ALA E 298 -19.46 -8.69 40.54
C ALA E 298 -19.39 -9.63 41.75
N GLY E 299 -18.25 -9.69 42.42
CA GLY E 299 -18.09 -10.59 43.54
C GLY E 299 -18.88 -10.14 44.76
N PRO E 300 -19.55 -11.08 45.46
CA PRO E 300 -20.33 -10.68 46.63
C PRO E 300 -19.57 -9.94 47.70
N LEU E 301 -18.29 -10.19 47.87
CA LEU E 301 -17.53 -9.45 48.90
C LEU E 301 -17.10 -8.06 48.50
N HIS E 302 -17.34 -7.67 47.25
CA HIS E 302 -16.94 -6.32 46.78
C HIS E 302 -18.14 -5.41 46.44
N GLY E 303 -19.11 -5.94 45.72
CA GLY E 303 -20.13 -5.07 45.13
C GLY E 303 -21.53 -5.10 45.66
N LEU E 304 -21.78 -5.83 46.74
CA LEU E 304 -23.12 -6.01 47.30
C LEU E 304 -23.44 -5.22 48.58
N ALA E 305 -22.51 -4.42 49.10
CA ALA E 305 -22.73 -3.74 50.39
C ALA E 305 -24.00 -2.86 50.44
N ALA E 306 -24.24 -2.10 49.38
CA ALA E 306 -25.38 -1.20 49.33
C ALA E 306 -26.71 -1.97 49.38
N GLN E 307 -26.75 -3.09 48.67
CA GLN E 307 -27.92 -3.97 48.67
C GLN E 307 -28.16 -4.60 50.04
N GLU E 308 -27.09 -5.05 50.67
CA GLU E 308 -27.15 -5.68 52.00
C GLU E 308 -27.71 -4.71 53.02
N VAL E 309 -27.25 -3.47 52.99
CA VAL E 309 -27.77 -2.45 53.89
C VAL E 309 -29.25 -2.22 53.67
N LEU E 310 -29.64 -2.10 52.40
CA LEU E 310 -31.05 -1.80 52.10
C LEU E 310 -31.94 -2.92 52.66
N ARG E 311 -31.59 -4.16 52.39
CA ARG E 311 -32.33 -5.32 52.92
C ARG E 311 -32.43 -5.30 54.44
N TRP E 312 -31.32 -4.97 55.10
CA TRP E 312 -31.24 -4.93 56.55
C TRP E 312 -32.12 -3.81 57.13
N ILE E 313 -32.11 -2.66 56.48
CA ILE E 313 -32.94 -1.53 56.90
C ILE E 313 -34.43 -1.86 56.73
N LEU E 314 -34.81 -2.46 55.60
CA LEU E 314 -36.21 -2.80 55.37
C LEU E 314 -36.70 -3.86 56.32
N ALA E 315 -35.85 -4.84 56.64
CA ALA E 315 -36.19 -5.85 57.66
C ALA E 315 -36.32 -5.22 59.03
N MET E 316 -35.47 -4.24 59.35
CA MET E 316 -35.59 -3.55 60.63
C MET E 316 -36.93 -2.80 60.67
N GLN E 317 -37.28 -2.12 59.58
CA GLN E 317 -38.55 -1.40 59.52
C GLN E 317 -39.75 -2.34 59.69
N ASP E 318 -39.66 -3.51 59.09
CA ASP E 318 -40.72 -4.49 59.20
C ASP E 318 -40.96 -4.89 60.66
N LYS E 319 -39.87 -5.11 61.40
CA LYS E 319 -39.96 -5.49 62.79
C LYS E 319 -40.40 -4.39 63.76
N ILE E 320 -39.88 -3.18 63.63
CA ILE E 320 -40.15 -2.10 64.62
C ILE E 320 -41.17 -1.07 64.17
N GLY E 321 -41.60 -1.15 62.93
CA GLY E 321 -42.65 -0.24 62.44
C GLY E 321 -42.13 1.11 62.02
N THR E 322 -43.03 1.92 61.52
CA THR E 322 -42.70 3.24 60.93
C THR E 322 -42.59 4.36 61.99
N LYS E 323 -43.20 4.14 63.15
CA LYS E 323 -43.06 4.95 64.32
C LYS E 323 -42.41 4.07 65.38
N PHE E 324 -41.20 4.42 65.74
CA PHE E 324 -40.39 3.68 66.71
C PHE E 324 -39.67 4.66 67.61
N THR E 325 -39.31 4.18 68.80
CA THR E 325 -38.56 4.96 69.76
C THR E 325 -37.06 4.68 69.66
N ASP E 326 -36.27 5.54 70.29
CA ASP E 326 -34.84 5.33 70.41
C ASP E 326 -34.53 3.97 71.05
N ASP E 327 -35.26 3.65 72.11
CA ASP E 327 -35.11 2.36 72.75
C ASP E 327 -35.39 1.19 71.81
N ASP E 328 -36.40 1.30 70.95
CA ASP E 328 -36.71 0.23 69.99
C ASP E 328 -35.51 -0.04 69.08
N VAL E 329 -34.88 1.04 68.60
CA VAL E 329 -33.70 0.95 67.76
C VAL E 329 -32.54 0.31 68.52
N ARG E 330 -32.30 0.80 69.72
CA ARG E 330 -31.27 0.20 70.58
C ARG E 330 -31.50 -1.26 70.81
N ASN E 331 -32.74 -1.62 71.11
CA ASN E 331 -33.07 -3.03 71.36
C ASN E 331 -32.85 -3.88 70.13
N TYR E 332 -33.23 -3.36 68.96
CA TYR E 332 -33.08 -4.12 67.75
C TYR E 332 -31.60 -4.37 67.45
N LEU E 333 -30.77 -3.36 67.68
CA LEU E 333 -29.33 -3.48 67.47
C LEU E 333 -28.70 -4.49 68.44
N TRP E 334 -29.06 -4.41 69.71
CA TRP E 334 -28.57 -5.38 70.70
C TRP E 334 -28.95 -6.80 70.34
N ASP E 335 -30.22 -7.02 69.97
CA ASP E 335 -30.69 -8.36 69.54
C ASP E 335 -29.88 -8.90 68.40
N THR E 336 -29.63 -8.06 67.39
CA THR E 336 -28.86 -8.46 66.22
C THR E 336 -27.47 -8.92 66.65
N LEU E 337 -26.81 -8.10 67.46
CA LEU E 337 -25.43 -8.38 67.86
C LEU E 337 -25.33 -9.62 68.76
N LYS E 338 -26.22 -9.74 69.74
CA LYS E 338 -26.26 -10.91 70.64
C LYS E 338 -26.52 -12.21 69.88
N SER E 339 -27.31 -12.14 68.83
CA SER E 339 -27.52 -13.28 67.91
C SER E 339 -26.31 -13.62 67.03
N GLY E 340 -25.22 -12.86 67.11
CA GLY E 340 -24.02 -13.10 66.31
C GLY E 340 -24.03 -12.55 64.89
N ARG E 341 -25.00 -11.72 64.56
CA ARG E 341 -25.07 -11.09 63.22
C ARG E 341 -24.43 -9.69 63.26
N VAL E 342 -24.04 -9.19 62.08
CA VAL E 342 -23.36 -7.88 61.95
C VAL E 342 -24.32 -6.75 61.56
N VAL E 343 -23.93 -5.51 61.85
CA VAL E 343 -24.65 -4.34 61.35
C VAL E 343 -23.95 -3.87 60.09
N PRO E 344 -24.56 -4.08 58.91
CA PRO E 344 -23.85 -3.73 57.67
C PRO E 344 -23.84 -2.22 57.47
N GLY E 345 -22.81 -1.75 56.77
CA GLY E 345 -22.59 -0.34 56.55
C GLY E 345 -21.88 0.38 57.68
N TYR E 346 -21.41 -0.36 58.70
CA TYR E 346 -20.70 0.22 59.84
C TYR E 346 -19.37 -0.51 60.06
N GLY E 347 -18.32 0.25 60.35
CA GLY E 347 -17.00 -0.33 60.65
C GLY E 347 -15.98 -0.03 59.56
N HIS E 348 -14.75 0.26 59.98
CA HIS E 348 -13.60 0.41 59.08
C HIS E 348 -12.32 0.01 59.82
N GLY E 349 -11.36 -0.55 59.09
CA GLY E 349 -10.06 -0.92 59.67
C GLY E 349 -9.19 0.25 60.13
N VAL E 350 -9.34 1.40 59.47
CA VAL E 350 -8.43 2.54 59.61
C VAL E 350 -9.16 3.87 59.90
N LEU E 351 -10.32 4.10 59.27
CA LEU E 351 -11.00 5.38 59.37
C LEU E 351 -11.69 5.53 60.73
N ARG E 352 -11.34 6.60 61.46
CA ARG E 352 -11.79 6.82 62.82
C ARG E 352 -13.05 7.68 62.94
N LYS E 353 -13.64 8.00 61.79
CA LYS E 353 -14.80 8.82 61.75
C LYS E 353 -15.82 8.33 60.77
N PRO E 354 -17.02 8.95 60.82
CA PRO E 354 -17.97 8.68 59.75
C PRO E 354 -17.35 9.01 58.37
N ASP E 355 -17.61 8.15 57.41
CA ASP E 355 -17.08 8.27 56.08
C ASP E 355 -17.60 9.59 55.53
N PRO E 356 -16.69 10.47 55.09
CA PRO E 356 -17.14 11.74 54.49
C PRO E 356 -18.06 11.54 53.25
N ARG E 357 -17.93 10.43 52.53
CA ARG E 357 -18.86 10.13 51.44
C ARG E 357 -20.26 9.87 51.99
N PHE E 358 -20.35 9.23 53.17
CA PHE E 358 -21.65 9.08 53.85
C PHE E 358 -22.23 10.44 54.21
N GLN E 359 -21.41 11.30 54.81
CA GLN E 359 -21.89 12.62 55.25
C GLN E 359 -22.38 13.45 54.04
N ALA E 360 -21.71 13.33 52.89
CA ALA E 360 -22.15 14.06 51.71
C ALA E 360 -23.54 13.62 51.24
N LEU E 361 -23.80 12.32 51.35
CA LEU E 361 -25.15 11.82 51.04
C LEU E 361 -26.19 12.36 52.01
N MET E 362 -25.85 12.40 53.30
CA MET E 362 -26.75 12.98 54.31
C MET E 362 -26.95 14.48 54.08
N ASP E 363 -25.89 15.22 53.72
CA ASP E 363 -26.03 16.64 53.32
C ASP E 363 -26.97 16.86 52.14
N PHE E 364 -26.88 15.98 51.15
CA PHE E 364 -27.80 16.00 50.01
C PHE E 364 -29.23 15.83 50.52
N ALA E 365 -29.43 14.87 51.40
CA ALA E 365 -30.78 14.60 51.90
C ALA E 365 -31.36 15.77 52.71
N ALA E 366 -30.51 16.48 53.44
CA ALA E 366 -30.93 17.51 54.38
C ALA E 366 -31.71 18.67 53.74
N THR E 367 -31.49 18.96 52.46
CA THR E 367 -32.21 20.04 51.77
C THR E 367 -33.44 19.58 51.00
N ARG E 368 -33.79 18.30 51.08
CA ARG E 368 -34.97 17.77 50.39
C ARG E 368 -36.00 17.24 51.38
N PRO E 369 -37.11 17.98 51.56
CA PRO E 369 -38.09 17.55 52.55
C PRO E 369 -38.77 16.20 52.29
N ASP E 370 -39.07 15.86 51.03
CA ASP E 370 -39.67 14.55 50.72
C ASP E 370 -38.76 13.36 51.15
N VAL E 371 -37.44 13.52 51.03
CA VAL E 371 -36.49 12.51 51.51
C VAL E 371 -36.54 12.40 53.04
N LEU E 372 -36.48 13.55 53.71
CA LEU E 372 -36.51 13.60 55.17
C LEU E 372 -37.80 13.04 55.78
N ALA E 373 -38.89 13.14 55.02
CA ALA E 373 -40.20 12.58 55.40
C ALA E 373 -40.32 11.08 55.17
N ASN E 374 -39.44 10.48 54.36
CA ASN E 374 -39.46 9.05 54.09
C ASN E 374 -39.00 8.29 55.35
N PRO E 375 -39.89 7.45 55.93
CA PRO E 375 -39.52 6.69 57.14
C PRO E 375 -38.29 5.79 56.96
N VAL E 376 -38.06 5.29 55.76
CA VAL E 376 -36.89 4.44 55.51
C VAL E 376 -35.61 5.28 55.65
N PHE E 377 -35.63 6.50 55.15
CA PHE E 377 -34.50 7.38 55.37
C PHE E 377 -34.40 7.78 56.84
N GLN E 378 -35.53 8.03 57.49
CA GLN E 378 -35.50 8.37 58.93
C GLN E 378 -34.80 7.25 59.73
N LEU E 379 -35.05 6.02 59.31
CA LEU E 379 -34.45 4.88 59.96
C LEU E 379 -32.92 4.85 59.74
N VAL E 380 -32.47 5.19 58.54
CA VAL E 380 -31.04 5.29 58.28
C VAL E 380 -30.40 6.34 59.21
N LYS E 381 -31.08 7.48 59.33
CA LYS E 381 -30.54 8.57 60.13
C LYS E 381 -30.48 8.20 61.62
N LYS E 382 -31.56 7.65 62.14
CA LYS E 382 -31.64 7.25 63.55
C LYS E 382 -30.56 6.23 63.90
N ASN E 383 -30.45 5.22 63.05
CA ASN E 383 -29.43 4.22 63.19
C ASN E 383 -28.03 4.85 63.21
N SER E 384 -27.81 5.84 62.35
CA SER E 384 -26.52 6.52 62.36
C SER E 384 -26.25 7.26 63.68
N GLU E 385 -27.29 7.66 64.38
CA GLU E 385 -27.16 8.39 65.66
C GLU E 385 -27.05 7.48 66.89
N ILE E 386 -27.35 6.19 66.72
CA ILE E 386 -27.46 5.24 67.84
C ILE E 386 -26.49 4.06 67.73
N ALA E 387 -26.39 3.47 66.55
CA ALA E 387 -25.55 2.28 66.34
C ALA E 387 -24.09 2.41 66.76
N PRO E 388 -23.42 3.55 66.48
CA PRO E 388 -22.01 3.61 66.87
C PRO E 388 -21.76 3.39 68.37
N ALA E 389 -22.52 4.04 69.25
CA ALA E 389 -22.35 3.86 70.70
C ALA E 389 -22.63 2.40 71.10
N VAL E 390 -23.69 1.81 70.55
CA VAL E 390 -24.01 0.39 70.79
C VAL E 390 -22.91 -0.54 70.32
N LEU E 391 -22.44 -0.33 69.11
CA LEU E 391 -21.36 -1.17 68.57
C LEU E 391 -20.07 -1.03 69.37
N THR E 392 -19.79 0.19 69.83
CA THR E 392 -18.61 0.48 70.64
C THR E 392 -18.70 -0.27 71.97
N GLU E 393 -19.84 -0.14 72.62
CA GLU E 393 -20.12 -0.83 73.87
C GLU E 393 -20.01 -2.37 73.71
N HIS E 394 -20.55 -2.89 72.62
CA HIS E 394 -20.48 -4.32 72.32
C HIS E 394 -19.05 -4.78 72.11
N GLY E 395 -18.24 -3.92 71.49
CA GLY E 395 -16.78 -4.09 71.47
C GLY E 395 -16.14 -4.99 70.43
N LYS E 396 -16.91 -5.57 69.51
CA LYS E 396 -16.35 -6.51 68.55
C LYS E 396 -15.87 -5.88 67.23
N THR E 397 -16.41 -4.71 66.91
CA THR E 397 -16.21 -4.12 65.57
C THR E 397 -15.40 -2.80 65.68
N LYS E 398 -14.22 -2.80 65.05
CA LYS E 398 -13.33 -1.65 65.04
C LYS E 398 -13.92 -0.43 64.30
N ASN E 399 -13.75 0.75 64.88
CA ASN E 399 -14.20 2.04 64.30
C ASN E 399 -15.62 2.00 63.73
N PRO E 400 -16.61 1.82 64.60
CA PRO E 400 -17.96 1.45 64.18
C PRO E 400 -18.79 2.66 63.75
N HIS E 401 -18.30 3.36 62.74
CA HIS E 401 -18.96 4.51 62.18
C HIS E 401 -19.57 4.15 60.82
N PRO E 402 -20.59 4.89 60.39
CA PRO E 402 -21.21 4.58 59.10
C PRO E 402 -20.30 4.81 57.90
N ASN E 403 -20.38 3.93 56.92
CA ASN E 403 -19.74 4.19 55.63
C ASN E 403 -20.77 4.61 54.57
N VAL E 404 -20.31 4.95 53.38
CA VAL E 404 -21.19 5.42 52.32
C VAL E 404 -22.31 4.43 51.99
N ASP E 405 -22.04 3.14 52.15
CA ASP E 405 -23.04 2.11 51.84
C ASP E 405 -24.23 2.17 52.81
N ALA E 406 -24.06 2.83 53.96
CA ALA E 406 -25.17 2.98 54.89
C ALA E 406 -26.34 3.77 54.34
N ALA E 407 -26.09 4.66 53.39
CA ALA E 407 -27.11 5.57 52.87
C ALA E 407 -27.44 5.47 51.39
N SER E 408 -26.53 4.95 50.56
CA SER E 408 -26.72 5.02 49.10
C SER E 408 -27.95 4.25 48.62
N GLY E 409 -28.11 3.02 49.09
CA GLY E 409 -29.27 2.20 48.66
C GLY E 409 -30.64 2.85 48.94
N VAL E 410 -30.79 3.38 50.15
CA VAL E 410 -32.05 3.96 50.58
C VAL E 410 -32.41 5.17 49.75
N LEU E 411 -31.42 5.98 49.41
CA LEU E 411 -31.66 7.16 48.57
C LEU E 411 -32.07 6.77 47.16
N PHE E 412 -31.42 5.76 46.57
CA PHE E 412 -31.88 5.28 45.26
C PHE E 412 -33.32 4.79 45.36
N TYR E 413 -33.62 4.05 46.42
CA TYR E 413 -34.92 3.47 46.65
C TYR E 413 -35.97 4.54 46.78
N HIS E 414 -35.66 5.60 47.51
CA HIS E 414 -36.56 6.72 47.65
C HIS E 414 -36.99 7.30 46.29
N TYR E 415 -36.07 7.38 45.34
CA TYR E 415 -36.37 7.94 44.01
C TYR E 415 -36.90 6.92 43.01
N GLY E 416 -37.39 5.77 43.49
CA GLY E 416 -38.02 4.81 42.59
C GLY E 416 -37.08 3.82 41.92
N PHE E 417 -35.78 3.83 42.23
CA PHE E 417 -34.86 2.77 41.81
C PHE E 417 -34.89 1.67 42.82
N GLN E 418 -35.82 0.75 42.62
CA GLN E 418 -36.19 -0.22 43.66
C GLN E 418 -35.88 -1.66 43.29
N GLN E 419 -34.98 -1.85 42.32
CA GLN E 419 -34.41 -3.16 42.05
C GLN E 419 -32.95 -3.10 42.47
N PRO E 420 -32.65 -3.51 43.72
CA PRO E 420 -31.33 -3.52 44.31
C PRO E 420 -30.30 -4.35 43.55
N LEU E 421 -30.78 -5.40 42.86
CA LEU E 421 -29.94 -6.19 41.99
C LEU E 421 -29.09 -5.34 41.00
N TYR E 422 -29.66 -4.25 40.50
CA TYR E 422 -28.98 -3.32 39.60
C TYR E 422 -28.10 -2.25 40.28
N TYR E 423 -28.04 -2.18 41.61
CA TYR E 423 -27.22 -1.12 42.23
C TYR E 423 -25.74 -1.28 41.96
N THR E 424 -25.27 -2.50 41.76
CA THR E 424 -23.86 -2.73 41.43
C THR E 424 -23.55 -2.25 40.00
N VAL E 425 -24.55 -2.25 39.14
CA VAL E 425 -24.38 -1.72 37.79
C VAL E 425 -24.06 -0.22 37.84
N THR E 426 -24.80 0.51 38.64
CA THR E 426 -24.54 1.94 38.84
C THR E 426 -23.15 2.15 39.46
N PHE E 427 -22.80 1.31 40.44
CA PHE E 427 -21.46 1.31 41.02
C PHE E 427 -20.42 1.08 39.93
N GLY E 428 -20.70 0.14 39.01
CA GLY E 428 -19.78 -0.14 37.89
C GLY E 428 -19.54 1.04 36.98
N VAL E 429 -20.57 1.84 36.74
CA VAL E 429 -20.41 3.04 35.94
C VAL E 429 -19.49 4.03 36.66
N SER E 430 -19.73 4.26 37.94
CA SER E 430 -18.90 5.18 38.71
C SER E 430 -17.46 4.72 38.75
N ARG E 431 -17.29 3.42 38.99
CA ARG E 431 -15.95 2.89 39.27
C ARG E 431 -15.08 2.73 38.02
N ALA E 432 -15.60 3.11 36.87
CA ALA E 432 -14.76 3.29 35.70
C ALA E 432 -13.79 4.47 35.87
N LEU E 433 -14.19 5.47 36.64
CA LEU E 433 -13.49 6.75 36.67
C LEU E 433 -12.06 6.64 37.18
N GLY E 434 -11.91 6.13 38.39
CA GLY E 434 -10.61 6.09 39.05
C GLY E 434 -9.59 5.13 38.43
N PRO E 435 -9.99 3.88 38.22
CA PRO E 435 -9.12 2.92 37.59
C PRO E 435 -8.68 3.29 36.18
N LEU E 436 -9.54 3.93 35.39
CA LEU E 436 -9.11 4.36 34.07
C LEU E 436 -8.06 5.47 34.18
N VAL E 437 -8.27 6.41 35.08
CA VAL E 437 -7.25 7.41 35.38
C VAL E 437 -5.91 6.74 35.68
N GLN E 438 -5.91 5.78 36.61
CA GLN E 438 -4.64 5.15 36.99
C GLN E 438 -4.05 4.38 35.82
N LEU E 439 -4.90 3.78 35.01
CA LEU E 439 -4.39 3.05 33.87
C LEU E 439 -3.66 4.00 32.89
N ILE E 440 -4.21 5.18 32.70
CA ILE E 440 -3.53 6.18 31.89
C ILE E 440 -2.15 6.54 32.50
N TRP E 441 -2.09 6.76 33.81
CA TRP E 441 -0.82 7.06 34.48
C TRP E 441 0.14 5.88 34.46
N ASP E 442 -0.37 4.66 34.63
CA ASP E 442 0.48 3.46 34.51
C ASP E 442 1.24 3.49 33.19
N ARG E 443 0.54 3.82 32.11
CA ARG E 443 1.15 3.82 30.79
C ARG E 443 2.02 5.07 30.56
N ALA E 444 1.61 6.22 31.07
CA ALA E 444 2.45 7.43 31.01
C ALA E 444 3.80 7.20 31.67
N LEU E 445 3.81 6.54 32.83
CA LEU E 445 5.03 6.35 33.56
C LEU E 445 5.83 5.15 33.09
N GLY E 446 5.24 4.23 32.32
CA GLY E 446 5.92 2.99 31.93
C GLY E 446 6.00 1.98 33.06
N LEU E 447 4.95 1.88 33.88
CA LEU E 447 4.94 0.85 34.93
C LEU E 447 4.93 -0.55 34.30
N PRO E 448 5.64 -1.50 34.92
CA PRO E 448 5.75 -2.84 34.36
C PRO E 448 4.56 -3.74 34.74
N ILE E 449 4.62 -4.94 34.21
CA ILE E 449 3.65 -5.97 34.49
C ILE E 449 3.64 -6.22 36.01
N GLU E 450 2.46 -6.43 36.57
CA GLU E 450 2.35 -6.76 37.98
C GLU E 450 2.60 -8.26 38.09
N ARG E 451 3.55 -8.61 38.95
CA ARG E 451 4.07 -9.94 39.05
C ARG E 451 4.63 -10.21 40.47
N PRO E 452 3.74 -10.44 41.44
CA PRO E 452 4.21 -10.90 42.74
C PRO E 452 4.76 -12.33 42.64
N LYS E 453 5.31 -12.83 43.73
CA LYS E 453 5.86 -14.17 43.83
C LYS E 453 4.95 -15.01 44.73
N SER E 454 4.62 -16.22 44.28
CA SER E 454 3.82 -17.11 45.12
C SER E 454 4.69 -18.09 45.90
N ILE E 455 4.07 -18.69 46.90
CA ILE E 455 4.69 -19.72 47.73
C ILE E 455 3.57 -20.64 48.23
N ASN E 456 3.92 -21.89 48.50
CA ASN E 456 2.96 -22.87 48.99
C ASN E 456 2.98 -22.90 50.52
N LEU E 457 1.94 -23.50 51.10
CA LEU E 457 1.86 -23.69 52.54
C LEU E 457 3.04 -24.46 53.12
N LEU E 458 3.46 -25.54 52.48
CA LEU E 458 4.69 -26.26 52.89
C LEU E 458 5.90 -25.33 53.01
N GLY E 459 6.01 -24.37 52.10
CA GLY E 459 7.09 -23.38 52.13
C GLY E 459 7.00 -22.39 53.28
N LEU E 460 5.81 -22.16 53.83
CA LEU E 460 5.68 -21.37 55.05
C LEU E 460 5.88 -22.18 56.34
N LYS E 461 5.96 -23.52 56.29
CA LYS E 461 5.94 -24.33 57.52
CA LYS E 461 5.93 -24.42 57.51
C LYS E 461 7.28 -24.72 58.21
N ALA F 28 -14.52 -50.01 41.20
CA ALA F 28 -15.18 -48.70 41.51
C ALA F 28 -14.30 -47.84 42.45
N GLU F 29 -13.25 -47.26 41.85
CA GLU F 29 -12.30 -46.46 42.59
C GLU F 29 -12.88 -45.09 42.93
N PRO F 30 -12.28 -44.39 43.89
CA PRO F 30 -12.84 -43.07 44.22
C PRO F 30 -12.77 -42.09 43.04
N ASP F 31 -13.83 -41.30 42.90
CA ASP F 31 -13.89 -40.29 41.87
C ASP F 31 -13.11 -39.06 42.35
N LEU F 32 -12.94 -38.08 41.47
CA LEU F 32 -12.07 -36.94 41.75
C LEU F 32 -12.55 -36.12 42.96
N LYS F 33 -13.84 -35.86 43.01
CA LYS F 33 -14.42 -35.14 44.14
C LYS F 33 -14.18 -35.85 45.47
N THR F 34 -14.31 -37.17 45.48
CA THR F 34 -14.10 -37.95 46.68
C THR F 34 -12.61 -37.92 47.04
N ALA F 35 -11.74 -38.06 46.05
CA ALA F 35 -10.30 -38.00 46.30
C ALA F 35 -9.87 -36.65 46.86
N LEU F 36 -10.49 -35.58 46.39
CA LEU F 36 -10.25 -34.25 46.94
C LEU F 36 -10.72 -34.13 48.39
N LYS F 37 -11.93 -34.59 48.66
CA LYS F 37 -12.49 -34.55 50.01
C LYS F 37 -11.56 -35.25 51.01
N ALA F 38 -10.98 -36.37 50.61
CA ALA F 38 -10.07 -37.11 51.48
C ALA F 38 -8.81 -36.32 51.90
N VAL F 39 -8.33 -35.41 51.05
CA VAL F 39 -7.10 -34.64 51.38
C VAL F 39 -7.33 -33.25 51.95
N ILE F 40 -8.59 -32.81 52.01
CA ILE F 40 -8.90 -31.50 52.57
C ILE F 40 -8.51 -31.37 54.05
N PRO F 41 -8.90 -32.34 54.90
CA PRO F 41 -8.57 -32.18 56.33
C PRO F 41 -7.07 -31.97 56.60
N ALA F 42 -6.21 -32.75 55.97
CA ALA F 42 -4.75 -32.57 56.14
C ALA F 42 -4.29 -31.15 55.73
N LYS F 43 -4.80 -30.62 54.63
CA LYS F 43 -4.46 -29.26 54.22
C LYS F 43 -4.98 -28.20 55.18
N ARG F 44 -6.18 -28.37 55.73
CA ARG F 44 -6.69 -27.41 56.72
C ARG F 44 -5.85 -27.43 58.00
N GLU F 45 -5.31 -28.60 58.34
CA GLU F 45 -4.43 -28.77 59.49
C GLU F 45 -3.08 -28.07 59.23
N LEU F 46 -2.53 -28.32 58.07
CA LEU F 46 -1.32 -27.60 57.65
C LEU F 46 -1.50 -26.08 57.71
N PHE F 47 -2.64 -25.61 57.21
CA PHE F 47 -2.96 -24.19 57.22
C PHE F 47 -2.98 -23.65 58.66
N LYS F 48 -3.62 -24.41 59.53
CA LYS F 48 -3.70 -24.05 60.94
C LYS F 48 -2.32 -23.91 61.59
N GLN F 49 -1.41 -24.82 61.27
CA GLN F 49 -0.02 -24.75 61.73
C GLN F 49 0.70 -23.54 61.19
N VAL F 50 0.53 -23.25 59.91
CA VAL F 50 1.14 -22.05 59.31
C VAL F 50 0.60 -20.79 59.98
N LYS F 51 -0.67 -20.81 60.31
CA LYS F 51 -1.32 -19.67 60.92
C LYS F 51 -0.76 -19.36 62.32
N GLU F 52 -0.29 -20.37 63.04
CA GLU F 52 0.39 -20.16 64.32
C GLU F 52 1.68 -19.35 64.18
N ARG F 53 2.31 -19.41 63.00
CA ARG F 53 3.51 -18.59 62.72
C ARG F 53 3.17 -17.27 62.02
N SER F 54 1.91 -16.87 62.13
CA SER F 54 1.40 -15.68 61.47
C SER F 54 2.29 -14.45 61.62
N ASP F 55 2.82 -14.26 62.84
CA ASP F 55 3.59 -13.07 63.14
C ASP F 55 5.05 -13.09 62.65
N GLU F 56 5.53 -14.22 62.14
CA GLU F 56 6.91 -14.32 61.67
C GLU F 56 7.20 -13.42 60.44
N VAL F 57 8.32 -12.70 60.49
CA VAL F 57 8.84 -11.91 59.36
C VAL F 57 9.54 -12.82 58.37
N ILE F 58 9.24 -12.66 57.08
CA ILE F 58 9.89 -13.47 56.04
C ILE F 58 10.51 -12.66 54.90
N GLY F 59 10.35 -11.35 54.91
CA GLY F 59 11.01 -10.53 53.91
C GLY F 59 10.81 -9.06 54.16
N GLU F 60 11.41 -8.26 53.29
CA GLU F 60 11.24 -6.82 53.36
C GLU F 60 10.54 -6.27 52.12
N VAL F 61 9.81 -5.19 52.32
CA VAL F 61 9.21 -4.43 51.24
C VAL F 61 10.09 -3.22 51.00
N LYS F 62 10.51 -3.04 49.74
CA LYS F 62 11.25 -1.86 49.32
C LYS F 62 10.45 -1.01 48.34
N VAL F 63 10.90 0.21 48.16
CA VAL F 63 10.33 1.12 47.17
C VAL F 63 10.26 0.41 45.83
N ALA F 64 11.33 -0.30 45.48
CA ALA F 64 11.42 -1.10 44.25
C ALA F 64 10.23 -2.02 44.02
N ASN F 65 9.76 -2.66 45.08
CA ASN F 65 8.59 -3.54 44.98
C ASN F 65 7.32 -2.77 44.65
N VAL F 66 7.17 -1.56 45.18
CA VAL F 66 5.96 -0.76 44.93
C VAL F 66 5.91 -0.25 43.49
N ILE F 67 6.99 0.38 43.04
CA ILE F 67 7.06 0.91 41.68
C ILE F 67 7.26 -0.19 40.62
N GLY F 68 7.77 -1.35 41.01
CA GLY F 68 8.11 -2.44 40.07
C GLY F 68 7.10 -3.59 39.96
N GLY F 69 5.82 -3.30 40.14
CA GLY F 69 4.78 -4.31 40.01
C GLY F 69 4.89 -5.48 40.97
N MET F 70 5.30 -5.21 42.20
CA MET F 70 5.44 -6.23 43.24
C MET F 70 6.52 -7.29 42.94
N ARG F 71 7.41 -7.04 41.97
CA ARG F 71 8.37 -8.06 41.60
C ARG F 71 9.23 -8.48 42.77
N GLY F 72 9.38 -9.81 42.92
CA GLY F 72 10.22 -10.36 43.99
C GLY F 72 9.53 -10.47 45.34
N LEU F 73 8.31 -9.95 45.44
CA LEU F 73 7.63 -9.88 46.72
C LEU F 73 6.80 -11.15 46.93
N LYS F 74 7.25 -11.98 47.86
CA LYS F 74 6.62 -13.24 48.19
C LYS F 74 5.38 -12.91 49.01
N SER F 75 4.21 -12.84 48.36
CA SER F 75 3.04 -12.25 48.98
C SER F 75 1.69 -12.92 48.70
N MET F 76 1.72 -14.11 48.11
CA MET F 76 0.50 -14.83 47.79
C MET F 76 0.74 -16.32 47.84
N LEU F 77 -0.35 -17.04 47.98
CA LEU F 77 -0.34 -18.47 48.17
C LEU F 77 -0.69 -19.17 46.86
N TRP F 78 0.06 -20.22 46.54
CA TRP F 78 -0.22 -21.10 45.39
C TRP F 78 0.31 -22.48 45.71
N GLU F 79 -0.58 -23.47 45.77
CA GLU F 79 -0.27 -24.79 46.32
C GLU F 79 0.32 -25.81 45.33
N GLY F 80 -0.17 -25.82 44.11
CA GLY F 80 0.10 -26.93 43.19
C GLY F 80 1.43 -26.91 42.46
N SER F 81 2.07 -25.75 42.36
CA SER F 81 3.27 -25.62 41.58
C SER F 81 4.26 -24.63 42.22
N VAL F 82 5.53 -25.00 42.16
CA VAL F 82 6.65 -24.26 42.74
C VAL F 82 7.80 -24.33 41.76
N LEU F 83 8.41 -23.18 41.48
CA LEU F 83 9.53 -23.11 40.56
C LEU F 83 10.83 -23.43 41.30
N ASP F 84 11.48 -24.50 40.89
CA ASP F 84 12.82 -24.86 41.37
C ASP F 84 13.88 -24.24 40.47
N PRO F 85 14.78 -23.43 41.04
CA PRO F 85 15.79 -22.75 40.19
C PRO F 85 16.73 -23.68 39.40
N GLU F 86 16.88 -24.94 39.81
CA GLU F 86 17.68 -25.88 39.03
C GLU F 86 16.84 -26.74 38.09
N GLU F 87 15.72 -27.28 38.60
CA GLU F 87 14.93 -28.26 37.85
C GLU F 87 13.70 -27.70 37.13
N GLY F 88 13.43 -26.42 37.31
CA GLY F 88 12.27 -25.79 36.68
C GLY F 88 10.99 -26.07 37.47
N ILE F 89 9.86 -25.89 36.80
CA ILE F 89 8.58 -25.93 37.48
C ILE F 89 8.32 -27.35 37.96
N ARG F 90 7.87 -27.47 39.19
CA ARG F 90 7.50 -28.75 39.76
C ARG F 90 6.09 -28.75 40.30
N PHE F 91 5.40 -29.88 40.12
CA PHE F 91 4.03 -30.04 40.58
C PHE F 91 3.98 -31.00 41.75
N HIS F 92 3.70 -30.50 42.95
CA HIS F 92 3.78 -31.34 44.17
C HIS F 92 5.13 -32.06 44.25
N GLY F 93 6.19 -31.32 43.92
CA GLY F 93 7.54 -31.86 43.97
C GLY F 93 7.98 -32.65 42.76
N LYS F 94 7.08 -32.94 41.83
CA LYS F 94 7.41 -33.73 40.66
C LYS F 94 7.86 -32.88 39.48
N THR F 95 8.97 -33.28 38.87
CA THR F 95 9.50 -32.65 37.67
C THR F 95 8.60 -32.99 36.50
N ILE F 96 8.81 -32.29 35.41
CA ILE F 96 8.18 -32.62 34.14
C ILE F 96 8.44 -34.07 33.74
N LYS F 97 9.69 -34.49 33.85
CA LYS F 97 10.10 -35.85 33.55
C LYS F 97 9.39 -36.86 34.43
N ASP F 98 9.22 -36.58 35.72
CA ASP F 98 8.49 -37.47 36.61
C ASP F 98 7.03 -37.59 36.11
N CYS F 99 6.43 -36.47 35.71
CA CYS F 99 5.02 -36.46 35.29
C CYS F 99 4.83 -37.29 34.03
N GLN F 100 5.75 -37.12 33.06
CA GLN F 100 5.73 -37.91 31.83
C GLN F 100 5.81 -39.42 32.10
N LYS F 101 6.59 -39.80 33.11
CA LYS F 101 6.73 -41.18 33.47
C LYS F 101 5.49 -41.71 34.22
N GLU F 102 4.98 -40.94 35.18
CA GLU F 102 4.01 -41.46 36.14
C GLU F 102 2.55 -41.24 35.74
N LEU F 103 2.24 -40.19 34.97
CA LEU F 103 0.84 -39.84 34.72
C LEU F 103 0.24 -40.74 33.65
N PRO F 104 -0.98 -41.20 33.84
CA PRO F 104 -1.61 -42.00 32.80
C PRO F 104 -1.71 -41.30 31.44
N LYS F 105 -1.82 -42.12 30.41
CA LYS F 105 -1.85 -41.70 29.03
C LYS F 105 -3.22 -42.07 28.49
N GLY F 106 -3.45 -41.68 27.24
CA GLY F 106 -4.69 -42.02 26.57
C GLY F 106 -4.74 -43.48 26.16
N THR F 107 -5.88 -43.89 25.61
CA THR F 107 -6.03 -45.27 25.13
C THR F 107 -5.05 -45.58 23.98
N SER F 108 -4.67 -44.56 23.22
CA SER F 108 -3.52 -44.61 22.34
C SER F 108 -2.65 -43.39 22.59
N GLY F 109 -1.38 -43.46 22.22
CA GLY F 109 -0.51 -42.28 22.36
C GLY F 109 0.58 -42.44 23.41
N THR F 110 1.61 -41.62 23.28
CA THR F 110 2.78 -41.65 24.13
C THR F 110 2.80 -40.57 25.21
N GLU F 111 1.85 -39.64 25.22
CA GLU F 111 1.98 -38.49 26.13
C GLU F 111 0.99 -38.49 27.28
N MET F 112 1.43 -37.89 28.38
CA MET F 112 0.61 -37.68 29.58
C MET F 112 -0.64 -36.86 29.27
N LEU F 113 -1.71 -37.15 29.99
CA LEU F 113 -2.97 -36.47 29.78
C LEU F 113 -3.12 -35.27 30.70
N PRO F 114 -3.60 -34.14 30.15
CA PRO F 114 -3.90 -32.98 30.97
C PRO F 114 -4.90 -33.28 32.08
N GLU F 115 -5.85 -34.18 31.85
CA GLU F 115 -6.82 -34.57 32.91
C GLU F 115 -6.10 -35.18 34.10
N ALA F 116 -5.09 -36.01 33.81
CA ALA F 116 -4.26 -36.60 34.86
C ALA F 116 -3.45 -35.56 35.62
N MET F 117 -2.92 -34.58 34.89
CA MET F 117 -2.20 -33.46 35.48
C MET F 117 -3.13 -32.69 36.40
N PHE F 118 -4.37 -32.47 35.95
CA PHE F 118 -5.35 -31.79 36.79
C PHE F 118 -5.58 -32.56 38.07
N TRP F 119 -5.69 -33.88 37.97
CA TRP F 119 -5.93 -34.74 39.16
C TRP F 119 -4.80 -34.53 40.16
N LEU F 120 -3.57 -34.59 39.65
CA LEU F 120 -2.36 -34.39 40.46
C LEU F 120 -2.34 -33.04 41.11
N LEU F 121 -2.58 -32.00 40.34
CA LEU F 121 -2.54 -30.65 40.87
C LEU F 121 -3.52 -30.51 42.04
N LEU F 122 -4.72 -31.05 41.85
CA LEU F 122 -5.80 -30.87 42.81
C LEU F 122 -5.61 -31.70 44.09
N THR F 123 -5.25 -32.96 43.95
CA THR F 123 -5.20 -33.91 45.06
C THR F 123 -3.84 -34.10 45.70
N GLY F 124 -2.79 -33.73 44.96
CA GLY F 124 -1.42 -34.09 45.33
C GLY F 124 -1.03 -35.53 45.04
N GLN F 125 -1.86 -36.25 44.30
CA GLN F 125 -1.73 -37.69 44.12
C GLN F 125 -1.83 -38.04 42.64
N VAL F 126 -1.08 -39.07 42.24
CA VAL F 126 -1.13 -39.61 40.89
C VAL F 126 -2.32 -40.56 40.80
N PRO F 127 -3.27 -40.30 39.88
CA PRO F 127 -4.40 -41.22 39.76
C PRO F 127 -4.04 -42.49 39.01
N SER F 128 -4.83 -43.54 39.22
CA SER F 128 -4.74 -44.73 38.40
C SER F 128 -5.30 -44.43 36.99
N THR F 129 -4.91 -45.22 36.02
CA THR F 129 -5.45 -45.15 34.67
C THR F 129 -6.98 -45.22 34.69
N ASN F 130 -7.53 -46.11 35.50
CA ASN F 130 -8.98 -46.28 35.64
C ASN F 130 -9.69 -45.02 36.16
N GLN F 131 -9.09 -44.38 37.16
CA GLN F 131 -9.64 -43.10 37.66
C GLN F 131 -9.65 -42.00 36.58
N VAL F 132 -8.61 -41.95 35.78
CA VAL F 132 -8.53 -40.98 34.69
C VAL F 132 -9.59 -41.26 33.61
N ARG F 133 -9.74 -42.54 33.24
CA ARG F 133 -10.77 -42.92 32.26
C ARG F 133 -12.16 -42.42 32.68
N ALA F 134 -12.47 -42.59 33.96
CA ALA F 134 -13.77 -42.17 34.47
C ALA F 134 -13.89 -40.64 34.49
N PHE F 135 -12.81 -39.95 34.84
CA PHE F 135 -12.80 -38.48 34.81
C PHE F 135 -12.99 -37.94 33.39
N SER F 136 -12.27 -38.53 32.43
CA SER F 136 -12.44 -38.15 31.02
C SER F 136 -13.89 -38.30 30.53
N ARG F 137 -14.55 -39.36 30.98
CA ARG F 137 -15.95 -39.61 30.60
C ARG F 137 -16.85 -38.50 31.19
N GLU F 138 -16.64 -38.17 32.45
CA GLU F 138 -17.33 -37.04 33.09
C GLU F 138 -17.12 -35.74 32.29
N LEU F 139 -15.88 -35.49 31.87
CA LEU F 139 -15.62 -34.28 31.12
C LEU F 139 -16.36 -34.30 29.77
N ALA F 140 -16.38 -35.42 29.11
CA ALA F 140 -17.07 -35.54 27.81
C ALA F 140 -18.58 -35.32 27.94
N GLU F 141 -19.17 -35.85 29.01
CA GLU F 141 -20.60 -35.70 29.27
C GLU F 141 -21.03 -34.25 29.56
N GLN F 142 -20.12 -33.43 30.08
CA GLN F 142 -20.43 -32.07 30.42
C GLN F 142 -20.01 -31.05 29.36
N SER F 143 -19.59 -31.48 28.20
CA SER F 143 -19.00 -30.58 27.19
C SER F 143 -19.95 -29.68 26.40
N HIS F 144 -21.26 -30.03 26.39
CA HIS F 144 -22.24 -29.28 25.61
C HIS F 144 -22.56 -27.93 26.21
N LEU F 145 -23.00 -27.01 25.34
CA LEU F 145 -23.23 -25.66 25.70
C LEU F 145 -24.68 -25.29 25.61
N PRO F 146 -25.14 -24.41 26.49
CA PRO F 146 -26.46 -23.81 26.33
C PRO F 146 -26.58 -22.96 25.08
N GLN F 147 -27.80 -22.90 24.54
CA GLN F 147 -28.06 -22.22 23.27
C GLN F 147 -27.62 -20.76 23.31
N HIS F 148 -27.79 -20.06 24.45
CA HIS F 148 -27.43 -18.64 24.48
C HIS F 148 -25.94 -18.37 24.25
N ILE F 149 -25.09 -19.31 24.62
CA ILE F 149 -23.66 -19.22 24.37
C ILE F 149 -23.36 -19.31 22.86
N LEU F 150 -24.01 -20.23 22.17
CA LEU F 150 -23.89 -20.28 20.72
C LEU F 150 -24.39 -19.00 20.05
N ASP F 151 -25.54 -18.50 20.50
CA ASP F 151 -26.08 -17.23 19.97
C ASP F 151 -25.11 -16.08 20.23
N LEU F 152 -24.52 -16.07 21.40
CA LEU F 152 -23.57 -15.04 21.77
C LEU F 152 -22.36 -15.06 20.85
N ILE F 153 -21.81 -16.24 20.59
CA ILE F 153 -20.65 -16.37 19.73
C ILE F 153 -20.96 -15.96 18.28
N LYS F 154 -22.14 -16.28 17.81
CA LYS F 154 -22.59 -15.83 16.47
C LYS F 154 -22.78 -14.34 16.34
N SER F 155 -22.99 -13.63 17.45
CA SER F 155 -23.06 -12.17 17.42
C SER F 155 -21.70 -11.48 17.18
N PHE F 156 -20.59 -12.17 17.45
CA PHE F 156 -19.27 -11.56 17.37
C PHE F 156 -18.91 -11.18 15.94
N PRO F 157 -18.42 -9.95 15.73
CA PRO F 157 -17.86 -9.65 14.40
C PRO F 157 -16.67 -10.52 14.09
N ARG F 158 -16.47 -10.81 12.82
CA ARG F 158 -15.33 -11.59 12.34
C ARG F 158 -14.01 -11.03 12.80
N SER F 159 -13.92 -9.70 12.92
CA SER F 159 -12.69 -9.04 13.35
C SER F 159 -12.46 -9.00 14.89
N MET F 160 -13.39 -9.50 15.71
CA MET F 160 -13.19 -9.48 17.14
C MET F 160 -12.02 -10.40 17.44
N HIS F 161 -11.09 -9.88 18.22
CA HIS F 161 -9.91 -10.64 18.58
C HIS F 161 -10.34 -11.96 19.28
N PRO F 162 -9.69 -13.07 18.91
CA PRO F 162 -10.00 -14.39 19.46
C PRO F 162 -9.97 -14.49 20.98
N MET F 163 -9.06 -13.79 21.62
CA MET F 163 -8.99 -13.79 23.10
C MET F 163 -10.09 -12.95 23.74
N THR F 164 -10.55 -11.93 23.04
CA THR F 164 -11.74 -11.22 23.50
C THR F 164 -12.98 -12.16 23.45
N GLN F 165 -13.08 -12.92 22.35
CA GLN F 165 -14.16 -13.89 22.17
C GLN F 165 -14.17 -14.94 23.29
N LEU F 166 -13.00 -15.54 23.50
CA LEU F 166 -12.87 -16.58 24.48
C LEU F 166 -13.20 -16.06 25.87
N SER F 167 -12.64 -14.92 26.26
CA SER F 167 -12.93 -14.34 27.58
C SER F 167 -14.41 -14.11 27.83
N ILE F 168 -15.08 -13.55 26.85
CA ILE F 168 -16.49 -13.20 26.97
C ILE F 168 -17.36 -14.43 27.11
N ALA F 169 -17.09 -15.44 26.27
CA ALA F 169 -17.91 -16.63 26.23
C ALA F 169 -17.78 -17.39 27.57
N VAL F 170 -16.56 -17.42 28.12
CA VAL F 170 -16.33 -18.05 29.40
C VAL F 170 -17.07 -17.30 30.50
N ALA F 171 -17.02 -15.98 30.50
CA ALA F 171 -17.83 -15.23 31.48
C ALA F 171 -19.31 -15.51 31.33
N ALA F 172 -19.80 -15.59 30.09
CA ALA F 172 -21.23 -15.80 29.83
C ALA F 172 -21.76 -17.11 30.42
N LEU F 173 -20.86 -18.07 30.59
CA LEU F 173 -21.19 -19.36 31.18
C LEU F 173 -21.50 -19.29 32.66
N ASN F 174 -21.29 -18.13 33.29
CA ASN F 174 -21.73 -17.90 34.67
C ASN F 174 -23.24 -18.10 34.89
N THR F 175 -24.04 -18.05 33.81
CA THR F 175 -25.44 -18.49 33.93
C THR F 175 -25.56 -19.92 34.47
N GLU F 176 -24.53 -20.74 34.25
CA GLU F 176 -24.52 -22.14 34.73
C GLU F 176 -23.86 -22.35 36.09
N SER F 177 -23.59 -21.27 36.83
CA SER F 177 -22.81 -21.37 38.03
C SER F 177 -23.61 -21.88 39.18
N LYS F 178 -23.21 -23.03 39.67
CA LYS F 178 -23.75 -23.56 40.93
C LYS F 178 -23.28 -22.75 42.13
N PHE F 179 -22.05 -22.24 42.11
CA PHE F 179 -21.57 -21.48 43.25
C PHE F 179 -22.37 -20.19 43.40
N ALA F 180 -22.56 -19.45 42.32
CA ALA F 180 -23.29 -18.19 42.39
C ALA F 180 -24.68 -18.38 42.98
N LYS F 181 -25.39 -19.40 42.52
CA LYS F 181 -26.75 -19.67 43.00
C LYS F 181 -26.78 -20.16 44.44
N ALA F 182 -25.87 -21.06 44.78
CA ALA F 182 -25.80 -21.57 46.14
C ALA F 182 -25.40 -20.47 47.14
N TYR F 183 -24.47 -19.59 46.76
CA TYR F 183 -24.08 -18.46 47.63
C TYR F 183 -25.26 -17.52 47.89
N GLU F 184 -26.01 -17.23 46.83
CA GLU F 184 -27.18 -16.35 46.90
C GLU F 184 -28.25 -16.92 47.85
N LYS F 185 -28.43 -18.23 47.80
CA LYS F 185 -29.43 -18.93 48.61
C LYS F 185 -29.06 -19.01 50.07
N GLY F 186 -27.76 -18.90 50.38
CA GLY F 186 -27.26 -19.05 51.74
C GLY F 186 -26.55 -20.38 51.77
N LEU F 187 -25.25 -20.35 52.04
CA LEU F 187 -24.40 -21.52 51.98
C LEU F 187 -23.30 -21.28 52.98
N SER F 188 -22.96 -22.33 53.74
CA SER F 188 -21.97 -22.18 54.80
C SER F 188 -20.55 -22.19 54.23
N LYS F 189 -19.70 -21.34 54.80
CA LYS F 189 -18.30 -21.17 54.42
C LYS F 189 -17.57 -22.47 54.18
N ALA F 190 -17.80 -23.43 55.05
CA ALA F 190 -17.16 -24.75 55.02
C ALA F 190 -17.49 -25.58 53.76
N ASP F 191 -18.62 -25.26 53.12
CA ASP F 191 -19.04 -25.91 51.89
C ASP F 191 -18.79 -25.10 50.60
N TYR F 192 -18.15 -23.93 50.69
CA TYR F 192 -17.90 -23.13 49.48
C TYR F 192 -17.18 -23.95 48.41
N TRP F 193 -16.27 -24.83 48.81
CA TRP F 193 -15.42 -25.55 47.86
C TRP F 193 -16.18 -26.48 46.91
N GLU F 194 -17.29 -27.02 47.37
CA GLU F 194 -17.97 -28.05 46.61
C GLU F 194 -18.66 -27.55 45.30
N PRO F 195 -19.52 -26.52 45.38
CA PRO F 195 -20.00 -25.91 44.16
C PRO F 195 -18.88 -25.26 43.33
N THR F 196 -17.86 -24.73 43.99
CA THR F 196 -16.65 -24.26 43.29
C THR F 196 -16.01 -25.39 42.45
N PHE F 197 -15.93 -26.58 43.04
CA PHE F 197 -15.42 -27.72 42.30
C PHE F 197 -16.33 -28.06 41.12
N ASP F 198 -17.64 -28.11 41.34
CA ASP F 198 -18.59 -28.49 40.28
C ASP F 198 -18.48 -27.50 39.11
N ASP F 199 -18.44 -26.21 39.40
CA ASP F 199 -18.30 -25.19 38.35
C ASP F 199 -16.98 -25.32 37.59
N SER F 200 -15.89 -25.61 38.30
CA SER F 200 -14.57 -25.80 37.70
C SER F 200 -14.55 -26.97 36.69
N ILE F 201 -15.15 -28.09 37.06
CA ILE F 201 -15.24 -29.23 36.15
C ILE F 201 -16.10 -28.90 34.95
N SER F 202 -17.22 -28.21 35.21
CA SER F 202 -18.10 -27.77 34.15
C SER F 202 -17.36 -26.86 33.13
N LEU F 203 -16.65 -25.86 33.65
CA LEU F 203 -15.84 -24.97 32.79
C LEU F 203 -14.78 -25.73 32.00
N LEU F 204 -14.08 -26.63 32.67
CA LEU F 204 -13.05 -27.40 32.02
C LEU F 204 -13.61 -28.25 30.90
N ALA F 205 -14.76 -28.86 31.14
CA ALA F 205 -15.40 -29.70 30.14
C ALA F 205 -15.81 -28.88 28.91
N LYS F 206 -16.29 -27.66 29.15
CA LYS F 206 -16.80 -26.81 28.08
C LYS F 206 -15.78 -26.00 27.29
N ILE F 207 -14.68 -25.63 27.93
CA ILE F 207 -13.77 -24.66 27.32
C ILE F 207 -13.15 -25.09 25.99
N PRO F 208 -12.82 -26.38 25.79
CA PRO F 208 -12.32 -26.80 24.44
C PRO F 208 -13.34 -26.53 23.34
N ARG F 209 -14.59 -26.79 23.64
CA ARG F 209 -15.64 -26.55 22.66
C ARG F 209 -15.77 -25.04 22.39
N VAL F 210 -15.73 -24.22 23.44
CA VAL F 210 -15.77 -22.78 23.24
C VAL F 210 -14.57 -22.34 22.37
N ALA F 211 -13.38 -22.82 22.71
CA ALA F 211 -12.19 -22.53 21.92
C ALA F 211 -12.35 -22.96 20.46
N ALA F 212 -12.95 -24.12 20.21
CA ALA F 212 -13.15 -24.58 18.83
C ALA F 212 -14.10 -23.65 18.07
N LEU F 213 -15.10 -23.12 18.77
CA LEU F 213 -16.03 -22.18 18.12
C LEU F 213 -15.33 -20.88 17.76
N VAL F 214 -14.35 -20.48 18.56
CA VAL F 214 -13.54 -19.31 18.25
C VAL F 214 -12.68 -19.59 17.01
N PHE F 215 -12.05 -20.76 16.96
CA PHE F 215 -11.29 -21.22 15.78
C PHE F 215 -12.11 -21.37 14.51
N ARG F 216 -13.39 -21.75 14.63
CA ARG F 216 -14.24 -22.08 13.47
C ARG F 216 -15.54 -21.25 13.43
N PRO F 217 -15.43 -19.92 13.26
CA PRO F 217 -16.59 -19.02 13.39
C PRO F 217 -17.68 -19.21 12.36
N ASP F 218 -17.36 -19.82 11.22
CA ASP F 218 -18.37 -20.12 10.19
C ASP F 218 -19.18 -21.38 10.44
N GLU F 219 -18.84 -22.13 11.48
CA GLU F 219 -19.43 -23.46 11.70
C GLU F 219 -20.01 -23.64 13.10
N VAL F 220 -20.55 -22.57 13.68
CA VAL F 220 -20.98 -22.61 15.06
C VAL F 220 -22.10 -23.60 15.31
N ASP F 221 -23.07 -23.67 14.43
CA ASP F 221 -24.24 -24.58 14.65
C ASP F 221 -23.82 -26.03 14.70
N GLN F 222 -22.98 -26.42 13.74
CA GLN F 222 -22.44 -27.77 13.71
C GLN F 222 -21.41 -28.07 14.81
N VAL F 223 -20.37 -27.25 14.93
CA VAL F 223 -19.32 -27.50 15.93
C VAL F 223 -19.88 -27.37 17.36
N GLY F 224 -20.82 -26.43 17.52
CA GLY F 224 -21.43 -26.13 18.79
C GLY F 224 -22.28 -27.24 19.41
N THR F 225 -22.77 -28.15 18.56
CA THR F 225 -23.61 -29.28 18.98
C THR F 225 -23.02 -30.66 18.67
N GLN F 226 -21.93 -30.72 17.93
CA GLN F 226 -21.24 -31.96 17.59
C GLN F 226 -21.01 -32.87 18.83
N ALA F 227 -21.39 -34.14 18.70
CA ALA F 227 -21.25 -35.12 19.76
C ALA F 227 -19.80 -35.53 19.92
N LEU F 228 -19.43 -35.85 21.15
CA LEU F 228 -18.11 -36.38 21.45
C LEU F 228 -18.14 -37.86 21.71
N ASP F 229 -17.07 -38.55 21.35
CA ASP F 229 -16.86 -39.92 21.83
C ASP F 229 -16.57 -39.82 23.33
N ALA F 230 -17.50 -40.29 24.14
CA ALA F 230 -17.36 -40.19 25.60
C ALA F 230 -16.32 -41.17 26.23
N SER F 231 -15.74 -42.05 25.41
CA SER F 231 -14.64 -42.89 25.87
C SER F 231 -13.27 -42.30 25.55
N GLN F 232 -13.22 -41.14 24.86
CA GLN F 232 -11.94 -40.49 24.55
C GLN F 232 -11.53 -39.40 25.53
N ASP F 233 -10.25 -39.05 25.46
CA ASP F 233 -9.70 -38.07 26.36
C ASP F 233 -9.98 -36.64 25.89
N TRP F 234 -9.84 -35.71 26.82
CA TRP F 234 -10.17 -34.29 26.70
C TRP F 234 -9.47 -33.62 25.51
N SER F 235 -8.19 -33.91 25.35
CA SER F 235 -7.39 -33.41 24.23
C SER F 235 -7.84 -33.99 22.92
N TYR F 236 -8.13 -35.29 22.91
CA TYR F 236 -8.60 -35.95 21.68
C TYR F 236 -9.89 -35.28 21.25
N ASN F 237 -10.78 -35.11 22.19
CA ASN F 237 -12.07 -34.51 21.89
C ASN F 237 -11.95 -33.04 21.46
N PHE F 238 -11.01 -32.32 22.03
CA PHE F 238 -10.70 -30.97 21.58
C PHE F 238 -10.25 -30.99 20.12
N ALA F 239 -9.32 -31.87 19.80
CA ALA F 239 -8.86 -32.06 18.41
C ALA F 239 -9.99 -32.40 17.43
N GLU F 240 -10.89 -33.26 17.85
CA GLU F 240 -12.07 -33.60 17.06
C GLU F 240 -12.93 -32.33 16.76
N LEU F 241 -13.15 -31.50 17.78
CA LEU F 241 -13.92 -30.26 17.59
C LEU F 241 -13.20 -29.24 16.70
N LEU F 242 -11.87 -29.32 16.66
CA LEU F 242 -11.09 -28.49 15.76
C LEU F 242 -11.01 -29.02 14.34
N GLY F 243 -11.63 -30.16 14.07
CA GLY F 243 -11.62 -30.76 12.74
C GLY F 243 -10.44 -31.69 12.50
N LYS F 244 -9.76 -32.12 13.56
CA LYS F 244 -8.56 -32.94 13.47
C LYS F 244 -8.63 -34.20 14.31
N GLY F 245 -9.78 -34.87 14.27
CA GLY F 245 -9.96 -36.18 14.91
C GLY F 245 -9.45 -37.31 14.01
N GLY F 246 -9.62 -38.55 14.46
CA GLY F 246 -9.25 -39.75 13.71
C GLY F 246 -7.81 -40.21 13.82
N LYS F 247 -7.55 -41.46 13.42
CA LYS F 247 -6.22 -42.11 13.54
C LYS F 247 -5.10 -41.41 12.76
N GLU F 248 -5.41 -40.75 11.65
CA GLU F 248 -4.43 -40.01 10.87
C GLU F 248 -3.86 -38.76 11.58
N ASN F 249 -4.52 -38.30 12.65
CA ASN F 249 -4.07 -37.14 13.41
C ASN F 249 -3.53 -37.52 14.80
N GLN F 250 -3.11 -38.78 14.97
CA GLN F 250 -2.75 -39.24 16.31
C GLN F 250 -1.51 -38.57 16.90
N ASP F 251 -0.57 -38.14 16.08
CA ASP F 251 0.60 -37.42 16.57
C ASP F 251 0.18 -36.05 17.11
N PHE F 252 -0.69 -35.35 16.38
CA PHE F 252 -1.20 -34.08 16.85
C PHE F 252 -1.92 -34.25 18.17
N HIS F 253 -2.64 -35.34 18.33
CA HIS F 253 -3.32 -35.62 19.60
C HIS F 253 -2.31 -35.66 20.76
N ASP F 254 -1.20 -36.34 20.52
CA ASP F 254 -0.13 -36.39 21.52
C ASP F 254 0.49 -35.03 21.76
N LEU F 255 0.75 -34.26 20.70
CA LEU F 255 1.29 -32.90 20.88
C LEU F 255 0.34 -32.09 21.76
N LEU F 256 -0.94 -32.16 21.41
CA LEU F 256 -1.93 -31.36 22.12
C LEU F 256 -2.06 -31.77 23.59
N ARG F 257 -2.06 -33.07 23.85
CA ARG F 257 -2.05 -33.53 25.25
C ARG F 257 -0.87 -32.97 26.01
N LEU F 258 0.31 -33.06 25.39
CA LEU F 258 1.54 -32.63 26.04
C LEU F 258 1.52 -31.14 26.31
N TYR F 259 1.15 -30.38 25.30
CA TYR F 259 1.06 -28.93 25.40
C TYR F 259 0.12 -28.49 26.51
N LEU F 260 -1.09 -29.06 26.52
CA LEU F 260 -2.11 -28.69 27.49
C LEU F 260 -1.67 -29.05 28.90
N ALA F 261 -1.02 -30.20 29.05
CA ALA F 261 -0.49 -30.60 30.35
C ALA F 261 0.66 -29.72 30.84
N LEU F 262 1.59 -29.38 29.94
CA LEU F 262 2.77 -28.58 30.31
C LEU F 262 2.44 -27.16 30.75
N HIS F 263 1.40 -26.56 30.16
CA HIS F 263 1.11 -25.14 30.39
C HIS F 263 0.03 -24.90 31.43
N GLY F 264 -0.46 -25.98 32.04
CA GLY F 264 -1.58 -25.90 32.98
C GLY F 264 -1.39 -24.97 34.17
N ASP F 265 -0.19 -25.02 34.74
CA ASP F 265 0.09 -24.23 35.94
C ASP F 265 1.56 -23.84 36.01
N HIS F 266 1.83 -22.66 36.52
CA HIS F 266 3.18 -22.16 36.69
C HIS F 266 3.24 -21.07 37.76
N GLU F 267 2.95 -21.47 38.98
CA GLU F 267 2.88 -20.58 40.17
C GLU F 267 1.73 -19.57 40.09
N GLY F 268 1.62 -18.73 41.12
CA GLY F 268 0.52 -17.78 41.23
C GLY F 268 0.79 -16.41 40.67
N GLY F 269 2.04 -16.09 40.37
CA GLY F 269 2.43 -14.72 40.04
C GLY F 269 2.14 -14.22 38.64
N ASN F 270 1.99 -15.16 37.70
CA ASN F 270 1.69 -14.78 36.32
C ASN F 270 0.27 -14.16 36.30
N VAL F 271 0.01 -13.30 35.35
CA VAL F 271 -1.19 -12.47 35.38
C VAL F 271 -2.50 -13.26 35.31
N SER F 272 -2.54 -14.36 34.54
CA SER F 272 -3.77 -15.12 34.36
C SER F 272 -4.10 -15.88 35.64
N ALA F 273 -3.10 -16.52 36.24
CA ALA F 273 -3.28 -17.20 37.52
C ALA F 273 -3.69 -16.21 38.60
N HIS F 274 -2.96 -15.10 38.69
CA HIS F 274 -3.19 -14.13 39.74
C HIS F 274 -4.57 -13.47 39.59
N ALA F 275 -4.93 -13.07 38.39
CA ALA F 275 -6.21 -12.39 38.16
C ALA F 275 -7.37 -13.32 38.50
N THR F 276 -7.24 -14.60 38.17
CA THR F 276 -8.26 -15.57 38.53
C THR F 276 -8.39 -15.67 40.05
N HIS F 277 -7.27 -15.74 40.75
CA HIS F 277 -7.31 -15.76 42.21
C HIS F 277 -7.93 -14.48 42.80
N LEU F 278 -7.58 -13.35 42.22
CA LEU F 278 -7.96 -12.04 42.73
C LEU F 278 -9.47 -11.83 42.62
N VAL F 279 -10.01 -12.06 41.43
CA VAL F 279 -11.45 -11.91 41.21
C VAL F 279 -12.22 -12.99 42.00
N GLY F 280 -11.68 -14.19 42.03
CA GLY F 280 -12.26 -15.26 42.85
C GLY F 280 -12.31 -14.96 44.33
N SER F 281 -11.38 -14.15 44.82
CA SER F 281 -11.26 -13.87 46.23
C SER F 281 -12.40 -12.97 46.72
N ALA F 282 -13.05 -12.27 45.78
CA ALA F 282 -14.28 -11.54 46.11
C ALA F 282 -15.53 -12.43 46.08
N LEU F 283 -15.32 -13.74 45.85
CA LEU F 283 -16.36 -14.77 45.75
C LEU F 283 -17.15 -14.70 44.44
N SER F 284 -16.57 -14.07 43.42
CA SER F 284 -17.02 -14.32 42.08
C SER F 284 -16.74 -15.80 41.74
N ASP F 285 -17.65 -16.40 40.99
CA ASP F 285 -17.57 -17.83 40.68
C ASP F 285 -16.43 -18.14 39.68
N PRO F 286 -16.18 -19.43 39.43
CA PRO F 286 -15.06 -19.74 38.56
C PRO F 286 -15.19 -19.28 37.12
N PHE F 287 -16.41 -19.13 36.62
CA PHE F 287 -16.57 -18.65 35.24
C PHE F 287 -16.15 -17.19 35.14
N LEU F 288 -16.65 -16.36 36.05
CA LEU F 288 -16.25 -14.96 36.08
C LEU F 288 -14.77 -14.82 36.37
N SER F 289 -14.28 -15.62 37.30
CA SER F 289 -12.89 -15.53 37.72
C SER F 289 -11.94 -15.92 36.62
N TYR F 290 -12.16 -17.05 35.96
CA TYR F 290 -11.21 -17.43 34.89
C TYR F 290 -11.35 -16.51 33.65
N SER F 291 -12.54 -15.92 33.45
CA SER F 291 -12.65 -14.90 32.41
C SER F 291 -11.68 -13.77 32.67
N ALA F 292 -11.57 -13.33 33.91
CA ALA F 292 -10.60 -12.26 34.24
C ALA F 292 -9.18 -12.74 33.95
N GLY F 293 -8.92 -13.99 34.29
CA GLY F 293 -7.66 -14.62 33.92
C GLY F 293 -7.36 -14.54 32.43
N LEU F 294 -8.35 -14.87 31.62
CA LEU F 294 -8.20 -14.84 30.18
C LEU F 294 -7.99 -13.43 29.63
N LEU F 295 -8.65 -12.44 30.23
CA LEU F 295 -8.45 -11.03 29.85
C LEU F 295 -7.00 -10.60 30.10
N GLY F 296 -6.40 -11.16 31.14
CA GLY F 296 -4.98 -11.00 31.41
C GLY F 296 -4.10 -11.71 30.41
N LEU F 297 -4.46 -12.93 30.08
CA LEU F 297 -3.72 -13.70 29.06
C LEU F 297 -3.82 -13.04 27.70
N ALA F 298 -4.87 -12.25 27.48
CA ALA F 298 -5.01 -11.51 26.25
C ALA F 298 -3.98 -10.38 26.11
N GLY F 299 -3.31 -10.03 27.20
CA GLY F 299 -2.37 -8.92 27.17
C GLY F 299 -1.10 -9.28 26.42
N PRO F 300 -0.57 -8.37 25.60
CA PRO F 300 0.66 -8.66 24.89
C PRO F 300 1.84 -9.12 25.70
N LEU F 301 1.97 -8.63 26.92
CA LEU F 301 3.11 -9.03 27.76
C LEU F 301 2.93 -10.36 28.45
N HIS F 302 1.76 -10.99 28.32
CA HIS F 302 1.53 -12.32 28.93
C HIS F 302 1.37 -13.44 27.90
N GLY F 303 0.54 -13.23 26.90
CA GLY F 303 0.09 -14.37 26.08
C GLY F 303 0.53 -14.43 24.66
N LEU F 304 1.46 -13.59 24.25
CA LEU F 304 1.97 -13.53 22.87
C LEU F 304 3.35 -14.15 22.63
N ALA F 305 4.00 -14.74 23.64
CA ALA F 305 5.36 -15.28 23.48
C ALA F 305 5.49 -16.31 22.36
N ALA F 306 4.56 -17.25 22.28
CA ALA F 306 4.63 -18.30 21.26
C ALA F 306 4.52 -17.74 19.85
N GLN F 307 3.65 -16.76 19.68
CA GLN F 307 3.48 -16.05 18.40
C GLN F 307 4.72 -15.27 18.02
N GLU F 308 5.31 -14.57 18.98
CA GLU F 308 6.51 -13.75 18.76
C GLU F 308 7.64 -14.63 18.29
N VAL F 309 7.83 -15.79 18.91
CA VAL F 309 8.87 -16.72 18.48
C VAL F 309 8.62 -17.19 17.06
N LEU F 310 7.38 -17.56 16.76
CA LEU F 310 7.09 -18.11 15.44
C LEU F 310 7.42 -17.07 14.37
N ARG F 311 6.95 -15.85 14.55
CA ARG F 311 7.23 -14.76 13.61
C ARG F 311 8.72 -14.52 13.42
N TRP F 312 9.46 -14.57 14.52
CA TRP F 312 10.90 -14.34 14.51
C TRP F 312 11.63 -15.47 13.79
N ILE F 313 11.20 -16.70 13.99
CA ILE F 313 11.76 -17.86 13.30
C ILE F 313 11.47 -17.79 11.80
N LEU F 314 10.25 -17.45 11.41
CA LEU F 314 9.90 -17.38 9.98
C LEU F 314 10.66 -16.26 9.28
N ALA F 315 10.84 -15.13 9.96
CA ALA F 315 11.66 -14.03 9.43
C ALA F 315 13.11 -14.44 9.31
N MET F 316 13.62 -15.23 10.26
CA MET F 316 14.98 -15.73 10.16
C MET F 316 15.12 -16.65 8.98
N GLN F 317 14.14 -17.55 8.78
CA GLN F 317 14.16 -18.45 7.64
C GLN F 317 14.17 -17.68 6.31
N ASP F 318 13.39 -16.62 6.25
CA ASP F 318 13.32 -15.79 5.06
C ASP F 318 14.70 -15.21 4.71
N LYS F 319 15.41 -14.73 5.72
CA LYS F 319 16.71 -14.09 5.53
C LYS F 319 17.86 -15.06 5.23
N ILE F 320 17.93 -16.21 5.91
CA ILE F 320 19.05 -17.15 5.69
C ILE F 320 18.74 -18.32 4.73
N GLY F 321 17.48 -18.42 4.30
CA GLY F 321 17.14 -19.26 3.17
C GLY F 321 16.97 -20.71 3.53
N THR F 322 16.92 -21.55 2.49
CA THR F 322 16.80 -23.01 2.62
C THR F 322 18.09 -23.73 3.09
N LYS F 323 19.20 -23.21 2.59
CA LYS F 323 20.52 -23.84 2.83
C LYS F 323 21.41 -22.83 3.52
N PHE F 324 21.71 -23.07 4.78
CA PHE F 324 22.50 -22.13 5.61
C PHE F 324 23.36 -22.93 6.55
N THR F 325 24.45 -22.32 6.97
CA THR F 325 25.37 -22.90 7.95
C THR F 325 25.12 -22.35 9.34
N ASP F 326 25.71 -23.04 10.31
CA ASP F 326 25.73 -22.66 11.71
C ASP F 326 26.24 -21.23 11.86
N ASP F 327 27.30 -20.87 11.14
CA ASP F 327 27.80 -19.49 11.18
C ASP F 327 26.74 -18.46 10.72
N ASP F 328 25.94 -18.79 9.72
CA ASP F 328 24.84 -17.89 9.29
C ASP F 328 23.85 -17.63 10.41
N VAL F 329 23.52 -18.67 11.15
CA VAL F 329 22.65 -18.56 12.34
C VAL F 329 23.32 -17.68 13.41
N ARG F 330 24.59 -17.97 13.69
CA ARG F 330 25.37 -17.16 14.63
C ARG F 330 25.35 -15.67 14.22
N ASN F 331 25.59 -15.43 12.93
CA ASN F 331 25.61 -14.06 12.41
C ASN F 331 24.25 -13.39 12.53
N TYR F 332 23.20 -14.13 12.25
CA TYR F 332 21.86 -13.58 12.34
C TYR F 332 21.53 -13.18 13.78
N LEU F 333 21.94 -14.01 14.73
CA LEU F 333 21.75 -13.71 16.15
C LEU F 333 22.51 -12.45 16.58
N TRP F 334 23.77 -12.36 16.20
CA TRP F 334 24.57 -11.16 16.50
C TRP F 334 23.92 -9.88 15.92
N ASP F 335 23.51 -9.94 14.65
CA ASP F 335 22.82 -8.82 14.00
C ASP F 335 21.59 -8.37 14.76
N THR F 336 20.77 -9.32 15.17
CA THR F 336 19.55 -9.05 15.93
C THR F 336 19.89 -8.30 17.22
N LEU F 337 20.86 -8.83 17.96
CA LEU F 337 21.25 -8.25 19.24
C LEU F 337 21.86 -6.84 19.10
N LYS F 338 22.78 -6.69 18.15
CA LYS F 338 23.43 -5.39 17.88
C LYS F 338 22.42 -4.33 17.46
N SER F 339 21.37 -4.73 16.73
CA SER F 339 20.24 -3.85 16.39
C SER F 339 19.34 -3.48 17.56
N GLY F 340 19.61 -3.99 18.77
CA GLY F 340 18.86 -3.63 19.96
C GLY F 340 17.58 -4.43 20.18
N ARG F 341 17.37 -5.50 19.37
CA ARG F 341 16.23 -6.36 19.55
C ARG F 341 16.61 -7.57 20.45
N VAL F 342 15.59 -8.20 21.03
CA VAL F 342 15.77 -9.45 21.81
C VAL F 342 15.55 -10.71 20.97
N VAL F 343 16.11 -11.83 21.44
CA VAL F 343 15.81 -13.14 20.90
C VAL F 343 14.69 -13.73 21.77
N PRO F 344 13.46 -13.84 21.17
CA PRO F 344 12.33 -14.26 21.99
C PRO F 344 12.40 -15.75 22.24
N GLY F 345 11.81 -16.16 23.37
CA GLY F 345 11.89 -17.55 23.82
C GLY F 345 13.14 -17.91 24.58
N TYR F 346 14.02 -16.94 24.88
CA TYR F 346 15.26 -17.19 25.61
C TYR F 346 15.39 -16.23 26.79
N GLY F 347 15.85 -16.73 27.93
CA GLY F 347 16.10 -15.89 29.12
C GLY F 347 15.12 -16.18 30.25
N HIS F 348 15.62 -16.17 31.48
CA HIS F 348 14.81 -16.34 32.69
C HIS F 348 15.48 -15.59 33.86
N GLY F 349 14.67 -15.05 34.76
CA GLY F 349 15.19 -14.38 35.97
C GLY F 349 15.88 -15.30 36.96
N VAL F 350 15.45 -16.56 37.01
CA VAL F 350 15.80 -17.49 38.10
C VAL F 350 16.32 -18.87 37.59
N LEU F 351 15.74 -19.38 36.50
CA LEU F 351 16.02 -20.72 36.03
C LEU F 351 17.37 -20.79 35.34
N ARG F 352 18.24 -21.68 35.82
CA ARG F 352 19.63 -21.74 35.33
C ARG F 352 19.91 -22.75 34.23
N LYS F 353 18.88 -23.39 33.72
CA LYS F 353 18.99 -24.45 32.71
C LYS F 353 17.86 -24.24 31.67
N PRO F 354 17.88 -24.99 30.56
CA PRO F 354 16.70 -25.02 29.70
C PRO F 354 15.43 -25.40 30.46
N ASP F 355 14.33 -24.74 30.13
CA ASP F 355 13.02 -25.03 30.69
C ASP F 355 12.73 -26.49 30.41
N PRO F 356 12.47 -27.26 31.47
CA PRO F 356 12.11 -28.67 31.25
C PRO F 356 10.85 -28.87 30.36
N ARG F 357 9.94 -27.89 30.34
CA ARG F 357 8.80 -27.94 29.43
C ARG F 357 9.28 -27.84 27.98
N PHE F 358 10.31 -27.03 27.73
CA PHE F 358 10.91 -26.97 26.40
C PHE F 358 11.50 -28.32 26.03
N GLN F 359 12.27 -28.90 26.93
CA GLN F 359 12.93 -30.19 26.63
C GLN F 359 11.89 -31.28 26.32
N ALA F 360 10.75 -31.28 27.04
CA ALA F 360 9.73 -32.29 26.79
C ALA F 360 9.15 -32.16 25.36
N LEU F 361 8.99 -30.92 24.90
CA LEU F 361 8.55 -30.72 23.53
C LEU F 361 9.57 -31.22 22.50
N MET F 362 10.84 -30.96 22.77
CA MET F 362 11.92 -31.48 21.91
C MET F 362 11.99 -33.00 21.94
N ASP F 363 11.83 -33.60 23.12
CA ASP F 363 11.72 -35.09 23.23
C ASP F 363 10.57 -35.68 22.41
N PHE F 364 9.42 -35.00 22.42
CA PHE F 364 8.29 -35.38 21.59
C PHE F 364 8.69 -35.35 20.13
N ALA F 365 9.36 -34.27 19.73
CA ALA F 365 9.75 -34.12 18.33
C ALA F 365 10.74 -35.20 17.87
N ALA F 366 11.64 -35.59 18.77
CA ALA F 366 12.76 -36.50 18.42
C ALA F 366 12.34 -37.86 17.87
N THR F 367 11.15 -38.35 18.22
CA THR F 367 10.67 -39.63 17.70
C THR F 367 9.74 -39.52 16.48
N ARG F 368 9.56 -38.32 15.95
CA ARG F 368 8.73 -38.11 14.76
C ARG F 368 9.54 -37.59 13.60
N PRO F 369 9.82 -38.44 12.61
CA PRO F 369 10.70 -37.99 11.52
C PRO F 369 10.13 -36.85 10.64
N ASP F 370 8.82 -36.83 10.38
CA ASP F 370 8.21 -35.72 9.61
C ASP F 370 8.43 -34.34 10.30
N VAL F 371 8.39 -34.28 11.63
CA VAL F 371 8.69 -33.05 12.36
C VAL F 371 10.17 -32.68 12.20
N LEU F 372 11.06 -33.66 12.39
CA LEU F 372 12.50 -33.43 12.26
C LEU F 372 12.93 -32.98 10.85
N ALA F 373 12.17 -33.41 9.85
CA ALA F 373 12.37 -33.02 8.45
C ALA F 373 11.85 -31.62 8.12
N ASN F 374 10.98 -31.05 8.95
CA ASN F 374 10.45 -29.71 8.72
C ASN F 374 11.57 -28.67 8.95
N PRO F 375 11.93 -27.91 7.91
CA PRO F 375 13.02 -26.91 8.05
C PRO F 375 12.76 -25.86 9.15
N VAL F 376 11.48 -25.53 9.39
CA VAL F 376 11.16 -24.55 10.42
C VAL F 376 11.49 -25.12 11.79
N PHE F 377 11.21 -26.40 12.00
CA PHE F 377 11.63 -27.04 13.24
C PHE F 377 13.13 -27.17 13.30
N GLN F 378 13.78 -27.50 12.20
CA GLN F 378 15.25 -27.60 12.18
C GLN F 378 15.87 -26.27 12.64
N LEU F 379 15.24 -25.17 12.22
CA LEU F 379 15.72 -23.86 12.60
C LEU F 379 15.56 -23.61 14.10
N VAL F 380 14.45 -24.06 14.68
CA VAL F 380 14.27 -23.95 16.13
C VAL F 380 15.37 -24.72 16.86
N LYS F 381 15.64 -25.92 16.37
CA LYS F 381 16.61 -26.79 17.04
C LYS F 381 18.03 -26.20 16.95
N LYS F 382 18.42 -25.75 15.76
CA LYS F 382 19.75 -25.17 15.56
C LYS F 382 19.96 -23.95 16.46
N ASN F 383 18.97 -23.07 16.44
CA ASN F 383 18.97 -21.89 17.28
C ASN F 383 19.14 -22.28 18.75
N SER F 384 18.45 -23.33 19.17
CA SER F 384 18.57 -23.84 20.51
C SER F 384 19.98 -24.27 20.88
N GLU F 385 20.74 -24.74 19.89
CA GLU F 385 22.12 -25.23 20.10
C GLU F 385 23.17 -24.13 20.02
N ILE F 386 22.81 -22.95 19.53
CA ILE F 386 23.74 -21.86 19.22
C ILE F 386 23.48 -20.58 20.02
N ALA F 387 22.21 -20.17 20.11
CA ALA F 387 21.83 -18.93 20.76
C ALA F 387 22.31 -18.75 22.21
N PRO F 388 22.24 -19.82 23.04
CA PRO F 388 22.67 -19.61 24.42
C PRO F 388 24.12 -19.10 24.56
N ALA F 389 25.06 -19.73 23.87
CA ALA F 389 26.48 -19.29 23.92
C ALA F 389 26.63 -17.85 23.40
N VAL F 390 25.95 -17.52 22.30
CA VAL F 390 25.96 -16.15 21.76
C VAL F 390 25.37 -15.15 22.76
N LEU F 391 24.23 -15.48 23.32
CA LEU F 391 23.62 -14.57 24.29
C LEU F 391 24.46 -14.39 25.55
N THR F 392 25.12 -15.47 25.97
CA THR F 392 26.01 -15.46 27.14
C THR F 392 27.18 -14.53 26.86
N GLU F 393 27.82 -14.74 25.71
CA GLU F 393 28.94 -13.90 25.26
C GLU F 393 28.53 -12.42 25.15
N HIS F 394 27.34 -12.15 24.62
CA HIS F 394 26.82 -10.78 24.50
C HIS F 394 26.60 -10.16 25.87
N GLY F 395 26.18 -10.98 26.85
CA GLY F 395 26.19 -10.58 28.25
C GLY F 395 25.08 -9.74 28.83
N LYS F 396 24.07 -9.37 28.05
CA LYS F 396 22.98 -8.52 28.57
C LYS F 396 21.79 -9.33 29.09
N THR F 397 21.65 -10.60 28.67
CA THR F 397 20.50 -11.42 28.99
C THR F 397 20.82 -12.50 30.05
N LYS F 398 20.17 -12.40 31.21
CA LYS F 398 20.38 -13.34 32.31
C LYS F 398 19.81 -14.73 31.96
N ASN F 399 20.57 -15.79 32.29
CA ASN F 399 20.18 -17.19 32.10
C ASN F 399 19.55 -17.46 30.72
N PRO F 400 20.35 -17.31 29.64
CA PRO F 400 19.84 -17.24 28.30
C PRO F 400 19.58 -18.64 27.69
N HIS F 401 18.71 -19.38 28.34
CA HIS F 401 18.33 -20.69 27.90
C HIS F 401 16.93 -20.67 27.30
N PRO F 402 16.62 -21.63 26.44
CA PRO F 402 15.28 -21.64 25.84
C PRO F 402 14.18 -21.93 26.83
N ASN F 403 13.04 -21.23 26.66
CA ASN F 403 11.86 -21.61 27.40
C ASN F 403 10.87 -22.36 26.49
N VAL F 404 9.76 -22.82 27.07
CA VAL F 404 8.79 -23.61 26.33
C VAL F 404 8.26 -22.88 25.09
N ASP F 405 8.19 -21.55 25.13
CA ASP F 405 7.67 -20.77 24.02
C ASP F 405 8.61 -20.85 22.79
N ALA F 406 9.85 -21.26 23.00
CA ALA F 406 10.76 -21.41 21.87
C ALA F 406 10.31 -22.48 20.85
N ALA F 407 9.54 -23.48 21.30
CA ALA F 407 9.17 -24.59 20.46
C ALA F 407 7.68 -24.82 20.20
N SER F 408 6.81 -24.32 21.07
CA SER F 408 5.38 -24.68 20.99
C SER F 408 4.72 -24.23 19.68
N GLY F 409 4.96 -22.98 19.28
CA GLY F 409 4.41 -22.45 18.06
C GLY F 409 4.72 -23.25 16.80
N VAL F 410 5.98 -23.58 16.66
CA VAL F 410 6.50 -24.29 15.47
C VAL F 410 5.87 -25.68 15.35
N LEU F 411 5.70 -26.35 16.48
CA LEU F 411 5.05 -27.65 16.48
C LEU F 411 3.56 -27.56 16.07
N PHE F 412 2.85 -26.58 16.58
CA PHE F 412 1.47 -26.35 16.10
C PHE F 412 1.45 -26.07 14.60
N TYR F 413 2.39 -25.25 14.16
CA TYR F 413 2.52 -24.87 12.76
C TYR F 413 2.77 -26.08 11.88
N HIS F 414 3.64 -26.97 12.35
CA HIS F 414 3.90 -28.18 11.63
C HIS F 414 2.65 -29.00 11.36
N TYR F 415 1.75 -29.07 12.34
CA TYR F 415 0.51 -29.85 12.20
C TYR F 415 -0.65 -29.05 11.56
N GLY F 416 -0.34 -27.98 10.86
CA GLY F 416 -1.35 -27.25 10.08
C GLY F 416 -2.07 -26.15 10.81
N PHE F 417 -1.73 -25.87 12.06
CA PHE F 417 -2.28 -24.71 12.81
C PHE F 417 -1.41 -23.53 12.55
N GLN F 418 -1.75 -22.80 11.47
CA GLN F 418 -0.85 -21.80 10.91
C GLN F 418 -1.30 -20.35 11.03
N GLN F 419 -2.28 -20.12 11.89
CA GLN F 419 -2.70 -18.76 12.25
C GLN F 419 -2.31 -18.57 13.72
N PRO F 420 -1.13 -17.97 13.94
CA PRO F 420 -0.56 -17.69 15.26
C PRO F 420 -1.43 -16.86 16.17
N LEU F 421 -2.24 -16.01 15.57
CA LEU F 421 -3.27 -15.25 16.29
C LEU F 421 -4.10 -16.10 17.28
N TYR F 422 -4.40 -17.36 16.90
CA TYR F 422 -5.16 -18.30 17.73
C TYR F 422 -4.32 -19.07 18.80
N TYR F 423 -2.99 -18.92 18.81
CA TYR F 423 -2.18 -19.75 19.75
C TYR F 423 -2.46 -19.46 21.23
N THR F 424 -2.85 -18.23 21.53
CA THR F 424 -3.19 -17.88 22.92
C THR F 424 -4.51 -18.53 23.34
N VAL F 425 -5.38 -18.82 22.37
CA VAL F 425 -6.61 -19.53 22.66
C VAL F 425 -6.29 -20.94 23.20
N THR F 426 -5.38 -21.63 22.55
CA THR F 426 -4.95 -22.95 23.02
C THR F 426 -4.30 -22.84 24.41
N PHE F 427 -3.47 -21.81 24.59
CA PHE F 427 -2.89 -21.50 25.89
C PHE F 427 -4.00 -21.29 26.93
N GLY F 428 -5.05 -20.58 26.56
CA GLY F 428 -6.19 -20.35 27.44
C GLY F 428 -6.91 -21.61 27.89
N VAL F 429 -7.01 -22.58 27.01
CA VAL F 429 -7.60 -23.85 27.38
C VAL F 429 -6.73 -24.55 28.44
N SER F 430 -5.42 -24.60 28.19
CA SER F 430 -4.52 -25.24 29.12
C SER F 430 -4.55 -24.56 30.47
N ARG F 431 -4.51 -23.23 30.43
CA ARG F 431 -4.30 -22.46 31.65
C ARG F 431 -5.55 -22.35 32.54
N ALA F 432 -6.64 -22.99 32.12
CA ALA F 432 -7.75 -23.21 33.01
C ALA F 432 -7.39 -24.16 34.16
N LEU F 433 -6.47 -25.09 33.90
CA LEU F 433 -6.24 -26.20 34.80
C LEU F 433 -5.76 -25.75 36.18
N GLY F 434 -4.64 -25.05 36.21
CA GLY F 434 -4.00 -24.68 37.47
C GLY F 434 -4.76 -23.67 38.32
N PRO F 435 -5.17 -22.56 37.72
CA PRO F 435 -5.95 -21.58 38.44
C PRO F 435 -7.27 -22.08 38.98
N LEU F 436 -7.94 -22.98 38.27
CA LEU F 436 -9.18 -23.55 38.81
C LEU F 436 -8.89 -24.42 40.03
N VAL F 437 -7.82 -25.23 39.95
CA VAL F 437 -7.37 -25.97 41.11
C VAL F 437 -7.17 -25.04 42.30
N GLN F 438 -6.41 -23.96 42.12
CA GLN F 438 -6.15 -23.07 43.24
C GLN F 438 -7.41 -22.40 43.74
N LEU F 439 -8.32 -22.10 42.83
CA LEU F 439 -9.57 -21.49 43.25
C LEU F 439 -10.36 -22.45 44.17
N ILE F 440 -10.36 -23.73 43.83
CA ILE F 440 -10.99 -24.72 44.69
C ILE F 440 -10.32 -24.71 46.09
N TRP F 441 -8.99 -24.71 46.14
CA TRP F 441 -8.27 -24.67 47.42
C TRP F 441 -8.48 -23.36 48.16
N ASP F 442 -8.52 -22.24 47.46
CA ASP F 442 -8.83 -20.95 48.09
C ASP F 442 -10.12 -21.08 48.90
N ARG F 443 -11.14 -21.68 48.30
CA ARG F 443 -12.44 -21.79 48.94
C ARG F 443 -12.45 -22.90 50.02
N ALA F 444 -11.76 -24.01 49.78
CA ALA F 444 -11.62 -25.05 50.82
C ALA F 444 -10.98 -24.50 52.10
N LEU F 445 -9.96 -23.67 51.95
CA LEU F 445 -9.26 -23.12 53.10
C LEU F 445 -9.95 -21.91 53.71
N GLY F 446 -10.85 -21.26 52.99
CA GLY F 446 -11.46 -20.01 53.47
C GLY F 446 -10.53 -18.81 53.32
N LEU F 447 -9.68 -18.76 52.27
CA LEU F 447 -8.81 -17.62 52.09
C LEU F 447 -9.64 -16.35 51.82
N PRO F 448 -9.20 -15.21 52.36
CA PRO F 448 -9.97 -13.99 52.26
C PRO F 448 -9.70 -13.25 50.93
N ILE F 449 -10.42 -12.16 50.79
CA ILE F 449 -10.31 -11.26 49.68
C ILE F 449 -8.86 -10.77 49.57
N GLU F 450 -8.36 -10.67 48.35
CA GLU F 450 -7.03 -10.12 48.13
C GLU F 450 -7.19 -8.62 48.10
N ARG F 451 -6.40 -7.95 48.94
CA ARG F 451 -6.53 -6.53 49.20
C ARG F 451 -5.17 -5.95 49.67
N PRO F 452 -4.26 -5.73 48.74
CA PRO F 452 -3.04 -4.98 49.08
C PRO F 452 -3.38 -3.53 49.40
N LYS F 453 -2.37 -2.79 49.86
CA LYS F 453 -2.49 -1.38 50.21
C LYS F 453 -1.72 -0.58 49.17
N SER F 454 -2.34 0.48 48.65
CA SER F 454 -1.68 1.36 47.69
C SER F 454 -1.08 2.59 48.36
N ILE F 455 -0.22 3.27 47.62
CA ILE F 455 0.38 4.53 48.03
C ILE F 455 0.67 5.37 46.78
N ASN F 456 0.69 6.68 46.92
CA ASN F 456 1.08 7.56 45.82
C ASN F 456 2.59 7.83 45.85
N LEU F 457 3.11 8.33 44.72
CA LEU F 457 4.52 8.69 44.61
C LEU F 457 4.93 9.74 45.65
N LEU F 458 4.12 10.78 45.86
CA LEU F 458 4.38 11.76 46.93
C LEU F 458 4.59 11.09 48.30
N GLY F 459 3.81 10.03 48.57
CA GLY F 459 3.93 9.29 49.80
C GLY F 459 5.20 8.45 49.93
N LEU F 460 5.82 8.11 48.82
CA LEU F 460 7.14 7.45 48.86
C LEU F 460 8.29 8.44 48.92
N LYS F 461 8.08 9.68 48.48
CA LYS F 461 9.10 10.71 48.64
C LYS F 461 9.27 11.18 50.10
N LYS F 462 8.16 11.26 50.86
CA LYS F 462 8.03 11.86 52.21
C LYS F 462 9.32 12.25 52.95
O1 SRT G . -32.89 -4.15 -36.14
O11 SRT G . -32.48 -5.90 -34.88
C1 SRT G . -32.13 -4.84 -35.42
C2 SRT G . -30.71 -4.41 -35.17
O2 SRT G . -29.88 -5.03 -36.14
C3 SRT G . -30.59 -2.88 -35.21
O3 SRT G . -30.66 -2.42 -33.87
C4 SRT G . -29.31 -2.43 -35.88
O4 SRT G . -28.28 -2.23 -35.20
O41 SRT G . -29.33 -2.28 -37.13
#